data_7M4P
#
_entry.id   7M4P
#
_cell.length_a   1.00
_cell.length_b   1.00
_cell.length_c   1.00
_cell.angle_alpha   90.00
_cell.angle_beta   90.00
_cell.angle_gamma   90.00
#
_symmetry.space_group_name_H-M   'P 1'
#
loop_
_entity.id
_entity.type
_entity.pdbx_description
1 polymer 'Efflux pump membrane transporter'
2 non-polymer 1,2-Distearoyl-sn-glycerophosphoethanolamine
3 non-polymer Eravacycline
#
_entity_poly.entity_id   1
_entity_poly.type   'polypeptide(L)'
_entity_poly.pdbx_seq_one_letter_code
;MAQFFIHRPIFAWVIALVIMLAGILTLTKMPIAQYPTIAPPTVTIAATYPGASAETVENTVTQIIEQQMNGLDGLRYISS
NSAGNGQASIQLNFEQGVDPDIAQVQVQNKLQSATALLPEDVQRQGVTVTKSGASFLQVIAFYSPDNNLSDSDIKDYVNS
SIKEPLSRVAGVGEVQVFGGSYAMRIWLDPAKLTSYQLTPSDIATALQAQNSQVAVGQLGGAPAVQGQVLNATVNAQSLL
QTPEQFKNIFLKNTASGAEVRLKDVARVELGSDNYQFDSKFNGKPAAGLAIKIATGANALDTAEAVEQRLSELRKNYPTG
LADKLAYDTTPFIRLSIESVVHTLIEAVILVFIVMFLFLQNWRATIIPTLAVPVVVLGTFAVINIFGFSINTLTMFAMVL
AIGLLVDDAIVVVENVERVMSEDHTDPVTATSRSMQQISGALVGITSVLTAVFVPMAFFGGTTGVIYRQFSITLVTAMVL
SLIVALTFTPALCATILKQHDPNKEPSNNIFARFFRSFNNGFDRMSHSYQNGVSRMLKGKIFSGVLYAVVVALLVFLFQK
LPSSFLPEEDQGVVMTLVQLPPNATLDRTGKVIDTMTNFFMNEKDTVESIFTVSGFSFTGVGQNAGIGFVKLKDWSKRTT
PETQIGSLIQRGMALNMIIKDASYVMPLQLPAMPELGVTAGFNLQLKDSSGQGHEKLIAARNTILGLASQDKRLVGVRPN
GQEDTPQYQINVDQAQAGAMGVSIAEINNTMRIAWGGSYINDFVDRGRVKKVYVQGDAGSRMMPEDLNKWYVRNNKGEMV
PFSAFATGEWTYGSPRLERYNGVSSVNIQGTPAPGVSSGDAMKAMEEIIGKLPSMGLQGFDYEWTGLSLEERESGAQAPF
LYALSLLIVFLCLAALYESWSIPFSVLLVVPLGVIGAIVLTYLGMIIKGDPNLSNNIYFQVAIIAVIGLSAKNAILIVEF
AKELQEKGEDLLDATLHAAKMRLRPIIMTTLAFGFGVLPLALSTGAGAGSQHSVGFGVLGGVLSATFLGIFFIPVFYVWI
RSIFKYKPKTINTQEHKS
;
_entity_poly.pdbx_strand_id   A,B,C
#
# COMPACT_ATOMS: atom_id res chain seq x y z
N MET A 1 21.41 -36.08 12.11
CA MET A 1 22.33 -37.17 12.55
C MET A 1 23.06 -37.74 11.35
N ALA A 2 24.40 -37.70 11.41
CA ALA A 2 25.20 -38.11 10.26
C ALA A 2 24.83 -39.51 9.79
N GLN A 3 24.54 -40.41 10.72
CA GLN A 3 24.22 -41.78 10.34
C GLN A 3 23.09 -41.83 9.33
N PHE A 4 22.06 -40.99 9.52
CA PHE A 4 20.88 -41.07 8.68
C PHE A 4 21.25 -41.00 7.21
N PHE A 5 22.01 -39.98 6.84
CA PHE A 5 22.42 -39.80 5.46
C PHE A 5 23.65 -40.63 5.10
N ILE A 6 24.32 -41.23 6.09
CA ILE A 6 25.39 -42.16 5.78
C ILE A 6 24.82 -43.45 5.20
N HIS A 7 23.70 -43.93 5.73
CA HIS A 7 23.06 -45.12 5.20
C HIS A 7 22.06 -44.81 4.10
N ARG A 8 21.78 -43.53 3.90
CA ARG A 8 20.91 -43.03 2.86
C ARG A 8 21.67 -41.99 1.99
N PRO A 9 22.55 -42.49 1.08
CA PRO A 9 23.22 -41.52 0.20
C PRO A 9 22.25 -40.81 -0.73
N ILE A 10 21.30 -41.55 -1.27
CA ILE A 10 20.36 -40.98 -2.20
C ILE A 10 19.50 -39.94 -1.53
N PHE A 11 19.22 -40.08 -0.26
CA PHE A 11 18.37 -39.12 0.39
C PHE A 11 19.05 -37.74 0.45
N ALA A 12 20.33 -37.70 0.82
CA ALA A 12 21.16 -36.51 0.86
C ALA A 12 21.38 -35.94 -0.53
N TRP A 13 21.58 -36.82 -1.52
CA TRP A 13 21.76 -36.36 -2.88
C TRP A 13 20.54 -35.60 -3.36
N VAL A 14 19.36 -36.11 -3.05
CA VAL A 14 18.12 -35.45 -3.43
C VAL A 14 18.02 -34.11 -2.74
N ILE A 15 18.35 -34.06 -1.46
CA ILE A 15 18.28 -32.78 -0.75
C ILE A 15 19.17 -31.75 -1.43
N ALA A 16 20.39 -32.16 -1.78
CA ALA A 16 21.32 -31.23 -2.44
C ALA A 16 20.78 -30.77 -3.78
N LEU A 17 20.26 -31.69 -4.58
CA LEU A 17 19.73 -31.34 -5.89
C LEU A 17 18.53 -30.42 -5.77
N VAL A 18 17.70 -30.62 -4.76
CA VAL A 18 16.54 -29.76 -4.56
C VAL A 18 16.98 -28.37 -4.15
N ILE A 19 17.96 -28.28 -3.26
CA ILE A 19 18.51 -26.98 -2.89
C ILE A 19 19.01 -26.26 -4.12
N MET A 20 19.73 -26.97 -4.99
CA MET A 20 20.32 -26.35 -6.16
C MET A 20 19.25 -25.91 -7.15
N LEU A 21 18.22 -26.73 -7.34
CA LEU A 21 17.13 -26.35 -8.22
C LEU A 21 16.43 -25.11 -7.71
N ALA A 22 16.18 -25.05 -6.40
CA ALA A 22 15.60 -23.85 -5.81
C ALA A 22 16.46 -22.64 -6.14
N GLY A 23 17.77 -22.76 -5.95
CA GLY A 23 18.64 -21.61 -6.19
C GLY A 23 18.67 -21.17 -7.64
N ILE A 24 18.69 -22.13 -8.56
CA ILE A 24 18.71 -21.80 -9.98
C ILE A 24 17.42 -21.11 -10.39
N LEU A 25 16.28 -21.65 -9.96
CA LEU A 25 15.02 -20.99 -10.29
C LEU A 25 14.97 -19.60 -9.68
N THR A 26 15.53 -19.44 -8.47
CA THR A 26 15.61 -18.12 -7.87
C THR A 26 16.40 -17.17 -8.76
N LEU A 27 17.55 -17.61 -9.26
CA LEU A 27 18.45 -16.70 -9.95
C LEU A 27 17.82 -16.12 -11.20
N THR A 28 17.04 -16.92 -11.93
CA THR A 28 16.42 -16.43 -13.16
C THR A 28 15.62 -15.16 -12.89
N LYS A 29 14.96 -15.08 -11.74
CA LYS A 29 14.06 -13.97 -11.43
C LYS A 29 14.68 -12.92 -10.52
N MET A 30 15.84 -13.19 -9.92
CA MET A 30 16.43 -12.26 -8.98
C MET A 30 16.86 -10.98 -9.71
N PRO A 31 16.72 -9.81 -9.08
CA PRO A 31 17.15 -8.57 -9.73
C PRO A 31 18.63 -8.24 -9.51
N ILE A 32 19.14 -7.40 -10.40
CA ILE A 32 20.55 -7.02 -10.44
C ILE A 32 20.66 -5.51 -10.32
N ALA A 33 21.61 -5.05 -9.52
CA ALA A 33 21.83 -3.62 -9.31
C ALA A 33 23.22 -3.42 -8.75
N GLN A 34 23.64 -2.15 -8.65
CA GLN A 34 25.00 -1.87 -8.21
C GLN A 34 25.10 -1.87 -6.69
N TYR A 35 24.16 -1.17 -6.09
CA TYR A 35 24.08 -1.10 -4.71
C TYR A 35 22.71 -1.53 -4.17
N PRO A 36 22.60 -1.71 -2.79
CA PRO A 36 21.24 -1.97 -2.26
C PRO A 36 20.34 -0.74 -2.11
N THR A 37 19.82 -0.26 -3.23
CA THR A 37 18.69 0.67 -3.29
C THR A 37 18.79 1.77 -2.23
N ILE A 38 19.79 2.63 -2.37
CA ILE A 38 20.01 3.69 -1.39
C ILE A 38 19.24 4.97 -1.67
N ALA A 39 18.73 5.12 -2.87
CA ALA A 39 18.06 6.37 -3.22
C ALA A 39 16.76 6.52 -2.42
N PRO A 40 16.53 7.66 -1.76
CA PRO A 40 15.26 7.87 -1.07
C PRO A 40 14.22 8.48 -2.00
N PRO A 41 12.94 8.35 -1.68
CA PRO A 41 11.89 8.74 -2.63
C PRO A 41 11.79 10.25 -2.81
N THR A 42 11.30 10.65 -3.97
CA THR A 42 11.11 12.06 -4.25
C THR A 42 9.94 12.24 -5.21
N VAL A 43 9.22 13.33 -5.01
CA VAL A 43 8.15 13.76 -5.90
C VAL A 43 8.52 15.13 -6.41
N THR A 44 8.45 15.33 -7.72
CA THR A 44 8.72 16.63 -8.32
C THR A 44 7.44 17.19 -8.93
N ILE A 45 7.27 18.50 -8.76
CA ILE A 45 6.16 19.24 -9.32
C ILE A 45 6.72 20.16 -10.40
N ALA A 46 6.04 20.24 -11.54
CA ALA A 46 6.55 20.97 -12.70
C ALA A 46 5.43 21.80 -13.31
N ALA A 47 5.64 23.11 -13.39
CA ALA A 47 4.70 24.02 -14.01
C ALA A 47 5.44 25.02 -14.88
N THR A 48 4.79 25.49 -15.93
CA THR A 48 5.37 26.45 -16.85
C THR A 48 4.48 27.68 -16.97
N TYR A 49 5.10 28.90 -17.03
CA TYR A 49 4.48 30.20 -17.27
C TYR A 49 5.20 30.77 -18.50
N PRO A 50 4.74 30.36 -19.74
CA PRO A 50 5.43 30.84 -20.93
C PRO A 50 5.48 32.36 -20.99
N GLY A 51 6.66 32.89 -21.25
CA GLY A 51 6.87 34.31 -21.39
C GLY A 51 7.20 35.04 -20.11
N ALA A 52 7.22 34.37 -18.98
CA ALA A 52 7.43 35.04 -17.73
C ALA A 52 8.87 35.12 -17.24
N SER A 53 9.18 36.17 -16.49
CA SER A 53 10.48 36.35 -15.90
C SER A 53 10.55 35.48 -14.68
N ALA A 54 11.76 35.20 -14.21
CA ALA A 54 11.95 34.35 -13.05
C ALA A 54 11.28 34.89 -11.82
N GLU A 55 11.29 36.20 -11.61
CA GLU A 55 10.61 36.77 -10.46
C GLU A 55 9.12 36.56 -10.53
N THR A 56 8.53 36.71 -11.70
CA THR A 56 7.11 36.48 -11.84
C THR A 56 6.79 35.04 -11.54
N VAL A 57 7.60 34.11 -11.98
CA VAL A 57 7.32 32.73 -11.70
C VAL A 57 7.35 32.49 -10.21
N GLU A 58 8.30 33.06 -9.48
CA GLU A 58 8.37 32.86 -8.03
C GLU A 58 7.16 33.39 -7.26
N ASN A 59 6.75 34.61 -7.52
CA ASN A 59 5.61 35.21 -6.86
C ASN A 59 4.27 34.63 -7.22
N THR A 60 4.07 34.30 -8.47
CA THR A 60 2.78 33.79 -8.87
C THR A 60 2.60 32.28 -8.97
N VAL A 61 3.66 31.53 -8.80
CA VAL A 61 3.55 30.06 -8.87
C VAL A 61 4.27 29.26 -7.78
N THR A 62 5.53 29.56 -7.52
CA THR A 62 6.34 28.71 -6.65
C THR A 62 5.90 28.83 -5.20
N GLN A 63 5.69 30.05 -4.71
CA GLN A 63 5.25 30.23 -3.34
C GLN A 63 3.81 29.78 -3.14
N ILE A 64 2.97 29.97 -4.15
CA ILE A 64 1.59 29.50 -4.08
C ILE A 64 1.56 27.98 -3.96
N ILE A 65 2.38 27.28 -4.73
CA ILE A 65 2.42 25.82 -4.65
C ILE A 65 3.10 25.36 -3.38
N GLU A 66 4.09 26.10 -2.89
CA GLU A 66 4.82 25.69 -1.70
C GLU A 66 4.00 25.86 -0.44
N GLN A 67 3.10 26.83 -0.42
CA GLN A 67 2.32 27.06 0.77
C GLN A 67 1.29 26.01 1.02
N GLN A 68 1.20 24.92 0.26
CA GLN A 68 0.32 23.81 0.56
C GLN A 68 1.08 22.53 0.87
N MET A 69 2.41 22.57 0.89
CA MET A 69 3.24 21.39 1.05
C MET A 69 3.50 21.05 2.50
N ASN A 70 2.54 21.34 3.37
CA ASN A 70 2.59 20.92 4.76
C ASN A 70 1.85 19.61 4.94
N GLY A 71 2.01 19.01 6.11
CA GLY A 71 1.23 17.85 6.48
C GLY A 71 1.52 16.61 5.70
N LEU A 72 2.72 16.49 5.17
CA LEU A 72 3.12 15.36 4.35
C LEU A 72 3.96 14.42 5.20
N ASP A 73 3.51 13.18 5.35
CA ASP A 73 4.15 12.23 6.21
C ASP A 73 5.49 11.73 5.71
N GLY A 74 6.55 11.94 6.47
CA GLY A 74 7.86 11.48 6.11
C GLY A 74 8.70 12.43 5.27
N LEU A 75 8.39 13.71 5.27
CA LEU A 75 9.09 14.68 4.43
C LEU A 75 10.35 15.17 5.11
N ARG A 76 11.46 15.19 4.37
CA ARG A 76 12.71 15.75 4.85
C ARG A 76 12.86 17.22 4.49
N TYR A 77 12.84 17.55 3.20
CA TYR A 77 13.05 18.93 2.79
C TYR A 77 12.52 19.12 1.37
N ILE A 78 12.46 20.40 0.97
CA ILE A 78 11.96 20.83 -0.33
C ILE A 78 13.00 21.75 -0.96
N SER A 79 13.31 21.51 -2.23
CA SER A 79 14.10 22.43 -3.04
C SER A 79 13.28 22.88 -4.23
N SER A 80 13.18 24.20 -4.43
CA SER A 80 12.46 24.76 -5.57
C SER A 80 13.37 25.74 -6.30
N ASN A 81 13.11 25.90 -7.59
CA ASN A 81 13.73 26.98 -8.35
C ASN A 81 12.72 27.55 -9.34
N SER A 82 12.93 28.83 -9.68
CA SER A 82 12.18 29.52 -10.71
C SER A 82 13.16 30.09 -11.72
N ALA A 83 13.06 29.67 -12.96
CA ALA A 83 13.96 30.10 -14.02
C ALA A 83 13.29 31.13 -14.92
N GLY A 84 14.13 31.90 -15.60
CA GLY A 84 13.68 32.98 -16.45
C GLY A 84 13.07 32.54 -17.75
N ASN A 85 13.11 31.26 -18.08
CA ASN A 85 12.40 30.74 -19.24
C ASN A 85 10.96 30.38 -18.90
N GLY A 86 10.55 30.53 -17.65
CA GLY A 86 9.18 30.34 -17.26
C GLY A 86 8.87 29.06 -16.53
N GLN A 87 9.87 28.29 -16.13
CA GLN A 87 9.63 27.00 -15.52
C GLN A 87 9.75 27.07 -14.01
N ALA A 88 8.85 26.39 -13.32
CA ALA A 88 8.92 26.20 -11.88
C ALA A 88 9.12 24.72 -11.60
N SER A 89 10.09 24.41 -10.76
CA SER A 89 10.34 23.05 -10.32
C SER A 89 10.37 23.00 -8.80
N ILE A 90 9.66 22.05 -8.22
CA ILE A 90 9.63 21.85 -6.78
C ILE A 90 9.91 20.38 -6.52
N GLN A 91 10.97 20.08 -5.77
CA GLN A 91 11.37 18.72 -5.48
C GLN A 91 11.14 18.43 -4.01
N LEU A 92 10.34 17.40 -3.72
CA LEU A 92 10.00 17.00 -2.36
C LEU A 92 10.71 15.69 -2.03
N ASN A 93 11.45 15.69 -0.92
CA ASN A 93 12.30 14.58 -0.53
C ASN A 93 11.78 13.93 0.74
N PHE A 94 11.80 12.61 0.77
CA PHE A 94 11.16 11.85 1.83
C PHE A 94 12.17 10.98 2.56
N GLU A 95 11.88 10.74 3.83
CA GLU A 95 12.65 9.82 4.65
C GLU A 95 12.64 8.42 4.05
N GLN A 96 13.61 7.62 4.46
CA GLN A 96 13.67 6.24 4.02
C GLN A 96 12.43 5.48 4.47
N GLY A 97 11.96 4.59 3.61
CA GLY A 97 10.85 3.73 3.93
C GLY A 97 9.49 4.24 3.47
N VAL A 98 9.36 5.54 3.23
CA VAL A 98 8.11 6.09 2.76
C VAL A 98 7.76 5.46 1.41
N ASP A 99 6.49 5.13 1.23
CA ASP A 99 6.03 4.51 -0.01
C ASP A 99 5.88 5.57 -1.11
N PRO A 100 6.56 5.43 -2.24
CA PRO A 100 6.48 6.46 -3.28
C PRO A 100 5.08 6.76 -3.75
N ASP A 101 4.24 5.74 -3.92
CA ASP A 101 2.87 5.98 -4.38
C ASP A 101 2.09 6.80 -3.38
N ILE A 102 2.22 6.50 -2.10
CA ILE A 102 1.49 7.24 -1.08
C ILE A 102 2.01 8.67 -0.97
N ALA A 103 3.33 8.84 -1.10
CA ALA A 103 3.93 10.17 -1.09
C ALA A 103 3.40 11.02 -2.24
N GLN A 104 3.35 10.44 -3.44
CA GLN A 104 2.81 11.16 -4.59
C GLN A 104 1.32 11.45 -4.41
N VAL A 105 0.57 10.50 -3.86
CA VAL A 105 -0.86 10.70 -3.64
C VAL A 105 -1.09 11.87 -2.70
N GLN A 106 -0.35 11.92 -1.60
CA GLN A 106 -0.51 13.01 -0.65
C GLN A 106 -0.11 14.35 -1.26
N VAL A 107 1.00 14.37 -2.00
CA VAL A 107 1.45 15.61 -2.63
C VAL A 107 0.39 16.12 -3.59
N GLN A 108 -0.23 15.22 -4.33
CA GLN A 108 -1.23 15.62 -5.31
C GLN A 108 -2.55 16.00 -4.70
N ASN A 109 -2.84 15.50 -3.53
CA ASN A 109 -4.07 15.83 -2.86
C ASN A 109 -3.91 17.24 -2.32
N LYS A 110 -2.76 17.55 -1.79
CA LYS A 110 -2.56 18.91 -1.30
C LYS A 110 -2.30 19.92 -2.42
N LEU A 111 -1.80 19.49 -3.57
CA LEU A 111 -1.64 20.39 -4.70
C LEU A 111 -2.97 20.78 -5.28
N GLN A 112 -4.00 19.98 -5.09
CA GLN A 112 -5.30 20.27 -5.65
C GLN A 112 -5.84 21.66 -5.37
N SER A 113 -5.58 22.17 -4.20
CA SER A 113 -6.06 23.52 -3.89
C SER A 113 -5.20 24.60 -4.51
N ALA A 114 -3.90 24.37 -4.67
CA ALA A 114 -3.02 25.40 -5.20
C ALA A 114 -3.19 25.58 -6.71
N THR A 115 -3.51 24.52 -7.45
CA THR A 115 -3.66 24.63 -8.89
C THR A 115 -4.84 25.50 -9.27
N ALA A 116 -5.86 25.56 -8.42
CA ALA A 116 -7.00 26.41 -8.71
C ALA A 116 -6.63 27.89 -8.69
N LEU A 117 -5.55 28.26 -8.03
CA LEU A 117 -5.13 29.63 -7.97
C LEU A 117 -4.05 30.06 -8.93
N LEU A 118 -3.49 29.17 -9.73
CA LEU A 118 -2.44 29.55 -10.64
C LEU A 118 -3.01 30.30 -11.83
N PRO A 119 -2.23 31.17 -12.47
CA PRO A 119 -2.72 31.89 -13.65
C PRO A 119 -3.31 30.97 -14.70
N GLU A 120 -4.16 31.53 -15.58
CA GLU A 120 -4.87 30.72 -16.56
C GLU A 120 -3.89 30.04 -17.52
N ASP A 121 -2.85 30.74 -17.92
CA ASP A 121 -1.88 30.19 -18.86
C ASP A 121 -1.11 29.03 -18.24
N VAL A 122 -0.76 29.17 -16.96
CA VAL A 122 -0.07 28.10 -16.26
C VAL A 122 -0.95 26.87 -16.18
N GLN A 123 -2.24 27.06 -15.88
CA GLN A 123 -3.18 25.96 -15.86
C GLN A 123 -3.29 25.31 -17.23
N ARG A 124 -3.35 26.12 -18.29
CA ARG A 124 -3.50 25.57 -19.62
C ARG A 124 -2.29 24.79 -20.07
N GLN A 125 -1.10 25.11 -19.56
CA GLN A 125 0.03 24.26 -19.86
C GLN A 125 -0.03 22.96 -19.08
N GLY A 126 -0.59 22.97 -17.88
CA GLY A 126 -0.77 21.75 -17.12
C GLY A 126 0.32 21.47 -16.12
N VAL A 127 -0.06 21.15 -14.90
CA VAL A 127 0.87 20.87 -13.81
C VAL A 127 1.04 19.36 -13.72
N THR A 128 2.28 18.91 -13.62
CA THR A 128 2.57 17.49 -13.60
C THR A 128 3.33 17.12 -12.32
N VAL A 129 3.11 15.89 -11.88
CA VAL A 129 3.69 15.34 -10.66
C VAL A 129 4.28 13.98 -11.00
N THR A 130 5.59 13.83 -10.80
CA THR A 130 6.27 12.60 -11.18
C THR A 130 7.10 12.09 -10.02
N LYS A 131 7.31 10.77 -10.02
CA LYS A 131 8.15 10.08 -9.06
C LYS A 131 9.61 10.01 -9.51
N SER A 132 9.98 10.77 -10.53
CA SER A 132 11.35 10.82 -10.98
C SER A 132 12.17 11.79 -10.12
N GLY A 133 13.48 11.72 -10.29
CA GLY A 133 14.43 12.67 -9.73
C GLY A 133 14.85 13.70 -10.75
N ALA A 134 16.15 13.98 -10.79
CA ALA A 134 16.69 15.02 -11.67
C ALA A 134 17.89 14.56 -12.48
N SER A 135 18.17 13.27 -12.54
CA SER A 135 19.27 12.74 -13.31
C SER A 135 18.73 11.91 -14.46
N PHE A 136 19.42 11.97 -15.60
CA PHE A 136 19.07 11.13 -16.74
C PHE A 136 19.68 9.74 -16.57
N LEU A 137 18.91 8.71 -16.79
CA LEU A 137 19.49 7.42 -16.79
C LEU A 137 19.96 7.13 -18.21
N GLN A 138 19.27 7.65 -19.24
CA GLN A 138 19.50 7.22 -20.60
C GLN A 138 19.12 8.33 -21.56
N VAL A 139 19.95 8.55 -22.58
CA VAL A 139 19.62 9.42 -23.69
C VAL A 139 19.63 8.59 -24.96
N ILE A 140 18.60 8.73 -25.77
CA ILE A 140 18.53 8.10 -27.09
C ILE A 140 18.53 9.21 -28.12
N ALA A 141 19.41 9.14 -29.11
CA ALA A 141 19.48 10.16 -30.14
C ALA A 141 18.83 9.64 -31.41
N PHE A 142 18.05 10.46 -32.10
CA PHE A 142 17.42 10.06 -33.36
C PHE A 142 18.01 10.92 -34.45
N TYR A 143 18.53 10.33 -35.51
CA TYR A 143 19.20 11.10 -36.53
C TYR A 143 19.02 10.51 -37.91
N SER A 144 19.59 11.11 -38.93
CA SER A 144 19.47 10.62 -40.31
C SER A 144 20.86 10.31 -40.84
N PRO A 145 21.24 9.03 -40.91
CA PRO A 145 22.57 8.72 -41.44
C PRO A 145 22.84 9.29 -42.83
N ASP A 146 21.86 9.24 -43.72
CA ASP A 146 22.07 9.64 -45.11
C ASP A 146 21.48 11.01 -45.43
N ASN A 147 21.07 11.75 -44.40
CA ASN A 147 20.52 13.09 -44.56
C ASN A 147 19.26 13.13 -45.40
N ASN A 148 18.68 11.98 -45.73
CA ASN A 148 17.55 11.98 -46.65
C ASN A 148 16.28 12.51 -45.99
N LEU A 149 16.15 12.39 -44.67
CA LEU A 149 14.97 12.85 -43.96
C LEU A 149 15.25 14.19 -43.29
N SER A 150 14.29 15.11 -43.40
CA SER A 150 14.44 16.46 -42.88
C SER A 150 14.55 16.46 -41.36
N ASP A 151 15.24 17.46 -40.83
CA ASP A 151 15.46 17.55 -39.41
C ASP A 151 14.22 17.82 -38.63
N SER A 152 13.41 18.74 -39.10
CA SER A 152 12.16 19.06 -38.43
C SER A 152 11.18 17.90 -38.51
N ASP A 153 11.21 17.15 -39.60
CA ASP A 153 10.41 15.93 -39.68
C ASP A 153 10.85 14.92 -38.64
N ILE A 154 12.16 14.79 -38.43
CA ILE A 154 12.67 13.87 -37.44
C ILE A 154 12.23 14.32 -36.08
N LYS A 155 12.22 15.62 -35.86
CA LYS A 155 11.82 16.15 -34.57
C LYS A 155 10.36 15.90 -34.30
N ASP A 156 9.52 16.15 -35.28
CA ASP A 156 8.09 15.97 -35.14
C ASP A 156 7.75 14.49 -35.02
N TYR A 157 8.42 13.62 -35.75
CA TYR A 157 8.15 12.20 -35.63
C TYR A 157 8.43 11.71 -34.23
N VAL A 158 9.58 12.11 -33.65
CA VAL A 158 9.89 11.66 -32.30
C VAL A 158 8.78 12.09 -31.35
N ASN A 159 8.41 13.36 -31.41
CA ASN A 159 7.35 13.86 -30.52
C ASN A 159 6.02 13.16 -30.76
N SER A 160 5.65 12.95 -32.01
CA SER A 160 4.33 12.42 -32.31
C SER A 160 4.22 10.94 -32.01
N SER A 161 5.29 10.17 -32.17
CA SER A 161 5.18 8.73 -32.24
C SER A 161 6.06 7.93 -31.27
N ILE A 162 7.14 8.49 -30.73
CA ILE A 162 8.01 7.73 -29.84
C ILE A 162 7.85 8.18 -28.39
N LYS A 163 7.43 9.42 -28.16
CA LYS A 163 7.46 10.00 -26.82
C LYS A 163 6.42 9.34 -25.91
N GLU A 164 5.15 9.35 -26.29
CA GLU A 164 4.11 8.79 -25.44
C GLU A 164 4.20 7.27 -25.22
N PRO A 165 4.52 6.49 -26.26
CA PRO A 165 4.64 5.05 -25.99
C PRO A 165 5.82 4.68 -25.10
N LEU A 166 6.98 5.31 -25.27
CA LEU A 166 8.09 5.03 -24.38
C LEU A 166 7.82 5.59 -22.99
N SER A 167 6.97 6.61 -22.89
CA SER A 167 6.59 7.20 -21.63
C SER A 167 5.61 6.35 -20.85
N ARG A 168 5.07 5.30 -21.47
CA ARG A 168 4.21 4.36 -20.79
C ARG A 168 4.94 3.07 -20.44
N VAL A 169 6.22 2.96 -20.69
CA VAL A 169 6.98 1.76 -20.38
C VAL A 169 7.14 1.65 -18.86
N ALA A 170 7.11 0.44 -18.32
CA ALA A 170 7.28 0.24 -16.91
C ALA A 170 8.65 0.68 -16.51
N GLY A 171 8.77 1.36 -15.37
CA GLY A 171 10.03 1.81 -14.84
C GLY A 171 10.46 3.21 -15.19
N VAL A 172 9.86 3.81 -16.19
CA VAL A 172 10.23 5.14 -16.61
C VAL A 172 9.45 6.14 -15.82
N GLY A 173 10.06 7.18 -15.14
CA GLY A 173 9.43 8.26 -14.40
C GLY A 173 8.95 9.36 -15.32
N GLU A 174 9.84 9.94 -16.12
CA GLU A 174 9.42 10.92 -17.11
C GLU A 174 10.41 10.96 -18.26
N VAL A 175 9.95 11.49 -19.38
CA VAL A 175 10.73 11.60 -20.60
C VAL A 175 10.78 13.06 -21.01
N GLN A 176 11.96 13.54 -21.34
CA GLN A 176 12.17 14.88 -21.87
C GLN A 176 12.69 14.77 -23.29
N VAL A 177 12.18 15.62 -24.18
CA VAL A 177 12.52 15.59 -25.60
C VAL A 177 13.30 16.84 -25.95
N PHE A 178 14.31 16.72 -26.82
CA PHE A 178 15.11 17.84 -27.35
C PHE A 178 14.72 17.87 -28.84
N GLY A 179 14.10 18.97 -29.28
CA GLY A 179 13.45 19.02 -30.56
C GLY A 179 11.96 19.08 -30.36
N GLY A 180 11.31 20.09 -30.91
CA GLY A 180 9.91 20.35 -30.65
C GLY A 180 9.03 19.85 -31.75
N SER A 181 7.75 19.73 -31.43
CA SER A 181 6.75 19.25 -32.36
C SER A 181 6.34 20.35 -33.34
N TYR A 182 5.79 19.94 -34.47
CA TYR A 182 5.28 20.92 -35.42
C TYR A 182 4.14 21.69 -34.78
N ALA A 183 4.12 23.00 -35.02
CA ALA A 183 3.06 23.84 -34.48
C ALA A 183 2.75 24.91 -35.51
N MET A 184 1.47 25.25 -35.63
CA MET A 184 1.05 26.37 -36.47
C MET A 184 1.49 27.67 -35.83
N ARG A 185 2.16 28.52 -36.60
CA ARG A 185 2.89 29.66 -36.08
C ARG A 185 2.47 30.94 -36.81
N ILE A 186 1.75 31.80 -36.12
CA ILE A 186 1.32 33.10 -36.64
C ILE A 186 2.31 34.15 -36.17
N TRP A 187 3.01 34.78 -37.12
CA TRP A 187 3.96 35.85 -36.83
C TRP A 187 3.35 37.17 -37.29
N LEU A 188 3.12 38.08 -36.36
CA LEU A 188 2.43 39.32 -36.68
C LEU A 188 3.41 40.37 -37.19
N ASP A 189 2.87 41.36 -37.90
CA ASP A 189 3.63 42.51 -38.37
C ASP A 189 3.02 43.79 -37.85
N PRO A 190 3.70 44.57 -37.00
CA PRO A 190 3.05 45.75 -36.43
C PRO A 190 2.60 46.78 -37.44
N ALA A 191 3.34 46.94 -38.54
CA ALA A 191 3.02 47.97 -39.51
C ALA A 191 1.71 47.68 -40.22
N LYS A 192 1.51 46.44 -40.64
CA LYS A 192 0.30 46.07 -41.31
C LYS A 192 -0.85 46.08 -40.34
N LEU A 193 -0.58 45.72 -39.09
CA LEU A 193 -1.61 45.70 -38.09
C LEU A 193 -2.15 47.10 -37.83
N THR A 194 -1.28 48.09 -37.73
CA THR A 194 -1.75 49.47 -37.53
C THR A 194 -2.42 50.06 -38.77
N SER A 195 -2.06 49.56 -39.96
CA SER A 195 -2.55 49.99 -41.25
C SER A 195 -4.02 49.80 -41.41
N TYR A 196 -4.55 48.75 -40.82
CA TYR A 196 -5.95 48.41 -40.87
C TYR A 196 -6.59 48.60 -39.54
N GLN A 197 -6.03 49.41 -38.67
CA GLN A 197 -6.59 49.66 -37.35
C GLN A 197 -6.87 48.40 -36.52
N LEU A 198 -5.93 47.47 -36.53
CA LEU A 198 -6.04 46.21 -35.83
C LEU A 198 -5.09 46.04 -34.67
N THR A 199 -5.40 45.13 -33.75
CA THR A 199 -4.60 44.83 -32.58
C THR A 199 -4.42 43.32 -32.47
N PRO A 200 -3.39 42.87 -31.74
CA PRO A 200 -3.18 41.42 -31.59
C PRO A 200 -4.37 40.68 -31.01
N SER A 201 -5.11 41.33 -30.11
CA SER A 201 -6.29 40.70 -29.53
C SER A 201 -7.33 40.40 -30.60
N ASP A 202 -7.40 41.21 -31.64
CA ASP A 202 -8.32 40.93 -32.75
C ASP A 202 -7.97 39.60 -33.41
N ILE A 203 -6.68 39.36 -33.65
CA ILE A 203 -6.26 38.10 -34.24
C ILE A 203 -6.62 36.95 -33.31
N ALA A 204 -6.38 37.11 -32.01
CA ALA A 204 -6.73 36.04 -31.08
C ALA A 204 -8.22 35.72 -31.14
N THR A 205 -9.07 36.76 -31.11
CA THR A 205 -10.51 36.54 -31.15
C THR A 205 -10.92 35.80 -32.41
N ALA A 206 -10.42 36.24 -33.56
CA ALA A 206 -10.81 35.60 -34.81
C ALA A 206 -10.31 34.16 -34.87
N LEU A 207 -9.11 33.89 -34.37
CA LEU A 207 -8.63 32.51 -34.37
C LEU A 207 -9.52 31.64 -33.50
N GLN A 208 -9.98 32.16 -32.37
CA GLN A 208 -10.90 31.41 -31.55
C GLN A 208 -12.26 31.24 -32.25
N ALA A 209 -12.66 32.19 -33.07
CA ALA A 209 -13.94 32.11 -33.74
C ALA A 209 -13.94 31.13 -34.90
N GLN A 210 -12.88 31.11 -35.69
CA GLN A 210 -12.86 30.41 -36.97
C GLN A 210 -12.00 29.15 -36.96
N ASN A 211 -11.45 28.75 -35.82
CA ASN A 211 -10.73 27.47 -35.72
C ASN A 211 -11.27 26.71 -34.51
N SER A 212 -12.35 25.97 -34.72
CA SER A 212 -12.98 25.30 -33.59
C SER A 212 -14.07 24.38 -34.10
N GLN A 213 -14.39 23.38 -33.29
CA GLN A 213 -15.54 22.53 -33.50
C GLN A 213 -16.79 23.21 -32.96
N VAL A 214 -17.89 23.06 -33.68
CA VAL A 214 -19.20 23.50 -33.22
C VAL A 214 -20.08 22.26 -33.15
N ALA A 215 -20.60 21.99 -31.96
CA ALA A 215 -21.54 20.89 -31.78
C ALA A 215 -22.93 21.36 -32.19
N VAL A 216 -23.46 20.80 -33.28
CA VAL A 216 -24.72 21.28 -33.84
C VAL A 216 -25.77 20.16 -33.94
N GLY A 217 -25.64 19.12 -33.12
CA GLY A 217 -26.71 18.14 -33.00
C GLY A 217 -26.90 17.24 -34.21
N GLN A 218 -28.14 16.76 -34.37
CA GLN A 218 -28.50 15.72 -35.33
C GLN A 218 -29.72 16.14 -36.12
N LEU A 219 -30.19 15.28 -37.01
CA LEU A 219 -31.40 15.55 -37.78
C LEU A 219 -32.64 14.94 -37.13
N GLY A 220 -32.56 13.73 -36.60
CA GLY A 220 -33.58 13.33 -35.66
C GLY A 220 -33.07 13.50 -34.25
N GLY A 221 -33.39 14.63 -33.63
CA GLY A 221 -33.00 14.83 -32.25
C GLY A 221 -33.88 14.02 -31.34
N ALA A 222 -33.26 13.44 -30.31
CA ALA A 222 -33.86 12.37 -29.52
C ALA A 222 -35.35 12.60 -29.33
N PRO A 223 -35.75 13.71 -28.69
CA PRO A 223 -37.19 14.00 -28.67
C PRO A 223 -37.64 14.52 -30.02
N ALA A 224 -38.24 13.67 -30.82
CA ALA A 224 -38.51 13.99 -32.21
C ALA A 224 -39.99 13.84 -32.51
N VAL A 225 -40.41 14.57 -33.54
CA VAL A 225 -41.76 14.49 -34.00
C VAL A 225 -42.09 13.06 -34.40
N GLN A 226 -43.38 12.77 -34.53
CA GLN A 226 -43.82 11.40 -34.78
C GLN A 226 -43.26 10.86 -36.09
N GLY A 227 -43.70 11.43 -37.20
CA GLY A 227 -43.44 10.82 -38.48
C GLY A 227 -42.03 11.04 -38.98
N GLN A 228 -41.06 10.88 -38.10
CA GLN A 228 -39.67 11.14 -38.42
C GLN A 228 -39.01 9.85 -38.86
N VAL A 229 -38.32 9.90 -40.00
CA VAL A 229 -37.75 8.68 -40.59
C VAL A 229 -36.26 8.60 -40.29
N LEU A 230 -35.49 9.58 -40.74
CA LEU A 230 -34.04 9.49 -40.70
C LEU A 230 -33.45 10.28 -39.53
N ASN A 231 -32.37 9.75 -38.97
CA ASN A 231 -31.56 10.42 -37.98
C ASN A 231 -30.13 10.55 -38.52
N ALA A 232 -29.58 11.75 -38.48
CA ALA A 232 -28.26 12.00 -39.04
C ALA A 232 -27.49 13.00 -38.18
N THR A 233 -26.17 12.92 -38.26
CA THR A 233 -25.29 13.87 -37.60
C THR A 233 -25.03 15.05 -38.53
N VAL A 234 -25.09 16.26 -37.98
CA VAL A 234 -24.93 17.50 -38.73
C VAL A 234 -23.53 18.04 -38.45
N ASN A 235 -22.77 18.31 -39.51
CA ASN A 235 -21.42 18.83 -39.41
C ASN A 235 -21.38 20.28 -39.85
N ALA A 236 -20.75 21.14 -39.05
CA ALA A 236 -20.80 22.58 -39.25
C ALA A 236 -19.47 23.19 -39.64
N GLN A 237 -18.41 22.84 -38.94
CA GLN A 237 -17.12 23.51 -39.12
C GLN A 237 -16.08 22.73 -38.33
N SER A 238 -14.93 22.49 -38.93
CA SER A 238 -13.89 21.68 -38.32
C SER A 238 -12.59 22.46 -38.20
N LEU A 239 -11.74 21.99 -37.30
CA LEU A 239 -10.42 22.56 -37.12
C LEU A 239 -9.71 22.68 -38.45
N LEU A 240 -9.00 23.79 -38.63
CA LEU A 240 -8.21 23.98 -39.83
C LEU A 240 -6.97 23.11 -39.77
N GLN A 241 -6.40 22.83 -40.94
CA GLN A 241 -5.37 21.81 -41.02
C GLN A 241 -4.07 22.28 -41.63
N THR A 242 -4.10 23.27 -42.51
CA THR A 242 -2.95 23.67 -43.30
C THR A 242 -2.73 25.17 -43.22
N PRO A 243 -1.51 25.63 -43.49
CA PRO A 243 -1.26 27.08 -43.45
C PRO A 243 -2.12 27.88 -44.40
N GLU A 244 -2.59 27.29 -45.50
CA GLU A 244 -3.46 28.02 -46.40
C GLU A 244 -4.78 28.36 -45.72
N GLN A 245 -5.34 27.43 -44.97
CA GLN A 245 -6.61 27.68 -44.30
C GLN A 245 -6.48 28.77 -43.26
N PHE A 246 -5.40 28.74 -42.46
CA PHE A 246 -5.16 29.81 -41.50
C PHE A 246 -4.92 31.14 -42.19
N LYS A 247 -4.20 31.15 -43.31
CA LYS A 247 -3.96 32.40 -44.03
C LYS A 247 -5.26 33.07 -44.47
N ASN A 248 -6.35 32.32 -44.57
CA ASN A 248 -7.58 32.81 -45.18
C ASN A 248 -8.62 33.25 -44.15
N ILE A 249 -8.25 33.30 -42.87
CA ILE A 249 -9.21 33.65 -41.84
C ILE A 249 -9.70 35.07 -42.04
N PHE A 250 -11.02 35.27 -42.10
CA PHE A 250 -11.59 36.59 -42.35
C PHE A 250 -11.51 37.48 -41.12
N LEU A 251 -11.03 38.70 -41.28
CA LEU A 251 -10.90 39.58 -40.15
C LEU A 251 -11.79 40.76 -40.14
N LYS A 252 -11.76 41.54 -41.21
CA LYS A 252 -12.48 42.77 -41.24
C LYS A 252 -12.73 43.18 -42.68
N ASN A 253 -13.74 44.00 -42.91
CA ASN A 253 -13.94 44.57 -44.22
C ASN A 253 -13.47 46.00 -44.02
N THR A 254 -12.69 46.55 -44.93
CA THR A 254 -12.28 47.95 -44.77
C THR A 254 -13.39 48.90 -45.23
N ALA A 255 -13.21 50.20 -45.06
CA ALA A 255 -14.27 51.15 -45.40
C ALA A 255 -14.61 51.07 -46.88
N SER A 256 -13.61 50.86 -47.73
CA SER A 256 -13.85 50.79 -49.17
C SER A 256 -14.43 49.46 -49.63
N GLY A 257 -14.45 48.45 -48.76
CA GLY A 257 -15.09 47.18 -49.05
C GLY A 257 -14.14 46.00 -49.15
N ALA A 258 -12.86 46.25 -49.39
CA ALA A 258 -11.92 45.14 -49.55
C ALA A 258 -11.76 44.37 -48.24
N GLU A 259 -11.87 43.04 -48.28
CA GLU A 259 -11.74 42.22 -47.07
C GLU A 259 -10.30 42.12 -46.56
N VAL A 260 -10.14 42.02 -45.25
CA VAL A 260 -8.83 41.89 -44.66
C VAL A 260 -8.75 40.48 -44.11
N ARG A 261 -7.77 39.69 -44.51
CA ARG A 261 -7.59 38.33 -44.02
C ARG A 261 -6.25 38.22 -43.32
N LEU A 262 -6.08 37.12 -42.59
CA LEU A 262 -4.90 36.98 -41.73
C LEU A 262 -3.61 37.01 -42.53
N LYS A 263 -3.67 36.66 -43.82
CA LYS A 263 -2.52 36.80 -44.70
C LYS A 263 -2.00 38.22 -44.71
N ASP A 264 -2.90 39.20 -44.63
CA ASP A 264 -2.55 40.61 -44.71
C ASP A 264 -1.81 41.26 -43.56
N VAL A 265 -1.86 40.70 -42.38
CA VAL A 265 -1.16 41.30 -41.28
C VAL A 265 -0.21 40.32 -40.56
N ALA A 266 0.07 39.17 -41.16
CA ALA A 266 0.92 38.19 -40.49
C ALA A 266 1.59 37.27 -41.50
N ARG A 267 2.41 36.38 -40.97
CA ARG A 267 3.10 35.33 -41.68
C ARG A 267 2.60 34.01 -41.10
N VAL A 268 2.07 33.13 -41.94
CA VAL A 268 1.50 31.87 -41.48
C VAL A 268 2.45 30.75 -41.89
N GLU A 269 2.84 29.93 -40.92
CA GLU A 269 3.94 29.01 -41.10
C GLU A 269 3.70 27.80 -40.21
N LEU A 270 4.34 26.69 -40.55
CA LEU A 270 4.26 25.48 -39.72
C LEU A 270 5.61 25.32 -39.03
N GLY A 271 5.79 26.05 -37.94
CA GLY A 271 7.03 26.02 -37.17
C GLY A 271 7.07 24.94 -36.11
N SER A 272 7.53 25.25 -34.91
CA SER A 272 7.56 24.29 -33.83
C SER A 272 7.10 24.95 -32.54
N ASP A 273 6.73 24.12 -31.58
CA ASP A 273 6.24 24.62 -30.31
C ASP A 273 7.36 24.98 -29.33
N ASN A 274 8.60 24.64 -29.64
CA ASN A 274 9.73 25.05 -28.83
C ASN A 274 10.87 25.51 -29.71
N TYR A 275 11.49 26.63 -29.31
CA TYR A 275 12.66 27.15 -29.98
C TYR A 275 13.84 27.28 -29.02
N GLN A 276 13.80 26.57 -27.90
CA GLN A 276 14.81 26.78 -26.86
C GLN A 276 16.08 25.98 -27.09
N PHE A 277 16.01 24.89 -27.85
CA PHE A 277 17.08 23.91 -27.85
C PHE A 277 17.58 23.65 -29.26
N ASP A 278 18.82 23.18 -29.33
CA ASP A 278 19.38 22.73 -30.59
C ASP A 278 20.28 21.55 -30.29
N SER A 279 19.84 20.34 -30.62
CA SER A 279 20.56 19.13 -30.38
C SER A 279 21.31 18.68 -31.61
N LYS A 280 22.46 18.07 -31.41
CA LYS A 280 23.22 17.55 -32.51
C LYS A 280 23.80 16.23 -32.08
N PHE A 281 24.02 15.32 -33.00
CA PHE A 281 24.66 14.07 -32.68
C PHE A 281 25.86 13.98 -33.60
N ASN A 282 27.08 13.89 -33.07
CA ASN A 282 28.31 13.83 -33.84
C ASN A 282 28.40 14.99 -34.82
N GLY A 283 27.93 16.16 -34.39
CA GLY A 283 28.04 17.35 -35.20
C GLY A 283 27.02 17.51 -36.30
N LYS A 284 25.94 16.77 -36.27
CA LYS A 284 24.90 16.88 -37.30
C LYS A 284 23.54 16.92 -36.58
N PRO A 285 22.50 17.47 -37.19
CA PRO A 285 21.24 17.63 -36.45
C PRO A 285 20.63 16.40 -35.84
N ALA A 286 20.01 16.49 -34.66
CA ALA A 286 19.45 15.30 -34.06
C ALA A 286 18.32 15.58 -33.11
N ALA A 287 17.49 14.60 -32.83
CA ALA A 287 16.41 14.76 -31.90
C ALA A 287 16.76 13.85 -30.75
N GLY A 288 16.60 14.29 -29.52
CA GLY A 288 16.95 13.48 -28.38
C GLY A 288 15.77 13.06 -27.54
N LEU A 289 15.99 12.12 -26.64
CA LEU A 289 14.93 11.60 -25.79
C LEU A 289 15.59 11.10 -24.50
N ALA A 290 15.52 11.91 -23.45
CA ALA A 290 16.19 11.60 -22.19
C ALA A 290 15.23 10.86 -21.27
N ILE A 291 15.53 9.58 -20.97
CA ILE A 291 14.73 8.79 -20.11
C ILE A 291 15.14 9.01 -18.66
N LYS A 292 14.18 9.19 -17.79
CA LYS A 292 14.39 9.30 -16.36
C LYS A 292 13.63 8.21 -15.63
N ILE A 293 14.31 7.55 -14.68
CA ILE A 293 13.76 6.41 -14.00
C ILE A 293 12.93 6.81 -12.79
N ALA A 294 11.88 6.03 -12.52
CA ALA A 294 11.04 6.25 -11.36
C ALA A 294 11.73 5.78 -10.09
N THR A 295 11.40 6.42 -8.98
CA THR A 295 11.94 6.01 -7.70
C THR A 295 11.45 4.61 -7.34
N GLY A 296 12.38 3.76 -6.92
CA GLY A 296 12.05 2.38 -6.63
C GLY A 296 12.10 1.46 -7.81
N ALA A 297 12.46 1.94 -8.99
CA ALA A 297 12.49 1.08 -10.15
C ALA A 297 13.88 0.54 -10.34
N ASN A 298 14.01 -0.68 -10.87
CA ASN A 298 15.31 -1.29 -11.07
C ASN A 298 15.82 -0.76 -12.38
N ALA A 299 17.04 -0.22 -12.43
CA ALA A 299 17.59 0.37 -13.63
C ALA A 299 17.85 -0.55 -14.78
N LEU A 300 18.41 -1.70 -14.53
CA LEU A 300 18.72 -2.64 -15.59
C LEU A 300 17.48 -3.14 -16.26
N ASP A 301 16.45 -3.42 -15.47
CA ASP A 301 15.17 -3.90 -15.96
C ASP A 301 14.51 -2.86 -16.80
N THR A 302 14.59 -1.62 -16.36
CA THR A 302 13.99 -0.50 -17.07
C THR A 302 14.60 -0.35 -18.43
N ALA A 303 15.91 -0.45 -18.49
CA ALA A 303 16.63 -0.28 -19.73
C ALA A 303 16.26 -1.34 -20.72
N GLU A 304 16.11 -2.56 -20.24
CA GLU A 304 15.69 -3.66 -21.07
C GLU A 304 14.28 -3.42 -21.58
N ALA A 305 13.42 -2.90 -20.71
CA ALA A 305 12.04 -2.59 -21.05
C ALA A 305 11.97 -1.54 -22.13
N VAL A 306 12.84 -0.56 -22.04
CA VAL A 306 12.96 0.51 -23.01
C VAL A 306 13.43 0.00 -24.34
N GLU A 307 14.34 -0.96 -24.33
CA GLU A 307 14.89 -1.53 -25.54
C GLU A 307 13.83 -2.33 -26.22
N GLN A 308 13.04 -3.06 -25.44
CA GLN A 308 11.96 -3.85 -26.01
C GLN A 308 10.95 -2.96 -26.72
N ARG A 309 10.52 -1.90 -26.04
CA ARG A 309 9.55 -1.01 -26.66
C ARG A 309 10.11 -0.38 -27.93
N LEU A 310 11.39 0.03 -27.88
CA LEU A 310 12.02 0.62 -29.06
C LEU A 310 12.15 -0.39 -30.19
N SER A 311 12.40 -1.65 -29.86
CA SER A 311 12.51 -2.67 -30.89
C SER A 311 11.18 -2.87 -31.58
N GLU A 312 10.08 -2.82 -30.83
CA GLU A 312 8.76 -2.82 -31.43
C GLU A 312 8.54 -1.59 -32.31
N LEU A 313 9.04 -0.44 -31.88
CA LEU A 313 8.78 0.80 -32.62
C LEU A 313 9.63 0.94 -33.87
N ARG A 314 10.82 0.33 -33.93
CA ARG A 314 11.70 0.54 -35.07
C ARG A 314 11.10 0.04 -36.36
N LYS A 315 10.05 -0.76 -36.28
CA LYS A 315 9.48 -1.37 -37.47
C LYS A 315 8.65 -0.41 -38.29
N ASN A 316 8.19 0.70 -37.70
CA ASN A 316 7.32 1.63 -38.39
C ASN A 316 8.02 2.92 -38.79
N TYR A 317 9.35 2.98 -38.68
CA TYR A 317 10.04 4.23 -38.90
C TYR A 317 9.82 4.71 -40.32
N PRO A 318 9.90 6.02 -40.56
CA PRO A 318 10.06 6.50 -41.93
C PRO A 318 11.37 6.04 -42.55
N THR A 319 11.60 6.42 -43.80
CA THR A 319 12.83 6.04 -44.49
C THR A 319 13.92 7.04 -44.15
N GLY A 320 15.00 6.54 -43.55
CA GLY A 320 16.10 7.41 -43.18
C GLY A 320 16.03 7.88 -41.75
N LEU A 321 15.64 7.01 -40.83
CA LEU A 321 15.54 7.34 -39.42
C LEU A 321 16.28 6.29 -38.60
N ALA A 322 17.36 6.69 -37.95
CA ALA A 322 18.09 5.85 -37.02
C ALA A 322 17.90 6.34 -35.59
N ASP A 323 18.09 5.45 -34.64
CA ASP A 323 18.21 5.81 -33.24
C ASP A 323 19.45 5.12 -32.68
N LYS A 324 20.14 5.83 -31.80
CA LYS A 324 21.38 5.33 -31.22
C LYS A 324 21.40 5.71 -29.75
N LEU A 325 21.48 4.71 -28.88
CA LEU A 325 21.47 4.93 -27.44
C LEU A 325 22.83 5.51 -27.02
N ALA A 326 23.02 6.77 -27.37
CA ALA A 326 24.11 7.56 -26.81
C ALA A 326 23.88 7.77 -25.33
N TYR A 327 24.96 7.80 -24.55
CA TYR A 327 24.86 8.05 -23.12
C TYR A 327 23.96 7.01 -22.43
N ASP A 328 24.49 5.82 -22.29
CA ASP A 328 23.92 4.82 -21.40
C ASP A 328 24.75 4.69 -20.13
N THR A 329 24.09 4.41 -19.02
CA THR A 329 24.74 4.23 -17.74
C THR A 329 24.54 2.84 -17.15
N THR A 330 23.81 1.97 -17.82
CA THR A 330 23.59 0.60 -17.37
C THR A 330 24.74 -0.34 -17.73
N PRO A 331 25.35 -0.21 -18.91
CA PRO A 331 26.37 -1.20 -19.30
C PRO A 331 27.47 -1.35 -18.30
N PHE A 332 27.78 -0.28 -17.59
CA PHE A 332 28.73 -0.33 -16.51
C PHE A 332 28.33 -1.40 -15.53
N ILE A 333 27.09 -1.34 -15.07
CA ILE A 333 26.59 -2.24 -14.03
C ILE A 333 26.73 -3.68 -14.46
N ARG A 334 26.30 -3.96 -15.70
CA ARG A 334 26.34 -5.32 -16.22
C ARG A 334 27.77 -5.83 -16.27
N LEU A 335 28.69 -5.01 -16.77
CA LEU A 335 30.07 -5.47 -16.91
C LEU A 335 30.72 -5.71 -15.56
N SER A 336 30.47 -4.85 -14.58
CA SER A 336 31.08 -5.04 -13.27
C SER A 336 30.57 -6.29 -12.59
N ILE A 337 29.24 -6.51 -12.62
CA ILE A 337 28.70 -7.73 -12.03
C ILE A 337 29.25 -8.96 -12.75
N GLU A 338 29.35 -8.89 -14.09
CA GLU A 338 29.87 -10.02 -14.83
C GLU A 338 31.30 -10.32 -14.45
N SER A 339 32.11 -9.28 -14.26
CA SER A 339 33.48 -9.51 -13.83
C SER A 339 33.51 -10.25 -12.52
N VAL A 340 32.65 -9.86 -11.57
CA VAL A 340 32.67 -10.53 -10.27
C VAL A 340 32.26 -12.00 -10.40
N VAL A 341 31.28 -12.29 -11.24
CA VAL A 341 30.85 -13.69 -11.36
C VAL A 341 31.96 -14.52 -12.00
N HIS A 342 32.67 -13.93 -12.97
CA HIS A 342 33.81 -14.64 -13.54
C HIS A 342 34.84 -14.92 -12.47
N THR A 343 35.08 -13.95 -11.58
CA THR A 343 36.05 -14.18 -10.52
C THR A 343 35.61 -15.33 -9.63
N LEU A 344 34.31 -15.41 -9.35
CA LEU A 344 33.82 -16.48 -8.49
C LEU A 344 34.07 -17.85 -9.12
N ILE A 345 33.80 -17.96 -10.42
CA ILE A 345 34.07 -19.22 -11.10
C ILE A 345 35.55 -19.56 -11.04
N GLU A 346 36.40 -18.59 -11.34
CA GLU A 346 37.83 -18.85 -11.32
C GLU A 346 38.29 -19.31 -9.94
N ALA A 347 37.73 -18.71 -8.89
CA ALA A 347 38.06 -19.13 -7.54
C ALA A 347 37.67 -20.58 -7.30
N VAL A 348 36.48 -20.98 -7.75
CA VAL A 348 36.06 -22.37 -7.55
C VAL A 348 37.02 -23.32 -8.23
N ILE A 349 37.43 -22.99 -9.46
CA ILE A 349 38.35 -23.87 -10.19
C ILE A 349 39.69 -23.95 -9.47
N LEU A 350 40.21 -22.80 -9.03
CA LEU A 350 41.51 -22.81 -8.37
C LEU A 350 41.46 -23.62 -7.08
N VAL A 351 40.32 -23.57 -6.37
CA VAL A 351 40.17 -24.39 -5.18
C VAL A 351 40.28 -25.86 -5.54
N PHE A 352 39.57 -26.28 -6.60
CA PHE A 352 39.68 -27.67 -6.99
C PHE A 352 41.11 -28.06 -7.30
N ILE A 353 41.83 -27.18 -8.00
CA ILE A 353 43.21 -27.50 -8.37
C ILE A 353 44.08 -27.66 -7.14
N VAL A 354 43.97 -26.73 -6.19
CA VAL A 354 44.80 -26.80 -4.99
C VAL A 354 44.49 -28.08 -4.22
N MET A 355 43.22 -28.42 -4.10
CA MET A 355 42.86 -29.62 -3.37
C MET A 355 43.46 -30.85 -4.03
N PHE A 356 43.32 -30.97 -5.35
CA PHE A 356 43.89 -32.14 -6.01
C PHE A 356 45.40 -32.17 -5.83
N LEU A 357 46.04 -31.00 -5.74
CA LEU A 357 47.46 -30.99 -5.47
C LEU A 357 47.77 -31.60 -4.11
N PHE A 358 47.04 -31.18 -3.08
CA PHE A 358 47.38 -31.63 -1.73
C PHE A 358 46.80 -33.01 -1.44
N LEU A 359 45.53 -33.23 -1.74
CA LEU A 359 44.90 -34.54 -1.58
C LEU A 359 45.02 -35.26 -2.90
N GLN A 360 45.93 -36.23 -2.97
CA GLN A 360 46.33 -36.77 -4.27
C GLN A 360 45.16 -37.38 -5.03
N ASN A 361 44.31 -38.16 -4.36
CA ASN A 361 43.30 -38.94 -5.06
C ASN A 361 42.07 -38.10 -5.40
N TRP A 362 41.38 -38.49 -6.46
CA TRP A 362 40.32 -37.68 -7.05
C TRP A 362 39.01 -37.74 -6.26
N ARG A 363 38.80 -38.77 -5.45
CA ARG A 363 37.54 -38.87 -4.71
C ARG A 363 37.45 -37.80 -3.64
N ALA A 364 38.48 -37.71 -2.80
CA ALA A 364 38.51 -36.71 -1.76
C ALA A 364 38.44 -35.32 -2.37
N THR A 365 39.07 -35.13 -3.51
CA THR A 365 39.01 -33.84 -4.19
C THR A 365 37.60 -33.53 -4.65
N ILE A 366 36.90 -34.51 -5.22
CA ILE A 366 35.60 -34.20 -5.80
C ILE A 366 34.62 -33.82 -4.70
N ILE A 367 34.72 -34.45 -3.53
CA ILE A 367 33.68 -34.24 -2.51
C ILE A 367 33.43 -32.76 -2.21
N PRO A 368 34.43 -31.91 -1.95
CA PRO A 368 34.13 -30.51 -1.63
C PRO A 368 33.74 -29.64 -2.82
N THR A 369 34.30 -29.95 -3.99
CA THR A 369 33.87 -29.25 -5.20
C THR A 369 32.36 -29.41 -5.39
N LEU A 370 31.84 -30.60 -5.09
CA LEU A 370 30.39 -30.78 -5.05
C LEU A 370 29.77 -29.97 -3.93
N ALA A 371 30.38 -29.99 -2.75
CA ALA A 371 29.76 -29.31 -1.60
C ALA A 371 29.59 -27.82 -1.84
N VAL A 372 30.36 -27.22 -2.75
CA VAL A 372 30.35 -25.76 -2.92
C VAL A 372 29.08 -25.26 -3.60
N PRO A 373 28.72 -25.74 -4.80
CA PRO A 373 27.50 -25.25 -5.43
C PRO A 373 26.26 -25.35 -4.57
N VAL A 374 26.13 -26.41 -3.78
CA VAL A 374 24.97 -26.53 -2.92
C VAL A 374 24.85 -25.27 -2.07
N VAL A 375 25.95 -24.88 -1.42
CA VAL A 375 25.91 -23.76 -0.51
C VAL A 375 25.60 -22.48 -1.26
N VAL A 376 26.28 -22.23 -2.38
CA VAL A 376 26.11 -20.93 -3.02
C VAL A 376 24.69 -20.77 -3.58
N LEU A 377 24.17 -21.80 -4.24
CA LEU A 377 22.82 -21.69 -4.78
C LEU A 377 21.78 -21.60 -3.66
N GLY A 378 21.94 -22.36 -2.59
CA GLY A 378 21.01 -22.24 -1.48
C GLY A 378 21.05 -20.86 -0.86
N THR A 379 22.25 -20.28 -0.78
CA THR A 379 22.39 -18.95 -0.22
C THR A 379 21.65 -17.92 -1.06
N PHE A 380 21.73 -18.04 -2.38
CA PHE A 380 20.97 -17.13 -3.24
C PHE A 380 19.48 -17.32 -3.03
N ALA A 381 19.01 -18.56 -2.94
CA ALA A 381 17.61 -18.79 -2.64
C ALA A 381 17.19 -18.05 -1.38
N VAL A 382 17.98 -18.18 -0.32
CA VAL A 382 17.58 -17.66 0.98
C VAL A 382 17.62 -16.13 0.99
N ILE A 383 18.66 -15.53 0.41
CA ILE A 383 18.71 -14.06 0.42
C ILE A 383 17.61 -13.50 -0.46
N ASN A 384 17.26 -14.18 -1.56
CA ASN A 384 16.10 -13.74 -2.32
C ASN A 384 14.85 -13.77 -1.45
N ILE A 385 14.69 -14.83 -0.66
CA ILE A 385 13.57 -14.87 0.27
C ILE A 385 13.56 -13.64 1.16
N PHE A 386 14.74 -13.25 1.67
CA PHE A 386 14.79 -12.05 2.52
C PHE A 386 14.64 -10.76 1.73
N GLY A 387 14.75 -10.79 0.41
CA GLY A 387 14.57 -9.61 -0.39
C GLY A 387 15.83 -8.94 -0.89
N PHE A 388 17.01 -9.52 -0.68
CA PHE A 388 18.23 -8.89 -1.17
C PHE A 388 18.31 -8.99 -2.68
N SER A 389 19.39 -8.46 -3.24
CA SER A 389 19.58 -8.36 -4.67
C SER A 389 20.91 -8.99 -5.06
N ILE A 390 21.14 -9.06 -6.36
CA ILE A 390 22.43 -9.48 -6.90
C ILE A 390 23.17 -8.19 -7.27
N ASN A 391 24.02 -7.73 -6.35
CA ASN A 391 24.76 -6.49 -6.48
C ASN A 391 26.20 -6.73 -6.05
N THR A 392 27.04 -5.70 -6.18
CA THR A 392 28.47 -5.88 -5.95
C THR A 392 28.76 -6.39 -4.55
N LEU A 393 27.99 -5.93 -3.56
CA LEU A 393 28.28 -6.34 -2.19
C LEU A 393 27.86 -7.77 -1.91
N THR A 394 26.68 -8.18 -2.38
CA THR A 394 26.29 -9.58 -2.22
C THR A 394 27.25 -10.49 -2.97
N MET A 395 27.69 -10.05 -4.15
CA MET A 395 28.65 -10.83 -4.90
C MET A 395 29.96 -10.98 -4.14
N PHE A 396 30.43 -9.89 -3.53
CA PHE A 396 31.66 -9.98 -2.75
C PHE A 396 31.48 -10.90 -1.55
N ALA A 397 30.32 -10.85 -0.91
CA ALA A 397 30.08 -11.75 0.21
C ALA A 397 30.15 -13.20 -0.25
N MET A 398 29.62 -13.51 -1.43
CA MET A 398 29.70 -14.87 -1.94
C MET A 398 31.14 -15.27 -2.27
N VAL A 399 31.88 -14.36 -2.91
CA VAL A 399 33.26 -14.65 -3.27
C VAL A 399 34.14 -14.77 -2.04
N LEU A 400 33.70 -14.23 -0.91
CA LEU A 400 34.41 -14.50 0.34
C LEU A 400 33.99 -15.84 0.90
N ALA A 401 32.69 -16.11 0.94
CA ALA A 401 32.21 -17.35 1.53
C ALA A 401 32.78 -18.56 0.82
N ILE A 402 33.24 -18.40 -0.41
CA ILE A 402 33.87 -19.50 -1.12
C ILE A 402 34.91 -20.17 -0.24
N GLY A 403 35.85 -19.38 0.29
CA GLY A 403 36.93 -19.96 1.06
C GLY A 403 36.45 -20.65 2.32
N LEU A 404 35.53 -20.00 3.04
CA LEU A 404 35.07 -20.54 4.28
C LEU A 404 34.31 -21.86 4.11
N LEU A 405 33.51 -22.00 3.06
CA LEU A 405 32.82 -23.26 2.83
C LEU A 405 33.78 -24.33 2.32
N VAL A 406 34.76 -23.92 1.50
CA VAL A 406 35.78 -24.87 1.06
C VAL A 406 36.47 -25.47 2.27
N ASP A 407 36.80 -24.61 3.25
CA ASP A 407 37.41 -25.11 4.47
C ASP A 407 36.48 -26.05 5.17
N ASP A 408 35.20 -25.72 5.23
CA ASP A 408 34.26 -26.52 5.99
C ASP A 408 34.19 -27.94 5.44
N ALA A 409 34.36 -28.11 4.13
CA ALA A 409 34.36 -29.45 3.55
C ALA A 409 35.74 -30.11 3.70
N ILE A 410 36.80 -29.32 3.51
CA ILE A 410 38.15 -29.85 3.56
C ILE A 410 38.41 -30.56 4.87
N VAL A 411 37.93 -29.99 5.98
CA VAL A 411 38.27 -30.57 7.28
C VAL A 411 37.79 -32.01 7.36
N VAL A 412 36.54 -32.25 6.98
CA VAL A 412 35.98 -33.59 7.09
C VAL A 412 36.65 -34.55 6.13
N VAL A 413 36.89 -34.10 4.89
CA VAL A 413 37.49 -35.03 3.95
C VAL A 413 38.88 -35.42 4.43
N GLU A 414 39.64 -34.46 4.98
CA GLU A 414 40.95 -34.79 5.52
C GLU A 414 40.85 -35.74 6.70
N ASN A 415 39.95 -35.43 7.61
CA ASN A 415 39.76 -36.20 8.83
C ASN A 415 39.57 -37.65 8.50
N VAL A 416 38.64 -37.92 7.59
CA VAL A 416 38.36 -39.29 7.17
C VAL A 416 39.57 -39.88 6.48
N GLU A 417 40.26 -39.10 5.68
CA GLU A 417 41.44 -39.59 4.99
C GLU A 417 42.51 -40.02 5.98
N ARG A 418 42.75 -39.22 7.01
CA ARG A 418 43.77 -39.58 7.97
C ARG A 418 43.39 -40.88 8.64
N VAL A 419 42.14 -40.98 9.04
CA VAL A 419 41.67 -42.18 9.69
C VAL A 419 41.67 -43.37 8.74
N MET A 420 41.27 -43.15 7.49
CA MET A 420 41.22 -44.26 6.56
C MET A 420 42.60 -44.84 6.32
N SER A 421 43.60 -43.97 6.16
CA SER A 421 44.94 -44.47 5.88
C SER A 421 45.56 -45.29 7.01
N GLU A 422 45.44 -44.80 8.24
CA GLU A 422 46.02 -45.49 9.40
C GLU A 422 45.40 -46.83 9.82
N ASP A 423 44.08 -46.94 9.80
CA ASP A 423 43.44 -48.17 10.27
C ASP A 423 43.05 -49.21 9.22
N HIS A 424 43.05 -48.83 7.95
CA HIS A 424 42.68 -49.75 6.87
C HIS A 424 41.34 -50.43 7.13
N THR A 425 40.34 -49.64 7.50
CA THR A 425 39.01 -50.16 7.80
C THR A 425 38.00 -49.51 6.88
N ASP A 426 36.86 -50.19 6.68
CA ASP A 426 35.76 -49.73 5.81
C ASP A 426 35.49 -48.23 5.89
N PRO A 427 35.40 -47.58 4.71
CA PRO A 427 35.22 -46.13 4.76
C PRO A 427 33.96 -45.71 5.48
N VAL A 428 32.91 -46.51 5.43
CA VAL A 428 31.68 -46.13 6.10
C VAL A 428 31.92 -45.97 7.60
N THR A 429 32.58 -46.96 8.20
CA THR A 429 32.86 -46.90 9.63
C THR A 429 33.74 -45.72 9.97
N ALA A 430 34.70 -45.48 9.09
CA ALA A 430 35.60 -44.40 9.26
C ALA A 430 34.80 -43.12 9.34
N THR A 431 33.95 -42.87 8.37
CA THR A 431 33.13 -41.66 8.31
C THR A 431 32.24 -41.53 9.53
N SER A 432 31.63 -42.64 9.95
CA SER A 432 30.75 -42.60 11.12
C SER A 432 31.52 -42.16 12.35
N ARG A 433 32.67 -42.80 12.60
CA ARG A 433 33.47 -42.44 13.76
C ARG A 433 33.94 -40.99 13.67
N SER A 434 34.37 -40.56 12.49
CA SER A 434 34.91 -39.22 12.34
C SER A 434 33.84 -38.18 12.65
N MET A 435 32.63 -38.38 12.12
CA MET A 435 31.54 -37.47 12.44
C MET A 435 31.24 -37.50 13.94
N GLN A 436 31.06 -38.70 14.50
CA GLN A 436 30.69 -38.82 15.91
C GLN A 436 31.71 -38.15 16.81
N GLN A 437 32.97 -38.07 16.38
CA GLN A 437 34.02 -37.50 17.22
C GLN A 437 34.38 -36.06 16.87
N ILE A 438 33.99 -35.55 15.71
CA ILE A 438 34.40 -34.21 15.29
C ILE A 438 33.24 -33.24 15.17
N SER A 439 31.99 -33.70 15.26
CA SER A 439 30.86 -32.81 14.98
C SER A 439 30.89 -31.55 15.85
N GLY A 440 31.45 -31.62 17.05
CA GLY A 440 31.28 -30.54 18.01
C GLY A 440 31.95 -29.25 17.61
N ALA A 441 33.19 -29.32 17.11
CA ALA A 441 33.96 -28.09 16.89
C ALA A 441 33.30 -27.21 15.85
N LEU A 442 32.69 -27.82 14.83
CA LEU A 442 32.14 -27.05 13.72
C LEU A 442 31.03 -26.12 14.19
N VAL A 443 30.15 -26.60 15.06
CA VAL A 443 29.05 -25.76 15.50
C VAL A 443 29.56 -24.54 16.26
N GLY A 444 30.55 -24.75 17.13
CA GLY A 444 31.14 -23.62 17.83
C GLY A 444 31.80 -22.66 16.88
N ILE A 445 32.47 -23.20 15.85
CA ILE A 445 33.10 -22.35 14.84
C ILE A 445 32.04 -21.48 14.16
N THR A 446 30.90 -22.06 13.84
CA THR A 446 29.87 -21.31 13.15
C THR A 446 29.28 -20.25 14.07
N SER A 447 29.10 -20.59 15.34
CA SER A 447 28.57 -19.62 16.29
C SER A 447 29.51 -18.43 16.44
N VAL A 448 30.81 -18.69 16.57
CA VAL A 448 31.75 -17.58 16.74
C VAL A 448 31.83 -16.76 15.46
N LEU A 449 31.72 -17.39 14.30
CA LEU A 449 31.80 -16.62 13.08
C LEU A 449 30.55 -15.78 12.93
N THR A 450 29.38 -16.29 13.30
CA THR A 450 28.18 -15.45 13.31
C THR A 450 28.33 -14.30 14.29
N ALA A 451 28.94 -14.56 15.45
CA ALA A 451 29.18 -13.48 16.41
C ALA A 451 30.06 -12.40 15.79
N VAL A 452 31.08 -12.81 15.05
CA VAL A 452 31.95 -11.84 14.40
C VAL A 452 31.19 -11.03 13.37
N PHE A 453 30.34 -11.69 12.59
CA PHE A 453 29.78 -11.03 11.41
C PHE A 453 28.49 -10.26 11.68
N VAL A 454 27.61 -10.75 12.56
CA VAL A 454 26.30 -10.11 12.73
C VAL A 454 26.42 -8.66 13.18
N PRO A 455 27.27 -8.30 14.14
CA PRO A 455 27.22 -6.92 14.64
C PRO A 455 27.41 -5.91 13.55
N MET A 456 27.97 -6.30 12.41
CA MET A 456 28.09 -5.40 11.29
C MET A 456 26.72 -4.99 10.75
N ALA A 457 25.70 -5.79 10.99
CA ALA A 457 24.39 -5.51 10.41
C ALA A 457 23.80 -4.20 10.92
N PHE A 458 24.04 -3.84 12.17
CA PHE A 458 23.33 -2.74 12.82
C PHE A 458 24.06 -1.41 12.71
N PHE A 459 24.83 -1.19 11.65
CA PHE A 459 25.37 0.15 11.40
C PHE A 459 24.22 1.12 11.17
N GLY A 460 24.36 2.33 11.74
CA GLY A 460 23.34 3.33 11.56
C GLY A 460 23.40 4.02 10.21
N GLY A 461 22.31 4.69 9.88
CA GLY A 461 22.27 5.53 8.70
C GLY A 461 22.24 4.74 7.40
N THR A 462 22.68 5.41 6.32
CA THR A 462 22.72 4.83 4.98
C THR A 462 23.67 3.66 4.79
N THR A 463 24.67 3.54 5.65
CA THR A 463 25.60 2.42 5.57
C THR A 463 25.00 1.14 6.15
N GLY A 464 23.92 1.26 6.93
CA GLY A 464 23.34 0.09 7.54
C GLY A 464 22.87 -0.94 6.54
N VAL A 465 22.24 -0.50 5.46
CA VAL A 465 21.77 -1.46 4.46
C VAL A 465 22.95 -2.18 3.83
N ILE A 466 24.04 -1.45 3.56
CA ILE A 466 25.21 -2.09 2.96
C ILE A 466 25.72 -3.20 3.86
N TYR A 467 25.97 -2.86 5.12
CA TYR A 467 26.56 -3.87 6.00
C TYR A 467 25.57 -5.00 6.27
N ARG A 468 24.27 -4.70 6.33
CA ARG A 468 23.27 -5.74 6.52
C ARG A 468 23.30 -6.75 5.39
N GLN A 469 23.30 -6.26 4.14
CA GLN A 469 23.37 -7.17 3.01
C GLN A 469 24.58 -8.06 3.12
N PHE A 470 25.76 -7.46 3.33
CA PHE A 470 26.98 -8.26 3.37
C PHE A 470 26.92 -9.31 4.47
N SER A 471 26.62 -8.89 5.68
CA SER A 471 26.67 -9.79 6.83
C SER A 471 25.61 -10.87 6.74
N ILE A 472 24.38 -10.52 6.33
CA ILE A 472 23.34 -11.54 6.28
C ILE A 472 23.67 -12.56 5.20
N THR A 473 24.21 -12.12 4.06
CA THR A 473 24.68 -13.05 3.05
C THR A 473 25.71 -14.01 3.64
N LEU A 474 26.72 -13.47 4.32
CA LEU A 474 27.79 -14.32 4.82
C LEU A 474 27.30 -15.29 5.88
N VAL A 475 26.41 -14.84 6.75
CA VAL A 475 25.90 -15.72 7.81
C VAL A 475 25.03 -16.82 7.21
N THR A 476 24.15 -16.46 6.28
CA THR A 476 23.35 -17.46 5.58
C THR A 476 24.25 -18.52 4.98
N ALA A 477 25.30 -18.08 4.28
CA ALA A 477 26.23 -19.01 3.67
C ALA A 477 26.86 -19.93 4.70
N MET A 478 27.30 -19.39 5.83
CA MET A 478 28.00 -20.21 6.81
C MET A 478 27.07 -21.22 7.47
N VAL A 479 25.84 -20.84 7.74
CA VAL A 479 24.88 -21.80 8.29
C VAL A 479 24.63 -22.91 7.27
N LEU A 480 24.40 -22.53 6.00
CA LEU A 480 24.21 -23.55 4.98
C LEU A 480 25.40 -24.47 4.90
N SER A 481 26.61 -23.93 5.05
CA SER A 481 27.82 -24.72 5.01
C SER A 481 27.87 -25.69 6.18
N LEU A 482 27.46 -25.25 7.37
CA LEU A 482 27.40 -26.15 8.52
C LEU A 482 26.45 -27.30 8.25
N ILE A 483 25.27 -26.97 7.74
CA ILE A 483 24.25 -27.99 7.45
C ILE A 483 24.77 -28.97 6.41
N VAL A 484 25.42 -28.46 5.37
CA VAL A 484 25.93 -29.33 4.32
C VAL A 484 27.02 -30.23 4.88
N ALA A 485 27.89 -29.69 5.72
CA ALA A 485 28.95 -30.50 6.32
C ALA A 485 28.36 -31.62 7.14
N LEU A 486 27.31 -31.33 7.91
CA LEU A 486 26.74 -32.34 8.78
C LEU A 486 25.89 -33.36 8.05
N THR A 487 25.40 -33.04 6.85
CA THR A 487 24.48 -33.91 6.14
C THR A 487 25.03 -34.52 4.85
N PHE A 488 25.47 -33.68 3.91
CA PHE A 488 25.81 -34.12 2.55
C PHE A 488 27.24 -34.64 2.45
N THR A 489 28.20 -33.86 2.94
CA THR A 489 29.59 -34.25 2.77
C THR A 489 29.90 -35.62 3.37
N PRO A 490 29.39 -35.98 4.56
CA PRO A 490 29.66 -37.33 5.07
C PRO A 490 29.15 -38.45 4.19
N ALA A 491 27.97 -38.30 3.58
CA ALA A 491 27.47 -39.34 2.69
C ALA A 491 28.37 -39.52 1.48
N LEU A 492 28.85 -38.41 0.92
CA LEU A 492 29.81 -38.52 -0.18
C LEU A 492 31.09 -39.19 0.29
N CYS A 493 31.56 -38.83 1.48
CA CYS A 493 32.79 -39.42 1.98
C CYS A 493 32.61 -40.93 2.19
N ALA A 494 31.42 -41.34 2.59
CA ALA A 494 31.15 -42.76 2.78
C ALA A 494 31.12 -43.50 1.46
N THR A 495 30.38 -42.97 0.49
CA THR A 495 30.21 -43.66 -0.79
C THR A 495 31.46 -43.58 -1.66
N ILE A 496 31.94 -42.38 -1.94
CA ILE A 496 32.96 -42.18 -2.97
C ILE A 496 34.31 -42.72 -2.51
N LEU A 497 34.69 -42.49 -1.25
CA LEU A 497 36.00 -42.94 -0.73
C LEU A 497 36.20 -44.43 -0.61
N LYS A 498 37.15 -44.99 -1.36
CA LYS A 498 37.45 -46.41 -1.32
C LYS A 498 38.28 -46.78 -0.11
N GLN A 499 38.34 -48.07 0.24
CA GLN A 499 39.17 -48.52 1.35
C GLN A 499 40.65 -48.51 0.93
N HIS A 500 41.55 -48.34 1.89
CA HIS A 500 42.98 -48.26 1.66
C HIS A 500 43.67 -49.63 1.88
N ASP A 501 44.41 -50.15 0.90
CA ASP A 501 45.05 -51.45 1.05
C ASP A 501 46.51 -51.30 1.42
N PRO A 502 47.06 -52.22 2.23
CA PRO A 502 48.51 -52.23 2.49
C PRO A 502 49.27 -53.10 1.48
N ASN A 503 49.38 -52.60 0.25
CA ASN A 503 50.00 -53.34 -0.84
C ASN A 503 51.13 -52.53 -1.46
N LYS A 504 52.12 -53.23 -2.00
CA LYS A 504 53.27 -52.61 -2.64
C LYS A 504 52.87 -52.23 -4.06
N GLU A 505 52.09 -51.16 -4.17
CA GLU A 505 51.62 -50.71 -5.47
C GLU A 505 52.00 -49.25 -5.73
N PRO A 506 53.26 -48.85 -5.50
CA PRO A 506 53.69 -47.53 -5.98
C PRO A 506 54.20 -47.60 -7.41
N SER A 507 53.65 -46.76 -8.29
CA SER A 507 53.99 -46.76 -9.70
C SER A 507 54.89 -45.56 -9.99
N ASN A 508 56.08 -45.83 -10.54
CA ASN A 508 56.99 -44.76 -10.92
C ASN A 508 56.49 -44.13 -12.21
N ASN A 509 56.04 -42.89 -12.13
CA ASN A 509 55.52 -42.20 -13.30
C ASN A 509 55.77 -40.70 -13.14
N ILE A 510 55.69 -39.99 -14.26
CA ILE A 510 55.87 -38.54 -14.24
C ILE A 510 54.82 -37.91 -13.34
N PHE A 511 53.59 -38.43 -13.37
CA PHE A 511 52.53 -37.89 -12.52
C PHE A 511 52.83 -38.17 -11.05
N ALA A 512 53.22 -39.39 -10.73
CA ALA A 512 53.34 -39.79 -9.33
C ALA A 512 54.60 -39.22 -8.67
N ARG A 513 55.71 -39.17 -9.40
CA ARG A 513 56.96 -38.73 -8.80
C ARG A 513 56.85 -37.30 -8.30
N PHE A 514 56.10 -36.45 -9.00
CA PHE A 514 55.92 -35.09 -8.51
C PHE A 514 55.24 -35.07 -7.16
N PHE A 515 54.20 -35.90 -6.99
CA PHE A 515 53.56 -36.01 -5.69
C PHE A 515 54.53 -36.54 -4.64
N ARG A 516 55.33 -37.55 -5.01
CA ARG A 516 56.30 -38.13 -4.08
C ARG A 516 57.27 -37.06 -3.59
N SER A 517 57.84 -36.30 -4.52
CA SER A 517 58.78 -35.24 -4.15
C SER A 517 58.10 -34.17 -3.32
N PHE A 518 56.86 -33.82 -3.68
CA PHE A 518 56.12 -32.82 -2.91
C PHE A 518 55.96 -33.26 -1.47
N ASN A 519 55.53 -34.51 -1.26
CA ASN A 519 55.36 -35.01 0.10
C ASN A 519 56.68 -35.04 0.85
N ASN A 520 57.74 -35.49 0.18
CA ASN A 520 59.03 -35.58 0.84
C ASN A 520 59.52 -34.20 1.28
N GLY A 521 59.36 -33.19 0.43
CA GLY A 521 59.73 -31.84 0.84
C GLY A 521 58.85 -31.30 1.94
N PHE A 522 57.55 -31.56 1.86
CA PHE A 522 56.62 -31.07 2.87
C PHE A 522 56.95 -31.62 4.24
N ASP A 523 57.43 -32.87 4.30
CA ASP A 523 57.77 -33.46 5.60
C ASP A 523 58.86 -32.65 6.29
N ARG A 524 59.97 -32.42 5.61
CA ARG A 524 61.07 -31.69 6.22
C ARG A 524 60.62 -30.26 6.53
N MET A 525 59.71 -29.73 5.71
CA MET A 525 59.19 -28.40 5.93
C MET A 525 58.46 -28.38 7.27
N SER A 526 57.67 -29.42 7.55
CA SER A 526 56.96 -29.52 8.80
C SER A 526 57.96 -29.62 9.94
N HIS A 527 59.02 -30.41 9.74
CA HIS A 527 60.05 -30.58 10.76
C HIS A 527 60.70 -29.23 11.07
N SER A 528 60.99 -28.46 10.03
CA SER A 528 61.58 -27.15 10.21
C SER A 528 60.61 -26.25 10.96
N TYR A 529 59.33 -26.34 10.61
CA TYR A 529 58.28 -25.57 11.24
C TYR A 529 58.19 -25.88 12.72
N GLN A 530 58.31 -27.16 13.07
CA GLN A 530 58.24 -27.54 14.48
C GLN A 530 59.40 -26.93 15.24
N ASN A 531 60.59 -26.94 14.64
CA ASN A 531 61.76 -26.38 15.29
C ASN A 531 61.57 -24.89 15.54
N GLY A 532 61.02 -24.20 14.55
CA GLY A 532 60.78 -22.78 14.67
C GLY A 532 59.81 -22.50 15.80
N VAL A 533 58.76 -23.31 15.89
CA VAL A 533 57.78 -23.11 16.94
C VAL A 533 58.44 -23.32 18.29
N SER A 534 59.28 -24.34 18.41
CA SER A 534 59.95 -24.62 19.67
C SER A 534 60.83 -23.44 20.09
N ARG A 535 61.65 -22.95 19.17
CA ARG A 535 62.52 -21.83 19.48
C ARG A 535 61.72 -20.62 19.92
N MET A 536 60.61 -20.33 19.23
CA MET A 536 59.77 -19.20 19.64
C MET A 536 59.21 -19.41 21.03
N LEU A 537 58.82 -20.64 21.35
CA LEU A 537 58.29 -20.93 22.68
C LEU A 537 59.34 -20.67 23.75
N LYS A 538 60.59 -21.07 23.49
CA LYS A 538 61.61 -20.94 24.52
C LYS A 538 61.82 -19.49 24.94
N GLY A 539 61.87 -18.57 23.97
CA GLY A 539 62.14 -17.18 24.28
C GLY A 539 60.91 -16.34 24.50
N LYS A 540 60.56 -16.09 25.76
CA LYS A 540 59.37 -15.28 26.05
C LYS A 540 59.57 -13.84 25.61
N ILE A 541 60.71 -13.24 25.98
CA ILE A 541 60.90 -11.81 25.76
C ILE A 541 60.91 -11.50 24.27
N PHE A 542 61.38 -12.44 23.44
CA PHE A 542 61.51 -12.22 22.01
C PHE A 542 60.16 -12.19 21.35
N SER A 543 59.34 -13.19 21.65
CA SER A 543 58.01 -13.25 21.09
C SER A 543 57.20 -12.07 21.57
N GLY A 544 57.31 -11.74 22.85
CA GLY A 544 56.55 -10.63 23.38
C GLY A 544 56.90 -9.32 22.72
N VAL A 545 58.20 -9.05 22.56
CA VAL A 545 58.61 -7.80 21.93
C VAL A 545 58.20 -7.79 20.45
N LEU A 546 58.33 -8.93 19.78
CA LEU A 546 57.98 -9.01 18.38
C LEU A 546 56.49 -8.73 18.18
N TYR A 547 55.67 -9.27 19.07
CA TYR A 547 54.24 -9.05 19.01
C TYR A 547 53.93 -7.58 19.21
N ALA A 548 54.63 -6.97 20.18
CA ALA A 548 54.47 -5.56 20.48
C ALA A 548 54.87 -4.71 19.29
N VAL A 549 55.94 -5.10 18.62
CA VAL A 549 56.39 -4.35 17.46
C VAL A 549 55.32 -4.35 16.38
N VAL A 550 54.72 -5.51 16.15
CA VAL A 550 53.72 -5.61 15.11
C VAL A 550 52.50 -4.76 15.39
N VAL A 551 52.00 -4.75 16.62
CA VAL A 551 50.84 -3.92 16.91
C VAL A 551 51.21 -2.45 16.77
N ALA A 552 52.42 -2.08 17.22
CA ALA A 552 52.88 -0.72 17.15
C ALA A 552 52.90 -0.26 15.70
N LEU A 553 53.30 -1.17 14.84
CA LEU A 553 53.33 -0.88 13.40
C LEU A 553 51.94 -0.84 12.82
N LEU A 554 51.07 -1.76 13.26
CA LEU A 554 49.69 -1.75 12.78
C LEU A 554 49.01 -0.44 13.11
N VAL A 555 49.06 -0.01 14.37
CA VAL A 555 48.37 1.21 14.76
C VAL A 555 48.98 2.42 14.05
N PHE A 556 50.30 2.41 13.84
CA PHE A 556 50.93 3.53 13.16
C PHE A 556 50.49 3.61 11.71
N LEU A 557 50.57 2.50 10.98
CA LEU A 557 50.22 2.51 9.56
C LEU A 557 48.75 2.80 9.34
N PHE A 558 47.87 2.36 10.26
CA PHE A 558 46.45 2.60 10.07
C PHE A 558 46.15 4.08 9.94
N GLN A 559 46.97 4.94 10.54
CA GLN A 559 46.72 6.37 10.46
C GLN A 559 47.02 6.91 9.06
N LYS A 560 48.08 6.41 8.42
CA LYS A 560 48.51 6.98 7.15
C LYS A 560 47.50 6.76 6.04
N LEU A 561 46.78 5.64 6.06
CA LEU A 561 45.85 5.34 4.97
C LEU A 561 44.80 6.45 4.88
N PRO A 562 44.59 7.04 3.70
CA PRO A 562 43.52 8.03 3.56
C PRO A 562 42.16 7.37 3.48
N SER A 563 41.15 8.06 4.02
CA SER A 563 39.79 7.53 4.05
C SER A 563 38.98 8.05 2.86
N SER A 564 38.23 7.15 2.24
CA SER A 564 37.34 7.49 1.14
C SER A 564 36.11 6.60 1.21
N PHE A 565 34.91 7.17 1.08
CA PHE A 565 33.68 6.40 1.19
C PHE A 565 33.59 5.37 0.08
N LEU A 566 33.84 5.80 -1.15
CA LEU A 566 33.79 4.88 -2.28
C LEU A 566 34.95 5.14 -3.22
N PRO A 567 35.48 4.05 -3.80
CA PRO A 567 36.62 4.30 -4.69
C PRO A 567 36.19 4.97 -5.98
N GLU A 568 37.02 5.88 -6.50
CA GLU A 568 36.70 6.57 -7.73
C GLU A 568 36.67 5.52 -8.81
N GLU A 569 35.56 5.39 -9.54
CA GLU A 569 35.52 4.38 -10.56
C GLU A 569 35.14 4.96 -11.91
N ASP A 570 35.73 4.43 -12.96
CA ASP A 570 35.48 4.83 -14.34
C ASP A 570 34.11 4.33 -14.74
N GLN A 571 33.37 5.07 -15.57
CA GLN A 571 32.07 4.60 -16.05
C GLN A 571 31.82 4.62 -17.56
N GLY A 572 32.79 5.03 -18.37
CA GLY A 572 32.63 5.06 -19.82
C GLY A 572 31.93 6.24 -20.49
N VAL A 573 31.50 7.21 -19.72
CA VAL A 573 30.77 8.38 -20.18
C VAL A 573 31.34 9.60 -19.47
N VAL A 574 31.46 10.71 -20.20
CA VAL A 574 31.86 11.99 -19.62
C VAL A 574 30.92 13.08 -20.13
N MET A 575 30.48 13.94 -19.22
CA MET A 575 29.53 15.01 -19.52
C MET A 575 30.22 16.35 -19.31
N THR A 576 30.03 17.28 -20.24
CA THR A 576 30.70 18.57 -20.22
C THR A 576 29.68 19.69 -20.04
N LEU A 577 29.97 20.61 -19.13
CA LEU A 577 29.08 21.72 -18.83
C LEU A 577 29.63 23.00 -19.44
N VAL A 578 28.77 23.71 -20.17
CA VAL A 578 29.16 24.90 -20.91
C VAL A 578 28.33 26.08 -20.42
N GLN A 579 29.00 27.20 -20.18
CA GLN A 579 28.34 28.41 -19.71
C GLN A 579 28.99 29.60 -20.36
N LEU A 580 28.20 30.49 -20.93
CA LEU A 580 28.66 31.70 -21.58
C LEU A 580 28.38 32.91 -20.71
N PRO A 581 28.91 34.07 -21.07
CA PRO A 581 28.68 35.27 -20.27
C PRO A 581 27.25 35.74 -20.37
N PRO A 582 26.83 36.66 -19.51
CA PRO A 582 25.42 37.06 -19.46
C PRO A 582 24.96 37.71 -20.76
N ASN A 583 23.66 37.56 -21.02
CA ASN A 583 23.01 38.08 -22.22
C ASN A 583 23.66 37.57 -23.48
N ALA A 584 24.09 36.32 -23.47
CA ALA A 584 24.64 35.69 -24.66
C ALA A 584 23.51 35.02 -25.44
N THR A 585 23.68 34.96 -26.76
CA THR A 585 22.66 34.49 -27.68
C THR A 585 22.85 33.01 -27.99
N LEU A 586 21.81 32.39 -28.54
CA LEU A 586 21.88 30.97 -28.88
C LEU A 586 22.92 30.71 -29.94
N ASP A 587 23.15 31.64 -30.86
CA ASP A 587 24.11 31.40 -31.93
C ASP A 587 25.54 31.40 -31.39
N ARG A 588 25.84 32.28 -30.45
CA ARG A 588 27.16 32.28 -29.82
C ARG A 588 27.41 30.96 -29.11
N THR A 589 26.43 30.51 -28.35
CA THR A 589 26.54 29.26 -27.63
C THR A 589 26.70 28.10 -28.60
N GLY A 590 25.99 28.13 -29.71
CA GLY A 590 26.14 27.06 -30.69
C GLY A 590 27.54 27.02 -31.27
N LYS A 591 28.14 28.18 -31.52
CA LYS A 591 29.52 28.21 -32.00
C LYS A 591 30.47 27.59 -30.98
N VAL A 592 30.30 27.95 -29.71
CA VAL A 592 31.15 27.37 -28.68
C VAL A 592 30.96 25.86 -28.59
N ILE A 593 29.71 25.40 -28.64
CA ILE A 593 29.44 23.96 -28.62
C ILE A 593 30.12 23.29 -29.81
N ASP A 594 30.09 23.93 -30.97
CA ASP A 594 30.73 23.35 -32.14
C ASP A 594 32.23 23.18 -31.94
N THR A 595 32.88 24.16 -31.31
CA THR A 595 34.31 24.02 -31.04
C THR A 595 34.57 22.86 -30.08
N MET A 596 33.80 22.80 -28.98
CA MET A 596 33.93 21.70 -28.04
C MET A 596 33.73 20.35 -28.75
N THR A 597 32.80 20.31 -29.69
CA THR A 597 32.49 19.09 -30.41
C THR A 597 33.66 18.66 -31.29
N ASN A 598 34.26 19.60 -32.00
CA ASN A 598 35.39 19.25 -32.85
C ASN A 598 36.54 18.70 -32.01
N PHE A 599 36.78 19.30 -30.85
CA PHE A 599 37.83 18.80 -29.97
C PHE A 599 37.55 17.35 -29.55
N PHE A 600 36.34 17.05 -29.09
CA PHE A 600 36.07 15.67 -28.67
C PHE A 600 36.06 14.72 -29.86
N MET A 601 35.67 15.21 -31.03
CA MET A 601 35.62 14.35 -32.21
C MET A 601 37.01 13.92 -32.64
N ASN A 602 37.97 14.85 -32.63
CA ASN A 602 39.29 14.55 -33.19
C ASN A 602 40.01 13.47 -32.41
N GLU A 603 39.78 13.37 -31.10
CA GLU A 603 40.49 12.40 -30.26
C GLU A 603 39.92 11.01 -30.47
N LYS A 604 40.27 10.40 -31.59
CA LYS A 604 39.69 9.11 -32.00
C LYS A 604 39.91 7.85 -31.15
N ASP A 605 40.96 7.77 -30.36
CA ASP A 605 41.22 6.56 -29.61
C ASP A 605 40.49 6.40 -28.30
N THR A 606 39.86 7.45 -27.80
CA THR A 606 39.13 7.36 -26.55
C THR A 606 37.62 7.70 -26.58
N VAL A 607 37.09 8.24 -27.68
CA VAL A 607 35.69 8.63 -27.70
C VAL A 607 34.85 7.97 -28.78
N GLU A 608 33.63 7.59 -28.47
CA GLU A 608 32.80 6.99 -29.47
C GLU A 608 31.86 8.00 -30.11
N SER A 609 31.28 8.89 -29.31
CA SER A 609 30.30 9.82 -29.83
C SER A 609 30.21 11.01 -28.90
N ILE A 610 29.60 12.08 -29.40
CA ILE A 610 29.23 13.22 -28.57
C ILE A 610 27.84 13.68 -28.99
N PHE A 611 26.92 13.85 -28.01
CA PHE A 611 25.59 14.37 -28.26
C PHE A 611 25.54 15.66 -27.45
N THR A 612 25.18 16.77 -28.08
CA THR A 612 25.15 18.09 -27.46
C THR A 612 23.76 18.70 -27.54
N VAL A 613 23.52 19.69 -26.69
CA VAL A 613 22.29 20.46 -26.69
C VAL A 613 22.60 21.89 -26.30
N SER A 614 22.36 22.83 -27.21
CA SER A 614 22.51 24.25 -26.92
C SER A 614 21.26 24.77 -26.23
N GLY A 615 21.44 25.45 -25.11
CA GLY A 615 20.33 26.03 -24.40
C GLY A 615 19.88 25.27 -23.17
N PHE A 616 20.36 24.04 -23.00
CA PHE A 616 20.01 23.23 -21.84
C PHE A 616 21.26 22.98 -21.01
N SER A 617 21.10 23.00 -19.69
CA SER A 617 22.11 22.50 -18.79
C SER A 617 21.41 22.18 -17.48
N PHE A 618 22.08 21.36 -16.66
CA PHE A 618 21.50 21.02 -15.37
C PHE A 618 21.54 22.20 -14.40
N THR A 619 22.34 23.22 -14.72
CA THR A 619 22.45 24.41 -13.90
C THR A 619 21.39 25.44 -14.19
N GLY A 620 20.60 25.24 -15.25
CA GLY A 620 19.57 26.18 -15.62
C GLY A 620 19.38 26.24 -17.12
N VAL A 621 18.15 26.36 -17.58
CA VAL A 621 17.86 26.44 -19.00
C VAL A 621 17.93 27.90 -19.41
N GLY A 622 18.88 28.22 -20.28
CA GLY A 622 19.06 29.57 -20.76
C GLY A 622 19.81 29.53 -22.06
N GLN A 623 19.90 30.69 -22.70
CA GLN A 623 20.49 30.75 -24.02
C GLN A 623 22.01 30.77 -23.99
N ASN A 624 22.62 31.03 -22.84
CA ASN A 624 24.07 30.92 -22.67
C ASN A 624 24.46 29.61 -22.00
N ALA A 625 23.64 28.58 -22.18
CA ALA A 625 23.82 27.29 -21.53
C ALA A 625 24.11 26.22 -22.58
N GLY A 626 24.73 25.13 -22.14
CA GLY A 626 25.08 24.07 -23.05
C GLY A 626 25.51 22.80 -22.35
N ILE A 627 25.29 21.67 -22.99
CA ILE A 627 25.60 20.37 -22.40
C ILE A 627 26.08 19.44 -23.50
N GLY A 628 26.97 18.52 -23.13
CA GLY A 628 27.45 17.51 -24.04
C GLY A 628 27.55 16.15 -23.38
N PHE A 629 27.11 15.09 -24.07
CA PHE A 629 27.17 13.73 -23.56
C PHE A 629 28.18 12.95 -24.39
N VAL A 630 29.35 12.70 -23.81
CA VAL A 630 30.45 12.03 -24.50
C VAL A 630 30.46 10.57 -24.12
N LYS A 631 30.61 9.68 -25.11
CA LYS A 631 30.61 8.27 -24.85
C LYS A 631 32.00 7.81 -25.08
N LEU A 632 32.65 7.21 -24.09
CA LEU A 632 33.98 6.75 -24.31
C LEU A 632 33.95 5.50 -25.11
N LYS A 633 35.10 5.13 -25.66
CA LYS A 633 35.23 3.92 -26.42
C LYS A 633 35.20 2.72 -25.46
N ASP A 634 35.01 1.53 -26.00
CA ASP A 634 34.87 0.32 -25.17
C ASP A 634 36.06 0.13 -24.24
N TRP A 635 35.79 -0.29 -23.01
CA TRP A 635 36.79 -0.45 -21.97
C TRP A 635 37.94 -1.32 -22.39
N SER A 636 37.66 -2.37 -23.15
CA SER A 636 38.72 -3.28 -23.56
C SER A 636 39.64 -2.63 -24.58
N LYS A 637 39.17 -1.62 -25.31
CA LYS A 637 39.96 -0.92 -26.28
C LYS A 637 40.68 0.29 -25.66
N ARG A 638 40.48 0.56 -24.38
CA ARG A 638 41.15 1.69 -23.74
C ARG A 638 42.06 1.21 -22.62
N THR A 639 43.24 0.73 -22.99
CA THR A 639 44.20 0.15 -22.08
C THR A 639 45.41 1.03 -21.82
N THR A 640 45.85 1.79 -22.81
CA THR A 640 46.97 2.71 -22.60
C THR A 640 46.59 3.75 -21.54
N PRO A 641 47.50 4.17 -20.66
CA PRO A 641 47.07 5.21 -19.71
C PRO A 641 46.55 6.52 -20.34
N GLU A 642 47.05 6.84 -21.52
CA GLU A 642 46.67 8.00 -22.27
C GLU A 642 45.20 7.94 -22.59
N THR A 643 44.68 6.78 -22.99
CA THR A 643 43.25 6.71 -23.22
C THR A 643 42.48 6.25 -21.99
N GLN A 644 42.41 7.09 -20.97
CA GLN A 644 41.69 6.82 -19.73
C GLN A 644 40.82 8.05 -19.41
N ILE A 645 39.82 7.96 -18.54
CA ILE A 645 38.97 9.12 -18.32
C ILE A 645 39.67 10.37 -17.81
N GLY A 646 40.56 10.20 -16.84
CA GLY A 646 41.26 11.33 -16.28
C GLY A 646 42.12 12.01 -17.31
N SER A 647 42.78 11.22 -18.13
CA SER A 647 43.62 11.78 -19.16
C SER A 647 42.77 12.54 -20.15
N LEU A 648 41.64 11.96 -20.52
CA LEU A 648 40.74 12.61 -21.44
C LEU A 648 40.23 13.87 -20.80
N ILE A 649 39.86 13.81 -19.53
CA ILE A 649 39.36 14.99 -18.84
C ILE A 649 40.40 16.05 -18.67
N GLN A 650 41.63 15.63 -18.35
CA GLN A 650 42.72 16.56 -18.22
C GLN A 650 43.02 17.20 -19.54
N ARG A 651 42.96 16.43 -20.61
CA ARG A 651 43.21 16.96 -21.94
C ARG A 651 42.14 17.99 -22.34
N GLY A 652 40.89 17.74 -21.92
CA GLY A 652 39.76 18.64 -22.17
C GLY A 652 39.73 19.86 -21.30
N MET A 653 40.57 19.88 -20.30
CA MET A 653 40.74 21.08 -19.49
C MET A 653 41.38 22.20 -20.31
N ALA A 654 42.14 21.85 -21.35
CA ALA A 654 42.71 22.86 -22.23
C ALA A 654 41.64 23.61 -23.01
N LEU A 655 40.45 23.03 -23.17
CA LEU A 655 39.35 23.77 -23.79
C LEU A 655 39.13 25.09 -23.07
N ASN A 656 39.23 25.08 -21.74
CA ASN A 656 38.94 26.27 -20.97
C ASN A 656 39.84 27.44 -21.35
N MET A 657 40.99 27.16 -21.96
CA MET A 657 41.91 28.20 -22.39
C MET A 657 41.71 28.59 -23.84
N ILE A 658 41.47 27.62 -24.73
CA ILE A 658 41.42 27.91 -26.15
C ILE A 658 40.16 28.71 -26.49
N ILE A 659 39.02 28.32 -25.93
CA ILE A 659 37.74 28.95 -26.28
C ILE A 659 37.62 30.24 -25.46
N LYS A 660 37.87 31.37 -26.11
CA LYS A 660 37.85 32.65 -25.40
C LYS A 660 36.47 32.95 -24.83
N ASP A 661 35.42 32.69 -25.60
CA ASP A 661 34.08 33.15 -25.24
C ASP A 661 33.64 32.59 -23.90
N ALA A 662 33.50 31.26 -23.82
CA ALA A 662 32.81 30.66 -22.70
C ALA A 662 33.41 31.08 -21.37
N SER A 663 32.53 31.41 -20.42
CA SER A 663 32.95 31.57 -19.03
C SER A 663 33.68 30.33 -18.54
N TYR A 664 33.13 29.14 -18.83
CA TYR A 664 33.81 27.90 -18.49
C TYR A 664 33.32 26.79 -19.42
N VAL A 665 34.12 25.72 -19.47
CA VAL A 665 33.73 24.47 -20.10
C VAL A 665 34.32 23.35 -19.25
N MET A 666 33.46 22.66 -18.50
CA MET A 666 33.93 21.76 -17.44
C MET A 666 33.63 20.30 -17.76
N PRO A 667 34.61 19.52 -18.23
CA PRO A 667 34.41 18.06 -18.31
C PRO A 667 34.39 17.44 -16.92
N LEU A 668 33.38 16.61 -16.68
CA LEU A 668 33.10 16.07 -15.37
C LEU A 668 32.89 14.57 -15.46
N GLN A 669 32.92 13.92 -14.30
CA GLN A 669 32.65 12.50 -14.16
C GLN A 669 31.45 12.28 -13.27
N LEU A 670 30.66 11.26 -13.58
CA LEU A 670 29.52 10.93 -12.74
C LEU A 670 29.99 10.39 -11.40
N PRO A 671 29.20 10.59 -10.34
CA PRO A 671 29.59 10.06 -9.03
C PRO A 671 29.50 8.53 -8.93
N ALA A 672 30.08 7.96 -7.88
CA ALA A 672 30.03 6.51 -7.71
C ALA A 672 28.59 6.05 -7.57
N MET A 673 27.80 6.79 -6.79
CA MET A 673 26.39 6.47 -6.61
C MET A 673 25.59 7.64 -7.13
N PRO A 674 24.79 7.46 -8.20
CA PRO A 674 24.03 8.62 -8.66
C PRO A 674 22.93 9.21 -7.75
N GLU A 675 23.27 9.84 -6.62
CA GLU A 675 22.28 10.46 -5.76
C GLU A 675 22.21 11.98 -5.98
N LEU A 676 23.08 12.51 -6.84
CA LEU A 676 23.15 13.93 -7.13
C LEU A 676 23.48 14.09 -8.60
N GLY A 677 23.19 15.28 -9.19
CA GLY A 677 23.46 15.63 -10.58
C GLY A 677 24.90 15.37 -10.96
N VAL A 678 25.83 15.72 -10.07
CA VAL A 678 27.26 15.49 -10.30
C VAL A 678 27.93 15.33 -8.94
N THR A 679 29.09 14.67 -8.94
CA THR A 679 29.80 14.41 -7.70
C THR A 679 30.22 15.71 -7.03
N ALA A 680 30.12 15.75 -5.71
CA ALA A 680 30.53 16.91 -4.92
C ALA A 680 30.34 16.57 -3.45
N GLY A 681 30.97 17.36 -2.59
CA GLY A 681 30.85 17.21 -1.15
C GLY A 681 30.44 18.52 -0.50
N PHE A 682 30.00 18.39 0.76
CA PHE A 682 29.68 19.54 1.60
C PHE A 682 28.66 20.46 0.92
N ASN A 683 27.51 19.89 0.62
CA ASN A 683 26.41 20.61 0.02
C ASN A 683 25.81 21.54 1.07
N LEU A 684 26.15 22.82 1.00
CA LEU A 684 25.64 23.81 1.93
C LEU A 684 24.56 24.66 1.28
N GLN A 685 23.62 25.12 2.10
CA GLN A 685 22.52 25.96 1.66
C GLN A 685 22.49 27.19 2.55
N LEU A 686 22.50 28.38 1.95
CA LEU A 686 22.48 29.63 2.70
C LEU A 686 21.09 30.23 2.60
N LYS A 687 20.39 30.35 3.72
CA LYS A 687 19.01 30.78 3.75
C LYS A 687 18.80 32.26 4.14
N ASP A 688 17.84 32.90 3.51
CA ASP A 688 17.54 34.29 3.74
C ASP A 688 16.42 34.42 4.74
N SER A 689 16.67 34.03 5.98
CA SER A 689 15.69 34.11 7.05
C SER A 689 15.39 35.60 7.33
N SER A 690 14.13 35.93 7.61
CA SER A 690 13.65 37.31 7.83
C SER A 690 13.64 38.18 6.56
N GLY A 691 13.67 37.56 5.39
CA GLY A 691 13.53 38.28 4.12
C GLY A 691 14.31 39.53 3.77
N GLN A 692 15.64 39.48 3.77
CA GLN A 692 16.43 40.66 3.47
C GLN A 692 16.37 41.13 2.03
N GLY A 693 16.31 40.19 1.10
CA GLY A 693 16.27 40.48 -0.31
C GLY A 693 17.31 39.68 -1.07
N HIS A 694 17.18 39.72 -2.39
CA HIS A 694 18.12 38.98 -3.23
C HIS A 694 19.50 39.65 -3.24
N GLU A 695 19.55 40.97 -3.34
CA GLU A 695 20.82 41.66 -3.33
C GLU A 695 21.56 41.39 -2.03
N LYS A 696 20.85 41.45 -0.90
CA LYS A 696 21.47 41.19 0.37
C LYS A 696 21.98 39.76 0.46
N LEU A 697 21.18 38.80 -0.01
CA LEU A 697 21.59 37.40 0.03
C LEU A 697 22.84 37.18 -0.80
N ILE A 698 22.91 37.79 -1.99
CA ILE A 698 24.11 37.67 -2.81
C ILE A 698 25.30 38.30 -2.12
N ALA A 699 25.11 39.46 -1.50
CA ALA A 699 26.21 40.12 -0.80
C ALA A 699 26.74 39.28 0.35
N ALA A 700 25.82 38.73 1.15
CA ALA A 700 26.22 37.85 2.23
C ALA A 700 26.98 36.64 1.71
N ARG A 701 26.46 36.01 0.66
CA ARG A 701 27.16 34.89 0.05
C ARG A 701 28.54 35.29 -0.41
N ASN A 702 28.68 36.48 -0.99
CA ASN A 702 29.97 36.90 -1.52
C ASN A 702 30.97 37.10 -0.40
N THR A 703 30.53 37.68 0.72
CA THR A 703 31.42 37.80 1.86
C THR A 703 31.87 36.42 2.33
N ILE A 704 30.94 35.49 2.40
CA ILE A 704 31.29 34.13 2.80
C ILE A 704 32.33 33.56 1.85
N LEU A 705 32.07 33.65 0.54
CA LEU A 705 32.95 33.04 -0.44
C LEU A 705 34.33 33.68 -0.40
N GLY A 706 34.39 34.99 -0.14
CA GLY A 706 35.67 35.64 0.01
C GLY A 706 36.46 35.11 1.19
N LEU A 707 35.80 34.98 2.34
CA LEU A 707 36.52 34.49 3.52
C LEU A 707 36.89 33.03 3.37
N ALA A 708 36.10 32.25 2.65
CA ALA A 708 36.36 30.82 2.53
C ALA A 708 37.70 30.55 1.85
N SER A 709 37.97 31.25 0.75
CA SER A 709 39.21 31.01 0.02
C SER A 709 40.42 31.43 0.82
N GLN A 710 40.29 32.45 1.66
CA GLN A 710 41.43 33.17 2.21
C GLN A 710 42.02 32.57 3.48
N ASP A 711 41.28 31.72 4.19
CA ASP A 711 41.67 31.48 5.58
C ASP A 711 42.25 30.09 5.85
N LYS A 712 41.50 29.02 5.59
CA LYS A 712 42.04 27.71 5.89
C LYS A 712 41.19 26.61 5.28
N ARG A 713 41.80 25.43 5.19
CA ARG A 713 41.12 24.15 5.03
C ARG A 713 39.95 24.24 4.04
N LEU A 714 40.18 24.88 2.89
CA LEU A 714 39.13 25.00 1.90
C LEU A 714 39.74 25.07 0.51
N VAL A 715 39.26 24.21 -0.39
CA VAL A 715 39.72 24.18 -1.76
C VAL A 715 38.51 24.12 -2.69
N GLY A 716 38.47 25.03 -3.65
CA GLY A 716 37.42 25.04 -4.65
C GLY A 716 36.03 25.33 -4.12
N VAL A 717 35.91 26.30 -3.22
CA VAL A 717 34.60 26.70 -2.70
C VAL A 717 33.95 27.64 -3.71
N ARG A 718 32.85 27.20 -4.30
CA ARG A 718 32.20 27.96 -5.35
C ARG A 718 30.68 27.92 -5.17
N PRO A 719 29.97 28.95 -5.63
CA PRO A 719 28.51 28.89 -5.66
C PRO A 719 28.01 28.21 -6.92
N ASN A 720 26.87 27.54 -6.80
CA ASN A 720 26.45 26.60 -7.83
C ASN A 720 25.78 27.30 -9.01
N GLY A 721 24.61 27.89 -8.81
CA GLY A 721 23.73 28.27 -9.89
C GLY A 721 24.10 29.58 -10.57
N GLN A 722 23.18 30.02 -11.43
CA GLN A 722 23.45 31.13 -12.33
C GLN A 722 23.60 32.44 -11.57
N GLU A 723 24.13 33.45 -12.27
CA GLU A 723 24.47 34.73 -11.67
C GLU A 723 23.67 35.86 -12.32
N ASP A 724 23.33 36.85 -11.51
CA ASP A 724 22.40 37.89 -11.92
C ASP A 724 22.90 38.65 -13.14
N THR A 725 21.98 38.95 -14.04
CA THR A 725 22.26 39.45 -15.37
C THR A 725 21.49 40.73 -15.62
N PRO A 726 21.97 41.58 -16.54
CA PRO A 726 21.18 42.75 -16.92
C PRO A 726 19.82 42.35 -17.49
N GLN A 727 18.82 43.17 -17.18
CA GLN A 727 17.45 42.97 -17.63
C GLN A 727 16.91 44.31 -18.09
N TYR A 728 15.87 44.27 -18.92
CA TYR A 728 15.26 45.48 -19.44
C TYR A 728 13.91 45.73 -18.78
N GLN A 729 13.60 47.00 -18.56
CA GLN A 729 12.43 47.40 -17.79
C GLN A 729 11.60 48.39 -18.59
N ILE A 730 10.32 48.08 -18.77
CA ILE A 730 9.37 48.98 -19.43
C ILE A 730 8.68 49.82 -18.37
N ASN A 731 8.70 51.13 -18.54
CA ASN A 731 8.00 52.05 -17.65
C ASN A 731 6.83 52.66 -18.41
N VAL A 732 5.60 52.35 -18.00
CA VAL A 732 4.41 52.85 -18.66
C VAL A 732 3.87 54.01 -17.86
N ASP A 733 3.76 55.17 -18.52
CA ASP A 733 3.21 56.36 -17.89
C ASP A 733 1.69 56.28 -17.94
N GLN A 734 1.09 55.99 -16.80
CA GLN A 734 -0.37 55.89 -16.73
C GLN A 734 -1.01 57.21 -17.11
N ALA A 735 -0.42 58.32 -16.66
CA ALA A 735 -1.02 59.62 -16.93
C ALA A 735 -1.08 59.89 -18.43
N GLN A 736 0.05 59.74 -19.11
CA GLN A 736 0.05 59.95 -20.55
C GLN A 736 -0.89 58.99 -21.24
N ALA A 737 -0.88 57.72 -20.80
CA ALA A 737 -1.76 56.73 -21.40
C ALA A 737 -3.21 57.15 -21.33
N GLY A 738 -3.64 57.62 -20.15
CA GLY A 738 -5.02 58.03 -20.00
C GLY A 738 -5.32 59.32 -20.73
N ALA A 739 -4.31 60.18 -20.90
CA ALA A 739 -4.50 61.38 -21.71
C ALA A 739 -4.76 60.99 -23.15
N MET A 740 -4.00 60.04 -23.67
CA MET A 740 -4.22 59.54 -25.00
C MET A 740 -5.52 58.74 -25.10
N GLY A 741 -5.96 58.15 -24.00
CA GLY A 741 -7.16 57.36 -24.00
C GLY A 741 -6.97 55.88 -24.17
N VAL A 742 -5.81 55.35 -23.82
CA VAL A 742 -5.53 53.93 -23.96
C VAL A 742 -5.60 53.28 -22.59
N SER A 743 -6.22 52.10 -22.53
CA SER A 743 -6.39 51.36 -21.29
C SER A 743 -5.09 50.70 -20.87
N ILE A 744 -4.97 50.46 -19.56
CA ILE A 744 -3.84 49.70 -19.04
C ILE A 744 -3.97 48.24 -19.42
N ALA A 745 -5.18 47.69 -19.37
CA ALA A 745 -5.37 46.29 -19.77
C ALA A 745 -5.06 46.10 -21.25
N GLU A 746 -5.45 47.05 -22.08
CA GLU A 746 -5.15 46.94 -23.50
C GLU A 746 -3.65 47.00 -23.76
N ILE A 747 -2.94 47.90 -23.08
CA ILE A 747 -1.49 47.97 -23.20
C ILE A 747 -0.87 46.64 -22.78
N ASN A 748 -1.27 46.13 -21.62
CA ASN A 748 -0.66 44.93 -21.07
C ASN A 748 -0.88 43.74 -21.99
N ASN A 749 -2.07 43.63 -22.56
CA ASN A 749 -2.36 42.50 -23.44
C ASN A 749 -1.60 42.63 -24.76
N THR A 750 -1.52 43.85 -25.30
CA THR A 750 -0.74 44.04 -26.52
C THR A 750 0.69 43.58 -26.31
N MET A 751 1.32 44.02 -25.22
CA MET A 751 2.70 43.62 -24.97
C MET A 751 2.80 42.12 -24.74
N ARG A 752 1.86 41.55 -23.99
CA ARG A 752 1.91 40.13 -23.68
C ARG A 752 1.86 39.29 -24.95
N ILE A 753 0.96 39.62 -25.87
CA ILE A 753 0.83 38.83 -27.07
C ILE A 753 1.91 39.14 -28.08
N ALA A 754 2.45 40.35 -28.09
CA ALA A 754 3.40 40.73 -29.12
C ALA A 754 4.82 40.30 -28.77
N TRP A 755 5.17 40.29 -27.49
CA TRP A 755 6.52 39.94 -27.05
C TRP A 755 6.60 38.58 -26.39
N GLY A 756 5.58 38.18 -25.63
CA GLY A 756 5.66 36.93 -24.93
C GLY A 756 5.29 35.75 -25.81
N GLY A 757 4.31 35.94 -26.67
CA GLY A 757 3.69 34.85 -27.38
C GLY A 757 2.52 34.28 -26.61
N SER A 758 1.61 33.66 -27.35
CA SER A 758 0.36 33.21 -26.75
C SER A 758 -0.15 31.98 -27.46
N TYR A 759 -0.34 30.90 -26.71
CA TYR A 759 -0.93 29.68 -27.23
C TYR A 759 -2.45 29.83 -27.21
N ILE A 760 -3.09 29.73 -28.38
CA ILE A 760 -4.48 30.13 -28.53
C ILE A 760 -5.39 28.91 -28.49
N ASN A 761 -5.21 27.97 -29.39
CA ASN A 761 -6.04 26.77 -29.41
C ASN A 761 -5.32 25.70 -30.21
N ASP A 762 -6.05 24.63 -30.55
CA ASP A 762 -5.49 23.45 -31.19
C ASP A 762 -5.97 23.35 -32.63
N PHE A 763 -5.18 22.62 -33.42
CA PHE A 763 -5.48 22.33 -34.80
C PHE A 763 -5.02 20.90 -35.07
N VAL A 764 -5.29 20.40 -36.26
CA VAL A 764 -5.04 18.99 -36.58
C VAL A 764 -3.96 18.90 -37.65
N ASP A 765 -2.97 18.05 -37.40
CA ASP A 765 -1.90 17.78 -38.35
C ASP A 765 -1.77 16.27 -38.48
N ARG A 766 -2.14 15.74 -39.63
CA ARG A 766 -2.00 14.32 -39.92
C ARG A 766 -2.64 13.48 -38.81
N GLY A 767 -3.79 13.95 -38.33
CA GLY A 767 -4.58 13.20 -37.38
C GLY A 767 -4.19 13.34 -35.94
N ARG A 768 -3.25 14.22 -35.61
CA ARG A 768 -2.83 14.47 -34.25
C ARG A 768 -3.06 15.93 -33.91
N VAL A 769 -3.54 16.20 -32.70
CA VAL A 769 -3.84 17.57 -32.27
C VAL A 769 -2.54 18.26 -31.89
N LYS A 770 -2.31 19.44 -32.45
CA LYS A 770 -1.14 20.26 -32.19
C LYS A 770 -1.57 21.66 -31.78
N LYS A 771 -0.64 22.60 -31.68
CA LYS A 771 -0.88 23.89 -31.07
C LYS A 771 -0.76 25.04 -32.06
N VAL A 772 -1.45 26.14 -31.75
CA VAL A 772 -1.44 27.36 -32.53
C VAL A 772 -0.89 28.47 -31.66
N TYR A 773 0.10 29.21 -32.17
CA TYR A 773 0.75 30.29 -31.44
C TYR A 773 0.70 31.58 -32.24
N VAL A 774 0.36 32.68 -31.57
CA VAL A 774 0.38 34.01 -32.16
C VAL A 774 1.44 34.82 -31.43
N GLN A 775 2.30 35.50 -32.20
CA GLN A 775 3.33 36.35 -31.62
C GLN A 775 3.81 37.29 -32.71
N GLY A 776 4.47 38.36 -32.30
CA GLY A 776 5.09 39.25 -33.25
C GLY A 776 6.25 38.59 -33.97
N ASP A 777 6.56 39.14 -35.15
CA ASP A 777 7.65 38.60 -35.94
C ASP A 777 9.00 38.93 -35.29
N ALA A 778 10.00 38.14 -35.63
CA ALA A 778 11.25 38.16 -34.88
C ALA A 778 11.87 39.54 -34.84
N GLY A 779 11.95 40.22 -35.97
CA GLY A 779 12.61 41.50 -36.08
C GLY A 779 11.83 42.67 -35.54
N SER A 780 10.68 42.43 -34.93
CA SER A 780 9.93 43.44 -34.23
C SER A 780 10.00 43.27 -32.73
N ARG A 781 10.71 42.27 -32.23
CA ARG A 781 10.87 42.07 -30.80
C ARG A 781 12.32 41.68 -30.48
N MET A 782 13.28 42.43 -31.04
CA MET A 782 14.70 42.17 -30.82
C MET A 782 15.33 43.12 -29.82
N MET A 783 15.08 44.42 -29.95
CA MET A 783 15.79 45.45 -29.21
C MET A 783 14.82 46.49 -28.69
N PRO A 784 15.22 47.26 -27.67
CA PRO A 784 14.27 48.17 -27.02
C PRO A 784 13.63 49.18 -27.94
N GLU A 785 14.24 49.48 -29.09
CA GLU A 785 13.60 50.40 -30.02
C GLU A 785 12.42 49.77 -30.72
N ASP A 786 12.44 48.45 -30.91
CA ASP A 786 11.35 47.77 -31.60
C ASP A 786 10.02 48.01 -30.89
N LEU A 787 10.04 48.23 -29.58
CA LEU A 787 8.81 48.45 -28.84
C LEU A 787 8.00 49.60 -29.42
N ASN A 788 8.67 50.56 -30.05
CA ASN A 788 8.00 51.71 -30.64
C ASN A 788 7.36 51.41 -31.97
N LYS A 789 7.54 50.21 -32.50
CA LYS A 789 6.90 49.83 -33.75
C LYS A 789 5.47 49.35 -33.53
N TRP A 790 5.01 49.28 -32.29
CA TRP A 790 3.69 48.77 -31.96
C TRP A 790 2.72 49.90 -31.62
N TYR A 791 1.43 49.62 -31.79
CA TYR A 791 0.37 50.58 -31.53
C TYR A 791 -0.72 49.94 -30.68
N VAL A 792 -1.40 50.77 -29.90
CA VAL A 792 -2.58 50.38 -29.15
C VAL A 792 -3.74 51.21 -29.65
N ARG A 793 -4.95 50.69 -29.45
CA ARG A 793 -6.18 51.34 -29.89
C ARG A 793 -6.88 51.97 -28.70
N ASN A 794 -7.23 53.24 -28.82
CA ASN A 794 -7.83 53.96 -27.71
C ASN A 794 -9.35 53.93 -27.79
N ASN A 795 -9.99 54.62 -26.85
CA ASN A 795 -11.45 54.64 -26.77
C ASN A 795 -12.06 55.19 -28.05
N LYS A 796 -11.53 56.30 -28.56
CA LYS A 796 -12.04 56.87 -29.80
C LYS A 796 -11.71 56.00 -31.01
N GLY A 797 -10.81 55.04 -30.87
CA GLY A 797 -10.47 54.16 -31.96
C GLY A 797 -9.26 54.55 -32.78
N GLU A 798 -8.57 55.62 -32.41
CA GLU A 798 -7.31 55.91 -33.05
C GLU A 798 -6.26 54.90 -32.63
N MET A 799 -5.22 54.79 -33.44
CA MET A 799 -4.10 53.90 -33.16
C MET A 799 -2.92 54.74 -32.71
N VAL A 800 -2.48 54.54 -31.47
CA VAL A 800 -1.51 55.44 -30.85
C VAL A 800 -0.25 54.65 -30.49
N PRO A 801 0.93 55.17 -30.75
CA PRO A 801 2.15 54.38 -30.57
C PRO A 801 2.61 54.30 -29.12
N PHE A 802 3.36 53.23 -28.84
CA PHE A 802 3.89 53.01 -27.49
C PHE A 802 4.84 54.10 -27.07
N SER A 803 5.56 54.67 -28.02
CA SER A 803 6.45 55.78 -27.72
C SER A 803 5.73 56.92 -27.06
N ALA A 804 4.43 57.04 -27.29
CA ALA A 804 3.65 58.15 -26.75
C ALA A 804 3.33 57.98 -25.27
N PHE A 805 3.55 56.79 -24.70
CA PHE A 805 3.29 56.61 -23.27
C PHE A 805 4.24 55.62 -22.61
N ALA A 806 5.42 55.35 -23.15
CA ALA A 806 6.24 54.28 -22.59
C ALA A 806 7.72 54.58 -22.75
N THR A 807 8.49 54.10 -21.77
CA THR A 807 9.92 54.32 -21.68
C THR A 807 10.55 53.04 -21.14
N GLY A 808 11.89 53.02 -21.08
CA GLY A 808 12.54 51.91 -20.43
C GLY A 808 13.94 52.24 -19.95
N GLU A 809 14.49 51.32 -19.17
CA GLU A 809 15.84 51.46 -18.64
C GLU A 809 16.37 50.06 -18.38
N TRP A 810 17.67 49.98 -18.13
CA TRP A 810 18.33 48.71 -17.85
C TRP A 810 18.50 48.53 -16.35
N THR A 811 18.13 47.34 -15.87
CA THR A 811 18.15 47.00 -14.46
C THR A 811 18.95 45.71 -14.31
N TYR A 812 18.84 45.08 -13.14
CA TYR A 812 19.53 43.83 -12.86
C TYR A 812 18.57 42.87 -12.17
N GLY A 813 18.72 41.59 -12.46
CA GLY A 813 17.82 40.58 -11.94
C GLY A 813 18.37 39.21 -12.20
N SER A 814 17.71 38.23 -11.63
CA SER A 814 18.26 36.88 -11.56
C SER A 814 17.65 35.98 -12.62
N PRO A 815 18.44 35.24 -13.40
CA PRO A 815 17.86 34.24 -14.30
C PRO A 815 17.36 32.98 -13.60
N ARG A 816 17.67 32.77 -12.34
CA ARG A 816 17.19 31.58 -11.65
C ARG A 816 17.16 31.84 -10.15
N LEU A 817 16.00 31.72 -9.54
CA LEU A 817 15.84 31.97 -8.11
C LEU A 817 15.56 30.66 -7.41
N GLU A 818 16.26 30.42 -6.31
CA GLU A 818 16.18 29.17 -5.57
C GLU A 818 15.56 29.36 -4.20
N ARG A 819 14.90 28.32 -3.72
CA ARG A 819 14.31 28.28 -2.39
C ARG A 819 14.60 26.93 -1.75
N TYR A 820 14.85 26.94 -0.45
CA TYR A 820 15.11 25.72 0.31
C TYR A 820 14.27 25.77 1.58
N ASN A 821 13.39 24.79 1.73
CA ASN A 821 12.44 24.75 2.84
C ASN A 821 11.68 26.07 2.94
N GLY A 822 11.22 26.55 1.79
CA GLY A 822 10.37 27.71 1.73
C GLY A 822 11.01 29.01 2.15
N VAL A 823 12.24 29.29 1.68
CA VAL A 823 12.92 30.56 1.98
C VAL A 823 14.02 30.72 0.92
N SER A 824 14.33 31.95 0.53
CA SER A 824 15.30 32.20 -0.53
C SER A 824 16.68 31.64 -0.20
N SER A 825 17.34 31.05 -1.20
CA SER A 825 18.54 30.28 -0.96
C SER A 825 19.56 30.50 -2.06
N VAL A 826 20.82 30.21 -1.71
CA VAL A 826 21.90 30.01 -2.66
C VAL A 826 22.61 28.74 -2.23
N ASN A 827 23.29 28.11 -3.19
CA ASN A 827 23.99 26.84 -2.96
C ASN A 827 25.48 27.08 -3.04
N ILE A 828 26.17 26.92 -1.92
CA ILE A 828 27.61 27.16 -1.83
C ILE A 828 28.29 25.82 -1.64
N GLN A 829 28.82 25.26 -2.72
CA GLN A 829 29.48 23.96 -2.66
C GLN A 829 30.94 24.11 -2.28
N GLY A 830 31.44 23.19 -1.46
CA GLY A 830 32.83 23.20 -1.06
C GLY A 830 33.37 21.80 -0.92
N THR A 831 34.69 21.70 -0.95
CA THR A 831 35.39 20.45 -0.75
C THR A 831 36.46 20.62 0.31
N PRO A 832 36.85 19.54 0.99
CA PRO A 832 37.77 19.67 2.13
C PRO A 832 39.22 19.66 1.68
N ALA A 833 40.03 20.45 2.38
CA ALA A 833 41.45 20.48 2.06
C ALA A 833 42.05 19.10 2.30
N PRO A 834 42.90 18.61 1.40
CA PRO A 834 43.43 17.26 1.56
C PRO A 834 44.18 17.12 2.89
N GLY A 835 44.02 15.96 3.51
CA GLY A 835 44.65 15.69 4.79
C GLY A 835 43.89 16.21 6.00
N VAL A 836 42.69 16.74 5.81
CA VAL A 836 41.87 17.26 6.91
C VAL A 836 40.50 16.60 6.85
N SER A 837 39.96 16.28 8.02
CA SER A 837 38.74 15.50 8.10
C SER A 837 37.54 16.29 7.59
N SER A 838 36.55 15.56 7.06
CA SER A 838 35.34 16.20 6.57
C SER A 838 34.63 16.96 7.67
N GLY A 839 34.55 16.36 8.86
CA GLY A 839 33.95 17.07 9.99
C GLY A 839 34.67 18.37 10.27
N ASP A 840 36.00 18.36 10.17
CA ASP A 840 36.76 19.60 10.36
C ASP A 840 36.41 20.62 9.28
N ALA A 841 36.25 20.18 8.04
CA ALA A 841 35.89 21.09 6.97
C ALA A 841 34.54 21.74 7.22
N MET A 842 33.54 20.93 7.61
CA MET A 842 32.23 21.50 7.92
C MET A 842 32.32 22.45 9.09
N LYS A 843 33.11 22.10 10.12
CA LYS A 843 33.24 22.99 11.27
C LYS A 843 33.85 24.31 10.86
N ALA A 844 34.83 24.27 9.96
CA ALA A 844 35.44 25.50 9.47
C ALA A 844 34.42 26.35 8.74
N MET A 845 33.66 25.74 7.82
CA MET A 845 32.64 26.49 7.11
C MET A 845 31.65 27.11 8.10
N GLU A 846 31.23 26.35 9.11
CA GLU A 846 30.26 26.86 10.06
C GLU A 846 30.84 28.03 10.86
N GLU A 847 32.10 27.94 11.27
CA GLU A 847 32.73 29.08 11.95
C GLU A 847 32.76 30.31 11.04
N ILE A 848 33.20 30.12 9.80
CA ILE A 848 33.28 31.23 8.86
C ILE A 848 31.93 31.91 8.74
N ILE A 849 30.87 31.11 8.58
CA ILE A 849 29.53 31.68 8.48
C ILE A 849 29.16 32.39 9.77
N GLY A 850 29.47 31.78 10.91
CA GLY A 850 29.18 32.39 12.19
C GLY A 850 29.93 33.67 12.44
N LYS A 851 30.96 33.97 11.63
CA LYS A 851 31.60 35.27 11.68
C LYS A 851 30.79 36.33 10.96
N LEU A 852 29.68 35.95 10.32
CA LEU A 852 28.89 36.86 9.50
C LEU A 852 28.08 37.88 10.31
N PRO A 853 27.64 37.57 11.53
CA PRO A 853 26.77 38.52 12.23
C PRO A 853 27.37 39.92 12.34
N SER A 854 28.69 40.04 12.36
CA SER A 854 29.33 41.34 12.26
C SER A 854 29.28 41.83 10.82
N MET A 855 29.96 42.93 10.55
CA MET A 855 30.09 43.47 9.20
C MET A 855 28.76 43.94 8.63
N GLY A 856 27.73 44.06 9.47
CA GLY A 856 26.44 44.54 9.02
C GLY A 856 25.57 43.51 8.34
N LEU A 857 25.88 42.23 8.44
CA LEU A 857 25.09 41.15 7.87
C LEU A 857 24.44 40.37 9.00
N GLN A 858 23.12 40.29 8.99
CA GLN A 858 22.39 39.56 10.01
C GLN A 858 21.14 38.95 9.39
N GLY A 859 20.61 37.96 10.09
CA GLY A 859 19.42 37.30 9.62
C GLY A 859 19.76 36.42 8.46
N PHE A 860 20.61 35.44 8.68
CA PHE A 860 20.94 34.47 7.67
C PHE A 860 21.10 33.15 8.38
N ASP A 861 20.80 32.06 7.71
CA ASP A 861 20.94 30.77 8.33
C ASP A 861 21.58 29.80 7.34
N TYR A 862 21.72 28.52 7.68
CA TYR A 862 22.35 27.61 6.74
C TYR A 862 21.84 26.20 7.00
N GLU A 863 22.26 25.27 6.15
CA GLU A 863 21.90 23.87 6.28
C GLU A 863 22.82 23.04 5.40
N TRP A 864 23.01 21.80 5.79
CA TRP A 864 23.77 20.84 5.04
C TRP A 864 22.80 19.88 4.36
N THR A 865 23.00 19.63 3.07
CA THR A 865 21.99 18.98 2.26
C THR A 865 22.55 17.72 1.60
N GLY A 866 21.66 17.00 0.93
CA GLY A 866 22.07 15.84 0.16
C GLY A 866 22.78 14.84 1.03
N LEU A 867 23.99 14.42 0.63
CA LEU A 867 24.74 13.53 1.46
C LEU A 867 25.32 14.31 2.63
N SER A 868 25.43 15.64 2.53
CA SER A 868 26.03 16.41 3.61
C SER A 868 25.31 16.19 4.92
N LEU A 869 23.98 16.14 4.88
CA LEU A 869 23.20 15.92 6.09
C LEU A 869 23.45 14.52 6.64
N GLU A 870 23.55 13.53 5.75
CA GLU A 870 23.80 12.17 6.19
C GLU A 870 25.19 12.02 6.81
N GLU A 871 26.16 12.81 6.35
CA GLU A 871 27.55 12.55 6.71
C GLU A 871 27.74 12.41 8.21
N ARG A 872 27.09 13.28 9.00
CA ARG A 872 27.44 13.38 10.41
C ARG A 872 27.13 12.09 11.17
N GLU A 873 26.00 11.45 10.87
CA GLU A 873 25.57 10.31 11.66
C GLU A 873 26.45 9.09 11.41
N SER A 874 26.92 8.90 10.18
CA SER A 874 27.51 7.62 9.80
C SER A 874 28.76 7.31 10.60
N GLY A 875 29.66 8.28 10.75
CA GLY A 875 31.01 7.97 11.20
C GLY A 875 31.08 7.46 12.62
N ALA A 876 30.34 8.08 13.54
CA ALA A 876 30.62 7.91 14.97
C ALA A 876 30.40 6.47 15.43
N GLN A 877 29.40 5.78 14.87
CA GLN A 877 28.95 4.53 15.47
C GLN A 877 29.94 3.38 15.28
N ALA A 878 30.80 3.46 14.27
CA ALA A 878 31.56 2.29 13.83
C ALA A 878 32.35 1.61 14.94
N PRO A 879 33.16 2.31 15.74
CA PRO A 879 34.04 1.60 16.67
C PRO A 879 33.31 0.69 17.65
N PHE A 880 32.20 1.17 18.19
CA PHE A 880 31.44 0.43 19.19
C PHE A 880 31.08 -1.00 18.78
N LEU A 881 30.79 -1.21 17.51
CA LEU A 881 30.41 -2.54 17.04
C LEU A 881 31.57 -3.50 17.12
N TYR A 882 32.79 -3.05 16.87
CA TYR A 882 33.95 -3.92 17.04
C TYR A 882 34.03 -4.45 18.47
N ALA A 883 33.84 -3.58 19.45
CA ALA A 883 33.92 -4.00 20.84
C ALA A 883 32.81 -4.98 21.19
N LEU A 884 31.63 -4.70 20.64
CA LEU A 884 30.47 -5.54 20.87
C LEU A 884 30.78 -6.93 20.33
N SER A 885 31.29 -6.98 19.12
CA SER A 885 31.67 -8.22 18.47
C SER A 885 32.70 -8.96 19.30
N LEU A 886 33.68 -8.23 19.83
CA LEU A 886 34.75 -8.88 20.57
C LEU A 886 34.21 -9.57 21.82
N LEU A 887 33.30 -8.89 22.51
CA LEU A 887 32.71 -9.49 23.71
C LEU A 887 31.92 -10.75 23.37
N ILE A 888 31.13 -10.71 22.30
CA ILE A 888 30.35 -11.89 21.95
C ILE A 888 31.28 -13.03 21.54
N VAL A 889 32.34 -12.73 20.80
CA VAL A 889 33.28 -13.77 20.40
C VAL A 889 33.87 -14.42 21.63
N PHE A 890 34.23 -13.62 22.63
CA PHE A 890 34.78 -14.19 23.84
C PHE A 890 33.77 -15.09 24.52
N LEU A 891 32.51 -14.68 24.59
CA LEU A 891 31.52 -15.49 25.28
C LEU A 891 31.32 -16.83 24.58
N CYS A 892 31.20 -16.80 23.26
CA CYS A 892 31.00 -18.05 22.52
C CYS A 892 32.21 -18.95 22.63
N LEU A 893 33.41 -18.38 22.62
CA LEU A 893 34.60 -19.18 22.82
C LEU A 893 34.63 -19.80 24.20
N ALA A 894 34.26 -19.03 25.22
CA ALA A 894 34.26 -19.55 26.58
C ALA A 894 33.28 -20.69 26.72
N ALA A 895 32.09 -20.55 26.12
CA ALA A 895 31.14 -21.66 26.11
C ALA A 895 31.70 -22.87 25.38
N LEU A 896 32.38 -22.64 24.25
CA LEU A 896 32.93 -23.75 23.47
C LEU A 896 34.00 -24.50 24.24
N TYR A 897 34.86 -23.80 24.97
CA TYR A 897 35.97 -24.43 25.68
C TYR A 897 35.67 -24.73 27.13
N GLU A 898 34.50 -24.34 27.63
CA GLU A 898 34.13 -24.60 29.02
C GLU A 898 35.15 -24.01 29.98
N SER A 899 35.68 -22.83 29.61
CA SER A 899 36.65 -22.15 30.44
C SER A 899 36.69 -20.70 30.02
N TRP A 900 36.91 -19.82 31.00
CA TRP A 900 36.99 -18.38 30.72
C TRP A 900 38.38 -17.94 30.31
N SER A 901 39.35 -18.85 30.28
CA SER A 901 40.74 -18.48 30.07
C SER A 901 41.18 -18.62 28.61
N ILE A 902 40.96 -19.81 28.04
CA ILE A 902 41.48 -20.19 26.73
C ILE A 902 41.05 -19.19 25.67
N PRO A 903 39.81 -18.69 25.68
CA PRO A 903 39.41 -17.77 24.62
C PRO A 903 40.39 -16.62 24.41
N PHE A 904 41.16 -16.25 25.44
CA PHE A 904 42.18 -15.23 25.27
C PHE A 904 43.22 -15.66 24.26
N SER A 905 43.65 -16.92 24.32
CA SER A 905 44.65 -17.40 23.38
C SER A 905 44.18 -17.26 21.95
N VAL A 906 42.86 -17.24 21.74
CA VAL A 906 42.34 -17.06 20.40
C VAL A 906 42.23 -15.58 20.07
N LEU A 907 41.74 -14.77 21.01
CA LEU A 907 41.49 -13.37 20.72
C LEU A 907 42.76 -12.62 20.34
N LEU A 908 43.88 -13.08 20.88
CA LEU A 908 45.17 -12.47 20.66
C LEU A 908 45.70 -12.52 19.23
N VAL A 909 45.15 -13.37 18.39
CA VAL A 909 45.62 -13.43 17.03
C VAL A 909 44.98 -12.39 16.14
N VAL A 910 43.96 -11.70 16.62
CA VAL A 910 43.29 -10.69 15.80
C VAL A 910 44.19 -9.68 15.12
N PRO A 911 45.23 -9.17 15.78
CA PRO A 911 46.05 -8.22 15.04
C PRO A 911 46.79 -8.85 13.87
N LEU A 912 47.31 -10.07 14.06
CA LEU A 912 48.05 -10.79 13.02
C LEU A 912 47.44 -10.70 11.64
N GLY A 913 46.11 -10.80 11.48
CA GLY A 913 45.31 -10.64 10.28
C GLY A 913 45.35 -9.20 9.76
N VAL A 914 45.12 -8.23 10.64
CA VAL A 914 44.92 -6.86 10.16
C VAL A 914 46.21 -6.31 9.53
N ILE A 915 47.36 -6.65 10.11
CA ILE A 915 48.61 -6.02 9.70
C ILE A 915 48.88 -6.27 8.24
N GLY A 916 48.63 -7.49 7.76
CA GLY A 916 48.88 -7.79 6.37
C GLY A 916 47.99 -7.02 5.43
N ALA A 917 46.71 -6.93 5.74
CA ALA A 917 45.80 -6.18 4.88
C ALA A 917 46.28 -4.75 4.75
N ILE A 918 46.60 -4.11 5.87
CA ILE A 918 47.09 -2.73 5.80
C ILE A 918 48.38 -2.69 5.00
N VAL A 919 49.30 -3.62 5.25
CA VAL A 919 50.60 -3.56 4.60
C VAL A 919 50.44 -3.64 3.10
N LEU A 920 49.62 -4.57 2.62
CA LEU A 920 49.51 -4.74 1.18
C LEU A 920 48.77 -3.57 0.54
N THR A 921 47.70 -3.09 1.17
CA THR A 921 47.01 -1.94 0.60
C THR A 921 47.96 -0.76 0.48
N TYR A 922 48.72 -0.47 1.53
CA TYR A 922 49.65 0.65 1.51
C TYR A 922 50.73 0.44 0.45
N LEU A 923 51.30 -0.77 0.38
CA LEU A 923 52.37 -1.02 -0.56
C LEU A 923 51.89 -0.85 -2.00
N GLY A 924 50.70 -1.37 -2.30
CA GLY A 924 50.12 -1.16 -3.61
C GLY A 924 49.91 0.32 -3.91
N MET A 925 49.35 1.06 -2.95
CA MET A 925 49.10 2.48 -3.19
C MET A 925 50.38 3.22 -3.51
N ILE A 926 51.44 2.95 -2.75
CA ILE A 926 52.67 3.71 -2.95
C ILE A 926 53.41 3.26 -4.21
N ILE A 927 53.36 1.96 -4.54
CA ILE A 927 54.14 1.47 -5.66
C ILE A 927 53.45 1.79 -6.98
N LYS A 928 52.17 1.43 -7.12
CA LYS A 928 51.52 1.57 -8.42
C LYS A 928 51.52 3.02 -8.89
N GLY A 929 51.38 3.96 -7.97
CA GLY A 929 51.34 5.37 -8.32
C GLY A 929 50.70 6.18 -7.22
N ASP A 930 49.73 7.02 -7.57
CA ASP A 930 48.93 7.69 -6.56
C ASP A 930 47.45 7.41 -6.78
N PRO A 931 47.05 6.17 -7.04
CA PRO A 931 45.62 5.88 -7.06
C PRO A 931 45.07 5.83 -5.65
N ASN A 932 43.76 6.03 -5.54
CA ASN A 932 43.10 5.99 -4.23
C ASN A 932 42.67 4.55 -3.92
N LEU A 933 43.68 3.74 -3.60
CA LEU A 933 43.45 2.42 -3.01
C LEU A 933 43.35 2.61 -1.50
N SER A 934 42.28 3.31 -1.13
CA SER A 934 42.19 3.93 0.18
C SER A 934 41.41 3.06 1.15
N ASN A 935 41.30 3.54 2.38
CA ASN A 935 40.39 2.95 3.35
C ASN A 935 38.97 3.25 2.91
N ASN A 936 38.30 2.25 2.35
CA ASN A 936 36.92 2.36 1.92
C ASN A 936 36.13 1.23 2.55
N ILE A 937 34.83 1.19 2.27
CA ILE A 937 33.97 0.18 2.88
C ILE A 937 34.45 -1.21 2.49
N TYR A 938 34.88 -1.36 1.23
CA TYR A 938 35.47 -2.62 0.79
C TYR A 938 36.63 -3.02 1.69
N PHE A 939 37.44 -2.05 2.10
CA PHE A 939 38.55 -2.36 3.00
C PHE A 939 38.03 -2.93 4.32
N GLN A 940 36.95 -2.35 4.85
CA GLN A 940 36.41 -2.84 6.11
C GLN A 940 35.91 -4.27 5.98
N VAL A 941 35.14 -4.56 4.93
CA VAL A 941 34.62 -5.92 4.78
C VAL A 941 35.77 -6.90 4.59
N ALA A 942 36.80 -6.50 3.83
CA ALA A 942 37.93 -7.39 3.62
C ALA A 942 38.64 -7.69 4.93
N ILE A 943 38.86 -6.66 5.75
CA ILE A 943 39.57 -6.89 6.99
C ILE A 943 38.75 -7.77 7.92
N ILE A 944 37.43 -7.58 7.93
CA ILE A 944 36.60 -8.40 8.80
C ILE A 944 36.65 -9.86 8.36
N ALA A 945 36.58 -10.10 7.05
CA ALA A 945 36.72 -11.46 6.56
C ALA A 945 38.06 -12.05 6.97
N VAL A 946 39.11 -11.23 6.97
CA VAL A 946 40.43 -11.72 7.38
C VAL A 946 40.40 -12.12 8.85
N ILE A 947 39.72 -11.34 9.69
CA ILE A 947 39.64 -11.67 11.10
C ILE A 947 38.93 -12.99 11.25
N GLY A 948 37.90 -13.22 10.45
CA GLY A 948 37.14 -14.44 10.55
C GLY A 948 37.98 -15.63 10.25
N LEU A 949 38.76 -15.53 9.19
CA LEU A 949 39.58 -16.66 8.77
C LEU A 949 40.62 -16.99 9.80
N SER A 950 41.24 -15.97 10.36
CA SER A 950 42.31 -16.18 11.33
C SER A 950 41.73 -16.88 12.52
N ALA A 951 40.56 -16.45 12.94
CA ALA A 951 39.94 -17.04 14.10
C ALA A 951 39.63 -18.48 13.84
N LYS A 952 39.16 -18.79 12.65
CA LYS A 952 38.74 -20.15 12.35
C LYS A 952 39.88 -21.11 12.51
N ASN A 953 41.04 -20.73 11.98
CA ASN A 953 42.22 -21.58 12.09
C ASN A 953 42.62 -21.69 13.53
N ALA A 954 42.60 -20.57 14.25
CA ALA A 954 43.03 -20.55 15.63
C ALA A 954 42.15 -21.42 16.50
N ILE A 955 40.85 -21.42 16.25
CA ILE A 955 39.93 -22.19 17.07
C ILE A 955 40.30 -23.63 16.96
N LEU A 956 40.56 -24.10 15.76
CA LEU A 956 40.88 -25.50 15.55
C LEU A 956 42.25 -25.88 16.13
N ILE A 957 43.26 -25.03 15.97
CA ILE A 957 44.55 -25.33 16.55
C ILE A 957 44.48 -25.45 18.05
N VAL A 958 43.74 -24.55 18.70
CA VAL A 958 43.62 -24.59 20.15
C VAL A 958 42.76 -25.78 20.59
N GLU A 959 41.71 -26.09 19.83
CA GLU A 959 40.84 -27.19 20.20
C GLU A 959 41.60 -28.50 20.16
N PHE A 960 42.39 -28.72 19.10
CA PHE A 960 43.20 -29.93 19.05
C PHE A 960 44.23 -29.93 20.15
N ALA A 961 44.82 -28.77 20.45
CA ALA A 961 45.82 -28.70 21.51
C ALA A 961 45.23 -29.17 22.82
N LYS A 962 44.05 -28.67 23.18
CA LYS A 962 43.42 -29.03 24.44
C LYS A 962 42.97 -30.49 24.43
N GLU A 963 42.44 -30.96 23.31
CA GLU A 963 42.07 -32.37 23.22
C GLU A 963 43.25 -33.27 23.51
N LEU A 964 44.39 -32.97 22.88
CA LEU A 964 45.59 -33.77 23.12
C LEU A 964 46.06 -33.63 24.57
N GLN A 965 45.92 -32.43 25.15
CA GLN A 965 46.35 -32.25 26.53
C GLN A 965 45.48 -33.02 27.51
N GLU A 966 44.22 -33.30 27.14
CA GLU A 966 43.38 -34.05 28.05
C GLU A 966 43.92 -35.44 28.32
N LYS A 967 44.66 -36.02 27.38
CA LYS A 967 45.16 -37.39 27.51
C LYS A 967 46.55 -37.43 28.10
N GLY A 968 46.75 -36.74 29.23
CA GLY A 968 47.97 -36.88 29.99
C GLY A 968 49.25 -36.62 29.23
N GLU A 969 49.30 -35.53 28.47
CA GLU A 969 50.51 -35.13 27.76
C GLU A 969 50.97 -33.78 28.28
N ASP A 970 52.28 -33.57 28.25
CA ASP A 970 52.83 -32.30 28.68
C ASP A 970 52.35 -31.19 27.76
N LEU A 971 52.27 -29.97 28.30
CA LEU A 971 51.73 -28.85 27.54
C LEU A 971 52.54 -28.61 26.27
N LEU A 972 53.87 -28.57 26.38
CA LEU A 972 54.69 -28.28 25.21
C LEU A 972 54.51 -29.35 24.13
N ASP A 973 54.59 -30.62 24.52
CA ASP A 973 54.49 -31.69 23.54
C ASP A 973 53.13 -31.69 22.88
N ALA A 974 52.07 -31.49 23.65
CA ALA A 974 50.73 -31.45 23.07
C ALA A 974 50.60 -30.30 22.08
N THR A 975 51.08 -29.11 22.45
CA THR A 975 50.95 -27.97 21.55
C THR A 975 51.73 -28.19 20.27
N LEU A 976 52.97 -28.66 20.39
CA LEU A 976 53.78 -28.91 19.20
C LEU A 976 53.14 -29.96 18.32
N HIS A 977 52.63 -31.04 18.92
CA HIS A 977 51.99 -32.09 18.13
C HIS A 977 50.77 -31.56 17.41
N ALA A 978 49.95 -30.77 18.10
CA ALA A 978 48.74 -30.24 17.47
C ALA A 978 49.11 -29.36 16.29
N ALA A 979 50.04 -28.44 16.51
CA ALA A 979 50.46 -27.54 15.46
C ALA A 979 50.96 -28.35 14.27
N LYS A 980 51.86 -29.27 14.55
CA LYS A 980 52.46 -30.10 13.52
C LYS A 980 51.44 -30.87 12.70
N MET A 981 50.48 -31.50 13.35
CA MET A 981 49.49 -32.31 12.66
C MET A 981 48.47 -31.45 11.92
N ARG A 982 48.19 -30.26 12.41
CA ARG A 982 47.18 -29.38 11.82
C ARG A 982 47.73 -28.51 10.70
N LEU A 983 49.03 -28.45 10.50
CA LEU A 983 49.59 -27.59 9.47
C LEU A 983 49.05 -27.83 8.07
N ARG A 984 48.81 -29.06 7.72
CA ARG A 984 48.42 -29.34 6.34
C ARG A 984 47.10 -28.69 5.97
N PRO A 985 46.01 -28.89 6.73
CA PRO A 985 44.77 -28.19 6.37
C PRO A 985 44.95 -26.68 6.30
N ILE A 986 45.69 -26.12 7.25
CA ILE A 986 45.90 -24.69 7.26
C ILE A 986 46.48 -24.20 5.96
N ILE A 987 47.61 -24.71 5.58
CA ILE A 987 48.30 -24.24 4.40
C ILE A 987 47.47 -24.52 3.15
N MET A 988 46.80 -25.67 3.11
CA MET A 988 45.97 -26.01 1.97
C MET A 988 44.85 -24.99 1.78
N THR A 989 44.09 -24.73 2.84
CA THR A 989 42.98 -23.80 2.77
C THR A 989 43.46 -22.40 2.40
N THR A 990 44.56 -21.95 3.03
CA THR A 990 45.02 -20.59 2.78
C THR A 990 45.51 -20.44 1.36
N LEU A 991 46.25 -21.42 0.84
CA LEU A 991 46.70 -21.34 -0.54
C LEU A 991 45.51 -21.29 -1.49
N ALA A 992 44.50 -22.14 -1.25
CA ALA A 992 43.33 -22.12 -2.11
C ALA A 992 42.65 -20.75 -2.10
N PHE A 993 42.41 -20.21 -0.92
CA PHE A 993 41.71 -18.94 -0.79
C PHE A 993 42.49 -17.82 -1.48
N GLY A 994 43.79 -17.75 -1.22
CA GLY A 994 44.59 -16.68 -1.79
C GLY A 994 44.67 -16.76 -3.30
N PHE A 995 44.90 -17.97 -3.83
CA PHE A 995 44.93 -18.12 -5.27
C PHE A 995 43.59 -17.76 -5.88
N GLY A 996 42.50 -18.09 -5.19
CA GLY A 996 41.18 -17.73 -5.69
C GLY A 996 40.99 -16.23 -5.80
N VAL A 997 41.37 -15.48 -4.75
CA VAL A 997 41.17 -14.04 -4.75
C VAL A 997 42.22 -13.29 -5.56
N LEU A 998 43.30 -13.95 -5.95
CA LEU A 998 44.36 -13.27 -6.70
C LEU A 998 43.85 -12.52 -7.94
N PRO A 999 43.01 -13.09 -8.79
CA PRO A 999 42.58 -12.35 -10.00
C PRO A 999 41.88 -11.06 -9.68
N LEU A 1000 41.17 -10.97 -8.55
CA LEU A 1000 40.53 -9.71 -8.18
C LEU A 1000 41.53 -8.58 -8.16
N ALA A 1001 42.77 -8.85 -7.74
CA ALA A 1001 43.76 -7.80 -7.63
C ALA A 1001 44.23 -7.31 -8.98
N LEU A 1002 44.29 -8.19 -9.97
CA LEU A 1002 44.81 -7.86 -11.30
C LEU A 1002 43.71 -7.56 -12.31
N SER A 1003 42.47 -7.41 -11.87
CA SER A 1003 41.38 -7.12 -12.78
C SER A 1003 41.52 -5.74 -13.42
N THR A 1004 41.27 -5.63 -14.73
CA THR A 1004 41.41 -4.35 -15.42
C THR A 1004 40.18 -3.82 -16.19
N GLY A 1005 39.00 -4.38 -15.94
CA GLY A 1005 37.79 -3.97 -16.67
C GLY A 1005 36.86 -3.02 -15.91
N ALA A 1006 35.56 -3.07 -16.21
CA ALA A 1006 34.60 -2.23 -15.50
C ALA A 1006 34.53 -2.64 -14.06
N GLY A 1007 34.43 -1.69 -13.14
CA GLY A 1007 34.39 -2.03 -11.73
C GLY A 1007 35.74 -2.42 -11.16
N ALA A 1008 36.82 -2.10 -11.85
CA ALA A 1008 38.14 -2.46 -11.41
C ALA A 1008 38.52 -1.84 -10.13
N GLY A 1009 38.13 -0.59 -9.92
CA GLY A 1009 38.54 0.05 -8.69
C GLY A 1009 38.02 -0.67 -7.48
N SER A 1010 36.74 -1.04 -7.51
CA SER A 1010 36.14 -1.73 -6.38
C SER A 1010 36.76 -3.08 -6.25
N GLN A 1011 36.95 -3.73 -7.38
CA GLN A 1011 37.53 -5.03 -7.41
C GLN A 1011 38.95 -5.03 -6.90
N HIS A 1012 39.73 -4.01 -7.23
CA HIS A 1012 41.11 -3.95 -6.80
C HIS A 1012 41.19 -3.98 -5.30
N SER A 1013 40.37 -3.17 -4.65
CA SER A 1013 40.39 -3.03 -3.21
C SER A 1013 40.05 -4.27 -2.46
N VAL A 1014 39.03 -4.99 -2.90
CA VAL A 1014 38.63 -6.18 -2.17
C VAL A 1014 39.70 -7.26 -2.29
N GLY A 1015 40.23 -7.47 -3.49
CA GLY A 1015 41.18 -8.54 -3.71
C GLY A 1015 42.54 -8.29 -3.10
N PHE A 1016 42.90 -7.02 -2.89
CA PHE A 1016 44.18 -6.68 -2.30
C PHE A 1016 44.13 -6.90 -0.79
N GLY A 1017 43.18 -6.26 -0.12
CA GLY A 1017 43.12 -6.37 1.32
C GLY A 1017 42.98 -7.81 1.78
N VAL A 1018 42.09 -8.56 1.14
CA VAL A 1018 41.87 -9.94 1.55
C VAL A 1018 43.13 -10.76 1.33
N LEU A 1019 43.80 -10.59 0.20
CA LEU A 1019 44.99 -11.38 -0.09
C LEU A 1019 46.08 -11.10 0.93
N GLY A 1020 46.32 -9.82 1.23
CA GLY A 1020 47.31 -9.49 2.22
C GLY A 1020 46.96 -10.03 3.59
N GLY A 1021 45.70 -9.87 4.00
CA GLY A 1021 45.31 -10.38 5.30
C GLY A 1021 45.49 -11.87 5.41
N VAL A 1022 45.06 -12.61 4.38
CA VAL A 1022 45.17 -14.06 4.44
C VAL A 1022 46.62 -14.49 4.48
N LEU A 1023 47.46 -13.87 3.66
CA LEU A 1023 48.87 -14.24 3.67
C LEU A 1023 49.49 -13.96 5.03
N SER A 1024 49.24 -12.80 5.60
CA SER A 1024 49.82 -12.50 6.89
C SER A 1024 49.32 -13.45 7.96
N ALA A 1025 48.02 -13.67 8.03
CA ALA A 1025 47.47 -14.58 9.00
C ALA A 1025 48.10 -15.94 8.83
N THR A 1026 48.21 -16.40 7.60
CA THR A 1026 48.80 -17.71 7.40
C THR A 1026 50.23 -17.81 7.79
N PHE A 1027 51.06 -16.85 7.37
CA PHE A 1027 52.45 -16.95 7.67
C PHE A 1027 52.76 -16.69 9.11
N LEU A 1028 52.26 -15.57 9.62
CA LEU A 1028 52.50 -15.19 11.00
C LEU A 1028 51.80 -16.03 12.03
N GLY A 1029 50.55 -16.32 11.77
CA GLY A 1029 49.73 -17.02 12.73
C GLY A 1029 50.17 -18.40 13.11
N ILE A 1030 50.63 -19.19 12.16
CA ILE A 1030 51.02 -20.56 12.45
C ILE A 1030 52.12 -20.67 13.49
N PHE A 1031 52.98 -19.66 13.55
CA PHE A 1031 54.02 -19.66 14.51
C PHE A 1031 53.47 -19.10 15.79
N PHE A 1032 52.91 -17.90 15.69
CA PHE A 1032 52.40 -17.18 16.85
C PHE A 1032 51.28 -17.79 17.69
N ILE A 1033 50.31 -18.48 17.09
CA ILE A 1033 49.21 -19.04 17.89
C ILE A 1033 49.65 -19.91 19.06
N PRO A 1034 50.48 -20.95 18.84
CA PRO A 1034 51.00 -21.74 19.94
C PRO A 1034 51.52 -20.89 21.08
N VAL A 1035 52.27 -19.85 20.82
CA VAL A 1035 52.84 -19.01 21.87
C VAL A 1035 51.74 -18.43 22.74
N PHE A 1036 50.66 -18.01 22.09
CA PHE A 1036 49.53 -17.44 22.79
C PHE A 1036 48.86 -18.48 23.67
N TYR A 1037 48.69 -19.68 23.13
CA TYR A 1037 48.08 -20.77 23.88
C TYR A 1037 48.95 -21.17 25.05
N VAL A 1038 50.26 -21.22 24.85
CA VAL A 1038 51.17 -21.64 25.89
C VAL A 1038 51.23 -20.61 27.01
N TRP A 1039 51.30 -19.33 26.65
CA TRP A 1039 51.33 -18.29 27.67
C TRP A 1039 50.05 -18.33 28.49
N ILE A 1040 48.90 -18.48 27.82
CA ILE A 1040 47.64 -18.49 28.54
C ILE A 1040 47.53 -19.73 29.41
N ARG A 1041 48.05 -20.86 28.94
CA ARG A 1041 47.91 -22.08 29.71
C ARG A 1041 48.86 -22.09 30.90
N SER A 1042 50.03 -21.48 30.77
CA SER A 1042 50.97 -21.43 31.87
C SER A 1042 50.54 -20.43 32.93
N ILE A 1043 50.04 -19.26 32.52
CA ILE A 1043 49.65 -18.25 33.50
C ILE A 1043 48.52 -18.77 34.37
N PHE A 1044 47.52 -19.41 33.78
CA PHE A 1044 46.39 -19.99 34.50
C PHE A 1044 46.52 -21.51 34.44
N LYS A 1045 47.03 -22.10 35.52
CA LYS A 1045 47.15 -23.56 35.61
C LYS A 1045 45.76 -24.12 35.85
N TYR A 1046 45.01 -24.26 34.76
CA TYR A 1046 43.61 -24.65 34.80
C TYR A 1046 43.40 -26.08 34.31
N LYS A 1047 44.41 -26.93 34.45
CA LYS A 1047 44.31 -28.33 34.06
C LYS A 1047 44.78 -29.20 35.21
N PRO A 1048 44.02 -29.23 36.31
CA PRO A 1048 44.39 -30.15 37.40
C PRO A 1048 44.07 -31.60 37.08
N LYS A 1049 42.91 -31.87 36.50
CA LYS A 1049 42.53 -33.24 36.15
C LYS A 1049 42.85 -33.53 34.69
N MET B 1 6.40 -41.23 14.91
CA MET B 1 5.38 -40.15 15.06
C MET B 1 4.02 -40.77 15.15
N ALA B 2 3.70 -41.61 14.16
CA ALA B 2 2.45 -42.35 14.23
C ALA B 2 2.36 -43.17 15.50
N GLN B 3 3.50 -43.67 15.98
CA GLN B 3 3.48 -44.47 17.19
C GLN B 3 3.12 -43.64 18.41
N PHE B 4 3.45 -42.36 18.38
CA PHE B 4 3.21 -41.50 19.53
C PHE B 4 1.74 -41.47 19.92
N PHE B 5 0.86 -41.37 18.94
CA PHE B 5 -0.56 -41.19 19.20
C PHE B 5 -1.31 -42.50 19.38
N ILE B 6 -0.72 -43.63 19.01
CA ILE B 6 -1.39 -44.89 19.27
C ILE B 6 -1.56 -45.08 20.77
N HIS B 7 -0.63 -44.59 21.56
CA HIS B 7 -0.67 -44.71 23.01
C HIS B 7 -1.19 -43.45 23.68
N ARG B 8 -1.68 -42.48 22.92
CA ARG B 8 -2.09 -41.19 23.46
C ARG B 8 -3.39 -40.77 22.79
N PRO B 9 -4.43 -41.59 22.86
CA PRO B 9 -5.65 -41.26 22.12
C PRO B 9 -6.23 -39.89 22.46
N ILE B 10 -6.19 -39.49 23.73
CA ILE B 10 -6.81 -38.23 24.12
C ILE B 10 -6.09 -37.05 23.48
N PHE B 11 -4.77 -37.14 23.32
CA PHE B 11 -4.04 -36.10 22.63
C PHE B 11 -4.53 -35.95 21.18
N ALA B 12 -4.69 -37.09 20.51
CA ALA B 12 -5.20 -37.07 19.14
C ALA B 12 -6.59 -36.49 19.10
N TRP B 13 -7.43 -36.86 20.05
CA TRP B 13 -8.77 -36.30 20.13
C TRP B 13 -8.72 -34.79 20.30
N VAL B 14 -7.82 -34.30 21.15
CA VAL B 14 -7.71 -32.87 21.38
C VAL B 14 -7.35 -32.16 20.09
N ILE B 15 -6.37 -32.69 19.36
CA ILE B 15 -5.97 -32.07 18.10
C ILE B 15 -7.14 -32.03 17.13
N ALA B 16 -7.86 -33.15 17.02
CA ALA B 16 -9.01 -33.18 16.13
C ALA B 16 -10.07 -32.16 16.54
N LEU B 17 -10.36 -32.06 17.83
CA LEU B 17 -11.39 -31.13 18.30
C LEU B 17 -11.00 -29.70 18.01
N VAL B 18 -9.72 -29.36 18.19
CA VAL B 18 -9.27 -28.01 17.87
C VAL B 18 -9.49 -27.72 16.39
N ILE B 19 -9.16 -28.68 15.52
CA ILE B 19 -9.34 -28.45 14.08
C ILE B 19 -10.82 -28.27 13.74
N MET B 20 -11.68 -29.06 14.35
CA MET B 20 -13.11 -28.95 14.12
C MET B 20 -13.60 -27.56 14.50
N LEU B 21 -13.21 -27.13 15.68
CA LEU B 21 -13.63 -25.86 16.22
C LEU B 21 -13.20 -24.73 15.34
N ALA B 22 -11.99 -24.77 14.82
CA ALA B 22 -11.52 -23.71 13.97
C ALA B 22 -12.37 -23.65 12.73
N GLY B 23 -12.67 -24.80 12.15
CA GLY B 23 -13.51 -24.88 11.00
C GLY B 23 -14.94 -24.47 11.20
N ILE B 24 -15.55 -24.91 12.29
CA ILE B 24 -16.92 -24.53 12.58
C ILE B 24 -16.97 -23.05 12.86
N LEU B 25 -15.99 -22.54 13.58
CA LEU B 25 -15.96 -21.10 13.84
C LEU B 25 -15.78 -20.36 12.56
N THR B 26 -14.93 -20.83 11.67
CA THR B 26 -14.73 -20.10 10.44
C THR B 26 -15.90 -19.96 9.53
N LEU B 27 -16.72 -20.98 9.44
CA LEU B 27 -17.87 -20.99 8.55
C LEU B 27 -18.89 -19.90 8.81
N THR B 28 -19.05 -19.52 10.06
CA THR B 28 -19.94 -18.47 10.46
C THR B 28 -19.56 -17.13 9.82
N LYS B 29 -18.27 -16.84 9.67
CA LYS B 29 -17.88 -15.57 9.08
C LYS B 29 -17.16 -15.61 7.71
N MET B 30 -17.17 -16.72 6.99
CA MET B 30 -16.48 -16.73 5.71
C MET B 30 -17.38 -16.12 4.63
N PRO B 31 -16.82 -15.30 3.73
CA PRO B 31 -17.64 -14.72 2.68
C PRO B 31 -18.15 -15.76 1.71
N ILE B 32 -19.29 -15.44 1.08
CA ILE B 32 -19.90 -16.31 0.09
C ILE B 32 -20.14 -15.48 -1.16
N ALA B 33 -19.48 -15.87 -2.25
CA ALA B 33 -19.65 -15.23 -3.54
C ALA B 33 -20.02 -16.27 -4.57
N GLN B 34 -20.07 -15.88 -5.83
CA GLN B 34 -20.19 -16.83 -6.93
C GLN B 34 -18.86 -17.09 -7.63
N TYR B 35 -18.05 -16.07 -7.85
CA TYR B 35 -16.69 -16.21 -8.31
C TYR B 35 -15.79 -15.30 -7.49
N PRO B 36 -14.49 -15.58 -7.46
CA PRO B 36 -13.53 -14.56 -7.08
C PRO B 36 -13.30 -13.61 -8.26
N THR B 37 -12.57 -12.54 -8.00
CA THR B 37 -12.24 -11.63 -9.09
C THR B 37 -11.28 -12.34 -10.05
N ILE B 38 -11.68 -12.54 -11.31
CA ILE B 38 -10.85 -13.20 -12.27
C ILE B 38 -10.23 -12.22 -13.25
N ALA B 39 -11.06 -11.36 -13.82
CA ALA B 39 -10.69 -10.33 -14.77
C ALA B 39 -9.69 -9.39 -14.15
N PRO B 40 -8.71 -8.93 -14.98
CA PRO B 40 -7.67 -8.07 -14.41
C PRO B 40 -8.17 -6.66 -14.18
N PRO B 41 -7.43 -5.84 -13.44
CA PRO B 41 -7.90 -4.50 -13.12
C PRO B 41 -8.05 -3.64 -14.37
N THR B 42 -9.07 -2.78 -14.37
CA THR B 42 -9.26 -1.81 -15.43
C THR B 42 -9.89 -0.56 -14.84
N VAL B 43 -9.51 0.60 -15.39
CA VAL B 43 -10.11 1.88 -15.06
C VAL B 43 -10.74 2.44 -16.33
N THR B 44 -11.90 3.06 -16.20
CA THR B 44 -12.57 3.71 -17.32
C THR B 44 -12.77 5.19 -17.02
N ILE B 45 -12.63 6.00 -18.07
CA ILE B 45 -12.89 7.44 -18.01
C ILE B 45 -14.09 7.71 -18.91
N ALA B 46 -15.12 8.33 -18.35
CA ALA B 46 -16.32 8.71 -19.09
C ALA B 46 -16.42 10.23 -19.17
N ALA B 47 -16.59 10.73 -20.39
CA ALA B 47 -16.85 12.14 -20.64
C ALA B 47 -17.94 12.25 -21.68
N THR B 48 -18.66 13.37 -21.67
CA THR B 48 -19.74 13.59 -22.62
C THR B 48 -19.77 15.04 -23.09
N TYR B 49 -19.97 15.21 -24.39
CA TYR B 49 -20.05 16.49 -25.08
C TYR B 49 -21.42 16.53 -25.73
N PRO B 50 -22.45 17.01 -25.03
CA PRO B 50 -23.79 16.98 -25.62
C PRO B 50 -23.85 17.80 -26.90
N GLY B 51 -24.44 17.22 -27.94
CA GLY B 51 -24.54 17.85 -29.23
C GLY B 51 -23.40 17.57 -30.18
N ALA B 52 -22.35 16.90 -29.74
CA ALA B 52 -21.16 16.71 -30.54
C ALA B 52 -21.26 15.44 -31.39
N SER B 53 -20.41 15.38 -32.41
CA SER B 53 -20.23 14.19 -33.25
C SER B 53 -18.95 13.48 -32.86
N ALA B 54 -18.84 12.22 -33.29
CA ALA B 54 -17.70 11.37 -32.98
C ALA B 54 -16.39 12.04 -33.26
N GLU B 55 -16.26 12.65 -34.41
CA GLU B 55 -15.01 13.30 -34.79
C GLU B 55 -14.71 14.48 -33.87
N THR B 56 -15.71 15.31 -33.59
CA THR B 56 -15.49 16.42 -32.67
C THR B 56 -15.04 15.91 -31.32
N VAL B 57 -15.68 14.86 -30.83
CA VAL B 57 -15.32 14.30 -29.53
C VAL B 57 -13.89 13.82 -29.56
N GLU B 58 -13.50 13.08 -30.60
CA GLU B 58 -12.14 12.54 -30.63
C GLU B 58 -11.12 13.67 -30.63
N ASN B 59 -11.37 14.72 -31.41
CA ASN B 59 -10.40 15.79 -31.54
C ASN B 59 -10.30 16.63 -30.27
N THR B 60 -11.42 16.94 -29.62
CA THR B 60 -11.37 17.88 -28.50
C THR B 60 -11.41 17.23 -27.12
N VAL B 61 -11.66 15.93 -27.08
CA VAL B 61 -11.79 15.26 -25.79
C VAL B 61 -10.87 14.07 -25.61
N THR B 62 -11.06 13.02 -26.38
CA THR B 62 -10.28 11.82 -26.26
C THR B 62 -8.80 11.94 -26.42
N GLN B 63 -8.31 12.57 -27.50
CA GLN B 63 -6.88 12.67 -27.75
C GLN B 63 -6.18 13.45 -26.67
N ILE B 64 -6.81 14.51 -26.22
CA ILE B 64 -6.29 15.37 -25.22
C ILE B 64 -6.11 14.65 -23.91
N ILE B 65 -7.10 13.89 -23.48
CA ILE B 65 -7.02 13.14 -22.24
C ILE B 65 -5.99 12.06 -22.34
N GLU B 66 -5.95 11.42 -23.49
CA GLU B 66 -5.05 10.33 -23.77
C GLU B 66 -3.60 10.64 -23.78
N GLN B 67 -3.30 11.85 -24.14
CA GLN B 67 -1.93 12.34 -24.20
C GLN B 67 -1.23 12.42 -22.84
N GLN B 68 -1.97 12.52 -21.76
CA GLN B 68 -1.42 12.60 -20.43
C GLN B 68 -1.46 11.29 -19.69
N MET B 69 -1.96 10.24 -20.31
CA MET B 69 -2.04 9.00 -19.63
C MET B 69 -0.74 8.30 -19.73
N ASN B 70 0.20 8.69 -18.90
CA ASN B 70 1.51 8.07 -18.91
C ASN B 70 2.10 8.15 -17.51
N GLY B 71 3.11 7.34 -17.26
CA GLY B 71 3.65 7.25 -15.93
C GLY B 71 2.84 6.40 -14.99
N LEU B 72 1.95 5.56 -15.50
CA LEU B 72 1.11 4.69 -14.70
C LEU B 72 1.76 3.32 -14.63
N ASP B 73 1.91 2.79 -13.43
CA ASP B 73 2.70 1.59 -13.24
C ASP B 73 1.82 0.35 -13.29
N GLY B 74 2.15 -0.55 -14.20
CA GLY B 74 1.34 -1.71 -14.46
C GLY B 74 0.49 -1.61 -15.69
N LEU B 75 0.51 -0.48 -16.39
CA LEU B 75 -0.34 -0.33 -17.57
C LEU B 75 0.09 -1.30 -18.66
N ARG B 76 -0.87 -2.06 -19.23
CA ARG B 76 -0.64 -2.92 -20.35
C ARG B 76 -1.00 -2.21 -21.65
N TYR B 77 -2.24 -1.73 -21.80
CA TYR B 77 -2.67 -1.11 -23.03
C TYR B 77 -3.88 -0.24 -22.72
N ILE B 78 -4.17 0.69 -23.62
CA ILE B 78 -5.27 1.63 -23.50
C ILE B 78 -6.17 1.55 -24.70
N SER B 79 -7.47 1.60 -24.52
CA SER B 79 -8.40 1.59 -25.64
C SER B 79 -9.45 2.68 -25.47
N SER B 80 -9.80 3.39 -26.54
CA SER B 80 -10.76 4.48 -26.48
C SER B 80 -11.76 4.44 -27.60
N ASN B 81 -12.88 5.11 -27.42
CA ASN B 81 -13.88 5.21 -28.48
C ASN B 81 -14.68 6.49 -28.27
N SER B 82 -15.12 7.11 -29.35
CA SER B 82 -15.87 8.36 -29.37
C SER B 82 -17.14 8.07 -30.09
N ALA B 83 -18.27 8.61 -29.69
CA ALA B 83 -19.50 8.24 -30.36
C ALA B 83 -20.33 9.41 -30.81
N GLY B 84 -21.25 9.17 -31.74
CA GLY B 84 -22.14 10.19 -32.29
C GLY B 84 -23.13 10.85 -31.37
N ASN B 85 -23.36 10.26 -30.21
CA ASN B 85 -24.16 10.89 -29.18
C ASN B 85 -23.33 11.82 -28.31
N GLY B 86 -22.01 11.82 -28.49
CA GLY B 86 -21.15 12.77 -27.85
C GLY B 86 -20.40 12.26 -26.65
N GLN B 87 -20.38 10.95 -26.46
CA GLN B 87 -19.74 10.35 -25.34
C GLN B 87 -18.36 9.78 -25.60
N ALA B 88 -17.46 9.91 -24.64
CA ALA B 88 -16.11 9.41 -24.80
C ALA B 88 -15.82 8.38 -23.71
N SER B 89 -15.19 7.28 -24.08
CA SER B 89 -14.94 6.20 -23.18
C SER B 89 -13.49 5.78 -23.29
N ILE B 90 -12.69 5.90 -22.24
CA ILE B 90 -11.31 5.46 -22.32
C ILE B 90 -11.07 4.39 -21.29
N GLN B 91 -10.57 3.23 -21.68
CA GLN B 91 -10.37 2.12 -20.77
C GLN B 91 -8.90 1.65 -20.63
N LEU B 92 -8.30 1.74 -19.43
CA LEU B 92 -6.93 1.36 -19.19
C LEU B 92 -6.91 -0.02 -18.54
N ASN B 93 -6.00 -0.88 -19.00
CA ASN B 93 -5.90 -2.25 -18.54
C ASN B 93 -4.60 -2.46 -17.77
N PHE B 94 -4.65 -3.30 -16.75
CA PHE B 94 -3.53 -3.49 -15.85
C PHE B 94 -3.28 -4.97 -15.68
N GLU B 95 -2.01 -5.32 -15.49
CA GLU B 95 -1.63 -6.71 -15.28
C GLU B 95 -2.09 -7.20 -13.92
N GLN B 96 -2.38 -8.51 -13.84
CA GLN B 96 -2.80 -9.11 -12.58
C GLN B 96 -1.79 -8.78 -11.49
N GLY B 97 -2.30 -8.40 -10.33
CA GLY B 97 -1.47 -8.07 -9.20
C GLY B 97 -1.33 -6.59 -8.95
N VAL B 98 -1.68 -5.75 -9.92
CA VAL B 98 -1.75 -4.33 -9.66
C VAL B 98 -2.88 -4.08 -8.67
N ASP B 99 -2.64 -3.20 -7.71
CA ASP B 99 -3.68 -2.87 -6.74
C ASP B 99 -4.71 -2.00 -7.42
N PRO B 100 -5.97 -2.44 -7.56
CA PRO B 100 -6.93 -1.64 -8.34
C PRO B 100 -7.20 -0.26 -7.77
N ASP B 101 -7.19 -0.10 -6.46
CA ASP B 101 -7.39 1.22 -5.86
C ASP B 101 -6.24 2.16 -6.20
N ILE B 102 -5.01 1.66 -6.14
CA ILE B 102 -3.84 2.47 -6.47
C ILE B 102 -3.85 2.85 -7.95
N ALA B 103 -4.16 1.90 -8.83
CA ALA B 103 -4.28 2.20 -10.24
C ALA B 103 -5.34 3.27 -10.50
N GLN B 104 -6.47 3.19 -9.82
CA GLN B 104 -7.53 4.16 -10.05
C GLN B 104 -7.11 5.56 -9.60
N VAL B 105 -6.51 5.68 -8.41
CA VAL B 105 -6.09 6.99 -7.95
C VAL B 105 -5.03 7.57 -8.88
N GLN B 106 -4.09 6.74 -9.33
CA GLN B 106 -3.06 7.24 -10.23
C GLN B 106 -3.67 7.77 -11.52
N VAL B 107 -4.65 7.05 -12.08
CA VAL B 107 -5.28 7.49 -13.33
C VAL B 107 -5.98 8.82 -13.14
N GLN B 108 -6.75 8.99 -12.09
CA GLN B 108 -7.48 10.24 -11.94
C GLN B 108 -6.56 11.39 -11.57
N ASN B 109 -5.44 11.07 -10.96
CA ASN B 109 -4.45 12.07 -10.63
C ASN B 109 -3.86 12.63 -11.92
N LYS B 110 -3.63 11.79 -12.92
CA LYS B 110 -3.14 12.23 -14.21
C LYS B 110 -4.18 13.07 -14.92
N LEU B 111 -5.43 12.72 -14.74
CA LEU B 111 -6.57 13.38 -15.35
C LEU B 111 -6.74 14.82 -14.94
N GLN B 112 -6.20 15.21 -13.80
CA GLN B 112 -6.24 16.59 -13.32
C GLN B 112 -5.47 17.51 -14.24
N SER B 113 -4.37 16.99 -14.77
CA SER B 113 -3.46 17.65 -15.70
C SER B 113 -4.04 17.94 -17.09
N ALA B 114 -5.15 17.33 -17.46
CA ALA B 114 -5.78 17.60 -18.73
C ALA B 114 -7.13 18.26 -18.64
N THR B 115 -7.67 18.43 -17.46
CA THR B 115 -9.00 18.97 -17.37
C THR B 115 -9.14 20.38 -17.90
N ALA B 116 -8.14 21.22 -17.67
CA ALA B 116 -8.14 22.60 -18.16
C ALA B 116 -8.16 22.73 -19.68
N LEU B 117 -7.63 21.78 -20.39
CA LEU B 117 -7.68 21.84 -21.84
C LEU B 117 -9.01 21.43 -22.43
N LEU B 118 -9.90 20.82 -21.66
CA LEU B 118 -11.17 20.36 -22.19
C LEU B 118 -12.15 21.47 -22.51
N PRO B 119 -13.17 21.17 -23.36
CA PRO B 119 -14.09 22.29 -23.59
C PRO B 119 -14.95 22.57 -22.37
N GLU B 120 -15.45 23.79 -22.27
CA GLU B 120 -16.24 24.18 -21.12
C GLU B 120 -17.50 23.36 -21.01
N ASP B 121 -18.14 23.09 -22.14
CA ASP B 121 -19.34 22.31 -22.17
C ASP B 121 -19.09 20.90 -21.64
N VAL B 122 -17.96 20.32 -22.02
CA VAL B 122 -17.53 19.02 -21.56
C VAL B 122 -17.22 19.04 -20.09
N GLN B 123 -16.50 20.07 -19.66
CA GLN B 123 -16.11 20.27 -18.28
C GLN B 123 -17.26 20.34 -17.31
N ARG B 124 -18.30 21.07 -17.68
CA ARG B 124 -19.49 21.22 -16.88
C ARG B 124 -20.29 19.95 -16.71
N GLN B 125 -20.34 19.12 -17.73
CA GLN B 125 -21.06 17.87 -17.62
C GLN B 125 -20.44 16.95 -16.58
N GLY B 126 -19.12 16.93 -16.45
CA GLY B 126 -18.49 16.08 -15.47
C GLY B 126 -17.71 14.88 -16.00
N VAL B 127 -16.41 14.66 -15.70
CA VAL B 127 -15.61 13.57 -16.19
C VAL B 127 -15.40 12.62 -15.01
N THR B 128 -15.89 11.41 -15.10
CA THR B 128 -15.87 10.44 -14.00
C THR B 128 -14.92 9.29 -14.30
N VAL B 129 -14.29 8.78 -13.24
CA VAL B 129 -13.35 7.67 -13.30
C VAL B 129 -13.88 6.55 -12.42
N THR B 130 -13.90 5.33 -12.95
CA THR B 130 -14.30 4.17 -12.19
C THR B 130 -13.36 3.00 -12.49
N LYS B 131 -13.26 2.07 -11.55
CA LYS B 131 -12.57 0.81 -11.76
C LYS B 131 -13.58 -0.31 -11.88
N SER B 132 -13.10 -1.47 -12.37
CA SER B 132 -13.98 -2.58 -12.72
C SER B 132 -14.58 -3.26 -11.51
N GLY B 133 -13.76 -3.85 -10.65
CA GLY B 133 -14.28 -4.39 -9.41
C GLY B 133 -15.30 -5.50 -9.60
N ALA B 134 -16.22 -5.60 -8.63
CA ALA B 134 -17.15 -6.72 -8.53
C ALA B 134 -18.35 -6.54 -9.47
N SER B 135 -19.09 -7.64 -9.65
CA SER B 135 -20.17 -7.74 -10.62
C SER B 135 -21.55 -7.63 -9.97
N PHE B 136 -22.58 -7.63 -10.80
CA PHE B 136 -23.97 -7.61 -10.40
C PHE B 136 -24.47 -8.82 -9.60
N LEU B 137 -25.12 -8.58 -8.46
CA LEU B 137 -25.84 -9.62 -7.75
C LEU B 137 -27.27 -9.74 -8.24
N GLN B 138 -28.00 -8.63 -8.31
CA GLN B 138 -29.33 -8.64 -8.90
C GLN B 138 -29.66 -7.30 -9.50
N VAL B 139 -30.66 -7.33 -10.38
CA VAL B 139 -31.25 -6.18 -10.97
C VAL B 139 -32.74 -6.06 -10.62
N ILE B 140 -33.17 -4.96 -9.99
CA ILE B 140 -34.58 -4.76 -9.69
C ILE B 140 -35.16 -3.83 -10.73
N ALA B 141 -36.31 -4.18 -11.28
CA ALA B 141 -37.02 -3.37 -12.26
C ALA B 141 -38.21 -2.71 -11.59
N PHE B 142 -38.35 -1.38 -11.67
CA PHE B 142 -39.47 -0.67 -11.09
C PHE B 142 -40.33 -0.27 -12.24
N TYR B 143 -41.59 -0.69 -12.27
CA TYR B 143 -42.43 -0.40 -13.43
C TYR B 143 -43.84 0.03 -13.10
N SER B 144 -44.56 0.50 -14.10
CA SER B 144 -45.93 0.91 -13.93
C SER B 144 -46.76 -0.11 -14.61
N PRO B 145 -47.40 -1.01 -13.85
CA PRO B 145 -48.21 -2.05 -14.47
C PRO B 145 -49.55 -1.58 -14.99
N ASP B 146 -49.99 -0.36 -14.65
CA ASP B 146 -51.22 0.18 -15.16
C ASP B 146 -50.97 1.28 -16.19
N ASN B 147 -49.73 1.36 -16.68
CA ASN B 147 -49.31 2.38 -17.65
C ASN B 147 -49.70 3.74 -17.10
N ASN B 148 -49.48 3.94 -15.81
CA ASN B 148 -49.86 5.19 -15.19
C ASN B 148 -48.72 6.15 -14.98
N LEU B 149 -47.49 5.65 -15.02
CA LEU B 149 -46.33 6.46 -14.79
C LEU B 149 -45.36 6.31 -15.94
N SER B 150 -44.73 7.40 -16.40
CA SER B 150 -43.79 7.31 -17.51
C SER B 150 -42.45 6.79 -17.07
N ASP B 151 -41.59 6.39 -18.00
CA ASP B 151 -40.29 5.89 -17.57
C ASP B 151 -39.47 6.95 -16.83
N SER B 152 -39.55 8.21 -17.25
CA SER B 152 -38.77 9.27 -16.65
C SER B 152 -39.11 9.54 -15.17
N ASP B 153 -40.39 9.58 -14.83
CA ASP B 153 -40.76 9.82 -13.46
C ASP B 153 -40.33 8.68 -12.58
N ILE B 154 -40.46 7.46 -13.07
CA ILE B 154 -40.05 6.31 -12.34
C ILE B 154 -38.54 6.44 -12.06
N LYS B 155 -37.75 6.73 -13.10
CA LYS B 155 -36.32 6.88 -12.96
C LYS B 155 -35.99 7.90 -11.87
N ASP B 156 -36.66 9.03 -11.97
CA ASP B 156 -36.52 10.10 -11.06
C ASP B 156 -36.95 9.60 -9.68
N TYR B 157 -38.05 8.88 -9.63
CA TYR B 157 -38.46 8.31 -8.39
C TYR B 157 -37.43 7.30 -7.89
N VAL B 158 -36.85 6.45 -8.70
CA VAL B 158 -35.91 5.51 -8.13
C VAL B 158 -34.70 6.23 -7.53
N ASN B 159 -34.21 7.25 -8.22
CA ASN B 159 -33.06 8.01 -7.80
C ASN B 159 -33.22 8.88 -6.59
N SER B 160 -34.38 9.44 -6.36
CA SER B 160 -34.56 10.34 -5.24
C SER B 160 -35.14 9.67 -4.00
N SER B 161 -35.64 8.44 -4.09
CA SER B 161 -36.35 7.80 -3.01
C SER B 161 -35.81 6.43 -2.61
N ILE B 162 -35.40 5.61 -3.56
CA ILE B 162 -35.05 4.22 -3.29
C ILE B 162 -33.55 4.10 -3.11
N LYS B 163 -32.81 4.95 -3.82
CA LYS B 163 -31.37 4.78 -3.92
C LYS B 163 -30.69 4.76 -2.55
N GLU B 164 -30.94 5.76 -1.72
CA GLU B 164 -30.15 5.94 -0.51
C GLU B 164 -30.53 4.96 0.60
N PRO B 165 -31.81 4.61 0.75
CA PRO B 165 -32.13 3.55 1.72
C PRO B 165 -31.49 2.22 1.39
N LEU B 166 -31.36 1.88 0.11
CA LEU B 166 -30.76 0.61 -0.26
C LEU B 166 -29.24 0.61 -0.09
N SER B 167 -28.60 1.76 -0.26
CA SER B 167 -27.15 1.83 -0.12
C SER B 167 -26.72 1.48 1.29
N ARG B 168 -27.58 1.74 2.27
CA ARG B 168 -27.20 1.54 3.67
C ARG B 168 -27.36 0.11 4.16
N VAL B 169 -27.88 -0.79 3.32
CA VAL B 169 -28.16 -2.20 3.67
C VAL B 169 -26.84 -2.90 4.01
N ALA B 170 -26.93 -4.00 4.77
CA ALA B 170 -25.76 -4.52 5.47
C ALA B 170 -24.56 -4.76 4.57
N GLY B 171 -24.75 -5.48 3.46
CA GLY B 171 -23.64 -5.90 2.63
C GLY B 171 -23.52 -5.22 1.28
N VAL B 172 -24.24 -4.13 1.04
CA VAL B 172 -24.23 -3.50 -0.28
C VAL B 172 -22.91 -2.77 -0.49
N GLY B 173 -22.30 -3.00 -1.65
CA GLY B 173 -21.17 -2.20 -2.06
C GLY B 173 -21.57 -1.00 -2.88
N GLU B 174 -22.32 -1.22 -3.96
CA GLU B 174 -22.71 -0.15 -4.87
C GLU B 174 -24.16 -0.35 -5.31
N VAL B 175 -24.86 0.76 -5.45
CA VAL B 175 -26.19 0.80 -6.04
C VAL B 175 -26.11 1.73 -7.25
N GLN B 176 -26.59 1.27 -8.39
CA GLN B 176 -26.59 2.12 -9.57
C GLN B 176 -27.93 2.04 -10.30
N VAL B 177 -28.42 3.17 -10.82
CA VAL B 177 -29.69 3.27 -11.51
C VAL B 177 -29.39 3.40 -12.99
N PHE B 178 -30.21 2.81 -13.85
CA PHE B 178 -30.03 2.94 -15.27
C PHE B 178 -30.89 4.09 -15.74
N GLY B 179 -30.52 5.31 -15.39
CA GLY B 179 -31.33 6.43 -15.82
C GLY B 179 -31.20 7.59 -14.88
N GLY B 180 -31.71 8.74 -15.27
CA GLY B 180 -31.57 9.95 -14.48
C GLY B 180 -32.83 10.59 -13.97
N SER B 181 -32.80 11.90 -13.72
CA SER B 181 -33.92 12.62 -13.18
C SER B 181 -34.39 13.73 -14.10
N TYR B 182 -35.36 14.51 -13.67
CA TYR B 182 -35.89 15.61 -14.45
C TYR B 182 -34.94 16.76 -14.79
N ALA B 183 -35.35 17.58 -15.76
CA ALA B 183 -34.67 18.78 -16.18
C ALA B 183 -35.73 19.84 -16.51
N MET B 184 -35.37 21.12 -16.48
CA MET B 184 -36.27 22.16 -16.92
C MET B 184 -35.93 22.25 -18.41
N ARG B 185 -36.95 22.31 -19.26
CA ARG B 185 -36.77 22.25 -20.71
C ARG B 185 -37.37 23.48 -21.37
N ILE B 186 -36.53 24.24 -22.06
CA ILE B 186 -36.94 25.43 -22.79
C ILE B 186 -36.84 25.10 -24.27
N TRP B 187 -37.99 25.01 -24.95
CA TRP B 187 -38.05 24.66 -26.37
C TRP B 187 -38.39 25.92 -27.16
N LEU B 188 -37.45 26.36 -27.99
CA LEU B 188 -37.56 27.65 -28.68
C LEU B 188 -38.30 27.55 -30.00
N ASP B 189 -39.02 28.61 -30.34
CA ASP B 189 -39.69 28.79 -31.61
C ASP B 189 -38.92 29.78 -32.47
N PRO B 190 -38.47 29.42 -33.69
CA PRO B 190 -37.75 30.39 -34.52
C PRO B 190 -38.54 31.58 -35.04
N ALA B 191 -39.75 31.38 -35.53
CA ALA B 191 -40.53 32.47 -36.08
C ALA B 191 -40.90 33.49 -35.01
N LYS B 192 -41.23 33.01 -33.81
CA LYS B 192 -41.51 33.93 -32.71
C LYS B 192 -40.28 34.74 -32.34
N LEU B 193 -39.11 34.10 -32.31
CA LEU B 193 -37.90 34.85 -32.01
C LEU B 193 -37.64 35.92 -33.07
N THR B 194 -37.97 35.64 -34.33
CA THR B 194 -37.76 36.62 -35.39
C THR B 194 -38.77 37.71 -35.35
N SER B 195 -39.93 37.44 -34.78
CA SER B 195 -40.92 38.48 -34.59
C SER B 195 -40.38 39.59 -33.70
N TYR B 196 -39.86 39.24 -32.53
CA TYR B 196 -39.34 40.20 -31.56
C TYR B 196 -37.87 40.53 -31.78
N GLN B 197 -37.26 40.02 -32.86
CA GLN B 197 -35.84 40.22 -33.12
C GLN B 197 -34.98 39.72 -31.96
N LEU B 198 -35.22 38.48 -31.56
CA LEU B 198 -34.46 37.84 -30.49
C LEU B 198 -33.71 36.63 -31.03
N THR B 199 -32.67 36.24 -30.33
CA THR B 199 -31.80 35.15 -30.70
C THR B 199 -31.77 34.10 -29.60
N PRO B 200 -31.30 32.89 -29.90
CA PRO B 200 -31.11 31.90 -28.82
C PRO B 200 -30.12 32.34 -27.77
N SER B 201 -29.07 33.06 -28.17
CA SER B 201 -28.11 33.59 -27.21
C SER B 201 -28.74 34.62 -26.29
N ASP B 202 -29.71 35.38 -26.77
CA ASP B 202 -30.41 36.33 -25.90
C ASP B 202 -31.16 35.60 -24.80
N ILE B 203 -31.88 34.54 -25.17
CA ILE B 203 -32.61 33.75 -24.20
C ILE B 203 -31.65 33.12 -23.20
N ALA B 204 -30.53 32.60 -23.70
CA ALA B 204 -29.54 31.99 -22.81
C ALA B 204 -29.00 33.01 -21.82
N THR B 205 -28.69 34.21 -22.30
CA THR B 205 -28.18 35.25 -21.41
C THR B 205 -29.21 35.61 -20.35
N ALA B 206 -30.48 35.73 -20.73
CA ALA B 206 -31.50 36.06 -19.76
C ALA B 206 -31.71 34.93 -18.77
N LEU B 207 -31.54 33.68 -19.20
CA LEU B 207 -31.69 32.57 -18.27
C LEU B 207 -30.58 32.58 -17.24
N GLN B 208 -29.35 32.79 -17.68
CA GLN B 208 -28.24 32.78 -16.73
C GLN B 208 -28.24 34.04 -15.87
N ALA B 209 -28.78 35.15 -16.37
CA ALA B 209 -28.87 36.38 -15.60
C ALA B 209 -29.97 36.32 -14.55
N GLN B 210 -31.13 35.77 -14.90
CA GLN B 210 -32.33 35.88 -14.08
C GLN B 210 -32.60 34.64 -13.24
N ASN B 211 -31.64 33.72 -13.15
CA ASN B 211 -31.75 32.57 -12.27
C ASN B 211 -30.42 32.39 -11.56
N SER B 212 -30.37 32.70 -10.27
CA SER B 212 -29.12 32.67 -9.54
C SER B 212 -29.38 32.44 -8.06
N GLN B 213 -28.31 32.09 -7.35
CA GLN B 213 -28.28 32.13 -5.90
C GLN B 213 -27.53 33.38 -5.48
N VAL B 214 -28.08 34.11 -4.51
CA VAL B 214 -27.46 35.32 -3.99
C VAL B 214 -26.83 34.99 -2.64
N ALA B 215 -25.51 35.11 -2.55
CA ALA B 215 -24.81 35.08 -1.27
C ALA B 215 -24.72 36.50 -0.71
N VAL B 216 -24.83 36.63 0.60
CA VAL B 216 -24.85 37.95 1.23
C VAL B 216 -23.74 38.08 2.27
N GLY B 217 -23.84 37.34 3.36
CA GLY B 217 -22.91 37.49 4.46
C GLY B 217 -23.52 37.33 5.84
N GLN B 218 -23.33 38.34 6.70
CA GLN B 218 -23.76 38.24 8.08
C GLN B 218 -24.08 39.63 8.61
N LEU B 219 -25.00 39.68 9.57
CA LEU B 219 -25.20 40.88 10.38
C LEU B 219 -24.14 40.89 11.47
N GLY B 220 -23.59 42.08 11.74
CA GLY B 220 -22.52 42.20 12.71
C GLY B 220 -21.32 41.34 12.38
N GLY B 221 -20.88 41.39 11.12
CA GLY B 221 -19.78 40.54 10.69
C GLY B 221 -18.49 40.85 11.40
N ALA B 222 -17.55 39.91 11.31
CA ALA B 222 -16.44 39.82 12.25
C ALA B 222 -15.81 41.16 12.61
N PRO B 223 -15.26 41.95 11.68
CA PRO B 223 -14.69 43.22 12.20
C PRO B 223 -15.82 44.21 12.47
N ALA B 224 -16.56 43.95 13.54
CA ALA B 224 -17.78 44.67 13.82
C ALA B 224 -17.48 46.01 14.48
N VAL B 225 -18.51 46.83 14.58
CA VAL B 225 -18.40 48.17 15.12
C VAL B 225 -18.53 48.11 16.62
N GLN B 226 -18.02 49.13 17.31
CA GLN B 226 -18.07 49.14 18.76
C GLN B 226 -19.52 49.19 19.23
N GLY B 227 -19.85 48.34 20.19
CA GLY B 227 -21.20 48.26 20.68
C GLY B 227 -22.14 47.43 19.85
N GLN B 228 -21.64 46.68 18.88
CA GLN B 228 -22.50 45.81 18.09
C GLN B 228 -23.17 44.79 19.01
N VAL B 229 -24.47 44.60 18.80
CA VAL B 229 -25.28 43.83 19.73
C VAL B 229 -25.74 42.50 19.17
N LEU B 230 -25.83 42.35 17.85
CA LEU B 230 -26.39 41.16 17.24
C LEU B 230 -25.48 40.62 16.14
N ASN B 231 -25.46 39.30 16.01
CA ASN B 231 -24.81 38.62 14.91
C ASN B 231 -25.78 37.58 14.36
N ALA B 232 -26.09 37.68 13.08
CA ALA B 232 -26.99 36.76 12.41
C ALA B 232 -26.51 36.53 10.98
N THR B 233 -27.01 35.46 10.38
CA THR B 233 -26.69 35.11 9.00
C THR B 233 -27.79 35.60 8.08
N VAL B 234 -27.42 36.23 6.98
CA VAL B 234 -28.36 36.71 5.99
C VAL B 234 -28.34 35.75 4.81
N ASN B 235 -29.46 35.06 4.59
CA ASN B 235 -29.66 34.18 3.45
C ASN B 235 -30.73 34.75 2.53
N ALA B 236 -30.48 34.69 1.22
CA ALA B 236 -31.36 35.25 0.21
C ALA B 236 -31.78 34.17 -0.78
N GLN B 237 -33.05 33.78 -0.75
CA GLN B 237 -33.56 32.75 -1.66
C GLN B 237 -33.94 33.37 -2.99
N SER B 238 -33.25 32.98 -4.06
CA SER B 238 -33.42 33.62 -5.36
C SER B 238 -33.70 32.63 -6.49
N LEU B 239 -33.15 31.42 -6.39
CA LEU B 239 -33.29 30.47 -7.48
C LEU B 239 -34.76 30.21 -7.76
N LEU B 240 -35.06 29.94 -9.03
CA LEU B 240 -36.41 29.62 -9.45
C LEU B 240 -36.73 28.17 -9.11
N GLN B 241 -38.01 27.83 -9.00
CA GLN B 241 -38.37 26.46 -8.78
C GLN B 241 -39.38 25.84 -9.71
N THR B 242 -40.24 26.62 -10.37
CA THR B 242 -41.36 26.06 -11.13
C THR B 242 -41.35 26.53 -12.57
N PRO B 243 -42.03 25.81 -13.47
CA PRO B 243 -42.13 26.28 -14.85
C PRO B 243 -42.76 27.65 -14.98
N GLU B 244 -43.65 28.03 -14.08
CA GLU B 244 -44.28 29.35 -14.20
C GLU B 244 -43.26 30.46 -14.02
N GLN B 245 -42.28 30.28 -13.14
CA GLN B 245 -41.25 31.28 -12.95
C GLN B 245 -40.38 31.43 -14.19
N PHE B 246 -40.05 30.32 -14.86
CA PHE B 246 -39.26 30.40 -16.06
C PHE B 246 -40.06 31.01 -17.20
N LYS B 247 -41.36 30.71 -17.26
CA LYS B 247 -42.21 31.31 -18.29
C LYS B 247 -42.25 32.81 -18.18
N ASN B 248 -42.16 33.34 -16.95
CA ASN B 248 -42.34 34.75 -16.67
C ASN B 248 -41.04 35.53 -16.67
N ILE B 249 -39.91 34.90 -17.02
CA ILE B 249 -38.68 35.65 -17.17
C ILE B 249 -38.88 36.76 -18.20
N PHE B 250 -38.28 37.92 -17.93
CA PHE B 250 -38.39 39.06 -18.79
C PHE B 250 -37.25 39.08 -19.80
N LEU B 251 -37.56 39.41 -21.04
CA LEU B 251 -36.57 39.49 -22.10
C LEU B 251 -36.32 40.94 -22.53
N LYS B 252 -37.36 41.63 -22.97
CA LYS B 252 -37.18 42.98 -23.48
C LYS B 252 -38.54 43.65 -23.47
N ASN B 253 -38.57 44.91 -23.89
CA ASN B 253 -39.81 45.64 -24.10
C ASN B 253 -40.02 45.85 -25.60
N THR B 254 -41.28 45.90 -26.00
CA THR B 254 -41.59 46.15 -27.39
C THR B 254 -41.44 47.64 -27.70
N ALA B 255 -41.38 47.96 -28.99
CA ALA B 255 -41.31 49.36 -29.40
C ALA B 255 -42.46 50.16 -28.80
N SER B 256 -43.66 49.58 -28.76
CA SER B 256 -44.82 50.25 -28.19
C SER B 256 -45.01 49.90 -26.71
N GLY B 257 -43.95 50.01 -25.93
CA GLY B 257 -44.02 49.90 -24.49
C GLY B 257 -44.67 48.63 -23.96
N ALA B 258 -44.52 47.52 -24.67
CA ALA B 258 -45.05 46.25 -24.21
C ALA B 258 -43.95 45.39 -23.60
N GLU B 259 -44.37 44.33 -22.92
CA GLU B 259 -43.47 43.44 -22.20
C GLU B 259 -43.41 42.09 -22.90
N VAL B 260 -42.20 41.62 -23.19
CA VAL B 260 -42.00 40.34 -23.86
C VAL B 260 -41.24 39.45 -22.90
N ARG B 261 -41.84 38.32 -22.56
CA ARG B 261 -41.27 37.36 -21.63
C ARG B 261 -40.81 36.11 -22.36
N LEU B 262 -40.24 35.19 -21.61
CA LEU B 262 -39.78 33.93 -22.22
C LEU B 262 -40.95 33.19 -22.85
N LYS B 263 -42.08 33.09 -22.14
CA LYS B 263 -43.22 32.34 -22.65
C LYS B 263 -43.70 32.81 -24.00
N ASP B 264 -43.23 33.96 -24.49
CA ASP B 264 -43.64 34.46 -25.78
C ASP B 264 -42.83 33.88 -26.93
N VAL B 265 -41.75 33.15 -26.65
CA VAL B 265 -40.92 32.57 -27.70
C VAL B 265 -40.57 31.11 -27.45
N ALA B 266 -41.05 30.50 -26.37
CA ALA B 266 -40.62 29.15 -26.05
C ALA B 266 -41.67 28.45 -25.21
N ARG B 267 -41.53 27.12 -25.13
CA ARG B 267 -42.45 26.26 -24.41
C ARG B 267 -41.71 25.63 -23.23
N VAL B 268 -42.01 26.12 -22.03
CA VAL B 268 -41.31 25.72 -20.82
C VAL B 268 -41.96 24.47 -20.23
N GLU B 269 -41.16 23.58 -19.67
CA GLU B 269 -41.61 22.23 -19.42
C GLU B 269 -40.67 21.57 -18.42
N LEU B 270 -41.14 20.68 -17.57
CA LEU B 270 -40.26 19.79 -16.85
C LEU B 270 -40.17 18.59 -17.80
N GLY B 271 -39.00 17.92 -18.07
CA GLY B 271 -38.73 16.80 -18.96
C GLY B 271 -37.54 16.03 -18.46
N SER B 272 -36.96 15.18 -19.29
CA SER B 272 -35.86 14.35 -18.86
C SER B 272 -34.52 15.00 -19.14
N ASP B 273 -33.57 14.75 -18.24
CA ASP B 273 -32.19 15.13 -18.50
C ASP B 273 -31.62 14.44 -19.73
N ASN B 274 -32.15 13.29 -20.12
CA ASN B 274 -31.72 12.65 -21.34
C ASN B 274 -32.96 12.10 -22.07
N TYR B 275 -32.95 12.11 -23.37
CA TYR B 275 -34.03 11.61 -24.22
C TYR B 275 -33.58 10.49 -25.15
N GLN B 276 -32.39 9.96 -24.93
CA GLN B 276 -31.79 9.03 -25.87
C GLN B 276 -32.22 7.58 -25.67
N PHE B 277 -32.79 7.24 -24.53
CA PHE B 277 -33.15 5.87 -24.27
C PHE B 277 -34.57 5.69 -23.81
N ASP B 278 -35.23 4.59 -24.21
CA ASP B 278 -36.58 4.23 -23.78
C ASP B 278 -36.54 2.79 -23.29
N SER B 279 -36.93 2.59 -22.05
CA SER B 279 -36.83 1.28 -21.39
C SER B 279 -38.19 0.84 -20.86
N LYS B 280 -38.47 -0.45 -21.03
CA LYS B 280 -39.72 -1.05 -20.61
C LYS B 280 -39.43 -2.39 -19.94
N PHE B 281 -40.28 -2.77 -18.99
CA PHE B 281 -40.20 -4.08 -18.35
C PHE B 281 -41.51 -4.82 -18.57
N ASN B 282 -41.41 -5.98 -19.22
CA ASN B 282 -42.58 -6.78 -19.58
C ASN B 282 -43.54 -6.00 -20.47
N GLY B 283 -43.06 -4.93 -21.09
CA GLY B 283 -43.82 -4.18 -22.07
C GLY B 283 -44.29 -2.83 -21.61
N LYS B 284 -44.06 -2.51 -20.35
CA LYS B 284 -44.52 -1.26 -19.74
C LYS B 284 -43.40 -0.43 -19.15
N PRO B 285 -43.61 0.93 -19.02
CA PRO B 285 -42.59 1.83 -18.50
C PRO B 285 -41.79 1.31 -17.32
N ALA B 286 -40.46 1.32 -17.36
CA ALA B 286 -39.64 0.83 -16.27
C ALA B 286 -38.28 1.56 -16.14
N ALA B 287 -37.68 1.50 -14.95
CA ALA B 287 -36.37 2.08 -14.62
C ALA B 287 -35.71 0.98 -13.81
N GLY B 288 -34.40 0.58 -14.06
CA GLY B 288 -33.61 -0.51 -13.51
C GLY B 288 -32.68 -0.06 -12.40
N LEU B 289 -32.53 -0.90 -11.38
CA LEU B 289 -31.55 -0.75 -10.32
C LEU B 289 -30.66 -1.98 -10.29
N ALA B 290 -29.42 -1.79 -9.88
CA ALA B 290 -28.45 -2.87 -9.80
C ALA B 290 -27.81 -2.88 -8.42
N ILE B 291 -27.59 -4.08 -7.88
CA ILE B 291 -26.96 -4.26 -6.58
C ILE B 291 -25.65 -4.99 -6.79
N LYS B 292 -24.57 -4.42 -6.28
CA LYS B 292 -23.28 -5.08 -6.18
C LYS B 292 -22.96 -5.25 -4.70
N ILE B 293 -22.38 -6.39 -4.33
CA ILE B 293 -22.12 -6.62 -2.91
C ILE B 293 -20.69 -6.22 -2.60
N ALA B 294 -20.49 -5.72 -1.39
CA ALA B 294 -19.18 -5.28 -0.95
C ALA B 294 -18.23 -6.45 -0.83
N THR B 295 -16.96 -6.19 -1.10
CA THR B 295 -15.94 -7.21 -0.94
C THR B 295 -15.96 -7.72 0.50
N GLY B 296 -15.94 -9.04 0.64
CA GLY B 296 -16.08 -9.66 1.94
C GLY B 296 -17.51 -9.82 2.39
N ALA B 297 -18.48 -9.47 1.57
CA ALA B 297 -19.88 -9.61 1.95
C ALA B 297 -20.34 -11.04 1.71
N ASN B 298 -21.57 -11.31 2.09
CA ASN B 298 -22.20 -12.62 1.93
C ASN B 298 -23.36 -12.43 0.97
N ALA B 299 -23.21 -12.94 -0.25
CA ALA B 299 -24.20 -12.69 -1.29
C ALA B 299 -25.62 -13.04 -0.82
N LEU B 300 -25.76 -14.19 -0.16
CA LEU B 300 -27.09 -14.64 0.28
C LEU B 300 -27.66 -13.70 1.33
N ASP B 301 -26.85 -13.35 2.33
CA ASP B 301 -27.30 -12.46 3.37
C ASP B 301 -27.65 -11.10 2.81
N THR B 302 -26.83 -10.60 1.89
CA THR B 302 -27.09 -9.29 1.30
C THR B 302 -28.39 -9.30 0.52
N ALA B 303 -28.66 -10.36 -0.18
CA ALA B 303 -29.87 -10.44 -0.97
C ALA B 303 -31.10 -10.36 -0.08
N GLU B 304 -31.07 -11.09 1.02
CA GLU B 304 -32.16 -11.11 1.97
C GLU B 304 -32.36 -9.75 2.58
N ALA B 305 -31.27 -9.08 2.92
CA ALA B 305 -31.31 -7.75 3.50
C ALA B 305 -31.95 -6.75 2.57
N VAL B 306 -31.67 -6.86 1.28
CA VAL B 306 -32.24 -5.98 0.29
C VAL B 306 -33.74 -6.20 0.20
N GLU B 307 -34.16 -7.44 0.34
CA GLU B 307 -35.54 -7.80 0.27
C GLU B 307 -36.29 -7.22 1.43
N GLN B 308 -35.74 -7.37 2.62
CA GLN B 308 -36.36 -6.85 3.80
C GLN B 308 -36.51 -5.33 3.71
N ARG B 309 -35.48 -4.66 3.23
CA ARG B 309 -35.52 -3.24 3.08
C ARG B 309 -36.52 -2.84 2.03
N LEU B 310 -36.59 -3.62 0.96
CA LEU B 310 -37.50 -3.33 -0.15
C LEU B 310 -38.94 -3.36 0.31
N SER B 311 -39.28 -4.31 1.17
CA SER B 311 -40.64 -4.44 1.64
C SER B 311 -41.19 -3.27 2.43
N GLU B 312 -40.39 -2.68 3.30
CA GLU B 312 -40.85 -1.52 4.03
C GLU B 312 -41.10 -0.38 3.07
N LEU B 313 -40.19 -0.20 2.12
CA LEU B 313 -40.27 0.84 1.10
C LEU B 313 -41.45 0.71 0.14
N ARG B 314 -41.98 -0.48 -0.05
CA ARG B 314 -43.10 -0.66 -0.94
C ARG B 314 -44.31 0.10 -0.50
N LYS B 315 -44.56 0.06 0.80
CA LYS B 315 -45.68 0.75 1.40
C LYS B 315 -45.81 2.22 1.02
N ASN B 316 -44.71 2.93 0.88
CA ASN B 316 -44.76 4.33 0.58
C ASN B 316 -44.37 4.67 -0.84
N TYR B 317 -44.88 3.91 -1.80
CA TYR B 317 -44.62 4.15 -3.23
C TYR B 317 -45.52 5.28 -3.71
N PRO B 318 -45.23 5.89 -4.88
CA PRO B 318 -46.12 6.98 -5.25
C PRO B 318 -47.55 6.52 -5.63
N THR B 319 -47.73 5.74 -6.70
CA THR B 319 -49.05 5.26 -7.10
C THR B 319 -48.94 4.26 -8.23
N GLY B 320 -49.34 3.01 -8.01
CA GLY B 320 -49.27 2.02 -9.05
C GLY B 320 -47.87 1.81 -9.58
N LEU B 321 -46.92 1.66 -8.68
CA LEU B 321 -45.55 1.40 -9.06
C LEU B 321 -45.32 -0.05 -8.68
N ALA B 322 -44.76 -0.81 -9.59
CA ALA B 322 -44.52 -2.20 -9.37
C ALA B 322 -43.04 -2.42 -9.10
N ASP B 323 -42.68 -3.64 -8.73
CA ASP B 323 -41.35 -4.00 -8.25
C ASP B 323 -41.13 -5.47 -8.55
N LYS B 324 -40.09 -5.80 -9.30
CA LYS B 324 -39.84 -7.18 -9.67
C LYS B 324 -38.36 -7.39 -9.96
N LEU B 325 -37.88 -8.59 -9.67
CA LEU B 325 -36.51 -8.95 -9.95
C LEU B 325 -36.37 -9.33 -11.41
N ALA B 326 -35.43 -8.72 -12.14
CA ALA B 326 -35.20 -9.01 -13.54
C ALA B 326 -34.02 -9.92 -13.79
N TYR B 327 -32.95 -9.69 -13.03
CA TYR B 327 -31.77 -10.50 -13.12
C TYR B 327 -31.40 -10.84 -11.68
N ASP B 328 -31.24 -12.12 -11.35
CA ASP B 328 -30.89 -12.53 -10.00
C ASP B 328 -29.99 -13.75 -10.07
N THR B 329 -28.84 -13.68 -9.40
CA THR B 329 -27.85 -14.73 -9.44
C THR B 329 -27.80 -15.57 -8.18
N THR B 330 -28.55 -15.20 -7.16
CA THR B 330 -28.51 -15.94 -5.90
C THR B 330 -28.91 -17.40 -6.04
N PRO B 331 -29.94 -17.76 -6.80
CA PRO B 331 -30.29 -19.18 -6.92
C PRO B 331 -29.14 -20.06 -7.33
N PHE B 332 -28.23 -19.56 -8.16
CA PHE B 332 -27.09 -20.36 -8.58
C PHE B 332 -26.12 -20.62 -7.43
N ILE B 333 -25.81 -19.59 -6.66
CA ILE B 333 -24.94 -19.76 -5.50
C ILE B 333 -25.56 -20.75 -4.53
N ARG B 334 -26.86 -20.59 -4.29
CA ARG B 334 -27.58 -21.51 -3.43
C ARG B 334 -27.43 -22.94 -3.92
N LEU B 335 -27.71 -23.22 -5.17
CA LEU B 335 -27.69 -24.59 -5.64
C LEU B 335 -26.28 -25.10 -5.70
N SER B 336 -25.34 -24.22 -6.01
CA SER B 336 -23.98 -24.66 -6.06
C SER B 336 -23.51 -25.09 -4.69
N ILE B 337 -23.84 -24.36 -3.65
CA ILE B 337 -23.46 -24.81 -2.32
C ILE B 337 -24.18 -26.09 -1.98
N GLU B 338 -25.45 -26.17 -2.32
CA GLU B 338 -26.24 -27.34 -2.00
C GLU B 338 -25.68 -28.58 -2.65
N SER B 339 -25.29 -28.48 -3.91
CA SER B 339 -24.79 -29.65 -4.61
C SER B 339 -23.53 -30.13 -3.92
N VAL B 340 -22.66 -29.22 -3.56
CA VAL B 340 -21.47 -29.57 -2.85
C VAL B 340 -21.76 -30.21 -1.52
N VAL B 341 -22.73 -29.70 -0.79
CA VAL B 341 -23.08 -30.27 0.50
C VAL B 341 -23.60 -31.67 0.40
N HIS B 342 -24.43 -31.89 -0.60
CA HIS B 342 -25.06 -33.16 -0.84
C HIS B 342 -24.06 -34.22 -1.18
N THR B 343 -23.08 -33.89 -2.00
CA THR B 343 -22.10 -34.87 -2.38
C THR B 343 -21.34 -35.35 -1.18
N LEU B 344 -20.94 -34.41 -0.33
CA LEU B 344 -20.23 -34.67 0.90
C LEU B 344 -20.95 -35.73 1.69
N ILE B 345 -22.20 -35.50 2.01
CA ILE B 345 -22.95 -36.44 2.87
C ILE B 345 -23.09 -37.78 2.16
N GLU B 346 -23.38 -37.76 0.85
CA GLU B 346 -23.50 -39.00 0.09
C GLU B 346 -22.20 -39.76 0.10
N ALA B 347 -21.06 -39.06 -0.02
CA ALA B 347 -19.78 -39.72 0.03
C ALA B 347 -19.58 -40.44 1.35
N VAL B 348 -19.96 -39.79 2.45
CA VAL B 348 -19.79 -40.42 3.75
C VAL B 348 -20.66 -41.67 3.85
N ILE B 349 -21.90 -41.58 3.39
CA ILE B 349 -22.76 -42.76 3.38
C ILE B 349 -22.13 -43.86 2.55
N LEU B 350 -21.63 -43.50 1.37
CA LEU B 350 -21.10 -44.50 0.45
C LEU B 350 -19.92 -45.23 1.05
N VAL B 351 -19.00 -44.49 1.66
CA VAL B 351 -17.84 -45.14 2.26
C VAL B 351 -18.30 -46.05 3.37
N PHE B 352 -19.31 -45.64 4.13
CA PHE B 352 -19.87 -46.54 5.14
C PHE B 352 -20.32 -47.85 4.52
N ILE B 353 -21.11 -47.78 3.45
CA ILE B 353 -21.67 -48.98 2.84
C ILE B 353 -20.56 -49.88 2.32
N VAL B 354 -19.57 -49.28 1.64
CA VAL B 354 -18.51 -50.09 1.04
C VAL B 354 -17.61 -50.71 2.09
N MET B 355 -17.33 -49.93 3.12
CA MET B 355 -16.45 -50.40 4.17
C MET B 355 -17.09 -51.58 4.78
N PHE B 356 -18.36 -51.50 5.13
CA PHE B 356 -19.10 -52.58 5.76
C PHE B 356 -19.19 -53.80 4.88
N LEU B 357 -19.35 -53.61 3.60
CA LEU B 357 -19.42 -54.73 2.68
C LEU B 357 -18.14 -55.60 2.52
N PHE B 358 -16.94 -55.02 2.55
CA PHE B 358 -15.70 -55.79 2.37
C PHE B 358 -15.02 -56.22 3.66
N LEU B 359 -15.00 -55.33 4.64
CA LEU B 359 -14.48 -55.61 5.96
C LEU B 359 -15.78 -55.81 6.66
N GLN B 360 -16.05 -56.90 7.32
CA GLN B 360 -17.40 -57.10 7.85
C GLN B 360 -17.75 -56.62 9.26
N ASN B 361 -16.97 -55.75 9.88
CA ASN B 361 -17.33 -55.30 11.21
C ASN B 361 -17.72 -53.80 11.30
N TRP B 362 -18.81 -53.46 11.96
CA TRP B 362 -19.24 -52.09 12.07
C TRP B 362 -18.26 -51.11 12.70
N ARG B 363 -17.40 -51.56 13.59
CA ARG B 363 -16.44 -50.69 14.25
C ARG B 363 -15.49 -50.06 13.24
N ALA B 364 -15.00 -50.85 12.29
CA ALA B 364 -14.09 -50.31 11.28
C ALA B 364 -14.79 -49.27 10.42
N THR B 365 -16.08 -49.38 10.23
CA THR B 365 -16.78 -48.42 9.41
C THR B 365 -16.89 -47.04 10.08
N ILE B 366 -16.66 -46.95 11.38
CA ILE B 366 -16.79 -45.68 12.08
C ILE B 366 -15.60 -44.77 11.82
N ILE B 367 -14.42 -45.34 11.64
CA ILE B 367 -13.20 -44.55 11.65
C ILE B 367 -13.16 -43.59 10.48
N PRO B 368 -13.37 -44.03 9.23
CA PRO B 368 -13.39 -43.05 8.14
C PRO B 368 -14.44 -41.97 8.32
N THR B 369 -15.60 -42.35 8.86
CA THR B 369 -16.68 -41.40 9.06
C THR B 369 -16.29 -40.31 10.06
N LEU B 370 -15.62 -40.67 11.14
CA LEU B 370 -15.13 -39.65 12.05
C LEU B 370 -13.98 -38.86 11.45
N ALA B 371 -13.19 -39.48 10.58
CA ALA B 371 -11.92 -38.88 10.17
C ALA B 371 -12.09 -37.83 9.09
N VAL B 372 -12.87 -38.11 8.05
CA VAL B 372 -12.92 -37.20 6.88
C VAL B 372 -13.47 -35.83 7.23
N PRO B 373 -14.54 -35.68 8.02
CA PRO B 373 -15.08 -34.32 8.23
C PRO B 373 -14.10 -33.41 8.91
N VAL B 374 -13.20 -33.95 9.72
CA VAL B 374 -12.16 -33.12 10.33
C VAL B 374 -11.32 -32.47 9.26
N VAL B 375 -10.91 -33.26 8.26
CA VAL B 375 -10.06 -32.72 7.20
C VAL B 375 -10.82 -31.67 6.42
N VAL B 376 -12.11 -31.89 6.16
CA VAL B 376 -12.87 -30.88 5.42
C VAL B 376 -12.95 -29.57 6.20
N LEU B 377 -13.35 -29.65 7.47
CA LEU B 377 -13.54 -28.43 8.26
C LEU B 377 -12.22 -27.68 8.41
N GLY B 378 -11.12 -28.41 8.60
CA GLY B 378 -9.83 -27.76 8.69
C GLY B 378 -9.43 -27.10 7.39
N THR B 379 -9.76 -27.73 6.26
CA THR B 379 -9.51 -27.08 4.98
C THR B 379 -10.16 -25.71 4.94
N PHE B 380 -11.43 -25.65 5.34
CA PHE B 380 -12.11 -24.36 5.35
C PHE B 380 -11.39 -23.38 6.26
N ALA B 381 -11.08 -23.82 7.48
CA ALA B 381 -10.37 -22.96 8.43
C ALA B 381 -9.10 -22.40 7.82
N VAL B 382 -8.41 -23.20 7.02
CA VAL B 382 -7.07 -22.83 6.56
C VAL B 382 -7.12 -21.97 5.31
N ILE B 383 -7.95 -22.30 4.32
CA ILE B 383 -8.02 -21.45 3.13
C ILE B 383 -8.71 -20.14 3.45
N ASN B 384 -9.45 -20.06 4.56
CA ASN B 384 -9.95 -18.78 4.99
C ASN B 384 -8.81 -17.82 5.32
N ILE B 385 -7.75 -18.33 5.93
CA ILE B 385 -6.61 -17.50 6.28
C ILE B 385 -5.89 -16.97 5.05
N PHE B 386 -6.04 -17.62 3.90
CA PHE B 386 -5.44 -17.16 2.66
C PHE B 386 -6.36 -16.24 1.86
N GLY B 387 -7.53 -15.90 2.38
CA GLY B 387 -8.40 -14.97 1.71
C GLY B 387 -9.33 -15.56 0.70
N PHE B 388 -9.42 -16.89 0.64
CA PHE B 388 -10.40 -17.51 -0.21
C PHE B 388 -11.79 -17.36 0.40
N SER B 389 -12.80 -17.68 -0.39
CA SER B 389 -14.17 -17.63 0.05
C SER B 389 -14.89 -18.85 -0.49
N ILE B 390 -16.01 -19.18 0.13
CA ILE B 390 -16.92 -20.17 -0.43
C ILE B 390 -17.48 -19.60 -1.73
N ASN B 391 -17.09 -20.20 -2.86
CA ASN B 391 -17.58 -19.82 -4.16
C ASN B 391 -17.62 -21.07 -5.02
N THR B 392 -18.00 -20.91 -6.28
CA THR B 392 -18.21 -22.06 -7.15
C THR B 392 -16.95 -22.89 -7.28
N LEU B 393 -15.82 -22.23 -7.47
CA LEU B 393 -14.58 -22.93 -7.77
C LEU B 393 -14.04 -23.67 -6.57
N THR B 394 -14.02 -23.05 -5.39
CA THR B 394 -13.54 -23.74 -4.21
C THR B 394 -14.46 -24.88 -3.82
N MET B 395 -15.73 -24.73 -4.11
CA MET B 395 -16.72 -25.74 -3.90
C MET B 395 -16.45 -26.94 -4.81
N PHE B 396 -16.04 -26.74 -6.04
CA PHE B 396 -15.73 -27.85 -6.94
C PHE B 396 -14.43 -28.47 -6.55
N ALA B 397 -13.49 -27.68 -6.07
CA ALA B 397 -12.22 -28.18 -5.55
C ALA B 397 -12.45 -29.06 -4.35
N MET B 398 -13.43 -28.72 -3.53
CA MET B 398 -13.78 -29.53 -2.39
C MET B 398 -14.35 -30.88 -2.83
N VAL B 399 -15.15 -30.93 -3.90
CA VAL B 399 -15.70 -32.22 -4.35
C VAL B 399 -14.57 -33.14 -4.78
N LEU B 400 -13.52 -32.60 -5.37
CA LEU B 400 -12.36 -33.40 -5.75
C LEU B 400 -11.54 -33.79 -4.52
N ALA B 401 -11.40 -32.86 -3.58
CA ALA B 401 -10.64 -33.14 -2.37
C ALA B 401 -11.29 -34.25 -1.55
N ILE B 402 -12.61 -34.22 -1.37
CA ILE B 402 -13.25 -35.26 -0.57
C ILE B 402 -13.05 -36.62 -1.22
N GLY B 403 -13.12 -36.65 -2.55
CA GLY B 403 -12.82 -37.89 -3.25
C GLY B 403 -11.42 -38.39 -2.97
N LEU B 404 -10.45 -37.49 -2.89
CA LEU B 404 -9.06 -37.88 -2.62
C LEU B 404 -8.82 -38.13 -1.15
N LEU B 405 -9.71 -37.66 -0.30
CA LEU B 405 -9.52 -37.83 1.14
C LEU B 405 -10.04 -39.17 1.61
N VAL B 406 -11.13 -39.66 1.04
CA VAL B 406 -11.66 -40.95 1.49
C VAL B 406 -10.63 -42.05 1.27
N ASP B 407 -9.76 -41.89 0.27
CA ASP B 407 -8.75 -42.91 -0.02
C ASP B 407 -7.76 -43.08 1.13
N ASP B 408 -7.28 -41.98 1.70
CA ASP B 408 -6.35 -42.08 2.83
C ASP B 408 -6.95 -42.93 3.95
N ALA B 409 -8.16 -42.58 4.35
CA ALA B 409 -8.82 -43.28 5.44
C ALA B 409 -9.01 -44.75 5.13
N ILE B 410 -9.47 -45.05 3.91
CA ILE B 410 -9.65 -46.44 3.52
C ILE B 410 -8.34 -47.19 3.65
N VAL B 411 -7.26 -46.59 3.15
CA VAL B 411 -5.97 -47.28 3.14
C VAL B 411 -5.54 -47.62 4.56
N VAL B 412 -5.56 -46.62 5.45
CA VAL B 412 -5.09 -46.86 6.82
C VAL B 412 -5.92 -47.93 7.50
N VAL B 413 -7.25 -47.77 7.47
CA VAL B 413 -8.13 -48.67 8.21
C VAL B 413 -8.06 -50.08 7.63
N GLU B 414 -8.02 -50.20 6.31
CA GLU B 414 -7.99 -51.51 5.68
C GLU B 414 -6.70 -52.24 5.98
N ASN B 415 -5.56 -51.54 5.94
CA ASN B 415 -4.31 -52.22 6.24
C ASN B 415 -4.30 -52.71 7.67
N VAL B 416 -4.81 -51.89 8.60
CA VAL B 416 -4.87 -52.34 9.99
C VAL B 416 -5.77 -53.56 10.13
N GLU B 417 -6.90 -53.56 9.44
CA GLU B 417 -7.84 -54.69 9.55
C GLU B 417 -7.23 -55.96 8.97
N ARG B 418 -6.53 -55.86 7.84
CA ARG B 418 -5.89 -57.03 7.25
C ARG B 418 -4.84 -57.61 8.19
N VAL B 419 -4.01 -56.75 8.77
CA VAL B 419 -3.03 -57.24 9.73
C VAL B 419 -3.72 -57.86 10.94
N MET B 420 -4.80 -57.23 11.39
CA MET B 420 -5.54 -57.70 12.53
C MET B 420 -6.05 -59.08 12.30
N SER B 421 -6.50 -59.35 11.07
CA SER B 421 -7.13 -60.62 10.74
C SER B 421 -6.14 -61.70 10.32
N GLU B 422 -4.89 -61.34 10.02
CA GLU B 422 -3.90 -62.37 9.70
C GLU B 422 -2.87 -62.61 10.80
N ASP B 423 -2.78 -61.73 11.79
CA ASP B 423 -1.90 -61.91 12.93
C ASP B 423 -2.64 -62.29 14.19
N HIS B 424 -3.89 -61.90 14.32
CA HIS B 424 -4.76 -62.25 15.45
C HIS B 424 -4.34 -61.54 16.72
N THR B 425 -3.51 -60.51 16.61
CA THR B 425 -3.04 -59.75 17.75
C THR B 425 -4.00 -58.61 18.07
N ASP B 426 -3.70 -57.91 19.16
CA ASP B 426 -4.56 -56.87 19.70
C ASP B 426 -4.52 -55.60 18.85
N PRO B 427 -5.48 -54.70 19.03
CA PRO B 427 -5.51 -53.49 18.19
C PRO B 427 -4.25 -52.64 18.26
N VAL B 428 -3.63 -52.50 19.43
CA VAL B 428 -2.48 -51.60 19.52
C VAL B 428 -1.28 -52.18 18.78
N THR B 429 -1.01 -53.46 18.98
CA THR B 429 0.09 -54.10 18.27
C THR B 429 -0.15 -54.09 16.76
N ALA B 430 -1.37 -54.39 16.34
CA ALA B 430 -1.68 -54.46 14.93
C ALA B 430 -1.62 -53.08 14.28
N THR B 431 -2.09 -52.07 14.98
CA THR B 431 -2.03 -50.71 14.45
C THR B 431 -0.60 -50.23 14.36
N SER B 432 0.21 -50.56 15.37
CA SER B 432 1.63 -50.18 15.33
C SER B 432 2.31 -50.84 14.14
N ARG B 433 2.07 -52.11 13.96
CA ARG B 433 2.65 -52.85 12.87
C ARG B 433 2.21 -52.29 11.50
N SER B 434 0.93 -51.96 11.35
CA SER B 434 0.42 -51.43 10.10
C SER B 434 1.02 -50.08 9.77
N MET B 435 1.01 -49.17 10.75
CA MET B 435 1.55 -47.84 10.49
C MET B 435 3.03 -47.93 10.22
N GLN B 436 3.73 -48.88 10.83
CA GLN B 436 5.11 -49.15 10.43
C GLN B 436 5.18 -49.49 8.95
N GLN B 437 4.25 -50.30 8.47
CA GLN B 437 4.26 -50.67 7.05
C GLN B 437 4.07 -49.46 6.14
N ILE B 438 3.13 -48.56 6.46
CA ILE B 438 2.62 -47.64 5.46
C ILE B 438 2.93 -46.17 5.73
N SER B 439 3.59 -45.82 6.84
CA SER B 439 3.71 -44.40 7.19
C SER B 439 4.55 -43.63 6.19
N GLY B 440 5.75 -44.13 5.89
CA GLY B 440 6.61 -43.43 4.96
C GLY B 440 6.01 -43.36 3.57
N ALA B 441 5.27 -44.40 3.18
CA ALA B 441 4.53 -44.34 1.93
C ALA B 441 3.54 -43.20 1.93
N LEU B 442 2.83 -43.01 3.04
CA LEU B 442 1.88 -41.90 3.11
C LEU B 442 2.60 -40.56 3.00
N VAL B 443 3.73 -40.41 3.68
CA VAL B 443 4.46 -39.14 3.64
C VAL B 443 4.97 -38.86 2.23
N GLY B 444 5.50 -39.88 1.56
CA GLY B 444 5.97 -39.68 0.20
C GLY B 444 4.83 -39.40 -0.76
N ILE B 445 3.69 -40.04 -0.54
CA ILE B 445 2.51 -39.77 -1.36
C ILE B 445 2.11 -38.32 -1.23
N THR B 446 2.10 -37.79 -0.02
CA THR B 446 1.78 -36.38 0.18
C THR B 446 2.78 -35.48 -0.53
N SER B 447 4.06 -35.82 -0.44
CA SER B 447 5.07 -35.07 -1.16
C SER B 447 4.77 -35.04 -2.66
N VAL B 448 4.44 -36.19 -3.23
CA VAL B 448 4.21 -36.26 -4.67
C VAL B 448 2.96 -35.48 -5.07
N LEU B 449 1.89 -35.59 -4.32
CA LEU B 449 0.68 -34.85 -4.66
C LEU B 449 0.95 -33.36 -4.66
N THR B 450 1.74 -32.88 -3.72
CA THR B 450 2.07 -31.48 -3.65
C THR B 450 2.78 -31.08 -4.92
N ALA B 451 3.74 -31.86 -5.37
CA ALA B 451 4.50 -31.59 -6.56
C ALA B 451 3.62 -31.53 -7.78
N VAL B 452 2.64 -32.40 -7.87
CA VAL B 452 1.68 -32.37 -8.94
C VAL B 452 0.71 -31.20 -8.95
N PHE B 453 0.22 -30.77 -7.80
CA PHE B 453 -0.77 -29.69 -7.71
C PHE B 453 -0.20 -28.28 -7.53
N VAL B 454 1.02 -28.17 -7.06
CA VAL B 454 1.57 -26.86 -6.81
C VAL B 454 1.89 -26.02 -8.06
N PRO B 455 2.39 -26.65 -9.18
CA PRO B 455 2.65 -25.82 -10.37
C PRO B 455 1.43 -25.19 -11.04
N MET B 456 0.24 -25.67 -10.73
CA MET B 456 -1.00 -25.13 -11.30
C MET B 456 -1.27 -23.73 -10.80
N ALA B 457 -0.75 -23.42 -9.63
CA ALA B 457 -0.91 -22.14 -8.95
C ALA B 457 0.02 -21.04 -9.46
N PHE B 458 0.88 -21.35 -10.44
CA PHE B 458 1.86 -20.42 -10.96
C PHE B 458 1.66 -20.14 -12.44
N PHE B 459 0.45 -20.39 -12.94
CA PHE B 459 0.08 -20.02 -14.31
C PHE B 459 -0.29 -18.55 -14.26
N GLY B 460 -0.41 -17.76 -15.39
CA GLY B 460 -0.67 -16.34 -15.48
C GLY B 460 -2.07 -16.02 -15.95
N GLY B 461 -2.53 -14.82 -15.64
CA GLY B 461 -3.76 -14.31 -16.18
C GLY B 461 -5.01 -14.82 -15.48
N THR B 462 -6.10 -14.76 -16.22
CA THR B 462 -7.38 -15.19 -15.77
C THR B 462 -7.38 -16.68 -15.60
N THR B 463 -6.66 -17.35 -16.47
CA THR B 463 -6.61 -18.79 -16.36
C THR B 463 -5.92 -19.13 -15.07
N GLY B 464 -4.85 -18.41 -14.74
CA GLY B 464 -4.10 -18.62 -13.53
C GLY B 464 -4.95 -18.38 -12.32
N VAL B 465 -5.81 -17.37 -12.33
CA VAL B 465 -6.63 -17.13 -11.15
C VAL B 465 -7.53 -18.33 -10.94
N ILE B 466 -8.11 -18.82 -12.01
CA ILE B 466 -8.99 -19.97 -11.91
C ILE B 466 -8.23 -21.21 -11.51
N TYR B 467 -7.02 -21.40 -12.02
CA TYR B 467 -6.24 -22.58 -11.66
C TYR B 467 -5.74 -22.54 -10.22
N ARG B 468 -5.44 -21.36 -9.72
CA ARG B 468 -4.98 -21.17 -8.36
C ARG B 468 -6.09 -21.40 -7.35
N GLN B 469 -7.35 -21.20 -7.73
CA GLN B 469 -8.40 -21.44 -6.78
C GLN B 469 -8.41 -22.89 -6.39
N PHE B 470 -8.32 -23.76 -7.39
CA PHE B 470 -8.29 -25.18 -7.19
C PHE B 470 -7.04 -25.65 -6.48
N SER B 471 -5.93 -25.10 -6.90
CA SER B 471 -4.63 -25.51 -6.43
C SER B 471 -4.32 -25.34 -4.97
N ILE B 472 -4.63 -24.18 -4.39
CA ILE B 472 -4.34 -23.97 -3.01
C ILE B 472 -5.29 -24.81 -2.19
N THR B 473 -6.54 -24.93 -2.63
CA THR B 473 -7.51 -25.76 -1.95
C THR B 473 -7.10 -27.21 -1.96
N LEU B 474 -6.62 -27.69 -3.08
CA LEU B 474 -6.22 -29.10 -3.14
C LEU B 474 -5.03 -29.41 -2.24
N VAL B 475 -4.04 -28.55 -2.21
CA VAL B 475 -2.85 -28.80 -1.43
C VAL B 475 -3.10 -28.75 0.05
N THR B 476 -3.80 -27.73 0.51
CA THR B 476 -4.10 -27.67 1.94
C THR B 476 -4.86 -28.92 2.38
N ALA B 477 -5.77 -29.42 1.55
CA ALA B 477 -6.50 -30.63 1.90
C ALA B 477 -5.57 -31.84 2.03
N MET B 478 -4.62 -32.01 1.13
CA MET B 478 -3.75 -33.18 1.20
C MET B 478 -2.79 -33.10 2.36
N VAL B 479 -2.35 -31.90 2.71
CA VAL B 479 -1.52 -31.75 3.91
C VAL B 479 -2.32 -32.11 5.15
N LEU B 480 -3.51 -31.53 5.30
CA LEU B 480 -4.32 -31.83 6.47
C LEU B 480 -4.65 -33.31 6.52
N SER B 481 -4.79 -33.93 5.34
CA SER B 481 -5.04 -35.35 5.29
C SER B 481 -3.88 -36.13 5.88
N LEU B 482 -2.65 -35.78 5.52
CA LEU B 482 -1.52 -36.51 6.10
C LEU B 482 -1.46 -36.32 7.60
N ILE B 483 -1.73 -35.11 8.08
CA ILE B 483 -1.71 -34.86 9.51
C ILE B 483 -2.72 -35.76 10.20
N VAL B 484 -3.95 -35.83 9.69
CA VAL B 484 -4.95 -36.68 10.32
C VAL B 484 -4.59 -38.16 10.17
N ALA B 485 -4.06 -38.54 9.02
CA ALA B 485 -3.71 -39.94 8.76
C ALA B 485 -2.63 -40.44 9.70
N LEU B 486 -1.75 -39.55 10.16
CA LEU B 486 -0.69 -39.95 11.06
C LEU B 486 -1.01 -39.70 12.53
N THR B 487 -1.99 -38.85 12.85
CA THR B 487 -2.33 -38.54 14.23
C THR B 487 -3.61 -39.23 14.69
N PHE B 488 -4.72 -39.02 13.98
CA PHE B 488 -6.05 -39.29 14.50
C PHE B 488 -6.55 -40.68 14.12
N THR B 489 -6.28 -41.13 12.89
CA THR B 489 -6.78 -42.44 12.45
C THR B 489 -6.10 -43.59 13.18
N PRO B 490 -4.78 -43.61 13.36
CA PRO B 490 -4.17 -44.71 14.13
C PRO B 490 -4.66 -44.79 15.57
N ALA B 491 -4.92 -43.63 16.18
CA ALA B 491 -5.46 -43.61 17.54
C ALA B 491 -6.83 -44.27 17.58
N LEU B 492 -7.70 -43.95 16.63
CA LEU B 492 -9.01 -44.58 16.60
C LEU B 492 -8.91 -46.06 16.29
N CYS B 493 -7.94 -46.47 15.49
CA CYS B 493 -7.78 -47.90 15.22
C CYS B 493 -7.36 -48.64 16.47
N ALA B 494 -6.49 -48.03 17.27
CA ALA B 494 -6.03 -48.67 18.49
C ALA B 494 -6.99 -48.51 19.65
N THR B 495 -8.04 -47.72 19.51
CA THR B 495 -9.02 -47.56 20.58
C THR B 495 -10.38 -48.16 20.29
N ILE B 496 -10.87 -48.14 19.05
CA ILE B 496 -12.25 -48.57 18.77
C ILE B 496 -12.31 -50.01 18.27
N LEU B 497 -11.27 -50.47 17.58
CA LEU B 497 -11.29 -51.84 17.08
C LEU B 497 -11.22 -52.84 18.22
N LYS B 498 -11.61 -54.06 17.93
CA LYS B 498 -11.55 -55.16 18.89
C LYS B 498 -10.83 -56.34 18.27
N GLN B 499 -10.14 -57.10 19.11
CA GLN B 499 -9.24 -58.13 18.61
C GLN B 499 -9.98 -59.24 17.89
N HIS B 500 -9.30 -59.84 16.92
CA HIS B 500 -9.87 -60.85 16.04
C HIS B 500 -9.50 -62.23 16.57
N ASP B 501 -10.52 -63.03 16.89
CA ASP B 501 -10.29 -64.38 17.38
C ASP B 501 -10.67 -65.37 16.29
N PRO B 502 -9.72 -66.00 15.60
CA PRO B 502 -10.08 -66.77 14.40
C PRO B 502 -11.01 -67.93 14.66
N ASN B 503 -10.88 -68.61 15.81
CA ASN B 503 -11.63 -69.82 16.08
C ASN B 503 -12.60 -69.67 17.25
N LYS B 504 -12.96 -68.43 17.61
CA LYS B 504 -13.82 -68.22 18.77
C LYS B 504 -15.20 -68.85 18.56
N GLU B 505 -15.86 -68.50 17.46
CA GLU B 505 -17.24 -68.91 17.26
C GLU B 505 -17.55 -68.89 15.77
N PRO B 506 -18.26 -69.89 15.25
CA PRO B 506 -18.78 -69.78 13.88
C PRO B 506 -20.14 -69.10 13.84
N SER B 507 -20.29 -68.09 12.99
CA SER B 507 -21.56 -67.38 12.90
C SER B 507 -22.65 -68.31 12.41
N ASN B 508 -23.81 -68.24 13.05
CA ASN B 508 -24.95 -69.06 12.65
C ASN B 508 -25.61 -68.47 11.40
N ASN B 509 -26.44 -69.28 10.76
CA ASN B 509 -27.07 -68.91 9.49
C ASN B 509 -28.07 -67.79 9.74
N ILE B 510 -27.64 -66.56 9.45
CA ILE B 510 -28.48 -65.37 9.55
C ILE B 510 -28.30 -64.63 8.22
N PHE B 511 -28.95 -63.47 8.04
CA PHE B 511 -28.73 -62.70 6.82
C PHE B 511 -27.26 -62.52 6.52
N ALA B 512 -26.39 -62.69 7.52
CA ALA B 512 -24.95 -62.54 7.33
C ALA B 512 -24.36 -63.63 6.44
N ARG B 513 -25.11 -64.68 6.13
CA ARG B 513 -24.61 -65.67 5.18
C ARG B 513 -24.34 -65.05 3.81
N PHE B 514 -25.13 -64.04 3.44
CA PHE B 514 -24.86 -63.29 2.22
C PHE B 514 -23.42 -62.78 2.22
N PHE B 515 -22.91 -62.40 3.38
CA PHE B 515 -21.53 -61.98 3.46
C PHE B 515 -20.59 -63.16 3.22
N ARG B 516 -20.94 -64.35 3.69
CA ARG B 516 -20.10 -65.50 3.42
C ARG B 516 -19.97 -65.73 1.91
N SER B 517 -21.10 -65.67 1.21
CA SER B 517 -21.06 -65.82 -0.24
C SER B 517 -20.25 -64.69 -0.88
N PHE B 518 -20.42 -63.49 -0.35
CA PHE B 518 -19.72 -62.33 -0.88
C PHE B 518 -18.23 -62.41 -0.65
N ASN B 519 -17.82 -63.11 0.38
CA ASN B 519 -16.41 -63.25 0.66
C ASN B 519 -15.82 -64.32 -0.23
N ASN B 520 -16.55 -65.40 -0.44
CA ASN B 520 -16.09 -66.44 -1.35
C ASN B 520 -15.96 -65.89 -2.77
N GLY B 521 -16.93 -65.07 -3.19
CA GLY B 521 -16.83 -64.46 -4.49
C GLY B 521 -15.58 -63.63 -4.64
N PHE B 522 -15.24 -62.84 -3.61
CA PHE B 522 -14.04 -62.02 -3.72
C PHE B 522 -12.80 -62.89 -3.77
N ASP B 523 -12.78 -63.99 -3.02
CA ASP B 523 -11.61 -64.86 -3.08
C ASP B 523 -11.42 -65.42 -4.47
N ARG B 524 -12.51 -65.85 -5.11
CA ARG B 524 -12.41 -66.35 -6.47
C ARG B 524 -11.93 -65.26 -7.41
N MET B 525 -12.46 -64.04 -7.23
CA MET B 525 -12.03 -62.91 -8.05
C MET B 525 -10.53 -62.69 -7.92
N SER B 526 -10.01 -62.75 -6.71
CA SER B 526 -8.59 -62.51 -6.54
C SER B 526 -7.76 -63.60 -7.17
N HIS B 527 -8.26 -64.83 -7.15
CA HIS B 527 -7.51 -65.94 -7.72
C HIS B 527 -7.33 -65.76 -9.22
N SER B 528 -8.38 -65.30 -9.86
CA SER B 528 -8.32 -65.03 -11.28
C SER B 528 -7.33 -63.92 -11.59
N TYR B 529 -7.34 -62.88 -10.77
CA TYR B 529 -6.50 -61.72 -10.96
C TYR B 529 -5.00 -62.00 -10.89
N GLN B 530 -4.59 -62.84 -9.95
CA GLN B 530 -3.20 -63.19 -9.85
C GLN B 530 -2.81 -63.95 -11.09
N ASN B 531 -3.66 -64.86 -11.54
CA ASN B 531 -3.40 -65.58 -12.78
C ASN B 531 -3.30 -64.62 -13.92
N GLY B 532 -4.19 -63.63 -13.98
CA GLY B 532 -4.08 -62.64 -15.02
C GLY B 532 -2.77 -61.92 -14.91
N VAL B 533 -2.34 -61.53 -13.71
CA VAL B 533 -1.07 -60.83 -13.58
C VAL B 533 0.05 -61.74 -14.02
N SER B 534 0.00 -63.02 -13.65
CA SER B 534 1.03 -63.93 -14.08
C SER B 534 1.04 -64.03 -15.60
N ARG B 535 -0.12 -64.07 -16.25
CA ARG B 535 -0.14 -64.10 -17.69
C ARG B 535 0.50 -62.85 -18.25
N MET B 536 0.23 -61.69 -17.65
CA MET B 536 0.82 -60.45 -18.12
C MET B 536 2.33 -60.46 -17.93
N LEU B 537 2.80 -61.09 -16.85
CA LEU B 537 4.22 -61.03 -16.52
C LEU B 537 5.07 -61.77 -17.54
N LYS B 538 4.59 -62.91 -18.02
CA LYS B 538 5.25 -63.56 -19.14
C LYS B 538 4.86 -62.87 -20.44
N GLY B 539 5.65 -63.10 -21.48
CA GLY B 539 5.42 -62.40 -22.73
C GLY B 539 5.58 -60.90 -22.56
N LYS B 540 6.73 -60.49 -22.03
CA LYS B 540 6.96 -59.08 -21.74
C LYS B 540 6.71 -58.22 -22.98
N ILE B 541 7.03 -58.74 -24.15
CA ILE B 541 6.82 -57.97 -25.37
C ILE B 541 5.35 -57.65 -25.55
N PHE B 542 4.46 -58.59 -25.20
CA PHE B 542 3.04 -58.33 -25.33
C PHE B 542 2.61 -57.17 -24.45
N SER B 543 3.05 -57.16 -23.20
CA SER B 543 2.69 -56.07 -22.30
C SER B 543 3.27 -54.75 -22.78
N GLY B 544 4.50 -54.77 -23.29
CA GLY B 544 5.09 -53.55 -23.81
C GLY B 544 4.30 -53.00 -24.98
N VAL B 545 3.96 -53.86 -25.94
CA VAL B 545 3.24 -53.39 -27.12
C VAL B 545 1.85 -52.95 -26.72
N LEU B 546 1.27 -53.55 -25.68
CA LEU B 546 -0.05 -53.10 -25.24
C LEU B 546 0.04 -51.74 -24.60
N TYR B 547 1.08 -51.49 -23.81
CA TYR B 547 1.29 -50.16 -23.27
C TYR B 547 1.47 -49.15 -24.39
N ALA B 548 2.22 -49.53 -25.43
CA ALA B 548 2.44 -48.65 -26.56
C ALA B 548 1.13 -48.33 -27.27
N VAL B 549 0.28 -49.33 -27.46
CA VAL B 549 -1.00 -49.11 -28.10
C VAL B 549 -1.88 -48.20 -27.25
N VAL B 550 -1.82 -48.36 -25.93
CA VAL B 550 -2.54 -47.47 -25.04
C VAL B 550 -2.10 -46.03 -25.28
N VAL B 551 -0.78 -45.81 -25.35
CA VAL B 551 -0.27 -44.45 -25.52
C VAL B 551 -0.68 -43.88 -26.89
N ALA B 552 -0.54 -44.68 -27.93
CA ALA B 552 -0.89 -44.22 -29.27
C ALA B 552 -2.36 -43.84 -29.34
N LEU B 553 -3.24 -44.71 -28.84
CA LEU B 553 -4.65 -44.37 -28.78
C LEU B 553 -4.85 -43.08 -28.01
N LEU B 554 -4.12 -42.91 -26.92
CA LEU B 554 -4.26 -41.69 -26.15
C LEU B 554 -4.05 -40.48 -27.03
N VAL B 555 -2.91 -40.44 -27.73
CA VAL B 555 -2.58 -39.26 -28.53
C VAL B 555 -3.63 -39.05 -29.61
N PHE B 556 -4.00 -40.12 -30.31
CA PHE B 556 -4.95 -39.98 -31.40
C PHE B 556 -6.26 -39.38 -30.90
N LEU B 557 -6.82 -39.94 -29.83
CA LEU B 557 -8.08 -39.42 -29.32
C LEU B 557 -7.92 -38.02 -28.76
N PHE B 558 -6.76 -37.69 -28.20
CA PHE B 558 -6.57 -36.38 -27.60
C PHE B 558 -6.56 -35.30 -28.67
N GLN B 559 -5.96 -35.59 -29.82
CA GLN B 559 -5.97 -34.61 -30.89
C GLN B 559 -7.39 -34.27 -31.32
N LYS B 560 -8.26 -35.28 -31.44
CA LYS B 560 -9.60 -35.09 -31.98
C LYS B 560 -10.58 -34.77 -30.85
N LEU B 561 -10.49 -33.54 -30.38
CA LEU B 561 -11.36 -33.06 -29.32
C LEU B 561 -11.26 -31.55 -29.24
N PRO B 562 -12.37 -30.82 -29.15
CA PRO B 562 -12.29 -29.35 -29.12
C PRO B 562 -11.65 -28.85 -27.85
N SER B 563 -11.08 -27.65 -27.94
CA SER B 563 -10.50 -26.95 -26.80
C SER B 563 -11.29 -25.67 -26.58
N SER B 564 -11.86 -25.54 -25.39
CA SER B 564 -12.71 -24.42 -25.04
C SER B 564 -12.27 -23.83 -23.72
N PHE B 565 -12.35 -22.51 -23.60
CA PHE B 565 -11.95 -21.86 -22.37
C PHE B 565 -12.82 -22.36 -21.27
N LEU B 566 -14.12 -22.42 -21.53
CA LEU B 566 -15.06 -22.89 -20.55
C LEU B 566 -16.31 -23.54 -21.14
N PRO B 567 -17.02 -24.39 -20.33
CA PRO B 567 -18.25 -24.91 -20.89
C PRO B 567 -19.34 -23.86 -20.87
N GLU B 568 -20.32 -24.04 -21.75
CA GLU B 568 -21.43 -23.09 -21.87
C GLU B 568 -22.55 -23.53 -20.95
N GLU B 569 -22.93 -22.67 -20.03
CA GLU B 569 -23.90 -22.95 -18.99
C GLU B 569 -25.25 -22.34 -19.34
N ASP B 570 -26.30 -22.87 -18.74
CA ASP B 570 -27.66 -22.34 -18.86
C ASP B 570 -28.00 -21.61 -17.57
N GLN B 571 -28.34 -20.34 -17.68
CA GLN B 571 -28.91 -19.55 -16.60
C GLN B 571 -30.34 -19.17 -16.98
N GLY B 572 -30.93 -18.29 -16.18
CA GLY B 572 -32.24 -17.78 -16.53
C GLY B 572 -32.23 -16.76 -17.65
N VAL B 573 -31.07 -16.21 -17.96
CA VAL B 573 -31.00 -15.10 -18.85
C VAL B 573 -30.68 -15.36 -20.32
N VAL B 574 -31.32 -14.60 -21.21
CA VAL B 574 -31.08 -14.56 -22.66
C VAL B 574 -31.05 -13.10 -23.09
N MET B 575 -30.13 -12.77 -23.99
CA MET B 575 -30.00 -11.41 -24.51
C MET B 575 -30.25 -11.40 -26.00
N THR B 576 -31.04 -10.44 -26.46
CA THR B 576 -31.36 -10.27 -27.88
C THR B 576 -30.83 -8.92 -28.33
N LEU B 577 -29.99 -8.92 -29.36
CA LEU B 577 -29.55 -7.70 -30.00
C LEU B 577 -30.48 -7.38 -31.16
N VAL B 578 -30.66 -6.09 -31.42
CA VAL B 578 -31.48 -5.63 -32.53
C VAL B 578 -30.71 -4.53 -33.25
N GLN B 579 -30.65 -4.62 -34.56
CA GLN B 579 -30.08 -3.58 -35.40
C GLN B 579 -31.09 -3.22 -36.46
N LEU B 580 -31.09 -1.96 -36.84
CA LEU B 580 -31.95 -1.43 -37.89
C LEU B 580 -31.09 -0.72 -38.90
N PRO B 581 -31.65 -0.40 -40.07
CA PRO B 581 -30.86 0.21 -41.14
C PRO B 581 -30.26 1.55 -40.71
N PRO B 582 -29.19 1.99 -41.36
CA PRO B 582 -28.57 3.26 -40.96
C PRO B 582 -29.54 4.43 -41.03
N ASN B 583 -29.34 5.39 -40.14
CA ASN B 583 -30.17 6.60 -40.06
C ASN B 583 -31.62 6.24 -39.80
N ALA B 584 -31.84 5.45 -38.76
CA ALA B 584 -33.18 5.08 -38.31
C ALA B 584 -33.46 5.71 -36.96
N THR B 585 -34.70 6.13 -36.75
CA THR B 585 -35.06 6.85 -35.56
C THR B 585 -35.38 5.91 -34.40
N LEU B 586 -35.58 6.51 -33.22
CA LEU B 586 -35.98 5.75 -32.04
C LEU B 586 -37.36 5.16 -32.19
N ASP B 587 -38.22 5.77 -33.02
CA ASP B 587 -39.56 5.23 -33.22
C ASP B 587 -39.51 3.86 -33.85
N ARG B 588 -38.72 3.72 -34.92
CA ARG B 588 -38.60 2.44 -35.59
C ARG B 588 -38.01 1.37 -34.68
N THR B 589 -36.95 1.73 -33.95
CA THR B 589 -36.35 0.77 -33.04
C THR B 589 -37.37 0.33 -32.00
N GLY B 590 -38.14 1.27 -31.47
CA GLY B 590 -39.16 0.91 -30.51
C GLY B 590 -40.19 -0.04 -31.07
N LYS B 591 -40.61 0.21 -32.31
CA LYS B 591 -41.62 -0.65 -32.92
C LYS B 591 -41.10 -2.08 -33.08
N VAL B 592 -39.85 -2.20 -33.52
CA VAL B 592 -39.22 -3.51 -33.65
C VAL B 592 -39.12 -4.19 -32.28
N ILE B 593 -38.68 -3.45 -31.27
CA ILE B 593 -38.53 -4.04 -29.95
C ILE B 593 -39.88 -4.43 -29.38
N ASP B 594 -40.94 -3.71 -29.75
CA ASP B 594 -42.27 -4.12 -29.34
C ASP B 594 -42.64 -5.46 -29.95
N THR B 595 -42.35 -5.64 -31.23
CA THR B 595 -42.65 -6.94 -31.84
C THR B 595 -41.88 -8.05 -31.13
N MET B 596 -40.59 -7.81 -30.87
CA MET B 596 -39.77 -8.78 -30.14
C MET B 596 -40.37 -9.12 -28.78
N THR B 597 -40.67 -8.09 -27.99
CA THR B 597 -41.14 -8.30 -26.64
C THR B 597 -42.46 -9.04 -26.63
N ASN B 598 -43.35 -8.71 -27.57
CA ASN B 598 -44.58 -9.48 -27.71
C ASN B 598 -44.27 -10.94 -27.94
N PHE B 599 -43.41 -11.23 -28.92
CA PHE B 599 -43.10 -12.61 -29.26
C PHE B 599 -42.57 -13.38 -28.04
N PHE B 600 -41.62 -12.78 -27.32
CA PHE B 600 -40.98 -13.50 -26.22
C PHE B 600 -41.93 -13.68 -25.06
N MET B 601 -42.71 -12.66 -24.73
CA MET B 601 -43.67 -12.82 -23.67
C MET B 601 -44.75 -13.84 -24.02
N ASN B 602 -44.98 -14.08 -25.32
CA ASN B 602 -46.06 -14.98 -25.69
C ASN B 602 -45.83 -16.39 -25.20
N GLU B 603 -44.59 -16.88 -25.30
CA GLU B 603 -44.29 -18.28 -24.96
C GLU B 603 -44.08 -18.42 -23.47
N LYS B 604 -45.19 -18.58 -22.75
CA LYS B 604 -45.20 -18.65 -21.30
C LYS B 604 -44.47 -19.79 -20.68
N ASP B 605 -44.29 -20.88 -21.40
CA ASP B 605 -43.59 -22.00 -20.83
C ASP B 605 -42.15 -21.76 -20.48
N THR B 606 -41.40 -21.12 -21.35
CA THR B 606 -40.00 -20.84 -21.06
C THR B 606 -39.69 -19.47 -20.47
N VAL B 607 -40.54 -18.49 -20.74
CA VAL B 607 -40.24 -17.13 -20.42
C VAL B 607 -40.85 -16.57 -19.16
N GLU B 608 -40.04 -15.95 -18.31
CA GLU B 608 -40.56 -15.36 -17.13
C GLU B 608 -40.88 -13.88 -17.35
N SER B 609 -39.95 -13.13 -17.98
CA SER B 609 -40.06 -11.69 -18.11
C SER B 609 -39.12 -11.25 -19.23
N ILE B 610 -39.06 -9.93 -19.44
CA ILE B 610 -38.09 -9.35 -20.36
C ILE B 610 -37.91 -7.88 -20.00
N PHE B 611 -36.67 -7.36 -20.09
CA PHE B 611 -36.35 -5.96 -19.88
C PHE B 611 -35.73 -5.44 -21.19
N THR B 612 -36.19 -4.31 -21.73
CA THR B 612 -35.75 -3.76 -23.00
C THR B 612 -35.27 -2.33 -22.85
N VAL B 613 -34.41 -1.89 -23.77
CA VAL B 613 -33.87 -0.53 -23.89
C VAL B 613 -33.86 -0.32 -25.41
N SER B 614 -34.10 0.90 -25.89
CA SER B 614 -34.25 1.19 -27.31
C SER B 614 -33.12 2.02 -27.90
N GLY B 615 -32.33 2.70 -27.10
CA GLY B 615 -31.24 3.48 -27.64
C GLY B 615 -29.87 2.93 -27.31
N PHE B 616 -29.80 1.68 -26.93
CA PHE B 616 -28.57 1.15 -26.43
C PHE B 616 -28.11 -0.15 -27.06
N SER B 617 -26.84 -0.34 -27.22
CA SER B 617 -26.25 -1.52 -27.81
C SER B 617 -24.80 -1.57 -27.34
N PHE B 618 -24.28 -2.77 -27.13
CA PHE B 618 -22.93 -2.89 -26.67
C PHE B 618 -21.99 -2.38 -27.74
N THR B 619 -22.40 -2.50 -29.00
CA THR B 619 -21.57 -2.01 -30.07
C THR B 619 -21.52 -0.50 -29.97
N GLY B 620 -22.67 0.16 -30.06
CA GLY B 620 -22.72 1.61 -29.99
C GLY B 620 -24.01 2.11 -29.41
N VAL B 621 -24.01 3.34 -28.99
CA VAL B 621 -25.14 3.93 -28.34
C VAL B 621 -26.12 4.76 -29.16
N GLY B 622 -26.28 4.53 -30.51
CA GLY B 622 -27.13 5.20 -31.48
C GLY B 622 -28.58 4.82 -31.33
N GLN B 623 -29.39 5.36 -32.23
CA GLN B 623 -30.81 5.08 -32.26
C GLN B 623 -31.14 3.84 -33.07
N ASN B 624 -30.13 3.22 -33.69
CA ASN B 624 -30.34 2.11 -34.60
C ASN B 624 -30.61 0.79 -33.91
N ALA B 625 -30.35 0.69 -32.61
CA ALA B 625 -30.23 -0.62 -31.99
C ALA B 625 -30.94 -0.65 -30.64
N GLY B 626 -30.85 -1.79 -29.99
CA GLY B 626 -31.47 -2.00 -28.70
C GLY B 626 -31.13 -3.39 -28.21
N ILE B 627 -31.49 -3.64 -26.96
CA ILE B 627 -31.19 -4.91 -26.32
C ILE B 627 -32.39 -5.33 -25.47
N GLY B 628 -32.68 -6.62 -25.50
CA GLY B 628 -33.66 -7.21 -24.59
C GLY B 628 -32.98 -8.24 -23.71
N PHE B 629 -33.39 -8.45 -22.42
CA PHE B 629 -32.83 -9.36 -21.46
C PHE B 629 -34.01 -10.19 -20.99
N VAL B 630 -34.17 -11.38 -21.55
CA VAL B 630 -35.22 -12.32 -21.21
C VAL B 630 -34.78 -13.15 -20.00
N LYS B 631 -35.66 -13.23 -18.99
CA LYS B 631 -35.43 -14.04 -17.81
C LYS B 631 -36.33 -15.24 -18.03
N LEU B 632 -35.83 -16.46 -17.78
CA LEU B 632 -36.54 -17.71 -17.99
C LEU B 632 -37.03 -18.22 -16.66
N LYS B 633 -37.96 -19.16 -16.67
CA LYS B 633 -38.54 -19.73 -15.46
C LYS B 633 -37.55 -20.63 -14.72
N ASP B 634 -37.80 -20.92 -13.45
CA ASP B 634 -36.90 -21.76 -12.65
C ASP B 634 -36.64 -23.09 -13.34
N TRP B 635 -35.38 -23.56 -13.38
CA TRP B 635 -35.02 -24.78 -14.10
C TRP B 635 -35.86 -25.97 -13.73
N SER B 636 -36.38 -26.04 -12.50
CA SER B 636 -37.27 -27.12 -12.13
C SER B 636 -38.54 -27.09 -12.94
N LYS B 637 -39.04 -25.91 -13.30
CA LYS B 637 -40.27 -25.74 -14.05
C LYS B 637 -40.13 -25.84 -15.56
N ARG B 638 -38.96 -26.14 -16.08
CA ARG B 638 -38.81 -26.27 -17.51
C ARG B 638 -37.89 -27.44 -17.82
N THR B 639 -38.45 -28.63 -18.04
CA THR B 639 -37.67 -29.84 -18.24
C THR B 639 -37.89 -30.51 -19.58
N THR B 640 -38.98 -30.22 -20.28
CA THR B 640 -39.20 -30.79 -21.60
C THR B 640 -38.20 -30.20 -22.60
N PRO B 641 -37.93 -30.90 -23.69
CA PRO B 641 -36.97 -30.35 -24.65
C PRO B 641 -37.40 -29.01 -25.23
N GLU B 642 -38.71 -28.81 -25.41
CA GLU B 642 -39.20 -27.56 -25.98
C GLU B 642 -38.88 -26.38 -25.08
N THR B 643 -38.69 -26.61 -23.79
CA THR B 643 -38.46 -25.54 -22.83
C THR B 643 -37.00 -25.42 -22.45
N GLN B 644 -36.11 -25.85 -23.32
CA GLN B 644 -34.68 -25.67 -23.10
C GLN B 644 -34.21 -24.42 -23.81
N ILE B 645 -33.11 -23.86 -23.31
CA ILE B 645 -32.70 -22.54 -23.74
C ILE B 645 -32.46 -22.52 -25.26
N GLY B 646 -31.84 -23.55 -25.79
CA GLY B 646 -31.49 -23.56 -27.21
C GLY B 646 -32.69 -23.62 -28.12
N SER B 647 -33.72 -24.36 -27.73
CA SER B 647 -34.96 -24.34 -28.50
C SER B 647 -35.52 -22.92 -28.55
N LEU B 648 -35.41 -22.22 -27.43
CA LEU B 648 -35.82 -20.82 -27.37
C LEU B 648 -35.01 -19.98 -28.34
N ILE B 649 -33.71 -20.24 -28.44
CA ILE B 649 -32.91 -19.47 -29.37
C ILE B 649 -33.35 -19.74 -30.81
N GLN B 650 -33.66 -20.99 -31.13
CA GLN B 650 -34.07 -21.28 -32.50
C GLN B 650 -35.36 -20.55 -32.86
N ARG B 651 -36.33 -20.57 -31.95
CA ARG B 651 -37.56 -19.83 -32.22
C ARG B 651 -37.30 -18.33 -32.29
N GLY B 652 -36.35 -17.82 -31.50
CA GLY B 652 -35.99 -16.41 -31.60
C GLY B 652 -35.34 -16.07 -32.92
N MET B 653 -34.59 -17.00 -33.48
CA MET B 653 -34.06 -16.81 -34.82
C MET B 653 -35.21 -16.73 -35.83
N ALA B 654 -36.22 -17.55 -35.65
CA ALA B 654 -37.41 -17.40 -36.49
C ALA B 654 -37.98 -15.99 -36.34
N LEU B 655 -38.02 -15.48 -35.10
CA LEU B 655 -38.42 -14.09 -34.90
C LEU B 655 -37.60 -13.16 -35.75
N ASN B 656 -36.28 -13.35 -35.77
CA ASN B 656 -35.42 -12.54 -36.63
C ASN B 656 -35.80 -12.68 -38.09
N MET B 657 -36.32 -13.83 -38.48
CA MET B 657 -36.74 -14.02 -39.86
C MET B 657 -38.00 -13.21 -40.18
N ILE B 658 -38.99 -13.23 -39.28
CA ILE B 658 -40.31 -12.69 -39.63
C ILE B 658 -40.27 -11.18 -39.80
N ILE B 659 -39.63 -10.47 -38.86
CA ILE B 659 -39.66 -9.02 -38.89
C ILE B 659 -38.82 -8.51 -40.06
N LYS B 660 -39.38 -7.57 -40.82
CA LYS B 660 -38.74 -7.09 -42.04
C LYS B 660 -37.98 -5.79 -41.84
N ASP B 661 -38.53 -4.85 -41.06
CA ASP B 661 -37.86 -3.56 -40.91
C ASP B 661 -36.48 -3.70 -40.28
N ALA B 662 -36.38 -4.54 -39.24
CA ALA B 662 -35.12 -4.66 -38.52
C ALA B 662 -34.07 -5.33 -39.39
N SER B 663 -32.88 -4.74 -39.44
CA SER B 663 -31.83 -5.33 -40.26
C SER B 663 -31.45 -6.72 -39.76
N TYR B 664 -31.35 -6.89 -38.45
CA TYR B 664 -31.18 -8.23 -37.88
C TYR B 664 -31.55 -8.18 -36.41
N VAL B 665 -32.06 -9.31 -35.90
CA VAL B 665 -32.22 -9.54 -34.48
C VAL B 665 -31.49 -10.82 -34.14
N MET B 666 -30.62 -10.77 -33.14
CA MET B 666 -29.80 -11.92 -32.76
C MET B 666 -30.05 -12.30 -31.31
N PRO B 667 -30.63 -13.47 -31.04
CA PRO B 667 -30.70 -13.95 -29.64
C PRO B 667 -29.44 -14.67 -29.21
N LEU B 668 -28.90 -14.31 -28.06
CA LEU B 668 -27.64 -14.84 -27.57
C LEU B 668 -27.83 -15.40 -26.17
N GLN B 669 -27.31 -16.59 -25.94
CA GLN B 669 -27.14 -17.10 -24.59
C GLN B 669 -25.89 -16.47 -24.00
N LEU B 670 -26.03 -15.74 -22.90
CA LEU B 670 -24.90 -15.07 -22.32
C LEU B 670 -23.80 -16.02 -21.91
N PRO B 671 -22.56 -15.54 -22.10
CA PRO B 671 -21.47 -16.45 -21.73
C PRO B 671 -21.41 -16.66 -20.23
N ALA B 672 -20.96 -17.86 -19.85
CA ALA B 672 -20.78 -18.17 -18.44
C ALA B 672 -19.63 -17.36 -17.88
N MET B 673 -19.63 -17.19 -16.55
CA MET B 673 -18.62 -16.41 -15.84
C MET B 673 -18.45 -15.06 -16.51
N PRO B 674 -19.51 -14.21 -16.52
CA PRO B 674 -19.43 -12.90 -17.18
C PRO B 674 -18.42 -11.85 -16.61
N GLU B 675 -18.31 -10.73 -17.34
CA GLU B 675 -17.41 -9.56 -17.16
C GLU B 675 -16.05 -9.77 -17.84
N LEU B 676 -15.93 -10.83 -18.64
CA LEU B 676 -14.75 -11.08 -19.43
C LEU B 676 -15.27 -10.60 -20.77
N GLY B 677 -14.58 -9.67 -21.43
CA GLY B 677 -15.13 -9.13 -22.66
C GLY B 677 -15.37 -10.04 -23.84
N VAL B 678 -14.40 -10.87 -24.21
CA VAL B 678 -14.61 -11.79 -25.34
C VAL B 678 -13.96 -13.14 -25.05
N THR B 679 -14.70 -14.24 -25.18
CA THR B 679 -14.09 -15.56 -24.96
C THR B 679 -14.17 -16.58 -26.11
N ALA B 680 -14.89 -16.27 -27.18
CA ALA B 680 -15.10 -17.24 -28.24
C ALA B 680 -13.84 -17.47 -29.07
N GLY B 681 -13.20 -16.40 -29.55
CA GLY B 681 -12.14 -16.56 -30.52
C GLY B 681 -11.12 -15.44 -30.50
N PHE B 682 -10.35 -15.29 -31.58
CA PHE B 682 -9.26 -14.32 -31.55
C PHE B 682 -9.79 -12.89 -31.59
N ASN B 683 -8.96 -11.98 -31.13
CA ASN B 683 -9.34 -10.61 -30.85
C ASN B 683 -8.22 -9.69 -31.34
N LEU B 684 -8.49 -8.91 -32.36
CA LEU B 684 -7.44 -8.22 -33.09
C LEU B 684 -7.72 -6.74 -33.26
N GLN B 685 -6.66 -5.95 -33.13
CA GLN B 685 -6.69 -4.51 -33.36
C GLN B 685 -5.82 -4.16 -34.55
N LEU B 686 -6.40 -3.48 -35.53
CA LEU B 686 -5.69 -3.05 -36.73
C LEU B 686 -5.39 -1.56 -36.61
N LYS B 687 -4.11 -1.22 -36.48
CA LYS B 687 -3.71 0.12 -36.08
C LYS B 687 -3.24 0.91 -37.30
N ASP B 688 -3.85 2.08 -37.49
CA ASP B 688 -3.41 3.00 -38.54
C ASP B 688 -2.22 3.80 -38.01
N SER B 689 -1.07 3.13 -37.94
CA SER B 689 0.11 3.73 -37.35
C SER B 689 0.72 4.70 -38.34
N SER B 690 -0.09 5.63 -38.79
CA SER B 690 0.27 6.67 -39.76
C SER B 690 -0.85 7.69 -39.70
N GLY B 691 -0.90 8.58 -40.68
CA GLY B 691 -2.02 9.48 -40.80
C GLY B 691 -2.86 9.12 -42.01
N GLN B 692 -2.96 7.82 -42.31
CA GLN B 692 -3.60 7.42 -43.55
C GLN B 692 -5.07 7.83 -43.59
N GLY B 693 -5.77 7.67 -42.47
CA GLY B 693 -7.13 8.16 -42.34
C GLY B 693 -8.12 7.03 -42.12
N HIS B 694 -9.41 7.38 -41.97
CA HIS B 694 -10.43 6.45 -41.74
C HIS B 694 -10.72 5.75 -43.02
N GLU B 695 -10.71 6.46 -44.14
CA GLU B 695 -11.00 5.83 -45.41
C GLU B 695 -10.02 4.72 -45.69
N LYS B 696 -8.73 5.01 -45.54
CA LYS B 696 -7.70 4.01 -45.77
C LYS B 696 -7.79 2.88 -44.76
N LEU B 697 -8.12 3.20 -43.51
CA LEU B 697 -8.19 2.16 -42.50
C LEU B 697 -9.30 1.16 -42.81
N ILE B 698 -10.49 1.67 -43.14
CA ILE B 698 -11.56 0.76 -43.51
C ILE B 698 -11.23 0.02 -44.78
N ALA B 699 -10.51 0.64 -45.72
CA ALA B 699 -10.09 -0.07 -46.92
C ALA B 699 -9.21 -1.27 -46.58
N ALA B 700 -8.21 -1.04 -45.73
CA ALA B 700 -7.32 -2.13 -45.31
C ALA B 700 -8.08 -3.22 -44.58
N ARG B 701 -8.99 -2.82 -43.70
CA ARG B 701 -9.79 -3.79 -42.98
C ARG B 701 -10.60 -4.63 -43.94
N ASN B 702 -11.17 -3.98 -44.96
CA ASN B 702 -12.00 -4.70 -45.92
C ASN B 702 -11.18 -5.71 -46.71
N THR B 703 -9.96 -5.32 -47.11
CA THR B 703 -9.06 -6.30 -47.71
C THR B 703 -8.88 -7.51 -46.79
N ILE B 704 -8.52 -7.26 -45.54
CA ILE B 704 -8.23 -8.36 -44.62
C ILE B 704 -9.45 -9.26 -44.46
N LEU B 705 -10.61 -8.64 -44.26
CA LEU B 705 -11.84 -9.39 -44.05
C LEU B 705 -12.15 -10.27 -45.25
N GLY B 706 -12.04 -9.70 -46.45
CA GLY B 706 -12.30 -10.50 -47.64
C GLY B 706 -11.37 -11.68 -47.75
N LEU B 707 -10.07 -11.44 -47.58
CA LEU B 707 -9.13 -12.54 -47.70
C LEU B 707 -9.41 -13.62 -46.67
N ALA B 708 -9.71 -13.22 -45.43
CA ALA B 708 -9.99 -14.20 -44.39
C ALA B 708 -11.26 -14.97 -44.68
N SER B 709 -12.17 -14.38 -45.44
CA SER B 709 -13.36 -15.14 -45.84
C SER B 709 -12.97 -16.38 -46.62
N GLN B 710 -11.91 -16.29 -47.43
CA GLN B 710 -11.52 -17.42 -48.26
C GLN B 710 -10.73 -18.47 -47.49
N ASP B 711 -9.93 -18.08 -46.50
CA ASP B 711 -9.08 -19.05 -45.82
C ASP B 711 -9.91 -20.13 -45.15
N LYS B 712 -9.61 -21.38 -45.46
CA LYS B 712 -10.40 -22.50 -44.98
C LYS B 712 -10.36 -22.60 -43.46
N ARG B 713 -9.22 -22.27 -42.86
CA ARG B 713 -9.01 -22.51 -41.44
C ARG B 713 -9.67 -21.48 -40.54
N LEU B 714 -10.06 -20.33 -41.06
CA LEU B 714 -10.70 -19.28 -40.28
C LEU B 714 -12.21 -19.29 -40.51
N VAL B 715 -12.97 -19.02 -39.46
CA VAL B 715 -14.42 -19.04 -39.52
C VAL B 715 -14.98 -17.81 -38.81
N GLY B 716 -15.99 -17.20 -39.40
CA GLY B 716 -16.71 -16.12 -38.74
C GLY B 716 -15.86 -14.92 -38.38
N VAL B 717 -15.07 -14.43 -39.33
CA VAL B 717 -14.24 -13.26 -39.11
C VAL B 717 -15.00 -12.03 -39.59
N ARG B 718 -15.11 -11.04 -38.72
CA ARG B 718 -16.00 -9.91 -38.94
C ARG B 718 -15.50 -8.72 -38.14
N PRO B 719 -15.95 -7.51 -38.46
CA PRO B 719 -15.66 -6.37 -37.61
C PRO B 719 -16.49 -6.37 -36.33
N ASN B 720 -16.07 -5.54 -35.40
CA ASN B 720 -16.75 -5.40 -34.15
C ASN B 720 -16.79 -3.91 -33.87
N GLY B 721 -17.73 -3.23 -34.49
CA GLY B 721 -17.91 -1.80 -34.37
C GLY B 721 -18.98 -1.35 -35.35
N GLN B 722 -19.04 -0.07 -35.67
CA GLN B 722 -20.09 0.44 -36.55
C GLN B 722 -19.54 0.94 -37.85
N GLU B 723 -20.32 0.85 -38.94
CA GLU B 723 -19.86 1.25 -40.27
C GLU B 723 -20.35 2.67 -40.56
N ASP B 724 -19.68 3.38 -41.47
CA ASP B 724 -20.01 4.77 -41.77
C ASP B 724 -21.38 4.97 -42.37
N THR B 725 -22.04 6.06 -41.98
CA THR B 725 -23.39 6.33 -42.38
C THR B 725 -23.50 7.75 -42.93
N PRO B 726 -24.55 8.01 -43.78
CA PRO B 726 -24.70 9.35 -44.32
C PRO B 726 -24.78 10.39 -43.21
N GLN B 727 -24.30 11.58 -43.49
CA GLN B 727 -24.24 12.68 -42.57
C GLN B 727 -24.50 13.93 -43.36
N TYR B 728 -24.89 14.98 -42.66
CA TYR B 728 -25.24 16.25 -43.28
C TYR B 728 -24.23 17.32 -42.88
N GLN B 729 -23.69 18.03 -43.86
CA GLN B 729 -22.72 19.09 -43.63
C GLN B 729 -23.34 20.44 -43.94
N ILE B 730 -23.12 21.41 -43.06
CA ILE B 730 -23.55 22.78 -43.27
C ILE B 730 -22.39 23.56 -43.86
N ASN B 731 -22.66 24.30 -44.93
CA ASN B 731 -21.64 25.08 -45.61
C ASN B 731 -22.11 26.52 -45.63
N VAL B 732 -21.38 27.38 -44.91
CA VAL B 732 -21.76 28.78 -44.75
C VAL B 732 -20.73 29.63 -45.47
N ASP B 733 -21.19 30.38 -46.45
CA ASP B 733 -20.31 31.32 -47.15
C ASP B 733 -19.94 32.44 -46.19
N GLN B 734 -18.70 32.43 -45.71
CA GLN B 734 -18.24 33.54 -44.88
C GLN B 734 -18.50 34.86 -45.59
N ALA B 735 -18.24 34.89 -46.90
CA ALA B 735 -18.39 36.09 -47.70
C ALA B 735 -19.78 36.70 -47.68
N GLN B 736 -20.80 35.90 -47.80
CA GLN B 736 -22.15 36.40 -47.83
C GLN B 736 -22.49 36.93 -46.47
N ALA B 737 -22.07 36.20 -45.44
CA ALA B 737 -22.32 36.59 -44.08
C ALA B 737 -21.70 37.95 -43.80
N GLY B 738 -20.47 38.17 -44.27
CA GLY B 738 -19.79 39.45 -44.10
C GLY B 738 -20.54 40.53 -44.85
N ALA B 739 -20.99 40.18 -46.05
CA ALA B 739 -21.77 41.05 -46.92
C ALA B 739 -23.10 41.42 -46.29
N MET B 740 -23.68 40.45 -45.60
CA MET B 740 -24.95 40.57 -44.92
C MET B 740 -24.85 41.04 -43.47
N GLY B 741 -23.67 41.42 -43.00
CA GLY B 741 -23.51 41.94 -41.65
C GLY B 741 -23.65 40.99 -40.49
N VAL B 742 -23.33 39.73 -40.69
CA VAL B 742 -23.45 38.80 -39.61
C VAL B 742 -22.07 38.23 -39.35
N SER B 743 -21.64 38.18 -38.10
CA SER B 743 -20.35 37.59 -37.79
C SER B 743 -20.45 36.07 -37.82
N ILE B 744 -19.33 35.43 -38.13
CA ILE B 744 -19.30 33.97 -38.15
C ILE B 744 -19.54 33.43 -36.75
N ALA B 745 -19.12 34.17 -35.73
CA ALA B 745 -19.33 33.72 -34.35
C ALA B 745 -20.82 33.70 -34.00
N GLU B 746 -21.56 34.72 -34.41
CA GLU B 746 -22.99 34.73 -34.15
C GLU B 746 -23.67 33.54 -34.79
N ILE B 747 -23.32 33.25 -36.04
CA ILE B 747 -23.88 32.11 -36.76
C ILE B 747 -23.59 30.83 -36.00
N ASN B 748 -22.33 30.64 -35.59
CA ASN B 748 -21.97 29.44 -34.86
C ASN B 748 -22.81 29.29 -33.60
N ASN B 749 -22.92 30.35 -32.80
CA ASN B 749 -23.65 30.24 -31.54
C ASN B 749 -25.12 29.95 -31.78
N THR B 750 -25.72 30.59 -32.77
CA THR B 750 -27.14 30.35 -33.06
C THR B 750 -27.34 28.90 -33.38
N MET B 751 -26.55 28.34 -34.28
CA MET B 751 -26.72 26.92 -34.60
C MET B 751 -26.50 26.07 -33.36
N ARG B 752 -25.46 26.39 -32.59
CA ARG B 752 -25.10 25.56 -31.45
C ARG B 752 -26.26 25.43 -30.48
N ILE B 753 -26.85 26.56 -30.09
CA ILE B 753 -27.97 26.52 -29.15
C ILE B 753 -29.21 25.94 -29.80
N ALA B 754 -29.49 26.31 -31.05
CA ALA B 754 -30.76 25.95 -31.66
C ALA B 754 -30.85 24.45 -31.92
N TRP B 755 -29.84 23.97 -32.57
CA TRP B 755 -29.80 22.61 -32.95
C TRP B 755 -29.21 21.71 -31.95
N GLY B 756 -28.02 21.96 -31.26
CA GLY B 756 -27.33 21.07 -30.35
C GLY B 756 -27.96 21.00 -28.98
N GLY B 757 -28.65 22.05 -28.55
CA GLY B 757 -29.03 22.20 -27.16
C GLY B 757 -27.91 22.81 -26.36
N SER B 758 -28.13 23.11 -25.05
CA SER B 758 -27.13 23.69 -24.19
C SER B 758 -27.59 23.59 -22.76
N TYR B 759 -26.68 23.38 -21.82
CA TYR B 759 -26.99 23.33 -20.41
C TYR B 759 -26.72 24.73 -19.91
N ILE B 760 -27.66 25.39 -19.24
CA ILE B 760 -27.39 26.73 -18.79
C ILE B 760 -26.96 26.77 -17.32
N ASN B 761 -27.81 26.36 -16.40
CA ASN B 761 -27.49 26.35 -14.97
C ASN B 761 -28.46 25.42 -14.25
N ASP B 762 -28.49 25.43 -12.94
CA ASP B 762 -29.38 24.55 -12.22
C ASP B 762 -30.41 25.31 -11.47
N PHE B 763 -31.47 24.61 -11.14
CA PHE B 763 -32.55 25.11 -10.32
C PHE B 763 -32.83 24.00 -9.28
N VAL B 764 -33.42 24.33 -8.16
CA VAL B 764 -33.65 23.31 -7.15
C VAL B 764 -35.10 22.92 -7.10
N ASP B 765 -35.46 21.78 -7.69
CA ASP B 765 -36.83 21.32 -7.71
C ASP B 765 -37.07 20.34 -6.57
N ARG B 766 -37.91 20.70 -5.62
CA ARG B 766 -38.23 19.86 -4.48
C ARG B 766 -37.02 19.39 -3.68
N GLY B 767 -36.08 20.30 -3.49
CA GLY B 767 -34.91 19.99 -2.70
C GLY B 767 -33.83 19.17 -3.34
N ARG B 768 -33.87 19.02 -4.67
CA ARG B 768 -32.84 18.28 -5.38
C ARG B 768 -32.39 19.14 -6.52
N VAL B 769 -31.13 19.01 -6.92
CA VAL B 769 -30.61 19.86 -7.99
C VAL B 769 -30.75 19.20 -9.34
N LYS B 770 -31.36 19.89 -10.32
CA LYS B 770 -31.55 19.40 -11.66
C LYS B 770 -31.12 20.50 -12.62
N LYS B 771 -30.80 20.15 -13.85
CA LYS B 771 -30.33 21.09 -14.85
C LYS B 771 -31.39 21.79 -15.70
N VAL B 772 -31.04 22.92 -16.28
CA VAL B 772 -31.91 23.71 -17.11
C VAL B 772 -31.30 23.62 -18.50
N TYR B 773 -32.09 23.34 -19.53
CA TYR B 773 -31.60 23.18 -20.90
C TYR B 773 -32.32 24.05 -21.92
N VAL B 774 -31.60 24.55 -22.92
CA VAL B 774 -32.21 25.34 -23.97
C VAL B 774 -31.92 24.69 -25.29
N GLN B 775 -32.92 24.53 -26.14
CA GLN B 775 -32.76 23.97 -27.47
C GLN B 775 -33.94 24.42 -28.30
N GLY B 776 -33.77 24.38 -29.62
CA GLY B 776 -34.90 24.59 -30.50
C GLY B 776 -35.96 23.52 -30.29
N ASP B 777 -37.16 23.82 -30.73
CA ASP B 777 -38.23 22.85 -30.61
C ASP B 777 -38.08 21.79 -31.71
N ALA B 778 -38.63 20.61 -31.44
CA ALA B 778 -38.42 19.46 -32.31
C ALA B 778 -38.73 19.81 -33.75
N GLY B 779 -39.91 20.37 -33.96
CA GLY B 779 -40.38 20.76 -35.27
C GLY B 779 -39.47 21.66 -36.06
N SER B 780 -38.64 22.44 -35.38
CA SER B 780 -37.70 23.32 -36.01
C SER B 780 -36.37 22.69 -36.34
N ARG B 781 -36.15 21.43 -36.02
CA ARG B 781 -34.88 20.81 -36.33
C ARG B 781 -34.95 19.40 -36.84
N MET B 782 -35.94 19.07 -37.65
CA MET B 782 -36.03 17.73 -38.19
C MET B 782 -35.37 17.48 -39.53
N MET B 783 -35.37 18.47 -40.41
CA MET B 783 -34.83 18.22 -41.72
C MET B 783 -33.91 19.34 -42.13
N PRO B 784 -33.15 19.16 -43.21
CA PRO B 784 -32.25 20.22 -43.64
C PRO B 784 -32.92 21.56 -43.93
N GLU B 785 -34.11 21.55 -44.50
CA GLU B 785 -34.82 22.79 -44.76
C GLU B 785 -35.16 23.53 -43.48
N ASP B 786 -35.44 22.80 -42.42
CA ASP B 786 -35.82 23.39 -41.14
C ASP B 786 -34.86 24.45 -40.64
N LEU B 787 -33.60 24.38 -41.04
CA LEU B 787 -32.54 25.32 -40.72
C LEU B 787 -32.86 26.70 -41.25
N ASN B 788 -33.56 26.71 -42.37
CA ASN B 788 -33.96 27.93 -43.01
C ASN B 788 -34.90 28.78 -42.22
N LYS B 789 -35.61 28.19 -41.27
CA LYS B 789 -36.49 28.90 -40.37
C LYS B 789 -35.74 29.84 -39.44
N TRP B 790 -34.55 29.49 -39.01
CA TRP B 790 -33.75 30.31 -38.09
C TRP B 790 -33.16 31.61 -38.67
N TYR B 791 -33.01 32.63 -37.84
CA TYR B 791 -32.52 33.95 -38.29
C TYR B 791 -31.42 34.48 -37.39
N VAL B 792 -30.58 35.38 -37.88
CA VAL B 792 -29.51 35.93 -37.07
C VAL B 792 -29.58 37.45 -37.07
N ARG B 793 -28.91 38.08 -36.14
CA ARG B 793 -28.92 39.52 -36.09
C ARG B 793 -27.72 40.13 -36.84
N ASN B 794 -27.97 41.19 -37.60
CA ASN B 794 -27.02 41.94 -38.37
C ASN B 794 -26.32 42.95 -37.48
N ASN B 795 -25.30 43.64 -37.99
CA ASN B 795 -24.68 44.71 -37.21
C ASN B 795 -25.71 45.81 -36.92
N LYS B 796 -26.51 46.15 -37.93
CA LYS B 796 -27.57 47.14 -37.86
C LYS B 796 -28.70 46.77 -36.91
N GLY B 797 -28.95 45.48 -36.79
CA GLY B 797 -30.05 44.97 -35.99
C GLY B 797 -31.06 44.15 -36.78
N GLU B 798 -30.92 44.10 -38.09
CA GLU B 798 -31.85 43.40 -38.94
C GLU B 798 -31.73 41.90 -38.74
N MET B 799 -32.85 41.17 -38.87
CA MET B 799 -32.89 39.74 -38.74
C MET B 799 -32.69 39.16 -40.13
N VAL B 800 -31.60 38.44 -40.38
CA VAL B 800 -31.44 37.88 -41.71
C VAL B 800 -31.45 36.38 -41.61
N PRO B 801 -32.11 35.70 -42.55
CA PRO B 801 -32.23 34.24 -42.50
C PRO B 801 -31.07 33.40 -42.98
N PHE B 802 -30.89 32.22 -42.40
CA PHE B 802 -29.82 31.32 -42.79
C PHE B 802 -29.80 31.05 -44.29
N SER B 803 -30.96 31.00 -44.94
CA SER B 803 -30.99 30.73 -46.37
C SER B 803 -30.18 31.75 -47.16
N ALA B 804 -30.09 32.97 -46.69
CA ALA B 804 -29.33 34.00 -47.35
C ALA B 804 -27.81 33.85 -47.31
N PHE B 805 -27.28 32.97 -46.50
CA PHE B 805 -25.84 32.76 -46.44
C PHE B 805 -25.37 31.35 -46.08
N ALA B 806 -26.21 30.32 -46.27
CA ALA B 806 -25.88 28.96 -45.86
C ALA B 806 -26.47 27.93 -46.82
N THR B 807 -25.83 26.77 -46.86
CA THR B 807 -26.17 25.66 -47.75
C THR B 807 -25.97 24.35 -46.98
N GLY B 808 -26.12 23.23 -47.68
CA GLY B 808 -25.83 21.93 -47.07
C GLY B 808 -25.70 20.86 -48.12
N GLU B 809 -25.02 19.77 -47.75
CA GLU B 809 -24.86 18.62 -48.61
C GLU B 809 -24.88 17.36 -47.76
N TRP B 810 -24.96 16.22 -48.43
CA TRP B 810 -24.94 14.91 -47.76
C TRP B 810 -23.56 14.29 -47.92
N THR B 811 -23.03 13.76 -46.82
CA THR B 811 -21.70 13.13 -46.81
C THR B 811 -21.79 11.87 -45.94
N TYR B 812 -20.64 11.35 -45.56
CA TYR B 812 -20.53 10.13 -44.80
C TYR B 812 -19.57 10.32 -43.63
N GLY B 813 -19.71 9.48 -42.61
CA GLY B 813 -18.83 9.56 -41.47
C GLY B 813 -19.09 8.46 -40.48
N SER B 814 -18.20 8.31 -39.51
CA SER B 814 -18.35 7.24 -38.54
C SER B 814 -19.26 7.56 -37.36
N PRO B 815 -20.19 6.67 -37.01
CA PRO B 815 -20.96 7.02 -35.81
C PRO B 815 -20.12 6.83 -34.54
N ARG B 816 -19.13 5.95 -34.60
CA ARG B 816 -18.21 5.69 -33.53
C ARG B 816 -16.82 5.63 -34.12
N LEU B 817 -15.80 6.06 -33.38
CA LEU B 817 -14.41 6.01 -33.86
C LEU B 817 -13.61 5.34 -32.78
N GLU B 818 -12.70 4.43 -33.11
CA GLU B 818 -11.97 3.75 -32.05
C GLU B 818 -10.48 3.98 -32.05
N ARG B 819 -9.87 3.87 -30.89
CA ARG B 819 -8.45 4.06 -30.77
C ARG B 819 -7.79 3.01 -29.92
N TYR B 820 -6.54 2.68 -30.18
CA TYR B 820 -5.84 1.67 -29.40
C TYR B 820 -4.36 2.02 -29.27
N ASN B 821 -3.86 2.31 -28.06
CA ASN B 821 -2.49 2.73 -27.77
C ASN B 821 -2.12 3.93 -28.63
N GLY B 822 -2.96 4.95 -28.61
CA GLY B 822 -2.71 6.20 -29.28
C GLY B 822 -2.84 6.26 -30.79
N VAL B 823 -3.40 5.24 -31.37
CA VAL B 823 -3.53 5.18 -32.82
C VAL B 823 -4.98 4.88 -33.13
N SER B 824 -5.44 5.34 -34.30
CA SER B 824 -6.77 5.00 -34.75
C SER B 824 -6.76 3.56 -35.26
N SER B 825 -7.73 2.78 -34.81
CA SER B 825 -7.75 1.35 -35.09
C SER B 825 -9.17 0.91 -35.36
N VAL B 826 -9.30 -0.34 -35.83
CA VAL B 826 -10.56 -1.06 -35.89
C VAL B 826 -10.33 -2.41 -35.22
N ASN B 827 -11.43 -3.11 -34.93
CA ASN B 827 -11.35 -4.37 -34.21
C ASN B 827 -11.93 -5.51 -35.05
N ILE B 828 -11.09 -6.47 -35.41
CA ILE B 828 -11.49 -7.67 -36.14
C ILE B 828 -11.50 -8.83 -35.17
N GLN B 829 -12.65 -9.49 -35.04
CA GLN B 829 -12.77 -10.68 -34.23
C GLN B 829 -13.12 -11.87 -35.11
N GLY B 830 -12.88 -13.06 -34.60
CA GLY B 830 -13.17 -14.27 -35.34
C GLY B 830 -12.76 -15.51 -34.58
N THR B 831 -13.28 -16.63 -35.03
CA THR B 831 -13.04 -17.93 -34.43
C THR B 831 -12.30 -18.82 -35.40
N PRO B 832 -11.60 -19.84 -34.91
CA PRO B 832 -10.86 -20.74 -35.79
C PRO B 832 -11.78 -21.79 -36.42
N ALA B 833 -11.20 -22.60 -37.29
CA ALA B 833 -11.93 -23.72 -37.87
C ALA B 833 -12.08 -24.84 -36.84
N PRO B 834 -12.99 -25.78 -37.09
CA PRO B 834 -13.17 -26.88 -36.12
C PRO B 834 -11.88 -27.63 -35.81
N GLY B 835 -11.19 -28.13 -36.83
CA GLY B 835 -9.98 -28.90 -36.58
C GLY B 835 -8.84 -28.05 -36.05
N VAL B 836 -8.73 -26.82 -36.52
CA VAL B 836 -7.53 -26.02 -36.24
C VAL B 836 -7.51 -25.60 -34.78
N SER B 837 -6.29 -25.27 -34.32
CA SER B 837 -6.07 -24.78 -32.97
C SER B 837 -5.99 -23.26 -32.96
N SER B 838 -6.25 -22.68 -31.79
CA SER B 838 -6.39 -21.22 -31.69
C SER B 838 -5.11 -20.51 -32.12
N GLY B 839 -3.96 -21.01 -31.70
CA GLY B 839 -2.72 -20.37 -32.08
C GLY B 839 -2.47 -20.42 -33.57
N ASP B 840 -2.85 -21.53 -34.20
CA ASP B 840 -2.71 -21.63 -35.64
C ASP B 840 -3.58 -20.62 -36.35
N ALA B 841 -4.80 -20.42 -35.85
CA ALA B 841 -5.68 -19.40 -36.41
C ALA B 841 -5.09 -18.01 -36.23
N MET B 842 -4.47 -17.74 -35.09
CA MET B 842 -3.82 -16.46 -34.89
C MET B 842 -2.69 -16.26 -35.88
N LYS B 843 -1.91 -17.31 -36.13
CA LYS B 843 -0.87 -17.24 -37.15
C LYS B 843 -1.47 -17.01 -38.53
N ALA B 844 -2.61 -17.64 -38.80
CA ALA B 844 -3.28 -17.47 -40.09
C ALA B 844 -3.65 -16.02 -40.31
N MET B 845 -4.28 -15.41 -39.31
CA MET B 845 -4.65 -14.01 -39.40
C MET B 845 -3.41 -13.14 -39.54
N GLU B 846 -2.32 -13.49 -38.86
CA GLU B 846 -1.08 -12.74 -39.02
C GLU B 846 -0.56 -12.79 -40.44
N GLU B 847 -0.58 -13.98 -41.06
CA GLU B 847 -0.16 -14.09 -42.45
C GLU B 847 -1.04 -13.24 -43.35
N ILE B 848 -2.36 -13.30 -43.14
CA ILE B 848 -3.26 -12.51 -43.97
C ILE B 848 -2.90 -11.04 -43.86
N ILE B 849 -2.76 -10.53 -42.63
CA ILE B 849 -2.41 -9.13 -42.46
C ILE B 849 -1.06 -8.83 -43.10
N GLY B 850 -0.17 -9.82 -43.15
CA GLY B 850 1.14 -9.62 -43.71
C GLY B 850 1.18 -9.67 -45.21
N LYS B 851 0.10 -10.09 -45.85
CA LYS B 851 0.05 -10.05 -47.31
C LYS B 851 -0.24 -8.67 -47.86
N LEU B 852 -0.36 -7.64 -47.01
CA LEU B 852 -0.81 -6.32 -47.40
C LEU B 852 0.31 -5.46 -47.99
N PRO B 853 1.51 -5.47 -47.40
CA PRO B 853 2.61 -4.77 -48.06
C PRO B 853 2.84 -5.36 -49.44
N SER B 854 3.07 -4.47 -50.41
CA SER B 854 3.13 -4.79 -51.83
C SER B 854 1.78 -5.15 -52.41
N MET B 855 0.71 -5.16 -51.61
CA MET B 855 -0.64 -5.28 -52.12
C MET B 855 -1.27 -3.92 -52.41
N GLY B 856 -0.52 -2.83 -52.20
CA GLY B 856 -1.02 -1.49 -52.37
C GLY B 856 -1.45 -0.81 -51.09
N LEU B 857 -1.50 -1.54 -49.97
CA LEU B 857 -1.96 -1.00 -48.69
C LEU B 857 -0.80 -1.13 -47.71
N GLN B 858 0.03 -0.11 -47.63
CA GLN B 858 1.26 -0.16 -46.84
C GLN B 858 1.11 0.64 -45.56
N GLY B 859 1.90 0.25 -44.56
CA GLY B 859 1.94 0.98 -43.31
C GLY B 859 0.80 0.72 -42.37
N PHE B 860 0.27 -0.51 -42.34
CA PHE B 860 -0.83 -0.86 -41.45
C PHE B 860 -0.36 -1.92 -40.47
N ASP B 861 -0.56 -1.65 -39.18
CA ASP B 861 0.01 -2.43 -38.09
C ASP B 861 -1.10 -3.12 -37.31
N TYR B 862 -0.77 -4.27 -36.72
CA TYR B 862 -1.76 -5.07 -36.01
C TYR B 862 -1.29 -5.32 -34.58
N GLU B 863 -2.18 -5.86 -33.76
CA GLU B 863 -1.87 -6.13 -32.36
C GLU B 863 -2.92 -7.03 -31.71
N TRP B 864 -2.49 -8.15 -31.13
CA TRP B 864 -3.42 -9.00 -30.40
C TRP B 864 -3.76 -8.37 -29.05
N THR B 865 -4.97 -8.64 -28.58
CA THR B 865 -5.47 -8.05 -27.36
C THR B 865 -6.43 -9.03 -26.70
N GLY B 866 -7.09 -8.58 -25.66
CA GLY B 866 -8.04 -9.43 -24.97
C GLY B 866 -7.39 -10.71 -24.47
N LEU B 867 -8.08 -11.83 -24.61
CA LEU B 867 -7.56 -13.09 -24.15
C LEU B 867 -6.55 -13.64 -25.10
N SER B 868 -6.62 -13.28 -26.38
CA SER B 868 -5.61 -13.74 -27.33
C SER B 868 -4.22 -13.29 -26.93
N LEU B 869 -4.09 -12.07 -26.48
CA LEU B 869 -2.80 -11.55 -26.08
C LEU B 869 -2.24 -12.33 -24.93
N GLU B 870 -3.10 -12.76 -24.02
CA GLU B 870 -2.70 -13.54 -22.87
C GLU B 870 -2.11 -14.86 -23.31
N GLU B 871 -2.72 -15.46 -24.32
CA GLU B 871 -2.29 -16.71 -24.85
C GLU B 871 -0.87 -16.63 -25.40
N ARG B 872 -0.50 -15.54 -26.04
CA ARG B 872 0.85 -15.43 -26.57
C ARG B 872 1.85 -15.46 -25.44
N GLU B 873 1.57 -14.66 -24.42
CA GLU B 873 2.44 -14.55 -23.28
C GLU B 873 2.45 -15.85 -22.50
N SER B 874 1.29 -16.48 -22.37
CA SER B 874 1.19 -17.72 -21.64
C SER B 874 2.00 -18.81 -22.27
N GLY B 875 1.99 -18.85 -23.60
CA GLY B 875 2.70 -19.85 -24.41
C GLY B 875 4.09 -20.29 -23.89
N ALA B 876 4.30 -21.65 -23.70
CA ALA B 876 5.46 -22.42 -23.27
C ALA B 876 5.58 -22.54 -21.77
N GLN B 877 4.73 -21.87 -20.99
CA GLN B 877 4.87 -21.92 -19.54
C GLN B 877 4.33 -23.22 -18.98
N ALA B 878 3.25 -23.74 -19.54
CA ALA B 878 2.69 -25.00 -19.06
C ALA B 878 3.67 -26.14 -19.23
N PRO B 879 4.29 -26.34 -20.40
CA PRO B 879 5.28 -27.41 -20.52
C PRO B 879 6.41 -27.30 -19.51
N PHE B 880 6.88 -26.09 -19.25
CA PHE B 880 7.98 -25.92 -18.32
C PHE B 880 7.56 -26.24 -16.90
N LEU B 881 6.38 -25.77 -16.48
CA LEU B 881 5.94 -26.07 -15.13
C LEU B 881 5.76 -27.56 -14.94
N TYR B 882 5.19 -28.25 -15.93
CA TYR B 882 4.99 -29.67 -15.76
C TYR B 882 6.29 -30.45 -15.88
N ALA B 883 7.28 -29.93 -16.62
CA ALA B 883 8.60 -30.53 -16.61
C ALA B 883 9.23 -30.43 -15.22
N LEU B 884 9.10 -29.27 -14.58
CA LEU B 884 9.60 -29.13 -13.21
C LEU B 884 8.88 -30.06 -12.26
N SER B 885 7.56 -30.18 -12.40
CA SER B 885 6.82 -31.06 -11.50
C SER B 885 7.22 -32.51 -11.71
N LEU B 886 7.47 -32.91 -12.96
CA LEU B 886 7.94 -34.26 -13.23
C LEU B 886 9.30 -34.50 -12.58
N LEU B 887 10.22 -33.55 -12.73
CA LEU B 887 11.52 -33.71 -12.10
C LEU B 887 11.38 -33.89 -10.59
N ILE B 888 10.61 -33.01 -9.96
CA ILE B 888 10.51 -33.04 -8.51
C ILE B 888 9.79 -34.30 -8.05
N VAL B 889 8.82 -34.77 -8.82
CA VAL B 889 8.17 -36.06 -8.53
C VAL B 889 9.20 -37.18 -8.53
N PHE B 890 10.06 -37.19 -9.55
CA PHE B 890 11.09 -38.23 -9.62
C PHE B 890 12.01 -38.17 -8.41
N LEU B 891 12.39 -36.97 -8.00
CA LEU B 891 13.29 -36.84 -6.85
C LEU B 891 12.62 -37.32 -5.56
N CYS B 892 11.36 -36.97 -5.35
CA CYS B 892 10.67 -37.44 -4.16
C CYS B 892 10.56 -38.95 -4.15
N LEU B 893 10.16 -39.53 -5.26
CA LEU B 893 10.03 -40.94 -5.31
C LEU B 893 11.37 -41.61 -5.07
N ALA B 894 12.44 -40.98 -5.51
CA ALA B 894 13.79 -41.51 -5.30
C ALA B 894 14.17 -41.56 -3.84
N ALA B 895 13.88 -40.50 -3.13
CA ALA B 895 14.21 -40.44 -1.74
C ALA B 895 13.48 -41.49 -0.99
N LEU B 896 12.19 -41.67 -1.28
CA LEU B 896 11.40 -42.68 -0.60
C LEU B 896 11.86 -44.09 -0.84
N TYR B 897 12.05 -44.48 -2.09
CA TYR B 897 12.51 -45.82 -2.43
C TYR B 897 14.01 -46.07 -2.35
N GLU B 898 14.80 -45.03 -2.10
CA GLU B 898 16.25 -45.13 -1.98
C GLU B 898 16.88 -45.78 -3.20
N SER B 899 16.44 -45.38 -4.38
CA SER B 899 16.95 -45.91 -5.62
C SER B 899 16.85 -44.88 -6.71
N TRP B 900 17.64 -45.05 -7.76
CA TRP B 900 17.57 -44.19 -8.91
C TRP B 900 16.69 -44.79 -9.97
N SER B 901 16.40 -46.08 -9.89
CA SER B 901 15.60 -46.72 -10.92
C SER B 901 14.20 -47.13 -10.51
N ILE B 902 13.94 -47.44 -9.25
CA ILE B 902 12.59 -47.78 -8.86
C ILE B 902 11.55 -46.70 -9.22
N PRO B 903 11.87 -45.38 -9.14
CA PRO B 903 10.80 -44.44 -9.53
C PRO B 903 10.15 -44.54 -10.91
N PHE B 904 10.83 -45.08 -11.91
CA PHE B 904 10.31 -45.22 -13.27
C PHE B 904 9.12 -46.13 -13.36
N SER B 905 9.06 -47.11 -12.47
CA SER B 905 7.94 -47.98 -12.41
C SER B 905 6.68 -47.20 -12.09
N VAL B 906 6.75 -46.26 -11.16
CA VAL B 906 5.61 -45.46 -10.79
C VAL B 906 5.32 -44.40 -11.83
N LEU B 907 6.34 -43.79 -12.41
CA LEU B 907 6.16 -42.75 -13.42
C LEU B 907 5.43 -43.27 -14.65
N LEU B 908 5.58 -44.55 -14.95
CA LEU B 908 4.92 -45.07 -16.15
C LEU B 908 3.41 -45.12 -16.03
N VAL B 909 2.74 -44.65 -14.99
CA VAL B 909 1.31 -44.90 -14.83
C VAL B 909 0.43 -43.83 -15.48
N VAL B 910 0.99 -42.67 -15.82
CA VAL B 910 0.16 -41.52 -16.18
C VAL B 910 -0.77 -41.81 -17.34
N PRO B 911 -0.33 -42.46 -18.42
CA PRO B 911 -1.26 -42.74 -19.51
C PRO B 911 -2.47 -43.54 -19.09
N LEU B 912 -2.30 -44.47 -18.14
CA LEU B 912 -3.39 -45.38 -17.80
C LEU B 912 -4.57 -44.62 -17.22
N GLY B 913 -4.30 -43.62 -16.40
CA GLY B 913 -5.34 -42.81 -15.83
C GLY B 913 -5.87 -41.78 -16.79
N VAL B 914 -5.00 -41.24 -17.66
CA VAL B 914 -5.46 -40.17 -18.54
C VAL B 914 -6.33 -40.71 -19.67
N ILE B 915 -6.08 -41.95 -20.10
CA ILE B 915 -6.81 -42.52 -21.22
C ILE B 915 -8.29 -42.61 -20.91
N GLY B 916 -8.64 -43.05 -19.70
CA GLY B 916 -10.04 -43.26 -19.39
C GLY B 916 -10.83 -41.97 -19.39
N ALA B 917 -10.27 -40.93 -18.77
CA ALA B 917 -10.93 -39.63 -18.81
C ALA B 917 -11.16 -39.18 -20.24
N ILE B 918 -10.10 -39.24 -21.06
CA ILE B 918 -10.23 -38.75 -22.44
C ILE B 918 -11.25 -39.57 -23.21
N VAL B 919 -11.20 -40.89 -23.06
CA VAL B 919 -12.09 -41.76 -23.83
C VAL B 919 -13.54 -41.53 -23.43
N LEU B 920 -13.82 -41.45 -22.13
CA LEU B 920 -15.20 -41.25 -21.72
C LEU B 920 -15.70 -39.88 -22.16
N THR B 921 -14.87 -38.84 -22.07
CA THR B 921 -15.36 -37.53 -22.49
C THR B 921 -15.61 -37.49 -23.99
N TYR B 922 -14.74 -38.09 -24.80
CA TYR B 922 -14.96 -38.10 -26.23
C TYR B 922 -16.20 -38.90 -26.59
N LEU B 923 -16.41 -40.03 -25.90
CA LEU B 923 -17.63 -40.79 -26.10
C LEU B 923 -18.86 -39.96 -25.75
N GLY B 924 -18.80 -39.22 -24.64
CA GLY B 924 -19.93 -38.39 -24.27
C GLY B 924 -20.14 -37.22 -25.21
N MET B 925 -19.09 -36.81 -25.90
CA MET B 925 -19.22 -35.77 -26.90
C MET B 925 -19.89 -36.30 -28.16
N ILE B 926 -19.56 -37.52 -28.56
CA ILE B 926 -20.12 -38.04 -29.80
C ILE B 926 -21.53 -38.57 -29.57
N ILE B 927 -21.75 -39.31 -28.49
CA ILE B 927 -23.06 -39.89 -28.25
C ILE B 927 -24.09 -38.79 -28.02
N LYS B 928 -23.75 -37.78 -27.24
CA LYS B 928 -24.61 -36.63 -27.00
C LYS B 928 -24.13 -35.46 -27.85
N GLY B 929 -25.07 -34.77 -28.48
CA GLY B 929 -24.69 -33.59 -29.22
C GLY B 929 -24.32 -32.49 -28.25
N ASP B 930 -23.22 -32.69 -27.53
CA ASP B 930 -22.85 -31.86 -26.39
C ASP B 930 -21.44 -31.34 -26.59
N PRO B 931 -21.28 -30.27 -27.39
CA PRO B 931 -19.95 -29.67 -27.54
C PRO B 931 -19.38 -29.15 -26.24
N ASN B 932 -20.22 -28.95 -25.22
CA ASN B 932 -19.72 -28.51 -23.92
C ASN B 932 -18.77 -29.51 -23.30
N LEU B 933 -18.78 -30.75 -23.76
CA LEU B 933 -17.82 -31.74 -23.30
C LEU B 933 -16.57 -31.59 -24.17
N SER B 934 -15.75 -30.62 -23.80
CA SER B 934 -14.55 -30.32 -24.57
C SER B 934 -13.34 -30.29 -23.66
N ASN B 935 -12.14 -30.05 -24.19
CA ASN B 935 -10.97 -29.90 -23.40
C ASN B 935 -11.02 -28.50 -22.79
N ASN B 936 -11.75 -28.38 -21.69
CA ASN B 936 -11.90 -27.15 -20.96
C ASN B 936 -11.16 -27.15 -19.61
N ILE B 937 -11.15 -25.99 -18.93
CA ILE B 937 -10.53 -25.79 -17.64
C ILE B 937 -10.98 -26.79 -16.60
N TYR B 938 -12.26 -27.06 -16.52
CA TYR B 938 -12.75 -28.01 -15.55
C TYR B 938 -12.26 -29.40 -15.85
N PHE B 939 -12.20 -29.75 -17.12
CA PHE B 939 -11.68 -31.01 -17.56
C PHE B 939 -10.21 -31.11 -17.21
N GLN B 940 -9.54 -29.99 -17.35
CA GLN B 940 -8.14 -29.90 -17.07
C GLN B 940 -7.82 -30.21 -15.61
N VAL B 941 -8.64 -29.78 -14.66
CA VAL B 941 -8.38 -30.10 -13.27
C VAL B 941 -8.80 -31.55 -12.95
N ALA B 942 -9.79 -32.08 -13.63
CA ALA B 942 -10.13 -33.48 -13.39
C ALA B 942 -8.97 -34.39 -13.80
N ILE B 943 -8.32 -34.08 -14.91
CA ILE B 943 -7.21 -34.86 -15.36
C ILE B 943 -6.11 -34.83 -14.31
N ILE B 944 -5.83 -33.64 -13.82
CA ILE B 944 -4.82 -33.49 -12.80
C ILE B 944 -5.14 -34.35 -11.57
N ALA B 945 -6.37 -34.29 -11.09
CA ALA B 945 -6.80 -35.08 -9.94
C ALA B 945 -6.65 -36.60 -10.14
N VAL B 946 -7.04 -37.10 -11.30
CA VAL B 946 -6.93 -38.51 -11.70
C VAL B 946 -5.47 -38.96 -11.60
N ILE B 947 -4.56 -38.14 -12.10
CA ILE B 947 -3.15 -38.48 -12.07
C ILE B 947 -2.69 -38.71 -10.64
N GLY B 948 -3.12 -37.86 -9.74
CA GLY B 948 -2.75 -37.98 -8.34
C GLY B 948 -3.27 -39.26 -7.72
N LEU B 949 -4.46 -39.68 -8.09
CA LEU B 949 -5.00 -40.93 -7.55
C LEU B 949 -4.23 -42.14 -8.07
N SER B 950 -3.93 -42.15 -9.37
CA SER B 950 -3.18 -43.27 -9.93
C SER B 950 -1.80 -43.37 -9.31
N ALA B 951 -1.14 -42.22 -9.12
CA ALA B 951 0.16 -42.23 -8.46
C ALA B 951 0.08 -42.85 -7.08
N LYS B 952 -0.98 -42.52 -6.34
CA LYS B 952 -1.17 -43.10 -5.01
C LYS B 952 -1.20 -44.63 -5.08
N ASN B 953 -2.07 -45.16 -5.93
CA ASN B 953 -2.18 -46.62 -6.07
C ASN B 953 -0.83 -47.25 -6.38
N ALA B 954 -0.11 -46.67 -7.35
CA ALA B 954 1.14 -47.27 -7.79
C ALA B 954 2.19 -47.24 -6.70
N ILE B 955 2.32 -46.11 -6.01
CA ILE B 955 3.30 -46.00 -4.93
C ILE B 955 3.08 -47.11 -3.92
N LEU B 956 1.83 -47.30 -3.50
CA LEU B 956 1.59 -48.33 -2.48
C LEU B 956 1.95 -49.73 -2.98
N ILE B 957 1.57 -50.06 -4.22
CA ILE B 957 1.88 -51.39 -4.73
C ILE B 957 3.38 -51.63 -4.77
N VAL B 958 4.11 -50.68 -5.31
CA VAL B 958 5.54 -50.80 -5.40
C VAL B 958 6.21 -50.88 -4.04
N GLU B 959 5.75 -50.13 -3.06
CA GLU B 959 6.38 -50.18 -1.74
C GLU B 959 6.21 -51.54 -1.11
N PHE B 960 5.02 -52.15 -1.26
CA PHE B 960 4.85 -53.50 -0.74
C PHE B 960 5.73 -54.50 -1.49
N ALA B 961 5.82 -54.38 -2.81
CA ALA B 961 6.66 -55.30 -3.56
C ALA B 961 8.11 -55.20 -3.12
N LYS B 962 8.57 -53.99 -2.92
CA LYS B 962 9.93 -53.75 -2.51
C LYS B 962 10.21 -54.35 -1.15
N GLU B 963 9.37 -54.05 -0.16
CA GLU B 963 9.59 -54.59 1.18
C GLU B 963 9.59 -56.12 1.16
N LEU B 964 8.65 -56.72 0.42
CA LEU B 964 8.62 -58.17 0.34
C LEU B 964 9.91 -58.71 -0.28
N GLN B 965 10.40 -58.07 -1.33
CA GLN B 965 11.64 -58.51 -1.95
C GLN B 965 12.80 -58.39 -0.98
N GLU B 966 12.87 -57.27 -0.27
CA GLU B 966 13.91 -57.07 0.73
C GLU B 966 13.79 -58.06 1.87
N LYS B 967 12.66 -58.74 2.00
CA LYS B 967 12.51 -59.81 2.98
C LYS B 967 12.77 -61.19 2.38
N GLY B 968 13.24 -61.26 1.14
CA GLY B 968 13.79 -62.50 0.62
C GLY B 968 12.92 -63.29 -0.32
N GLU B 969 11.81 -62.73 -0.79
CA GLU B 969 11.02 -63.40 -1.81
C GLU B 969 11.62 -63.14 -3.20
N ASP B 970 11.41 -64.08 -4.10
CA ASP B 970 11.80 -63.88 -5.47
C ASP B 970 10.94 -62.80 -6.10
N LEU B 971 11.49 -62.12 -7.10
CA LEU B 971 10.83 -60.93 -7.64
C LEU B 971 9.37 -61.21 -8.02
N LEU B 972 9.13 -62.27 -8.78
CA LEU B 972 7.77 -62.56 -9.22
C LEU B 972 6.89 -62.89 -8.04
N ASP B 973 7.41 -63.63 -7.07
CA ASP B 973 6.65 -63.94 -5.87
C ASP B 973 6.22 -62.66 -5.16
N ALA B 974 7.17 -61.76 -4.90
CA ALA B 974 6.85 -60.54 -4.16
C ALA B 974 5.90 -59.65 -4.93
N THR B 975 6.10 -59.53 -6.24
CA THR B 975 5.19 -58.75 -7.07
C THR B 975 3.77 -59.26 -6.96
N LEU B 976 3.58 -60.57 -7.13
CA LEU B 976 2.24 -61.14 -7.06
C LEU B 976 1.64 -60.99 -5.67
N HIS B 977 2.45 -61.16 -4.63
CA HIS B 977 1.93 -61.02 -3.27
C HIS B 977 1.47 -59.60 -3.01
N ALA B 978 2.27 -58.61 -3.41
CA ALA B 978 1.88 -57.22 -3.19
C ALA B 978 0.63 -56.87 -3.98
N ALA B 979 0.50 -57.37 -5.20
CA ALA B 979 -0.73 -57.14 -5.95
C ALA B 979 -1.93 -57.74 -5.24
N LYS B 980 -1.79 -58.99 -4.78
CA LYS B 980 -2.89 -59.63 -4.07
C LYS B 980 -3.25 -58.83 -2.82
N MET B 981 -2.24 -58.25 -2.16
CA MET B 981 -2.48 -57.49 -0.95
C MET B 981 -3.24 -56.20 -1.24
N ARG B 982 -2.87 -55.49 -2.29
CA ARG B 982 -3.44 -54.18 -2.55
C ARG B 982 -4.66 -54.21 -3.47
N LEU B 983 -5.14 -55.39 -3.87
CA LEU B 983 -6.35 -55.43 -4.70
C LEU B 983 -7.56 -54.88 -3.96
N ARG B 984 -7.84 -55.39 -2.77
CA ARG B 984 -9.08 -55.05 -2.10
C ARG B 984 -9.21 -53.56 -1.79
N PRO B 985 -8.23 -52.90 -1.18
CA PRO B 985 -8.35 -51.45 -0.97
C PRO B 985 -8.55 -50.64 -2.24
N ILE B 986 -7.88 -51.02 -3.33
CA ILE B 986 -8.02 -50.29 -4.58
C ILE B 986 -9.45 -50.37 -5.08
N ILE B 987 -10.06 -51.56 -4.99
CA ILE B 987 -11.45 -51.73 -5.42
C ILE B 987 -12.39 -50.96 -4.51
N MET B 988 -12.12 -50.94 -3.21
CA MET B 988 -12.97 -50.20 -2.29
C MET B 988 -12.95 -48.70 -2.60
N THR B 989 -11.76 -48.13 -2.79
CA THR B 989 -11.68 -46.72 -3.11
C THR B 989 -12.29 -46.42 -4.47
N THR B 990 -12.07 -47.31 -5.45
CA THR B 990 -12.65 -47.11 -6.76
C THR B 990 -14.17 -47.08 -6.69
N LEU B 991 -14.76 -48.04 -5.98
CA LEU B 991 -16.21 -48.03 -5.80
C LEU B 991 -16.67 -46.73 -5.19
N ALA B 992 -16.05 -46.33 -4.08
CA ALA B 992 -16.53 -45.16 -3.35
C ALA B 992 -16.47 -43.92 -4.22
N PHE B 993 -15.30 -43.66 -4.82
CA PHE B 993 -15.13 -42.43 -5.60
C PHE B 993 -15.98 -42.45 -6.86
N GLY B 994 -16.09 -43.61 -7.52
CA GLY B 994 -16.87 -43.68 -8.74
C GLY B 994 -18.33 -43.41 -8.50
N PHE B 995 -18.92 -44.05 -7.49
CA PHE B 995 -20.33 -43.78 -7.21
C PHE B 995 -20.52 -42.42 -6.57
N GLY B 996 -19.50 -41.89 -5.91
CA GLY B 996 -19.61 -40.54 -5.39
C GLY B 996 -19.69 -39.50 -6.50
N VAL B 997 -18.91 -39.69 -7.56
CA VAL B 997 -18.86 -38.72 -8.65
C VAL B 997 -19.90 -38.99 -9.72
N LEU B 998 -20.52 -40.17 -9.74
CA LEU B 998 -21.48 -40.48 -10.79
C LEU B 998 -22.62 -39.48 -10.90
N PRO B 999 -23.23 -39.02 -9.82
CA PRO B 999 -24.37 -38.12 -9.97
C PRO B 999 -24.07 -36.89 -10.80
N LEU B 1000 -22.90 -36.28 -10.64
CA LEU B 1000 -22.58 -35.11 -11.47
C LEU B 1000 -22.67 -35.47 -12.94
N ALA B 1001 -21.99 -36.54 -13.35
CA ALA B 1001 -22.07 -36.97 -14.74
C ALA B 1001 -23.51 -37.20 -15.16
N LEU B 1002 -24.36 -37.61 -14.22
CA LEU B 1002 -25.77 -37.79 -14.53
C LEU B 1002 -26.59 -36.52 -14.31
N SER B 1003 -25.96 -35.41 -13.94
CA SER B 1003 -26.67 -34.20 -13.60
C SER B 1003 -27.31 -33.57 -14.82
N THR B 1004 -28.60 -33.24 -14.72
CA THR B 1004 -29.23 -32.31 -15.67
C THR B 1004 -29.23 -30.91 -15.09
N GLY B 1005 -29.95 -30.73 -13.98
CA GLY B 1005 -29.79 -29.59 -13.10
C GLY B 1005 -29.53 -28.23 -13.71
N ALA B 1006 -28.75 -27.44 -12.97
CA ALA B 1006 -28.42 -26.06 -13.29
C ALA B 1006 -26.96 -25.85 -12.97
N GLY B 1007 -26.23 -25.23 -13.88
CA GLY B 1007 -24.78 -25.27 -13.75
C GLY B 1007 -24.20 -26.64 -14.04
N ALA B 1008 -24.94 -27.45 -14.77
CA ALA B 1008 -24.62 -28.84 -14.99
C ALA B 1008 -23.67 -29.07 -16.16
N GLY B 1009 -23.28 -28.03 -16.88
CA GLY B 1009 -22.27 -28.20 -17.91
C GLY B 1009 -20.88 -28.30 -17.32
N SER B 1010 -20.66 -27.64 -16.19
CA SER B 1010 -19.44 -27.84 -15.42
C SER B 1010 -19.46 -29.17 -14.69
N GLN B 1011 -20.61 -29.54 -14.12
CA GLN B 1011 -20.70 -30.82 -13.46
C GLN B 1011 -20.43 -31.95 -14.43
N HIS B 1012 -20.90 -31.80 -15.67
CA HIS B 1012 -20.65 -32.81 -16.68
C HIS B 1012 -19.16 -32.89 -16.99
N SER B 1013 -18.51 -31.75 -17.18
CA SER B 1013 -17.10 -31.78 -17.55
C SER B 1013 -16.26 -32.39 -16.44
N VAL B 1014 -16.50 -32.03 -15.18
CA VAL B 1014 -15.75 -32.62 -14.09
C VAL B 1014 -16.06 -34.11 -13.97
N GLY B 1015 -17.35 -34.46 -14.00
CA GLY B 1015 -17.74 -35.82 -13.70
C GLY B 1015 -17.26 -36.82 -14.73
N PHE B 1016 -17.31 -36.45 -16.02
CA PHE B 1016 -16.91 -37.42 -17.03
C PHE B 1016 -15.42 -37.72 -16.93
N GLY B 1017 -14.61 -36.68 -16.78
CA GLY B 1017 -13.18 -36.89 -16.62
C GLY B 1017 -12.87 -37.73 -15.40
N VAL B 1018 -13.43 -37.37 -14.25
CA VAL B 1018 -13.08 -38.09 -13.04
C VAL B 1018 -13.55 -39.54 -13.11
N LEU B 1019 -14.78 -39.77 -13.56
CA LEU B 1019 -15.31 -41.12 -13.60
C LEU B 1019 -14.50 -42.01 -14.53
N GLY B 1020 -14.32 -41.57 -15.78
CA GLY B 1020 -13.56 -42.38 -16.71
C GLY B 1020 -12.13 -42.60 -16.24
N GLY B 1021 -11.52 -41.56 -15.68
CA GLY B 1021 -10.13 -41.67 -15.30
C GLY B 1021 -9.93 -42.65 -14.16
N VAL B 1022 -10.82 -42.61 -13.15
CA VAL B 1022 -10.70 -43.58 -12.06
C VAL B 1022 -10.89 -44.99 -12.61
N LEU B 1023 -11.87 -45.18 -13.50
CA LEU B 1023 -12.08 -46.51 -14.07
C LEU B 1023 -10.83 -47.02 -14.77
N SER B 1024 -10.28 -46.24 -15.69
CA SER B 1024 -9.14 -46.75 -16.44
C SER B 1024 -7.91 -46.85 -15.56
N ALA B 1025 -7.72 -45.88 -14.66
CA ALA B 1025 -6.59 -45.96 -13.76
C ALA B 1025 -6.57 -47.27 -13.02
N THR B 1026 -7.66 -47.63 -12.36
CA THR B 1026 -7.65 -48.86 -11.59
C THR B 1026 -7.48 -50.07 -12.49
N PHE B 1027 -8.30 -50.17 -13.54
CA PHE B 1027 -8.37 -51.42 -14.27
C PHE B 1027 -7.22 -51.61 -15.26
N LEU B 1028 -6.40 -50.59 -15.46
CA LEU B 1028 -5.12 -50.76 -16.14
C LEU B 1028 -3.97 -50.91 -15.18
N GLY B 1029 -3.94 -50.11 -14.11
CA GLY B 1029 -2.82 -50.19 -13.18
C GLY B 1029 -2.69 -51.56 -12.54
N ILE B 1030 -3.80 -52.16 -12.14
CA ILE B 1030 -3.70 -53.42 -11.42
C ILE B 1030 -3.05 -54.51 -12.25
N PHE B 1031 -2.87 -54.28 -13.55
CA PHE B 1031 -2.15 -55.19 -14.43
C PHE B 1031 -0.81 -54.64 -14.89
N PHE B 1032 -0.70 -53.33 -15.06
CA PHE B 1032 0.52 -52.75 -15.61
C PHE B 1032 1.56 -52.45 -14.55
N ILE B 1033 1.14 -52.05 -13.36
CA ILE B 1033 2.10 -51.65 -12.33
C ILE B 1033 3.01 -52.82 -11.96
N PRO B 1034 2.50 -54.02 -11.71
CA PRO B 1034 3.40 -55.17 -11.53
C PRO B 1034 4.33 -55.39 -12.71
N VAL B 1035 3.81 -55.21 -13.93
CA VAL B 1035 4.61 -55.37 -15.12
C VAL B 1035 5.75 -54.35 -15.12
N PHE B 1036 5.46 -53.10 -14.77
CA PHE B 1036 6.50 -52.10 -14.70
C PHE B 1036 7.54 -52.45 -13.64
N TYR B 1037 7.09 -52.92 -12.50
CA TYR B 1037 8.00 -53.28 -11.44
C TYR B 1037 8.96 -54.37 -11.86
N VAL B 1038 8.46 -55.40 -12.53
CA VAL B 1038 9.32 -56.49 -12.99
C VAL B 1038 10.22 -56.02 -14.12
N TRP B 1039 9.72 -55.15 -15.01
CA TRP B 1039 10.58 -54.60 -16.04
C TRP B 1039 11.76 -53.86 -15.44
N ILE B 1040 11.45 -52.86 -14.62
CA ILE B 1040 12.52 -52.09 -14.05
C ILE B 1040 13.45 -52.99 -13.25
N ARG B 1041 12.93 -53.92 -12.50
CA ARG B 1041 13.81 -54.74 -11.68
C ARG B 1041 14.62 -55.81 -12.39
N SER B 1042 14.17 -56.22 -13.55
CA SER B 1042 14.92 -57.20 -14.32
C SER B 1042 16.24 -56.62 -14.79
N ILE B 1043 16.24 -55.35 -15.16
CA ILE B 1043 17.45 -54.70 -15.63
C ILE B 1043 18.42 -54.48 -14.49
N PHE B 1044 17.93 -53.98 -13.35
CA PHE B 1044 18.77 -53.58 -12.23
C PHE B 1044 18.44 -54.48 -11.03
N LYS B 1045 19.08 -55.64 -10.98
CA LYS B 1045 18.66 -56.66 -10.03
C LYS B 1045 18.85 -56.16 -8.59
N TYR B 1046 17.92 -56.54 -7.72
CA TYR B 1046 17.97 -56.11 -6.33
C TYR B 1046 19.22 -56.65 -5.65
N LYS B 1047 19.90 -55.78 -4.90
CA LYS B 1047 21.07 -56.15 -4.14
C LYS B 1047 22.15 -56.76 -5.04
N MET C 1 18.98 -32.68 28.95
CA MET C 1 19.29 -31.27 28.69
C MET C 1 19.67 -30.54 29.98
N ALA C 2 18.82 -30.65 31.01
CA ALA C 2 19.26 -30.16 32.31
C ALA C 2 20.51 -30.89 32.74
N GLN C 3 20.54 -32.21 32.54
CA GLN C 3 21.75 -32.97 32.83
C GLN C 3 22.91 -32.44 32.00
N PHE C 4 22.64 -31.99 30.79
CA PHE C 4 23.70 -31.49 29.93
C PHE C 4 24.38 -30.27 30.55
N PHE C 5 23.60 -29.35 31.11
CA PHE C 5 24.15 -28.11 31.65
C PHE C 5 24.66 -28.27 33.08
N ILE C 6 24.23 -29.29 33.81
CA ILE C 6 24.76 -29.50 35.15
C ILE C 6 26.27 -29.58 35.10
N HIS C 7 26.83 -29.99 33.97
CA HIS C 7 28.26 -30.19 33.83
C HIS C 7 28.95 -29.13 32.97
N ARG C 8 28.19 -28.18 32.40
CA ARG C 8 28.75 -27.10 31.60
C ARG C 8 28.22 -25.77 32.12
N PRO C 9 28.47 -25.46 33.39
CA PRO C 9 27.97 -24.21 33.95
C PRO C 9 28.46 -22.98 33.21
N ILE C 10 29.65 -23.02 32.64
CA ILE C 10 30.14 -21.88 31.86
C ILE C 10 29.27 -21.67 30.64
N PHE C 11 28.85 -22.75 29.98
CA PHE C 11 27.99 -22.62 28.81
C PHE C 11 26.64 -22.00 29.17
N ALA C 12 26.06 -22.41 30.29
CA ALA C 12 24.82 -21.80 30.75
C ALA C 12 25.01 -20.34 31.11
N TRP C 13 26.13 -20.01 31.77
CA TRP C 13 26.42 -18.62 32.08
C TRP C 13 26.50 -17.81 30.80
N VAL C 14 27.11 -18.37 29.76
CA VAL C 14 27.21 -17.66 28.50
C VAL C 14 25.83 -17.45 27.88
N ILE C 15 24.96 -18.45 27.95
CA ILE C 15 23.63 -18.29 27.38
C ILE C 15 22.90 -17.16 28.09
N ALA C 16 22.97 -17.16 29.42
CA ALA C 16 22.30 -16.11 30.19
C ALA C 16 22.86 -14.74 29.85
N LEU C 17 24.18 -14.63 29.75
CA LEU C 17 24.81 -13.35 29.46
C LEU C 17 24.42 -12.85 28.08
N VAL C 18 24.37 -13.76 27.09
CA VAL C 18 23.98 -13.37 25.74
C VAL C 18 22.55 -12.83 25.74
N ILE C 19 21.64 -13.54 26.42
CA ILE C 19 20.26 -13.06 26.51
C ILE C 19 20.24 -11.65 27.09
N MET C 20 20.94 -11.44 28.17
CA MET C 20 20.91 -10.14 28.83
C MET C 20 21.51 -9.11 27.95
N LEU C 21 22.57 -9.45 27.27
CA LEU C 21 23.21 -8.50 26.39
C LEU C 21 22.27 -8.11 25.25
N ALA C 22 21.50 -9.03 24.71
CA ALA C 22 20.60 -8.67 23.64
C ALA C 22 19.54 -7.69 24.09
N GLY C 23 18.97 -7.90 25.26
CA GLY C 23 17.97 -7.01 25.79
C GLY C 23 18.48 -5.65 26.20
N ILE C 24 19.67 -5.57 26.76
CA ILE C 24 20.21 -4.27 27.11
C ILE C 24 20.42 -3.45 25.84
N LEU C 25 20.93 -4.09 24.79
CA LEU C 25 21.08 -3.43 23.54
C LEU C 25 19.71 -3.04 22.98
N THR C 26 18.71 -3.89 23.11
CA THR C 26 17.37 -3.60 22.60
C THR C 26 16.72 -2.38 23.23
N LEU C 27 16.89 -2.23 24.52
CA LEU C 27 16.29 -1.12 25.22
C LEU C 27 16.78 0.25 24.77
N THR C 28 18.03 0.34 24.39
CA THR C 28 18.57 1.62 23.99
C THR C 28 17.84 2.20 22.80
N LYS C 29 17.49 1.39 21.82
CA LYS C 29 16.76 1.89 20.69
C LYS C 29 15.29 1.50 20.73
N MET C 30 14.69 1.32 21.89
CA MET C 30 13.27 0.98 21.89
C MET C 30 12.42 2.23 22.06
N PRO C 31 11.33 2.36 21.30
CA PRO C 31 10.42 3.48 21.53
C PRO C 31 9.68 3.35 22.85
N ILE C 32 9.38 4.48 23.46
CA ILE C 32 8.62 4.54 24.68
C ILE C 32 7.36 5.37 24.42
N ALA C 33 6.21 4.82 24.76
CA ALA C 33 4.95 5.50 24.61
C ALA C 33 4.19 5.41 25.93
N GLN C 34 2.97 5.93 25.91
CA GLN C 34 2.03 5.68 26.99
C GLN C 34 1.20 4.44 26.67
N TYR C 35 0.65 4.37 25.47
CA TYR C 35 -0.09 3.23 24.95
C TYR C 35 0.46 2.91 23.58
N PRO C 36 0.11 1.75 23.03
CA PRO C 36 0.43 1.49 21.64
C PRO C 36 -0.46 2.29 20.71
N THR C 37 -0.09 2.29 19.43
CA THR C 37 -0.91 2.94 18.43
C THR C 37 -2.28 2.29 18.39
N ILE C 38 -3.31 3.05 18.74
CA ILE C 38 -4.64 2.48 18.94
C ILE C 38 -5.75 3.24 18.24
N ALA C 39 -5.57 4.51 17.89
CA ALA C 39 -6.66 5.26 17.29
C ALA C 39 -6.97 4.73 15.89
N PRO C 40 -8.23 4.54 15.53
CA PRO C 40 -8.55 4.11 14.18
C PRO C 40 -8.42 5.26 13.20
N PRO C 41 -8.41 4.98 11.90
CA PRO C 41 -8.31 6.06 10.93
C PRO C 41 -9.58 6.88 10.83
N THR C 42 -9.40 8.16 10.55
CA THR C 42 -10.51 9.08 10.34
C THR C 42 -10.18 9.96 9.14
N VAL C 43 -11.03 9.90 8.13
CA VAL C 43 -10.95 10.76 6.96
C VAL C 43 -12.14 11.70 7.01
N THR C 44 -11.89 13.00 6.88
CA THR C 44 -12.95 13.99 6.88
C THR C 44 -13.04 14.66 5.51
N ILE C 45 -14.26 14.88 5.06
CA ILE C 45 -14.56 15.51 3.78
C ILE C 45 -15.19 16.87 4.07
N ALA C 46 -14.82 17.90 3.31
CA ALA C 46 -15.37 19.23 3.45
C ALA C 46 -15.79 19.80 2.10
N ALA C 47 -16.96 20.44 2.05
CA ALA C 47 -17.41 21.10 0.82
C ALA C 47 -18.34 22.26 1.18
N THR C 48 -18.42 23.23 0.27
CA THR C 48 -19.15 24.47 0.49
C THR C 48 -20.07 24.79 -0.68
N TYR C 49 -21.22 25.37 -0.37
CA TYR C 49 -22.23 25.77 -1.35
C TYR C 49 -22.62 27.21 -1.04
N PRO C 50 -21.86 28.18 -1.54
CA PRO C 50 -22.04 29.56 -1.10
C PRO C 50 -23.49 30.02 -1.20
N GLY C 51 -24.00 30.59 -0.11
CA GLY C 51 -25.29 31.22 -0.11
C GLY C 51 -26.47 30.33 0.21
N ALA C 52 -26.23 29.06 0.52
CA ALA C 52 -27.32 28.11 0.70
C ALA C 52 -27.69 27.95 2.16
N SER C 53 -28.97 27.65 2.40
CA SER C 53 -29.44 27.32 3.73
C SER C 53 -28.97 25.93 4.11
N ALA C 54 -29.04 25.64 5.42
CA ALA C 54 -28.54 24.37 5.90
C ALA C 54 -29.32 23.20 5.30
N GLU C 55 -30.63 23.36 5.18
CA GLU C 55 -31.45 22.30 4.59
C GLU C 55 -31.05 22.04 3.15
N THR C 56 -30.82 23.11 2.38
CA THR C 56 -30.39 22.93 1.00
C THR C 56 -29.06 22.20 0.95
N VAL C 57 -28.13 22.57 1.83
CA VAL C 57 -26.84 21.89 1.87
C VAL C 57 -27.03 20.40 2.13
N GLU C 58 -27.78 20.06 3.18
CA GLU C 58 -27.96 18.65 3.50
C GLU C 58 -28.56 17.90 2.32
N ASN C 59 -29.64 18.44 1.75
CA ASN C 59 -30.33 17.72 0.67
C ASN C 59 -29.44 17.55 -0.55
N THR C 60 -28.65 18.57 -0.89
CA THR C 60 -27.99 18.58 -2.20
C THR C 60 -26.52 18.19 -2.18
N VAL C 61 -25.86 18.17 -1.03
CA VAL C 61 -24.43 17.91 -0.96
C VAL C 61 -24.17 16.74 0.00
N THR C 62 -24.53 16.96 1.26
CA THR C 62 -24.20 16.03 2.33
C THR C 62 -24.77 14.65 2.06
N GLN C 63 -26.01 14.60 1.59
CA GLN C 63 -26.66 13.32 1.37
C GLN C 63 -26.07 12.56 0.20
N ILE C 64 -25.76 13.25 -0.89
CA ILE C 64 -25.24 12.52 -2.04
C ILE C 64 -23.83 12.02 -1.75
N ILE C 65 -23.00 12.84 -1.09
CA ILE C 65 -21.66 12.37 -0.74
C ILE C 65 -21.75 11.21 0.25
N GLU C 66 -22.69 11.29 1.17
CA GLU C 66 -22.84 10.23 2.13
C GLU C 66 -23.18 8.95 1.43
N GLN C 67 -24.16 8.99 0.53
CA GLN C 67 -24.58 7.81 -0.20
C GLN C 67 -23.42 7.18 -0.95
N GLN C 68 -22.54 8.01 -1.53
CA GLN C 68 -21.38 7.44 -2.18
C GLN C 68 -20.47 6.73 -1.18
N MET C 69 -20.21 7.31 -0.02
CA MET C 69 -19.32 6.65 0.91
C MET C 69 -19.87 5.36 1.53
N ASN C 70 -21.17 5.12 1.48
CA ASN C 70 -21.73 3.88 2.00
C ASN C 70 -21.18 2.72 1.20
N GLY C 71 -20.25 1.95 1.75
CA GLY C 71 -19.64 0.87 1.01
C GLY C 71 -18.13 0.98 0.94
N LEU C 72 -17.54 1.78 1.81
CA LEU C 72 -16.12 1.69 2.05
C LEU C 72 -15.82 0.43 2.86
N ASP C 73 -14.56 -0.01 2.78
CA ASP C 73 -14.16 -1.32 3.26
C ASP C 73 -14.45 -1.56 4.74
N GLY C 74 -13.82 -0.80 5.61
CA GLY C 74 -13.85 -1.10 7.03
C GLY C 74 -14.50 0.03 7.77
N LEU C 75 -15.54 0.56 7.20
CA LEU C 75 -16.22 1.69 7.77
C LEU C 75 -16.92 1.33 9.07
N ARG C 76 -16.82 2.18 10.07
CA ARG C 76 -17.49 1.95 11.33
C ARG C 76 -18.76 2.79 11.52
N TYR C 77 -18.69 4.09 11.26
CA TYR C 77 -19.85 4.96 11.35
C TYR C 77 -19.53 6.26 10.69
N ILE C 78 -20.56 6.98 10.27
CA ILE C 78 -20.40 8.24 9.59
C ILE C 78 -21.10 9.32 10.42
N SER C 79 -20.55 10.51 10.44
CA SER C 79 -21.11 11.61 11.18
C SER C 79 -21.08 12.82 10.30
N SER C 80 -22.20 13.43 9.98
CA SER C 80 -22.12 14.61 9.16
C SER C 80 -22.89 15.81 9.66
N ASN C 81 -22.49 17.02 9.26
CA ASN C 81 -23.29 18.17 9.61
C ASN C 81 -23.34 19.13 8.42
N SER C 82 -24.46 19.84 8.31
CA SER C 82 -24.72 20.81 7.27
C SER C 82 -25.04 22.14 7.93
N ALA C 83 -24.32 23.18 7.55
CA ALA C 83 -24.43 24.49 8.19
C ALA C 83 -25.01 25.51 7.22
N GLY C 84 -25.61 26.55 7.79
CA GLY C 84 -26.34 27.53 7.02
C GLY C 84 -25.50 28.62 6.40
N ASN C 85 -24.21 28.67 6.72
CA ASN C 85 -23.32 29.50 5.95
C ASN C 85 -23.08 28.91 4.56
N GLY C 86 -23.27 27.61 4.40
CA GLY C 86 -23.12 26.96 3.11
C GLY C 86 -22.23 25.74 3.15
N GLN C 87 -21.74 25.38 4.33
CA GLN C 87 -20.70 24.36 4.47
C GLN C 87 -21.27 23.00 4.86
N ALA C 88 -20.57 21.96 4.43
CA ALA C 88 -20.89 20.58 4.77
C ALA C 88 -19.63 19.88 5.26
N SER C 89 -19.79 19.02 6.26
CA SER C 89 -18.68 18.26 6.82
C SER C 89 -19.09 16.81 6.99
N ILE C 90 -18.30 15.86 6.54
CA ILE C 90 -18.65 14.47 6.70
C ILE C 90 -17.46 13.76 7.27
N GLN C 91 -17.57 13.18 8.45
CA GLN C 91 -16.44 12.49 9.00
C GLN C 91 -16.63 10.98 9.00
N LEU C 92 -15.72 10.24 8.40
CA LEU C 92 -15.84 8.80 8.26
C LEU C 92 -14.93 8.10 9.25
N ASN C 93 -15.49 7.25 10.10
CA ASN C 93 -14.70 6.50 11.04
C ASN C 93 -14.52 5.09 10.55
N PHE C 94 -13.39 4.50 10.86
CA PHE C 94 -13.05 3.20 10.34
C PHE C 94 -12.77 2.23 11.47
N GLU C 95 -12.79 0.95 11.12
CA GLU C 95 -12.53 -0.10 12.08
C GLU C 95 -11.07 -0.11 12.46
N GLN C 96 -10.77 -0.75 13.59
CA GLN C 96 -9.39 -0.85 14.04
C GLN C 96 -8.64 -1.85 13.19
N GLY C 97 -7.49 -1.45 12.67
CA GLY C 97 -6.74 -2.26 11.75
C GLY C 97 -6.90 -1.91 10.29
N VAL C 98 -7.64 -0.88 9.97
CA VAL C 98 -7.73 -0.36 8.62
C VAL C 98 -6.57 0.60 8.42
N ASP C 99 -5.89 0.50 7.29
CA ASP C 99 -4.72 1.33 7.04
C ASP C 99 -5.15 2.74 6.65
N PRO C 100 -4.67 3.78 7.34
CA PRO C 100 -5.11 5.15 7.02
C PRO C 100 -4.89 5.55 5.57
N ASP C 101 -3.77 5.18 4.98
CA ASP C 101 -3.49 5.61 3.61
C ASP C 101 -4.42 4.93 2.61
N ILE C 102 -4.70 3.65 2.83
CA ILE C 102 -5.66 2.96 1.98
C ILE C 102 -7.05 3.57 2.13
N ALA C 103 -7.44 3.90 3.35
CA ALA C 103 -8.73 4.55 3.54
C ALA C 103 -8.80 5.87 2.81
N GLN C 104 -7.74 6.68 2.88
CA GLN C 104 -7.76 7.97 2.21
C GLN C 104 -7.88 7.82 0.70
N VAL C 105 -7.09 6.90 0.12
CA VAL C 105 -7.14 6.72 -1.33
C VAL C 105 -8.50 6.21 -1.75
N GLN C 106 -9.10 5.32 -0.97
CA GLN C 106 -10.42 4.82 -1.31
C GLN C 106 -11.47 5.90 -1.23
N VAL C 107 -11.37 6.77 -0.25
CA VAL C 107 -12.33 7.85 -0.11
C VAL C 107 -12.23 8.78 -1.30
N GLN C 108 -11.01 9.08 -1.75
CA GLN C 108 -10.84 9.87 -2.95
C GLN C 108 -11.42 9.16 -4.17
N ASN C 109 -11.21 7.84 -4.26
CA ASN C 109 -11.71 7.11 -5.42
C ASN C 109 -13.22 7.19 -5.53
N LYS C 110 -13.92 7.12 -4.41
CA LYS C 110 -15.38 7.29 -4.47
C LYS C 110 -15.76 8.76 -4.69
N LEU C 111 -15.04 9.68 -4.07
CA LEU C 111 -15.37 11.09 -4.20
C LEU C 111 -15.28 11.56 -5.64
N GLN C 112 -14.37 10.96 -6.41
CA GLN C 112 -14.18 11.36 -7.80
C GLN C 112 -15.50 11.32 -8.55
N SER C 113 -16.19 10.20 -8.50
CA SER C 113 -17.47 10.08 -9.18
C SER C 113 -18.56 10.84 -8.46
N ALA C 114 -18.46 10.96 -7.13
CA ALA C 114 -19.48 11.71 -6.40
C ALA C 114 -19.52 13.17 -6.85
N THR C 115 -18.37 13.75 -7.16
CA THR C 115 -18.27 15.19 -7.35
C THR C 115 -18.95 15.68 -8.62
N ALA C 116 -19.31 14.80 -9.54
CA ALA C 116 -20.11 15.20 -10.70
C ALA C 116 -21.58 15.36 -10.37
N LEU C 117 -22.05 14.77 -9.29
CA LEU C 117 -23.45 14.83 -8.92
C LEU C 117 -23.78 16.04 -8.08
N LEU C 118 -22.83 16.90 -7.87
CA LEU C 118 -22.96 18.05 -6.99
C LEU C 118 -23.36 19.29 -7.76
N PRO C 119 -23.95 20.28 -7.09
CA PRO C 119 -24.23 21.56 -7.75
C PRO C 119 -22.96 22.19 -8.29
N GLU C 120 -23.06 22.76 -9.50
CA GLU C 120 -21.93 23.29 -10.20
C GLU C 120 -21.15 24.34 -9.46
N ASP C 121 -21.82 25.13 -8.64
CA ASP C 121 -21.15 26.08 -7.77
C ASP C 121 -20.30 25.37 -6.72
N VAL C 122 -20.84 24.32 -6.13
CA VAL C 122 -20.08 23.51 -5.18
C VAL C 122 -18.83 22.96 -5.85
N GLN C 123 -19.01 22.49 -7.08
CA GLN C 123 -17.92 21.96 -7.84
C GLN C 123 -16.85 23.01 -8.02
N ARG C 124 -17.26 24.24 -8.27
CA ARG C 124 -16.31 25.34 -8.42
C ARG C 124 -15.57 25.61 -7.13
N GLN C 125 -16.21 25.41 -5.98
CA GLN C 125 -15.57 25.73 -4.71
C GLN C 125 -14.43 24.78 -4.38
N GLY C 126 -14.56 23.51 -4.74
CA GLY C 126 -13.59 22.50 -4.40
C GLY C 126 -14.03 21.64 -3.22
N VAL C 127 -13.57 20.40 -3.20
CA VAL C 127 -13.80 19.49 -2.09
C VAL C 127 -12.44 19.02 -1.58
N THR C 128 -12.30 18.93 -0.26
CA THR C 128 -11.05 18.51 0.35
C THR C 128 -11.22 17.20 1.10
N VAL C 129 -10.15 16.41 1.10
CA VAL C 129 -10.06 15.17 1.85
C VAL C 129 -8.87 15.28 2.78
N THR C 130 -9.09 15.00 4.05
CA THR C 130 -8.02 15.06 5.04
C THR C 130 -8.19 13.91 6.02
N LYS C 131 -7.07 13.53 6.63
CA LYS C 131 -7.08 12.58 7.70
C LYS C 131 -6.47 13.33 8.87
N SER C 132 -7.12 13.36 10.05
CA SER C 132 -6.59 14.03 11.23
C SER C 132 -7.32 13.52 12.45
N GLY C 133 -6.69 13.72 13.61
CA GLY C 133 -7.29 13.36 14.88
C GLY C 133 -7.82 14.57 15.62
N ALA C 134 -8.69 14.36 16.60
CA ALA C 134 -9.33 15.49 17.26
C ALA C 134 -8.44 16.15 18.30
N SER C 135 -7.66 15.37 19.04
CA SER C 135 -6.94 15.90 20.19
C SER C 135 -5.69 16.67 19.76
N PHE C 136 -5.46 17.80 20.42
CA PHE C 136 -4.22 18.53 20.26
C PHE C 136 -3.15 17.94 21.17
N LEU C 137 -1.95 17.72 20.62
CA LEU C 137 -0.83 17.29 21.44
C LEU C 137 -0.31 18.43 22.30
N GLN C 138 -0.15 19.62 21.72
CA GLN C 138 0.38 20.78 22.41
C GLN C 138 -0.32 22.04 21.94
N VAL C 139 -0.17 23.12 22.71
CA VAL C 139 -0.48 24.48 22.29
C VAL C 139 0.65 25.38 22.75
N ILE C 140 1.23 26.14 21.83
CA ILE C 140 2.28 27.10 22.13
C ILE C 140 1.68 28.49 22.09
N ALA C 141 1.99 29.30 23.09
CA ALA C 141 1.50 30.67 23.18
C ALA C 141 2.62 31.63 22.84
N PHE C 142 2.34 32.57 21.94
CA PHE C 142 3.29 33.60 21.56
C PHE C 142 2.76 34.96 22.01
N TYR C 143 3.59 35.70 22.74
CA TYR C 143 3.17 36.93 23.39
C TYR C 143 4.39 37.80 23.60
N SER C 144 4.15 39.04 24.00
CA SER C 144 5.21 39.97 24.32
C SER C 144 5.19 40.20 25.81
N PRO C 145 6.08 39.59 26.59
CA PRO C 145 6.05 39.79 28.03
C PRO C 145 6.11 41.26 28.44
N ASP C 146 6.90 42.07 27.74
CA ASP C 146 7.12 43.44 28.13
C ASP C 146 6.24 44.43 27.37
N ASN C 147 5.43 43.96 26.44
CA ASN C 147 4.56 44.84 25.66
C ASN C 147 5.39 45.88 24.91
N ASN C 148 6.29 45.40 24.07
CA ASN C 148 7.03 46.25 23.18
C ASN C 148 7.06 45.73 21.74
N LEU C 149 6.38 44.64 21.45
CA LEU C 149 6.10 44.18 20.10
C LEU C 149 4.60 44.04 20.00
N SER C 150 4.02 44.63 18.96
CA SER C 150 2.57 44.72 18.86
C SER C 150 1.96 43.35 18.54
N ASP C 151 0.67 43.22 18.83
CA ASP C 151 -0.07 42.00 18.60
C ASP C 151 -0.20 41.67 17.11
N SER C 152 -0.35 42.66 16.26
CA SER C 152 -0.44 42.43 14.84
C SER C 152 0.87 41.83 14.35
N ASP C 153 1.98 42.36 14.85
CA ASP C 153 3.29 41.86 14.56
C ASP C 153 3.52 40.45 15.03
N ILE C 154 3.12 40.12 16.25
CA ILE C 154 3.31 38.78 16.75
C ILE C 154 2.51 37.83 15.92
N LYS C 155 1.27 38.17 15.61
CA LYS C 155 0.45 37.29 14.87
C LYS C 155 0.99 37.03 13.49
N ASP C 156 1.49 38.08 12.85
CA ASP C 156 2.08 38.00 11.56
C ASP C 156 3.36 37.23 11.60
N TYR C 157 4.17 37.44 12.62
CA TYR C 157 5.42 36.73 12.74
C TYR C 157 5.18 35.23 12.88
N VAL C 158 4.17 34.84 13.63
CA VAL C 158 3.87 33.43 13.81
C VAL C 158 3.43 32.80 12.50
N ASN C 159 2.68 33.56 11.72
CA ASN C 159 2.18 33.10 10.45
C ASN C 159 3.17 33.05 9.34
N SER C 160 4.19 33.91 9.35
CA SER C 160 5.16 33.94 8.29
C SER C 160 6.45 33.20 8.52
N SER C 161 6.91 33.11 9.75
CA SER C 161 8.16 32.45 9.99
C SER C 161 8.18 31.20 10.83
N ILE C 162 7.11 30.89 11.51
CA ILE C 162 7.11 29.79 12.48
C ILE C 162 6.18 28.67 12.04
N LYS C 163 5.01 29.02 11.51
CA LYS C 163 3.96 28.04 11.28
C LYS C 163 4.39 27.00 10.26
N GLU C 164 4.93 27.43 9.13
CA GLU C 164 5.33 26.49 8.07
C GLU C 164 6.43 25.54 8.49
N PRO C 165 7.55 26.01 9.07
CA PRO C 165 8.57 25.06 9.53
C PRO C 165 8.11 24.10 10.61
N LEU C 166 7.24 24.54 11.52
CA LEU C 166 6.73 23.66 12.55
C LEU C 166 5.79 22.62 11.96
N SER C 167 4.97 23.02 10.99
CA SER C 167 4.07 22.06 10.37
C SER C 167 4.80 21.10 9.46
N ARG C 168 6.12 21.18 9.37
CA ARG C 168 6.91 20.25 8.58
C ARG C 168 7.84 19.40 9.44
N VAL C 169 7.81 19.57 10.75
CA VAL C 169 8.54 18.67 11.64
C VAL C 169 7.92 17.27 11.56
N ALA C 170 8.71 16.28 11.94
CA ALA C 170 8.33 14.89 11.77
C ALA C 170 7.33 14.46 12.83
N GLY C 171 6.16 13.98 12.40
CA GLY C 171 5.17 13.51 13.31
C GLY C 171 4.04 14.47 13.44
N VAL C 172 4.23 15.72 13.06
CA VAL C 172 3.19 16.70 13.16
C VAL C 172 2.21 16.44 12.04
N GLY C 173 0.93 16.34 12.31
CA GLY C 173 -0.02 16.10 11.24
C GLY C 173 -0.76 17.33 10.77
N GLU C 174 -1.04 18.26 11.66
CA GLU C 174 -1.81 19.44 11.32
C GLU C 174 -1.53 20.52 12.36
N VAL C 175 -1.57 21.77 11.92
CA VAL C 175 -1.34 22.92 12.77
C VAL C 175 -2.54 23.86 12.66
N GLN C 176 -3.05 24.29 13.81
CA GLN C 176 -4.16 25.23 13.91
C GLN C 176 -3.63 26.51 14.52
N VAL C 177 -3.85 27.63 13.84
CA VAL C 177 -3.24 28.90 14.20
C VAL C 177 -4.30 29.86 14.71
N PHE C 178 -3.99 30.62 15.74
CA PHE C 178 -4.94 31.55 16.28
C PHE C 178 -4.36 32.94 16.12
N GLY C 179 -4.94 33.76 15.25
CA GLY C 179 -4.47 35.10 14.99
C GLY C 179 -3.94 35.16 13.59
N GLY C 180 -4.50 36.01 12.73
CA GLY C 180 -4.11 36.13 11.34
C GLY C 180 -2.87 36.93 10.96
N SER C 181 -2.50 36.82 9.70
CA SER C 181 -1.38 37.52 9.09
C SER C 181 -1.82 38.84 8.47
N TYR C 182 -0.88 39.69 8.08
CA TYR C 182 -1.19 40.91 7.44
C TYR C 182 -1.92 40.76 6.11
N ALA C 183 -2.78 41.72 5.80
CA ALA C 183 -3.50 41.77 4.55
C ALA C 183 -3.78 43.22 4.20
N MET C 184 -3.93 43.49 2.91
CA MET C 184 -4.27 44.82 2.43
C MET C 184 -5.79 44.92 2.41
N ARG C 185 -6.34 45.78 3.25
CA ARG C 185 -7.78 45.85 3.48
C ARG C 185 -8.34 47.11 2.83
N ILE C 186 -9.33 46.94 1.96
CA ILE C 186 -9.91 48.01 1.19
C ILE C 186 -11.38 48.10 1.58
N TRP C 187 -11.71 49.05 2.44
CA TRP C 187 -13.06 49.17 3.02
C TRP C 187 -13.83 50.25 2.27
N LEU C 188 -14.95 49.84 1.67
CA LEU C 188 -15.69 50.67 0.71
C LEU C 188 -16.81 51.47 1.36
N ASP C 189 -17.05 52.67 0.82
CA ASP C 189 -18.08 53.58 1.31
C ASP C 189 -19.24 53.64 0.32
N PRO C 190 -20.37 52.98 0.59
CA PRO C 190 -21.41 52.87 -0.45
C PRO C 190 -21.98 54.20 -0.89
N ALA C 191 -21.88 55.24 -0.06
CA ALA C 191 -22.32 56.56 -0.49
C ALA C 191 -21.47 57.09 -1.62
N LYS C 192 -20.16 56.91 -1.52
CA LYS C 192 -19.27 57.37 -2.57
C LYS C 192 -19.31 56.46 -3.80
N LEU C 193 -19.70 55.20 -3.63
CA LEU C 193 -19.88 54.33 -4.78
C LEU C 193 -21.14 54.69 -5.54
N THR C 194 -22.23 55.03 -4.84
CA THR C 194 -23.37 55.59 -5.55
C THR C 194 -23.05 56.96 -6.12
N SER C 195 -22.15 57.70 -5.47
CA SER C 195 -21.80 59.03 -5.95
C SER C 195 -21.28 59.01 -7.37
N TYR C 196 -20.63 57.93 -7.79
CA TYR C 196 -20.04 57.81 -9.11
C TYR C 196 -20.68 56.69 -9.93
N GLN C 197 -21.79 56.13 -9.48
CA GLN C 197 -22.39 54.97 -10.11
C GLN C 197 -21.37 53.82 -10.24
N LEU C 198 -20.53 53.68 -9.22
CA LEU C 198 -19.50 52.66 -9.19
C LEU C 198 -19.97 51.45 -8.40
N THR C 199 -19.40 50.29 -8.72
CA THR C 199 -19.81 49.02 -8.16
C THR C 199 -18.60 48.34 -7.55
N PRO C 200 -18.78 47.50 -6.53
CA PRO C 200 -17.64 46.74 -6.01
C PRO C 200 -16.92 45.93 -7.09
N SER C 201 -17.68 45.43 -8.06
CA SER C 201 -17.08 44.76 -9.20
C SER C 201 -16.10 45.67 -9.92
N ASP C 202 -16.43 46.96 -10.02
CA ASP C 202 -15.52 47.90 -10.67
C ASP C 202 -14.19 47.97 -9.95
N ILE C 203 -14.22 48.05 -8.63
CA ILE C 203 -13.00 48.12 -7.85
C ILE C 203 -12.20 46.84 -8.03
N ALA C 204 -12.88 45.70 -8.05
CA ALA C 204 -12.18 44.43 -8.27
C ALA C 204 -11.47 44.44 -9.62
N THR C 205 -12.13 44.94 -10.66
CA THR C 205 -11.50 44.95 -11.97
C THR C 205 -10.32 45.88 -12.03
N ALA C 206 -10.43 47.07 -11.43
CA ALA C 206 -9.29 47.98 -11.39
C ALA C 206 -8.11 47.35 -10.65
N LEU C 207 -8.39 46.68 -9.53
CA LEU C 207 -7.35 45.94 -8.82
C LEU C 207 -6.71 44.90 -9.72
N GLN C 208 -7.51 44.14 -10.45
CA GLN C 208 -6.99 43.05 -11.25
C GLN C 208 -6.11 43.57 -12.37
N ALA C 209 -6.47 44.71 -12.96
CA ALA C 209 -5.63 45.26 -14.03
C ALA C 209 -4.36 45.90 -13.48
N GLN C 210 -4.45 46.65 -12.39
CA GLN C 210 -3.35 47.49 -11.96
C GLN C 210 -2.46 46.89 -10.89
N ASN C 211 -2.74 45.68 -10.40
CA ASN C 211 -1.86 45.03 -9.42
C ASN C 211 -1.62 43.61 -9.89
N SER C 212 -0.65 43.43 -10.78
CA SER C 212 -0.44 42.14 -11.40
C SER C 212 0.90 42.11 -12.09
N GLN C 213 1.38 40.94 -12.47
CA GLN C 213 2.55 40.79 -13.28
C GLN C 213 2.09 40.49 -14.70
N VAL C 214 2.91 40.73 -15.69
CA VAL C 214 2.56 40.39 -17.06
C VAL C 214 3.74 39.65 -17.70
N ALA C 215 3.52 38.51 -18.35
CA ALA C 215 4.57 37.76 -19.03
C ALA C 215 4.82 38.45 -20.38
N VAL C 216 5.91 39.20 -20.51
CA VAL C 216 6.17 40.05 -21.66
C VAL C 216 7.43 39.62 -22.41
N GLY C 217 7.92 38.42 -22.19
CA GLY C 217 8.95 37.87 -23.04
C GLY C 217 10.34 38.41 -22.76
N GLN C 218 11.23 38.21 -23.73
CA GLN C 218 12.64 38.56 -23.61
C GLN C 218 13.06 39.40 -24.79
N LEU C 219 14.13 40.16 -24.61
CA LEU C 219 14.78 40.80 -25.74
C LEU C 219 15.62 39.77 -26.47
N GLY C 220 15.48 39.72 -27.78
CA GLY C 220 16.16 38.67 -28.53
C GLY C 220 15.66 37.29 -28.22
N GLY C 221 14.33 37.14 -28.15
CA GLY C 221 13.72 35.86 -27.87
C GLY C 221 13.99 34.83 -28.95
N ALA C 222 13.64 33.58 -28.64
CA ALA C 222 14.25 32.38 -29.19
C ALA C 222 14.40 32.38 -30.71
N PRO C 223 13.34 32.39 -31.52
CA PRO C 223 13.58 32.48 -32.97
C PRO C 223 14.06 33.88 -33.32
N ALA C 224 15.35 34.11 -33.11
CA ALA C 224 15.93 35.43 -33.28
C ALA C 224 16.23 35.72 -34.74
N VAL C 225 16.38 37.00 -35.05
CA VAL C 225 16.89 37.42 -36.33
C VAL C 225 18.39 37.20 -36.34
N GLN C 226 18.91 36.63 -37.42
CA GLN C 226 20.33 36.34 -37.50
C GLN C 226 21.12 37.61 -37.25
N GLY C 227 22.10 37.51 -36.36
CA GLY C 227 22.90 38.65 -35.98
C GLY C 227 22.47 39.34 -34.70
N GLN C 228 21.60 38.72 -33.90
CA GLN C 228 21.25 39.28 -32.61
C GLN C 228 22.43 39.12 -31.66
N VAL C 229 22.80 40.23 -31.01
CA VAL C 229 23.92 40.17 -30.08
C VAL C 229 23.47 39.92 -28.65
N LEU C 230 22.29 40.37 -28.26
CA LEU C 230 21.89 40.42 -26.86
C LEU C 230 20.64 39.59 -26.62
N ASN C 231 20.54 39.00 -25.42
CA ASN C 231 19.33 38.31 -24.99
C ASN C 231 19.11 38.64 -23.52
N ALA C 232 18.05 39.40 -23.21
CA ALA C 232 17.76 39.79 -21.84
C ALA C 232 16.27 39.64 -21.54
N THR C 233 15.97 39.43 -20.27
CA THR C 233 14.60 39.39 -19.79
C THR C 233 14.01 40.78 -19.72
N VAL C 234 12.71 40.89 -20.02
CA VAL C 234 11.99 42.15 -20.01
C VAL C 234 10.91 42.09 -18.95
N ASN C 235 10.74 43.19 -18.21
CA ASN C 235 9.76 43.31 -17.14
C ASN C 235 8.88 44.52 -17.39
N ALA C 236 7.57 44.37 -17.15
CA ALA C 236 6.61 45.44 -17.42
C ALA C 236 6.17 46.19 -16.17
N GLN C 237 5.51 45.52 -15.22
CA GLN C 237 4.99 46.22 -14.05
C GLN C 237 5.02 45.29 -12.85
N SER C 238 5.40 45.83 -11.71
CA SER C 238 5.51 45.07 -10.48
C SER C 238 4.22 45.14 -9.68
N LEU C 239 4.08 44.22 -8.73
CA LEU C 239 2.97 44.27 -7.79
C LEU C 239 3.10 45.49 -6.89
N LEU C 240 1.96 46.02 -6.48
CA LEU C 240 1.97 47.10 -5.51
C LEU C 240 2.42 46.57 -4.15
N GLN C 241 3.05 47.43 -3.38
CA GLN C 241 3.66 47.04 -2.13
C GLN C 241 3.09 47.75 -0.91
N THR C 242 2.89 49.06 -0.99
CA THR C 242 2.48 49.86 0.14
C THR C 242 1.03 50.29 0.01
N PRO C 243 0.39 50.67 1.12
CA PRO C 243 -0.98 51.18 1.03
C PRO C 243 -1.11 52.41 0.16
N GLU C 244 -0.07 53.24 0.10
CA GLU C 244 -0.12 54.45 -0.72
C GLU C 244 -0.33 54.10 -2.19
N GLN C 245 0.33 53.04 -2.67
CA GLN C 245 0.14 52.63 -4.05
C GLN C 245 -1.29 52.21 -4.31
N PHE C 246 -1.88 51.47 -3.38
CA PHE C 246 -3.26 51.06 -3.55
C PHE C 246 -4.20 52.25 -3.53
N LYS C 247 -3.91 53.24 -2.68
CA LYS C 247 -4.72 54.44 -2.68
C LYS C 247 -4.76 55.13 -4.04
N ASN C 248 -3.74 54.94 -4.88
CA ASN C 248 -3.66 55.67 -6.13
C ASN C 248 -4.24 54.94 -7.34
N ILE C 249 -4.79 53.75 -7.16
CA ILE C 249 -5.36 53.02 -8.28
C ILE C 249 -6.44 53.87 -8.96
N PHE C 250 -6.30 54.05 -10.27
CA PHE C 250 -7.25 54.83 -11.06
C PHE C 250 -8.52 54.04 -11.33
N LEU C 251 -9.67 54.71 -11.28
CA LEU C 251 -10.96 54.04 -11.38
C LEU C 251 -11.81 54.51 -12.54
N LYS C 252 -11.97 55.81 -12.75
CA LYS C 252 -12.84 56.30 -13.81
C LYS C 252 -12.62 57.80 -13.95
N ASN C 253 -13.38 58.40 -14.86
CA ASN C 253 -13.34 59.83 -15.11
C ASN C 253 -14.76 60.38 -15.14
N THR C 254 -14.92 61.57 -14.56
CA THR C 254 -16.22 62.22 -14.51
C THR C 254 -16.47 63.00 -15.80
N ALA C 255 -17.74 63.31 -16.04
CA ALA C 255 -18.09 64.13 -17.19
C ALA C 255 -17.42 65.49 -17.11
N SER C 256 -17.33 66.06 -15.91
CA SER C 256 -16.63 67.34 -15.74
C SER C 256 -15.17 67.19 -16.12
N GLY C 257 -14.53 66.09 -15.71
CA GLY C 257 -13.16 65.83 -16.08
C GLY C 257 -12.28 65.34 -14.95
N ALA C 258 -12.83 65.25 -13.74
CA ALA C 258 -12.04 64.82 -12.60
C ALA C 258 -11.76 63.32 -12.69
N GLU C 259 -10.63 62.91 -12.12
CA GLU C 259 -10.15 61.53 -12.20
C GLU C 259 -10.38 60.85 -10.86
N VAL C 260 -11.31 59.91 -10.83
CA VAL C 260 -11.69 59.20 -9.61
C VAL C 260 -10.63 58.16 -9.28
N ARG C 261 -10.02 58.28 -8.11
CA ARG C 261 -9.06 57.31 -7.61
C ARG C 261 -9.73 56.40 -6.59
N LEU C 262 -8.98 55.39 -6.14
CA LEU C 262 -9.53 54.44 -5.16
C LEU C 262 -9.68 55.08 -3.80
N LYS C 263 -8.76 55.96 -3.42
CA LYS C 263 -8.87 56.65 -2.14
C LYS C 263 -10.15 57.47 -2.08
N ASP C 264 -10.67 57.89 -3.23
CA ASP C 264 -11.87 58.71 -3.28
C ASP C 264 -13.11 57.93 -2.87
N VAL C 265 -13.03 56.63 -2.68
CA VAL C 265 -14.22 55.85 -2.41
C VAL C 265 -14.00 54.83 -1.29
N ALA C 266 -12.76 54.66 -0.85
CA ALA C 266 -12.47 53.57 0.09
C ALA C 266 -11.36 53.97 1.04
N ARG C 267 -11.32 53.27 2.17
CA ARG C 267 -10.27 53.41 3.15
C ARG C 267 -9.36 52.21 3.04
N VAL C 268 -8.06 52.46 2.87
CA VAL C 268 -7.07 51.43 2.62
C VAL C 268 -6.11 51.38 3.80
N GLU C 269 -5.92 50.20 4.35
CA GLU C 269 -5.03 50.06 5.48
C GLU C 269 -4.56 48.62 5.54
N LEU C 270 -3.45 48.35 6.19
CA LEU C 270 -2.92 47.03 6.23
C LEU C 270 -3.50 46.45 7.49
N GLY C 271 -4.32 45.32 7.49
CA GLY C 271 -5.02 44.65 8.56
C GLY C 271 -4.79 43.15 8.56
N SER C 272 -5.74 42.37 9.06
CA SER C 272 -5.60 40.93 9.09
C SER C 272 -6.26 40.30 7.87
N ASP C 273 -5.91 39.04 7.63
CA ASP C 273 -6.66 38.19 6.71
C ASP C 273 -7.66 37.32 7.44
N ASN C 274 -7.84 37.52 8.74
CA ASN C 274 -8.72 36.69 9.54
C ASN C 274 -9.15 37.46 10.78
N TYR C 275 -10.45 37.66 10.95
CA TYR C 275 -10.98 38.51 12.02
C TYR C 275 -11.90 37.76 12.96
N GLN C 276 -11.83 36.44 13.01
CA GLN C 276 -12.85 35.65 13.67
C GLN C 276 -12.42 35.08 15.01
N PHE C 277 -11.16 35.25 15.41
CA PHE C 277 -10.65 34.72 16.66
C PHE C 277 -10.00 35.85 17.46
N ASP C 278 -10.06 35.71 18.77
CA ASP C 278 -9.32 36.57 19.70
C ASP C 278 -8.70 35.67 20.75
N SER C 279 -7.38 35.51 20.71
CA SER C 279 -6.67 34.68 21.60
C SER C 279 -5.84 35.45 22.61
N LYS C 280 -5.87 35.05 23.87
CA LYS C 280 -5.13 35.68 24.94
C LYS C 280 -4.40 34.62 25.75
N PHE C 281 -3.40 35.05 26.49
CA PHE C 281 -2.61 34.17 27.36
C PHE C 281 -2.44 34.87 28.69
N ASN C 282 -3.10 34.33 29.73
CA ASN C 282 -3.13 34.97 31.04
C ASN C 282 -3.75 36.36 30.96
N GLY C 283 -4.80 36.49 30.16
CA GLY C 283 -5.51 37.73 30.02
C GLY C 283 -4.86 38.76 29.10
N LYS C 284 -3.76 38.41 28.47
CA LYS C 284 -3.01 39.32 27.61
C LYS C 284 -3.05 38.83 26.18
N PRO C 285 -3.07 39.76 25.20
CA PRO C 285 -3.18 39.32 23.81
C PRO C 285 -2.07 38.42 23.35
N ALA C 286 -2.39 37.34 22.65
CA ALA C 286 -1.38 36.39 22.23
C ALA C 286 -1.74 35.71 20.93
N ALA C 287 -0.77 35.04 20.36
CA ALA C 287 -0.98 34.25 19.16
C ALA C 287 -0.72 32.81 19.61
N GLY C 288 -1.43 31.72 19.15
CA GLY C 288 -1.37 30.32 19.50
C GLY C 288 -1.19 29.43 18.28
N LEU C 289 -0.31 28.45 18.42
CA LEU C 289 -0.21 27.33 17.50
C LEU C 289 -0.57 26.06 18.24
N ALA C 290 -1.59 25.37 17.76
CA ALA C 290 -2.01 24.08 18.30
C ALA C 290 -1.61 22.99 17.32
N ILE C 291 -0.80 22.06 17.77
CA ILE C 291 -0.28 20.99 16.91
C ILE C 291 -1.02 19.69 17.20
N LYS C 292 -1.37 18.91 16.15
CA LYS C 292 -1.91 17.55 16.28
C LYS C 292 -0.93 16.59 15.62
N ILE C 293 -0.65 15.45 16.23
CA ILE C 293 0.25 14.43 15.66
C ILE C 293 -0.34 13.71 14.43
N ALA C 294 0.50 13.34 13.49
CA ALA C 294 0.11 12.54 12.36
C ALA C 294 -0.11 11.16 12.94
N THR C 295 -1.10 10.44 12.46
CA THR C 295 -1.38 9.13 13.01
C THR C 295 -0.19 8.17 12.87
N GLY C 296 0.09 7.41 13.91
CA GLY C 296 1.21 6.51 13.87
C GLY C 296 2.54 7.05 14.35
N ALA C 297 2.54 8.24 14.94
CA ALA C 297 3.77 8.82 15.43
C ALA C 297 3.90 8.79 16.97
N ASN C 298 5.12 8.66 17.48
CA ASN C 298 5.35 8.65 18.90
C ASN C 298 5.29 10.07 19.44
N ALA C 299 4.35 10.32 20.35
CA ALA C 299 4.12 11.67 20.84
C ALA C 299 5.38 12.27 21.45
N LEU C 300 6.11 11.48 22.24
CA LEU C 300 7.33 11.99 22.85
C LEU C 300 8.36 12.38 21.80
N ASP C 301 8.51 11.55 20.77
CA ASP C 301 9.46 11.86 19.71
C ASP C 301 9.10 13.16 19.01
N THR C 302 7.83 13.29 18.70
CA THR C 302 7.31 14.45 18.01
C THR C 302 7.47 15.71 18.80
N ALA C 303 7.21 15.65 20.09
CA ALA C 303 7.37 16.80 20.99
C ALA C 303 8.85 17.18 21.10
N GLU C 304 9.74 16.20 21.17
CA GLU C 304 11.16 16.52 21.19
C GLU C 304 11.58 17.22 19.90
N ALA C 305 11.11 16.72 18.76
CA ALA C 305 11.48 17.32 17.48
C ALA C 305 10.96 18.74 17.35
N VAL C 306 9.74 18.97 17.82
CA VAL C 306 9.16 20.31 17.79
C VAL C 306 9.97 21.26 18.65
N GLU C 307 10.34 20.83 19.86
CA GLU C 307 11.14 21.69 20.70
C GLU C 307 12.50 21.95 20.09
N GLN C 308 13.07 20.97 19.40
CA GLN C 308 14.35 21.19 18.74
C GLN C 308 14.22 22.26 17.66
N ARG C 309 13.25 22.10 16.75
CA ARG C 309 13.05 23.06 15.69
C ARG C 309 12.77 24.45 16.26
N LEU C 310 11.98 24.51 17.33
CA LEU C 310 11.64 25.79 17.93
C LEU C 310 12.86 26.46 18.55
N SER C 311 13.67 25.70 19.27
CA SER C 311 14.89 26.25 19.82
C SER C 311 15.81 26.77 18.73
N GLU C 312 15.83 26.10 17.58
CA GLU C 312 16.58 26.63 16.43
C GLU C 312 15.99 27.95 15.96
N LEU C 313 14.67 28.01 15.84
CA LEU C 313 14.01 29.21 15.32
C LEU C 313 14.14 30.40 16.25
N ARG C 314 14.32 30.16 17.55
CA ARG C 314 14.28 31.25 18.53
C ARG C 314 15.32 32.31 18.26
N LYS C 315 16.41 31.93 17.59
CA LYS C 315 17.54 32.85 17.44
C LYS C 315 17.20 34.06 16.58
N ASN C 316 16.17 33.98 15.75
CA ASN C 316 15.74 35.11 14.94
C ASN C 316 14.46 35.78 15.38
N TYR C 317 14.07 35.62 16.64
CA TYR C 317 12.89 36.31 17.13
C TYR C 317 13.13 37.81 17.12
N PRO C 318 12.10 38.59 16.84
CA PRO C 318 12.20 40.03 17.09
C PRO C 318 12.48 40.29 18.57
N THR C 319 13.10 41.42 18.86
CA THR C 319 13.14 41.89 20.23
C THR C 319 11.74 41.92 20.79
N GLY C 320 11.54 41.29 21.94
CA GLY C 320 10.27 41.32 22.63
C GLY C 320 9.34 40.17 22.38
N LEU C 321 9.76 39.13 21.66
CA LEU C 321 8.92 37.97 21.40
C LEU C 321 9.36 36.84 22.31
N ALA C 322 8.38 36.19 22.93
CA ALA C 322 8.63 35.02 23.77
C ALA C 322 7.56 33.98 23.47
N ASP C 323 7.85 32.74 23.85
CA ASP C 323 6.87 31.67 23.71
C ASP C 323 6.88 30.82 24.97
N LYS C 324 5.90 29.94 25.06
CA LYS C 324 5.70 29.12 26.24
C LYS C 324 4.65 28.08 25.92
N LEU C 325 4.89 26.86 26.34
CA LEU C 325 3.91 25.81 26.19
C LEU C 325 2.78 26.09 27.15
N ALA C 326 1.59 26.34 26.61
CA ALA C 326 0.43 26.59 27.43
C ALA C 326 -0.32 25.31 27.75
N TYR C 327 -0.22 24.32 26.89
CA TYR C 327 -1.00 23.10 26.98
C TYR C 327 -0.14 21.98 26.43
N ASP C 328 0.12 20.96 27.24
CA ASP C 328 1.11 19.95 26.90
C ASP C 328 0.82 18.68 27.68
N THR C 329 0.95 17.54 27.00
CA THR C 329 0.56 16.26 27.57
C THR C 329 1.72 15.37 27.94
N THR C 330 2.90 15.63 27.43
CA THR C 330 4.03 14.73 27.58
C THR C 330 4.57 14.64 29.00
N PRO C 331 4.46 15.69 29.82
CA PRO C 331 4.85 15.53 31.23
C PRO C 331 4.15 14.34 31.88
N PHE C 332 2.84 14.21 31.69
CA PHE C 332 2.11 13.12 32.30
C PHE C 332 2.59 11.77 31.79
N ILE C 333 2.86 11.67 30.50
CA ILE C 333 3.34 10.42 29.92
C ILE C 333 4.66 10.01 30.54
N ARG C 334 5.62 10.93 30.56
CA ARG C 334 6.93 10.61 31.12
C ARG C 334 6.81 10.24 32.60
N LEU C 335 5.97 10.96 33.33
CA LEU C 335 5.77 10.68 34.74
C LEU C 335 5.22 9.29 34.96
N SER C 336 4.26 8.87 34.13
CA SER C 336 3.62 7.59 34.37
C SER C 336 4.51 6.43 33.96
N ILE C 337 5.37 6.65 32.95
CA ILE C 337 6.42 5.65 32.69
C ILE C 337 7.31 5.49 33.92
N GLU C 338 7.77 6.60 34.50
CA GLU C 338 8.62 6.49 35.67
C GLU C 338 7.89 5.80 36.82
N SER C 339 6.59 6.05 36.94
CA SER C 339 5.78 5.38 37.96
C SER C 339 5.85 3.88 37.80
N VAL C 340 5.61 3.39 36.58
CA VAL C 340 5.60 1.95 36.37
C VAL C 340 6.98 1.36 36.63
N VAL C 341 8.03 2.09 36.27
CA VAL C 341 9.37 1.52 36.46
C VAL C 341 9.72 1.44 37.94
N HIS C 342 9.36 2.45 38.72
CA HIS C 342 9.60 2.35 40.16
C HIS C 342 8.84 1.18 40.76
N THR C 343 7.57 0.99 40.38
CA THR C 343 6.85 -0.15 40.94
C THR C 343 7.45 -1.47 40.49
N LEU C 344 8.03 -1.55 39.29
CA LEU C 344 8.67 -2.79 38.87
C LEU C 344 9.89 -3.10 39.73
N ILE C 345 10.73 -2.10 40.00
CA ILE C 345 11.88 -2.32 40.87
C ILE C 345 11.41 -2.77 42.24
N GLU C 346 10.37 -2.13 42.77
CA GLU C 346 9.86 -2.49 44.09
C GLU C 346 9.33 -3.92 44.10
N ALA C 347 8.66 -4.32 43.02
CA ALA C 347 8.21 -5.70 42.89
C ALA C 347 9.37 -6.66 43.02
N VAL C 348 10.47 -6.38 42.32
CA VAL C 348 11.62 -7.26 42.37
C VAL C 348 12.15 -7.38 43.79
N ILE C 349 12.27 -6.25 44.48
CA ILE C 349 12.79 -6.28 45.84
C ILE C 349 11.90 -7.13 46.74
N LEU C 350 10.59 -6.91 46.65
CA LEU C 350 9.67 -7.66 47.51
C LEU C 350 9.74 -9.16 47.23
N VAL C 351 9.80 -9.55 45.96
CA VAL C 351 9.88 -10.96 45.62
C VAL C 351 11.15 -11.57 46.20
N PHE C 352 12.27 -10.84 46.10
CA PHE C 352 13.50 -11.35 46.69
C PHE C 352 13.34 -11.57 48.19
N ILE C 353 12.68 -10.63 48.87
CA ILE C 353 12.51 -10.77 50.32
C ILE C 353 11.71 -12.01 50.66
N VAL C 354 10.60 -12.25 49.95
CA VAL C 354 9.76 -13.38 50.33
C VAL C 354 10.45 -14.70 50.00
N MET C 355 11.14 -14.76 48.86
CA MET C 355 11.93 -15.95 48.57
C MET C 355 12.99 -16.18 49.63
N PHE C 356 13.55 -15.11 50.20
CA PHE C 356 14.49 -15.30 51.29
C PHE C 356 13.78 -15.83 52.53
N LEU C 357 12.59 -15.32 52.81
CA LEU C 357 11.86 -15.79 53.98
C LEU C 357 11.67 -17.30 53.93
N PHE C 358 11.45 -17.85 52.73
CA PHE C 358 11.26 -19.29 52.63
C PHE C 358 12.55 -20.08 52.40
N LEU C 359 13.45 -19.61 51.55
CA LEU C 359 14.78 -20.19 51.44
C LEU C 359 15.68 -19.41 52.39
N GLN C 360 16.10 -20.04 53.47
CA GLN C 360 16.72 -19.30 54.55
C GLN C 360 18.15 -18.85 54.27
N ASN C 361 18.82 -19.43 53.27
CA ASN C 361 20.20 -19.12 52.93
C ASN C 361 20.38 -18.11 51.80
N TRP C 362 21.53 -17.46 51.72
CA TRP C 362 21.85 -16.55 50.65
C TRP C 362 22.09 -17.30 49.32
N ARG C 363 22.69 -18.48 49.38
CA ARG C 363 23.00 -19.23 48.19
C ARG C 363 21.77 -19.72 47.49
N ALA C 364 20.83 -20.24 48.26
CA ALA C 364 19.60 -20.71 47.69
C ALA C 364 18.84 -19.54 47.15
N THR C 365 18.84 -18.44 47.90
CA THR C 365 18.12 -17.26 47.52
C THR C 365 18.62 -16.61 46.21
N ILE C 366 19.90 -16.66 45.90
CA ILE C 366 20.42 -16.01 44.73
C ILE C 366 20.01 -16.57 43.39
N ILE C 367 19.76 -17.87 43.35
CA ILE C 367 19.43 -18.57 42.11
C ILE C 367 18.12 -18.11 41.46
N PRO C 368 16.98 -18.08 42.23
CA PRO C 368 15.81 -17.54 41.54
C PRO C 368 15.90 -16.06 41.27
N THR C 369 16.66 -15.31 42.07
CA THR C 369 16.88 -13.91 41.78
C THR C 369 17.61 -13.72 40.46
N LEU C 370 18.64 -14.53 40.21
CA LEU C 370 19.40 -14.41 38.98
C LEU C 370 18.56 -14.65 37.75
N ALA C 371 17.39 -15.28 37.90
CA ALA C 371 16.54 -15.52 36.75
C ALA C 371 15.91 -14.23 36.25
N VAL C 372 15.66 -13.28 37.15
CA VAL C 372 14.88 -12.11 36.78
C VAL C 372 15.51 -11.30 35.67
N PRO C 373 16.77 -10.88 35.77
CA PRO C 373 17.36 -10.10 34.66
C PRO C 373 17.27 -10.81 33.34
N VAL C 374 17.55 -12.12 33.33
CA VAL C 374 17.56 -12.87 32.07
C VAL C 374 16.19 -12.81 31.43
N VAL C 375 15.15 -13.14 32.18
CA VAL C 375 13.83 -13.26 31.58
C VAL C 375 13.32 -11.89 31.16
N VAL C 376 13.53 -10.88 32.00
CA VAL C 376 13.04 -9.54 31.66
C VAL C 376 13.71 -9.05 30.38
N LEU C 377 15.04 -9.10 30.33
CA LEU C 377 15.73 -8.54 29.19
C LEU C 377 15.50 -9.35 27.93
N GLY C 378 15.45 -10.67 28.04
CA GLY C 378 15.14 -11.48 26.88
C GLY C 378 13.74 -11.23 26.37
N THR C 379 12.78 -11.01 27.27
CA THR C 379 11.43 -10.73 26.83
C THR C 379 11.38 -9.40 26.07
N PHE C 380 12.07 -8.38 26.56
CA PHE C 380 12.13 -7.14 25.81
C PHE C 380 12.72 -7.36 24.42
N ALA C 381 13.83 -8.09 24.34
CA ALA C 381 14.42 -8.37 23.04
C ALA C 381 13.41 -9.03 22.10
N VAL C 382 12.74 -10.08 22.58
CA VAL C 382 11.82 -10.84 21.75
C VAL C 382 10.65 -9.97 21.31
N ILE C 383 10.04 -9.23 22.24
CA ILE C 383 8.83 -8.50 21.85
C ILE C 383 9.19 -7.34 20.93
N ASN C 384 10.37 -6.75 21.11
CA ASN C 384 10.80 -5.73 20.16
C ASN C 384 10.99 -6.32 18.78
N ILE C 385 11.41 -7.58 18.69
CA ILE C 385 11.49 -8.19 17.36
C ILE C 385 10.16 -8.09 16.65
N PHE C 386 9.06 -8.05 17.39
CA PHE C 386 7.72 -8.02 16.83
C PHE C 386 7.07 -6.65 16.87
N GLY C 387 7.81 -5.60 17.18
CA GLY C 387 7.28 -4.26 17.10
C GLY C 387 6.55 -3.74 18.32
N PHE C 388 6.67 -4.40 19.46
CA PHE C 388 6.01 -3.93 20.67
C PHE C 388 6.91 -2.95 21.40
N SER C 389 6.33 -1.86 21.88
CA SER C 389 7.11 -0.78 22.46
C SER C 389 7.14 -0.87 23.98
N ILE C 390 7.73 0.13 24.61
CA ILE C 390 7.74 0.30 26.06
C ILE C 390 6.63 1.28 26.37
N ASN C 391 5.46 0.76 26.70
CA ASN C 391 4.33 1.59 27.07
C ASN C 391 3.85 1.12 28.44
N THR C 392 2.83 1.80 28.96
CA THR C 392 2.34 1.47 30.30
C THR C 392 1.84 0.04 30.38
N LEU C 393 1.25 -0.47 29.29
CA LEU C 393 0.62 -1.78 29.31
C LEU C 393 1.63 -2.91 29.35
N THR C 394 2.67 -2.82 28.52
CA THR C 394 3.69 -3.86 28.52
C THR C 394 4.51 -3.84 29.80
N MET C 395 4.65 -2.68 30.42
CA MET C 395 5.32 -2.60 31.71
C MET C 395 4.45 -3.19 32.81
N PHE C 396 3.14 -2.95 32.76
CA PHE C 396 2.24 -3.63 33.68
C PHE C 396 2.39 -5.13 33.55
N ALA C 397 2.42 -5.62 32.30
CA ALA C 397 2.59 -7.05 32.08
C ALA C 397 3.90 -7.56 32.70
N MET C 398 5.00 -6.83 32.51
CA MET C 398 6.26 -7.25 33.11
C MET C 398 6.15 -7.35 34.63
N VAL C 399 5.53 -6.34 35.26
CA VAL C 399 5.39 -6.37 36.72
C VAL C 399 4.54 -7.57 37.15
N LEU C 400 3.49 -7.85 36.39
CA LEU C 400 2.64 -8.99 36.68
C LEU C 400 3.39 -10.31 36.51
N ALA C 401 4.32 -10.35 35.58
CA ALA C 401 5.10 -11.55 35.29
C ALA C 401 6.22 -11.79 36.27
N ILE C 402 6.73 -10.75 36.92
CA ILE C 402 7.87 -10.92 37.82
C ILE C 402 7.59 -12.02 38.83
N GLY C 403 6.35 -12.11 39.32
CA GLY C 403 5.96 -13.09 40.30
C GLY C 403 5.62 -14.45 39.75
N LEU C 404 5.55 -14.57 38.43
CA LEU C 404 5.36 -15.86 37.78
C LEU C 404 6.64 -16.44 37.20
N LEU C 405 7.59 -15.60 36.83
CA LEU C 405 8.75 -16.11 36.11
C LEU C 405 9.72 -16.82 37.05
N VAL C 406 9.71 -16.45 38.32
CA VAL C 406 10.57 -17.05 39.33
C VAL C 406 10.02 -18.39 39.80
N ASP C 407 8.93 -18.87 39.19
CA ASP C 407 8.26 -20.05 39.71
C ASP C 407 9.08 -21.30 39.46
N ASP C 408 9.30 -21.63 38.19
CA ASP C 408 10.05 -22.83 37.85
C ASP C 408 11.38 -22.88 38.58
N ALA C 409 12.04 -21.73 38.71
CA ALA C 409 13.27 -21.67 39.48
C ALA C 409 13.05 -22.01 40.94
N ILE C 410 11.98 -21.48 41.55
CA ILE C 410 11.73 -21.75 42.96
C ILE C 410 11.49 -23.23 43.16
N VAL C 411 10.68 -23.83 42.29
CA VAL C 411 10.42 -25.26 42.37
C VAL C 411 11.72 -26.04 42.32
N VAL C 412 12.59 -25.70 41.37
CA VAL C 412 13.85 -26.43 41.21
C VAL C 412 14.70 -26.29 42.45
N VAL C 413 14.94 -25.06 42.90
CA VAL C 413 15.86 -24.83 44.00
C VAL C 413 15.34 -25.48 45.27
N GLU C 414 14.03 -25.40 45.48
CA GLU C 414 13.43 -26.00 46.67
C GLU C 414 13.59 -27.52 46.66
N ASN C 415 13.44 -28.16 45.53
CA ASN C 415 13.62 -29.60 45.51
C ASN C 415 15.07 -29.98 45.81
N VAL C 416 16.02 -29.17 45.34
CA VAL C 416 17.42 -29.44 45.61
C VAL C 416 17.75 -29.32 47.05
N GLU C 417 17.23 -28.31 47.69
CA GLU C 417 17.51 -28.07 49.06
C GLU C 417 16.96 -29.16 49.94
N ARG C 418 15.77 -29.63 49.64
CA ARG C 418 15.20 -30.72 50.39
C ARG C 418 15.98 -32.00 50.19
N VAL C 419 16.29 -32.32 48.94
CA VAL C 419 17.00 -33.54 48.61
C VAL C 419 18.35 -33.51 49.26
N MET C 420 19.02 -32.38 49.21
CA MET C 420 20.31 -32.23 49.85
C MET C 420 20.21 -32.40 51.34
N SER C 421 19.15 -31.88 51.94
CA SER C 421 18.92 -32.09 53.35
C SER C 421 18.52 -33.51 53.67
N GLU C 422 17.66 -34.12 52.86
CA GLU C 422 17.16 -35.46 53.14
C GLU C 422 18.22 -36.55 53.11
N ASP C 423 19.06 -36.54 52.09
CA ASP C 423 20.16 -37.49 51.98
C ASP C 423 21.29 -36.52 51.83
N HIS C 424 22.31 -36.58 52.66
CA HIS C 424 23.31 -35.56 52.55
C HIS C 424 24.21 -35.98 51.39
N THR C 425 24.08 -35.30 50.27
CA THR C 425 24.85 -35.60 49.09
C THR C 425 25.33 -34.32 48.49
N ASP C 426 26.33 -34.43 47.62
CA ASP C 426 26.92 -33.29 46.96
C ASP C 426 25.95 -32.52 46.10
N PRO C 427 26.19 -31.21 45.90
CA PRO C 427 25.24 -30.45 45.09
C PRO C 427 25.02 -30.96 43.69
N VAL C 428 26.03 -31.51 43.05
CA VAL C 428 25.85 -32.01 41.69
C VAL C 428 24.96 -33.23 41.56
N THR C 429 25.16 -34.20 42.45
CA THR C 429 24.38 -35.43 42.46
C THR C 429 23.01 -35.14 42.84
N ALA C 430 22.89 -34.33 43.88
CA ALA C 430 21.62 -33.92 44.40
C ALA C 430 20.78 -33.25 43.33
N THR C 431 21.37 -32.35 42.56
CA THR C 431 20.69 -31.68 41.49
C THR C 431 20.23 -32.60 40.39
N SER C 432 21.00 -33.61 40.05
CA SER C 432 20.59 -34.51 38.99
C SER C 432 19.35 -35.26 39.37
N ARG C 433 19.31 -35.64 40.63
CA ARG C 433 18.19 -36.33 41.23
C ARG C 433 16.97 -35.43 41.24
N SER C 434 17.16 -34.16 41.56
CA SER C 434 16.04 -33.24 41.63
C SER C 434 15.30 -32.98 40.31
N MET C 435 16.05 -32.71 39.27
CA MET C 435 15.48 -32.48 37.95
C MET C 435 14.68 -33.68 37.50
N GLN C 436 15.24 -34.88 37.69
CA GLN C 436 14.48 -36.07 37.33
C GLN C 436 13.16 -36.14 38.08
N GLN C 437 13.10 -35.57 39.29
CA GLN C 437 11.85 -35.57 40.03
C GLN C 437 10.84 -34.54 39.53
N ILE C 438 11.29 -33.36 39.08
CA ILE C 438 10.42 -32.19 38.97
C ILE C 438 10.19 -31.74 37.53
N SER C 439 10.72 -32.46 36.54
CA SER C 439 10.58 -31.98 35.16
C SER C 439 9.12 -31.91 34.72
N GLY C 440 8.32 -32.90 35.12
CA GLY C 440 6.91 -32.88 34.75
C GLY C 440 6.14 -31.73 35.37
N ALA C 441 6.42 -31.43 36.63
CA ALA C 441 5.79 -30.27 37.26
C ALA C 441 6.19 -28.98 36.55
N LEU C 442 7.47 -28.85 36.20
CA LEU C 442 7.88 -27.64 35.49
C LEU C 442 7.10 -27.48 34.20
N VAL C 443 6.97 -28.57 33.44
CA VAL C 443 6.28 -28.49 32.16
C VAL C 443 4.80 -28.15 32.37
N GLY C 444 4.17 -28.74 33.37
CA GLY C 444 2.77 -28.46 33.61
C GLY C 444 2.53 -27.01 33.99
N ILE C 445 3.35 -26.48 34.90
CA ILE C 445 3.23 -25.08 35.27
C ILE C 445 3.33 -24.21 34.04
N THR C 446 4.36 -24.46 33.23
CA THR C 446 4.59 -23.62 32.06
C THR C 446 3.42 -23.70 31.09
N SER C 447 2.90 -24.91 30.88
CA SER C 447 1.82 -25.10 29.91
C SER C 447 0.56 -24.36 30.32
N VAL C 448 0.15 -24.47 31.59
CA VAL C 448 -1.09 -23.79 31.99
C VAL C 448 -0.90 -22.29 31.92
N LEU C 449 0.21 -21.77 32.46
CA LEU C 449 0.35 -20.32 32.52
C LEU C 449 0.50 -19.74 31.13
N THR C 450 1.11 -20.47 30.19
CA THR C 450 1.19 -19.98 28.82
C THR C 450 -0.16 -20.04 28.13
N ALA C 451 -0.91 -21.13 28.35
CA ALA C 451 -2.17 -21.32 27.66
C ALA C 451 -3.23 -20.31 28.08
N VAL C 452 -3.27 -19.90 29.35
CA VAL C 452 -4.35 -19.01 29.77
C VAL C 452 -4.30 -17.70 28.97
N PHE C 453 -3.12 -17.18 28.68
CA PHE C 453 -3.02 -15.87 28.04
C PHE C 453 -2.98 -15.93 26.52
N VAL C 454 -3.17 -17.09 25.91
CA VAL C 454 -3.02 -17.20 24.45
C VAL C 454 -4.27 -16.72 23.72
N PRO C 455 -5.47 -17.21 24.03
CA PRO C 455 -6.63 -16.80 23.22
C PRO C 455 -6.83 -15.30 23.18
N MET C 456 -6.36 -14.62 24.22
CA MET C 456 -6.47 -13.17 24.32
C MET C 456 -5.93 -12.47 23.09
N ALA C 457 -4.87 -13.00 22.49
CA ALA C 457 -4.21 -12.33 21.37
C ALA C 457 -5.00 -12.39 20.06
N PHE C 458 -6.23 -12.92 20.05
CA PHE C 458 -6.96 -13.14 18.81
C PHE C 458 -8.28 -12.39 18.76
N PHE C 459 -8.43 -11.36 19.58
CA PHE C 459 -9.61 -10.52 19.53
C PHE C 459 -9.29 -9.27 18.72
N GLY C 460 -10.31 -8.73 18.07
CA GLY C 460 -10.16 -7.54 17.26
C GLY C 460 -10.61 -6.29 17.98
N GLY C 461 -10.48 -5.19 17.28
CA GLY C 461 -10.91 -3.91 17.80
C GLY C 461 -9.84 -3.26 18.64
N THR C 462 -10.26 -2.18 19.29
CA THR C 462 -9.37 -1.50 20.22
C THR C 462 -9.05 -2.40 21.41
N THR C 463 -10.07 -3.11 21.88
CA THR C 463 -9.88 -4.03 23.00
C THR C 463 -8.84 -5.08 22.65
N GLY C 464 -8.87 -5.62 21.44
CA GLY C 464 -7.84 -6.57 21.03
C GLY C 464 -6.44 -6.00 21.03
N VAL C 465 -6.31 -4.73 20.64
CA VAL C 465 -4.99 -4.11 20.67
C VAL C 465 -4.50 -4.00 22.11
N ILE C 466 -5.37 -3.62 23.03
CA ILE C 466 -4.97 -3.56 24.44
C ILE C 466 -4.60 -4.94 24.93
N TYR C 467 -5.39 -5.96 24.56
CA TYR C 467 -5.15 -7.31 25.03
C TYR C 467 -3.81 -7.85 24.56
N ARG C 468 -3.46 -7.58 23.31
CA ARG C 468 -2.28 -8.20 22.73
C ARG C 468 -1.01 -7.84 23.49
N GLN C 469 -0.94 -6.66 24.09
CA GLN C 469 0.24 -6.30 24.86
C GLN C 469 0.48 -7.28 25.99
N PHE C 470 -0.51 -7.38 26.90
CA PHE C 470 -0.43 -8.32 28.01
C PHE C 470 -0.17 -9.73 27.49
N SER C 471 -0.92 -10.13 26.47
CA SER C 471 -0.82 -11.50 25.97
C SER C 471 0.61 -11.83 25.56
N ILE C 472 1.13 -11.10 24.57
CA ILE C 472 2.42 -11.44 23.98
C ILE C 472 3.53 -11.34 25.01
N THR C 473 3.52 -10.27 25.82
CA THR C 473 4.57 -10.13 26.82
C THR C 473 4.56 -11.33 27.79
N LEU C 474 3.38 -11.68 28.31
CA LEU C 474 3.31 -12.75 29.29
C LEU C 474 3.72 -14.08 28.71
N VAL C 475 3.31 -14.37 27.47
CA VAL C 475 3.62 -15.64 26.84
C VAL C 475 5.13 -15.79 26.67
N THR C 476 5.77 -14.74 26.18
CA THR C 476 7.22 -14.78 26.05
C THR C 476 7.87 -14.98 27.41
N ALA C 477 7.36 -14.31 28.45
CA ALA C 477 7.97 -14.45 29.77
C ALA C 477 7.91 -15.88 30.27
N MET C 478 6.78 -16.55 30.06
CA MET C 478 6.63 -17.89 30.61
C MET C 478 7.49 -18.90 29.86
N VAL C 479 7.55 -18.78 28.53
CA VAL C 479 8.43 -19.68 27.78
C VAL C 479 9.88 -19.46 28.18
N LEU C 480 10.30 -18.20 28.29
CA LEU C 480 11.67 -17.92 28.68
C LEU C 480 11.98 -18.43 30.07
N SER C 481 11.02 -18.36 30.99
CA SER C 481 11.27 -18.85 32.33
C SER C 481 11.45 -20.36 32.36
N LEU C 482 10.69 -21.09 31.52
CA LEU C 482 10.93 -22.53 31.44
C LEU C 482 12.32 -22.83 30.89
N ILE C 483 12.76 -22.08 29.87
CA ILE C 483 14.10 -22.30 29.33
C ILE C 483 15.15 -22.05 30.41
N VAL C 484 14.99 -20.96 31.15
CA VAL C 484 15.95 -20.63 32.19
C VAL C 484 15.97 -21.72 33.25
N ALA C 485 14.79 -22.19 33.67
CA ALA C 485 14.74 -23.21 34.70
C ALA C 485 15.42 -24.49 34.25
N LEU C 486 15.39 -24.79 32.96
CA LEU C 486 16.03 -26.03 32.51
C LEU C 486 17.50 -25.87 32.16
N THR C 487 18.01 -24.65 31.98
CA THR C 487 19.41 -24.47 31.64
C THR C 487 20.21 -23.78 32.74
N PHE C 488 19.83 -22.56 33.13
CA PHE C 488 20.66 -21.76 34.01
C PHE C 488 20.60 -22.25 35.44
N THR C 489 19.42 -22.60 35.92
CA THR C 489 19.24 -22.84 37.35
C THR C 489 19.76 -24.19 37.79
N PRO C 490 19.67 -25.24 36.98
CA PRO C 490 20.40 -26.48 37.33
C PRO C 490 21.90 -26.28 37.45
N ALA C 491 22.49 -25.48 36.58
CA ALA C 491 23.92 -25.22 36.68
C ALA C 491 24.24 -24.51 37.99
N LEU C 492 23.46 -23.51 38.35
CA LEU C 492 23.74 -22.77 39.58
C LEU C 492 23.48 -23.63 40.81
N CYS C 493 22.50 -24.52 40.74
CA CYS C 493 22.29 -25.47 41.83
C CYS C 493 23.45 -26.43 41.95
N ALA C 494 24.10 -26.77 40.83
CA ALA C 494 25.24 -27.65 40.86
C ALA C 494 26.50 -26.96 41.36
N THR C 495 26.60 -25.65 41.18
CA THR C 495 27.83 -24.91 41.46
C THR C 495 27.76 -24.00 42.67
N ILE C 496 26.66 -23.30 42.88
CA ILE C 496 26.60 -22.36 43.98
C ILE C 496 26.21 -22.91 45.33
N LEU C 497 25.41 -23.96 45.36
CA LEU C 497 24.99 -24.52 46.62
C LEU C 497 26.14 -25.30 47.19
N LYS C 498 26.29 -25.33 48.51
CA LYS C 498 27.40 -26.04 49.12
C LYS C 498 26.92 -27.22 49.96
N GLN C 499 27.59 -28.36 49.88
CA GLN C 499 27.15 -29.53 50.62
C GLN C 499 27.49 -29.58 52.08
N HIS C 500 26.58 -29.18 52.95
CA HIS C 500 26.80 -29.33 54.38
C HIS C 500 25.44 -29.44 55.04
N ASP C 501 24.84 -30.63 55.04
CA ASP C 501 23.75 -30.90 55.97
C ASP C 501 24.05 -32.07 57.03
N PRO C 502 25.30 -32.22 57.62
CA PRO C 502 25.53 -33.33 58.55
C PRO C 502 25.06 -33.03 59.96
N ASN C 503 25.30 -33.96 60.87
CA ASN C 503 24.99 -33.75 62.28
C ASN C 503 25.98 -32.80 62.96
N LYS C 504 27.09 -32.48 62.31
CA LYS C 504 28.17 -31.77 62.98
C LYS C 504 27.80 -30.34 63.34
N GLU C 505 26.99 -29.67 62.54
CA GLU C 505 26.90 -28.22 62.59
C GLU C 505 25.59 -27.73 63.23
N PRO C 506 25.57 -27.43 64.52
CA PRO C 506 24.51 -26.60 65.09
C PRO C 506 24.90 -25.13 65.09
N SER C 507 23.94 -24.23 64.99
CA SER C 507 24.29 -22.81 64.99
C SER C 507 23.28 -21.94 65.77
N ASN C 508 23.78 -20.96 66.52
CA ASN C 508 22.90 -20.07 67.27
C ASN C 508 23.11 -18.62 66.82
N ASN C 509 22.04 -17.91 66.50
CA ASN C 509 22.12 -16.53 66.02
C ASN C 509 20.71 -15.95 66.16
N ILE C 510 20.56 -14.64 66.28
CA ILE C 510 19.24 -14.05 66.38
C ILE C 510 18.44 -14.34 65.12
N PHE C 511 19.07 -14.24 63.95
CA PHE C 511 18.42 -14.52 62.68
C PHE C 511 18.01 -15.98 62.60
N ALA C 512 18.86 -16.87 63.12
CA ALA C 512 18.59 -18.31 63.10
C ALA C 512 17.33 -18.65 63.88
N ARG C 513 17.12 -17.97 65.01
CA ARG C 513 15.94 -18.17 65.83
C ARG C 513 14.68 -17.82 65.06
N PHE C 514 14.73 -16.73 64.29
CA PHE C 514 13.58 -16.29 63.53
C PHE C 514 13.19 -17.23 62.41
N PHE C 515 14.10 -18.03 61.95
CA PHE C 515 13.81 -19.03 60.93
C PHE C 515 13.37 -20.34 61.53
N ARG C 516 13.94 -20.73 62.67
CA ARG C 516 13.48 -21.96 63.32
C ARG C 516 12.05 -21.81 63.78
N SER C 517 11.68 -20.65 64.32
CA SER C 517 10.30 -20.41 64.70
C SER C 517 9.38 -20.46 63.48
N PHE C 518 9.82 -19.87 62.37
CA PHE C 518 8.98 -19.86 61.16
C PHE C 518 8.80 -21.26 60.62
N ASN C 519 9.85 -22.08 60.68
CA ASN C 519 9.72 -23.45 60.23
C ASN C 519 8.76 -24.24 61.12
N ASN C 520 8.84 -24.02 62.43
CA ASN C 520 7.91 -24.70 63.32
C ASN C 520 6.47 -24.27 63.03
N GLY C 521 6.26 -22.97 62.81
CA GLY C 521 4.94 -22.50 62.48
C GLY C 521 4.40 -23.13 61.20
N PHE C 522 5.25 -23.23 60.18
CA PHE C 522 4.76 -23.79 58.93
C PHE C 522 4.51 -25.28 59.07
N ASP C 523 5.28 -25.98 59.89
CA ASP C 523 4.99 -27.39 60.16
C ASP C 523 3.62 -27.53 60.82
N ARG C 524 3.34 -26.67 61.80
CA ARG C 524 2.01 -26.68 62.42
C ARG C 524 0.94 -26.42 61.39
N MET C 525 1.17 -25.44 60.51
CA MET C 525 0.20 -25.11 59.48
C MET C 525 -0.04 -26.30 58.56
N SER C 526 1.02 -27.01 58.18
CA SER C 526 0.87 -28.12 57.27
C SER C 526 0.10 -29.26 57.93
N HIS C 527 0.38 -29.54 59.19
CA HIS C 527 -0.40 -30.56 59.89
C HIS C 527 -1.87 -30.18 59.96
N SER C 528 -2.16 -28.91 60.28
CA SER C 528 -3.54 -28.47 60.34
C SER C 528 -4.21 -28.59 58.97
N TYR C 529 -3.47 -28.27 57.91
CA TYR C 529 -4.02 -28.38 56.56
C TYR C 529 -4.39 -29.83 56.25
N GLN C 530 -3.49 -30.75 56.56
CA GLN C 530 -3.77 -32.15 56.29
C GLN C 530 -4.99 -32.61 57.07
N ASN C 531 -5.09 -32.23 58.34
CA ASN C 531 -6.24 -32.63 59.14
C ASN C 531 -7.53 -32.07 58.57
N GLY C 532 -7.49 -30.82 58.12
CA GLY C 532 -8.65 -30.22 57.51
C GLY C 532 -9.05 -30.89 56.21
N VAL C 533 -8.05 -31.31 55.44
CA VAL C 533 -8.35 -32.01 54.19
C VAL C 533 -9.06 -33.31 54.49
N SER C 534 -8.59 -34.04 55.49
CA SER C 534 -9.28 -35.26 55.86
C SER C 534 -10.70 -34.98 56.30
N ARG C 535 -10.90 -33.94 57.10
CA ARG C 535 -12.24 -33.69 57.63
C ARG C 535 -13.18 -33.14 56.57
N MET C 536 -12.66 -32.49 55.54
CA MET C 536 -13.47 -32.10 54.39
C MET C 536 -13.76 -33.28 53.49
N LEU C 537 -12.85 -34.25 53.42
CA LEU C 537 -13.11 -35.44 52.64
C LEU C 537 -14.26 -36.23 53.23
N LYS C 538 -14.26 -36.42 54.55
CA LYS C 538 -15.32 -37.26 55.11
C LYS C 538 -16.64 -36.52 55.13
N GLY C 539 -16.63 -35.19 55.20
CA GLY C 539 -17.86 -34.44 55.16
C GLY C 539 -18.21 -33.93 53.78
N LYS C 540 -19.06 -34.65 53.07
CA LYS C 540 -19.44 -34.23 51.72
C LYS C 540 -20.41 -33.07 51.75
N ILE C 541 -21.34 -33.08 52.70
CA ILE C 541 -22.35 -32.03 52.76
C ILE C 541 -21.68 -30.69 53.01
N PHE C 542 -20.76 -30.63 53.97
CA PHE C 542 -20.09 -29.38 54.28
C PHE C 542 -19.34 -28.86 53.06
N SER C 543 -18.62 -29.73 52.37
CA SER C 543 -17.88 -29.32 51.18
C SER C 543 -18.82 -28.78 50.13
N GLY C 544 -19.85 -29.53 49.78
CA GLY C 544 -20.76 -29.11 48.73
C GLY C 544 -21.44 -27.79 49.07
N VAL C 545 -21.76 -27.59 50.35
CA VAL C 545 -22.46 -26.38 50.75
C VAL C 545 -21.52 -25.18 50.64
N LEU C 546 -20.29 -25.32 51.12
CA LEU C 546 -19.35 -24.22 50.98
C LEU C 546 -19.14 -23.89 49.52
N TYR C 547 -19.07 -24.91 48.69
CA TYR C 547 -18.82 -24.73 47.29
C TYR C 547 -19.96 -23.98 46.64
N ALA C 548 -21.17 -24.42 46.90
CA ALA C 548 -22.35 -23.77 46.36
C ALA C 548 -22.41 -22.32 46.80
N VAL C 549 -22.12 -22.05 48.07
CA VAL C 549 -22.19 -20.70 48.60
C VAL C 549 -21.20 -19.79 47.89
N VAL C 550 -19.99 -20.27 47.69
CA VAL C 550 -19.02 -19.45 47.03
C VAL C 550 -19.47 -19.15 45.62
N VAL C 551 -19.98 -20.14 44.91
CA VAL C 551 -20.44 -19.90 43.54
C VAL C 551 -21.57 -18.87 43.52
N ALA C 552 -22.52 -18.99 44.45
CA ALA C 552 -23.63 -18.05 44.48
C ALA C 552 -23.15 -16.63 44.75
N LEU C 553 -22.22 -16.47 45.70
CA LEU C 553 -21.70 -15.15 45.97
C LEU C 553 -20.93 -14.61 44.78
N LEU C 554 -20.22 -15.48 44.06
CA LEU C 554 -19.50 -15.05 42.88
C LEU C 554 -20.46 -14.53 41.82
N VAL C 555 -21.58 -15.20 41.64
CA VAL C 555 -22.59 -14.76 40.68
C VAL C 555 -23.17 -13.42 41.10
N PHE C 556 -23.58 -13.34 42.36
CA PHE C 556 -24.19 -12.11 42.85
C PHE C 556 -23.24 -10.93 42.71
N LEU C 557 -21.98 -11.10 43.11
CA LEU C 557 -21.03 -10.01 43.01
C LEU C 557 -20.78 -9.60 41.58
N PHE C 558 -20.68 -10.57 40.67
CA PHE C 558 -20.50 -10.18 39.27
C PHE C 558 -21.70 -9.40 38.75
N GLN C 559 -22.88 -9.65 39.30
CA GLN C 559 -24.02 -8.79 38.95
C GLN C 559 -23.86 -7.40 39.54
N LYS C 560 -23.43 -7.31 40.80
CA LYS C 560 -23.50 -6.06 41.54
C LYS C 560 -22.38 -5.08 41.19
N LEU C 561 -21.21 -5.55 40.84
CA LEU C 561 -20.09 -4.65 40.59
C LEU C 561 -20.41 -3.73 39.41
N PRO C 562 -20.26 -2.41 39.54
CA PRO C 562 -20.48 -1.53 38.39
C PRO C 562 -19.32 -1.62 37.41
N SER C 563 -19.60 -1.17 36.19
CA SER C 563 -18.70 -1.32 35.05
C SER C 563 -18.09 0.00 34.64
N SER C 564 -16.98 -0.10 33.91
CA SER C 564 -16.37 1.06 33.27
C SER C 564 -15.34 0.54 32.28
N PHE C 565 -14.75 1.46 31.52
CA PHE C 565 -13.77 1.11 30.50
C PHE C 565 -12.34 1.25 30.98
N LEU C 566 -11.93 2.48 31.33
CA LEU C 566 -10.55 2.80 31.66
C LEU C 566 -10.58 3.86 32.75
N PRO C 567 -9.75 3.74 33.80
CA PRO C 567 -9.84 4.68 34.91
C PRO C 567 -9.45 6.10 34.52
N GLU C 568 -10.01 7.06 35.26
CA GLU C 568 -9.72 8.46 35.02
C GLU C 568 -8.52 8.94 35.82
N GLU C 569 -7.66 9.71 35.16
CA GLU C 569 -6.39 10.16 35.71
C GLU C 569 -6.39 11.67 35.89
N ASP C 570 -5.35 12.16 36.55
CA ASP C 570 -5.14 13.59 36.76
C ASP C 570 -3.99 14.00 35.85
N GLN C 571 -4.32 14.39 34.63
CA GLN C 571 -3.33 14.72 33.62
C GLN C 571 -2.98 16.20 33.59
N GLY C 572 -3.36 16.96 34.63
CA GLY C 572 -2.81 18.28 34.85
C GLY C 572 -3.20 19.34 33.85
N VAL C 573 -4.36 19.19 33.23
CA VAL C 573 -4.90 20.18 32.30
C VAL C 573 -6.41 20.17 32.45
N VAL C 574 -7.02 21.32 32.22
CA VAL C 574 -8.47 21.47 32.20
C VAL C 574 -8.86 22.19 30.92
N MET C 575 -9.96 21.76 30.31
CA MET C 575 -10.52 22.44 29.14
C MET C 575 -11.92 22.93 29.47
N THR C 576 -12.18 24.20 29.23
CA THR C 576 -13.50 24.78 29.40
C THR C 576 -14.15 25.02 28.04
N LEU C 577 -15.42 24.69 27.94
CA LEU C 577 -16.22 24.99 26.77
C LEU C 577 -17.16 26.14 27.12
N VAL C 578 -17.18 27.16 26.27
CA VAL C 578 -17.96 28.36 26.49
C VAL C 578 -19.00 28.46 25.40
N GLN C 579 -20.26 28.30 25.77
CA GLN C 579 -21.40 28.48 24.87
C GLN C 579 -22.18 29.70 25.34
N LEU C 580 -22.66 30.50 24.39
CA LEU C 580 -23.42 31.72 24.64
C LEU C 580 -24.72 31.64 23.87
N PRO C 581 -25.69 32.43 24.28
CA PRO C 581 -27.01 32.33 23.65
C PRO C 581 -26.96 32.68 22.17
N PRO C 582 -28.01 32.42 21.44
CA PRO C 582 -28.01 32.73 20.01
C PRO C 582 -27.80 34.21 19.73
N ASN C 583 -27.20 34.48 18.58
CA ASN C 583 -26.97 35.84 18.07
C ASN C 583 -26.04 36.64 18.96
N ALA C 584 -25.18 35.98 19.71
CA ALA C 584 -24.25 36.66 20.59
C ALA C 584 -22.96 36.97 19.86
N THR C 585 -22.43 38.16 20.09
CA THR C 585 -21.33 38.70 19.33
C THR C 585 -19.99 38.29 19.93
N LEU C 586 -18.90 38.65 19.25
CA LEU C 586 -17.57 38.36 19.76
C LEU C 586 -17.27 39.17 21.02
N ASP C 587 -17.77 40.39 21.11
CA ASP C 587 -17.52 41.19 22.31
C ASP C 587 -18.10 40.53 23.54
N ARG C 588 -19.32 40.03 23.45
CA ARG C 588 -19.96 39.41 24.60
C ARG C 588 -19.29 38.10 24.97
N THR C 589 -18.91 37.32 23.96
CA THR C 589 -18.18 36.08 24.24
C THR C 589 -16.86 36.38 24.93
N GLY C 590 -16.15 37.41 24.46
CA GLY C 590 -14.90 37.78 25.10
C GLY C 590 -15.08 38.29 26.52
N LYS C 591 -16.19 38.99 26.78
CA LYS C 591 -16.46 39.44 28.15
C LYS C 591 -16.69 38.26 29.10
N VAL C 592 -17.46 37.28 28.65
CA VAL C 592 -17.62 36.06 29.43
C VAL C 592 -16.26 35.42 29.68
N ILE C 593 -15.42 35.39 28.66
CA ILE C 593 -14.10 34.83 28.83
C ILE C 593 -13.25 35.67 29.79
N ASP C 594 -13.38 36.99 29.81
CA ASP C 594 -12.62 37.79 30.75
C ASP C 594 -13.02 37.41 32.16
N THR C 595 -14.30 37.26 32.42
CA THR C 595 -14.72 36.87 33.75
C THR C 595 -14.26 35.50 34.14
N MET C 596 -14.39 34.58 33.19
CA MET C 596 -14.01 33.20 33.34
C MET C 596 -12.52 33.05 33.55
N THR C 597 -11.73 33.88 32.90
CA THR C 597 -10.28 33.87 33.02
C THR C 597 -9.79 34.25 34.37
N ASN C 598 -10.37 35.28 34.95
CA ASN C 598 -9.99 35.75 36.26
C ASN C 598 -10.22 34.73 37.31
N PHE C 599 -11.32 34.00 37.21
CA PHE C 599 -11.62 33.01 38.20
C PHE C 599 -10.51 31.99 38.27
N PHE C 600 -10.09 31.47 37.14
CA PHE C 600 -9.01 30.52 37.13
C PHE C 600 -7.72 31.17 37.56
N MET C 601 -7.49 32.41 37.14
CA MET C 601 -6.27 33.11 37.52
C MET C 601 -6.18 33.31 39.02
N ASN C 602 -7.31 33.57 39.70
CA ASN C 602 -7.35 33.72 41.15
C ASN C 602 -7.22 32.42 41.98
N GLU C 603 -7.30 31.25 41.36
CA GLU C 603 -7.14 29.96 42.04
C GLU C 603 -5.66 29.60 42.13
N LYS C 604 -4.94 30.35 42.96
CA LYS C 604 -3.48 30.41 42.84
C LYS C 604 -2.79 29.14 43.32
N ASP C 605 -3.38 28.36 44.20
CA ASP C 605 -2.68 27.16 44.62
C ASP C 605 -2.86 26.02 43.65
N THR C 606 -3.59 26.23 42.55
CA THR C 606 -3.94 25.12 41.70
C THR C 606 -3.60 25.36 40.23
N VAL C 607 -3.65 26.61 39.77
CA VAL C 607 -3.61 26.93 38.35
C VAL C 607 -2.33 27.69 38.01
N GLU C 608 -1.71 27.31 36.90
CA GLU C 608 -0.47 27.89 36.41
C GLU C 608 -0.72 28.96 35.35
N SER C 609 -1.44 28.61 34.28
CA SER C 609 -1.70 29.52 33.18
C SER C 609 -2.98 29.09 32.48
N ILE C 610 -3.63 30.04 31.81
CA ILE C 610 -4.77 29.74 30.96
C ILE C 610 -4.58 30.44 29.61
N PHE C 611 -4.80 29.70 28.53
CA PHE C 611 -4.82 30.22 27.18
C PHE C 611 -6.25 30.11 26.68
N THR C 612 -6.80 31.22 26.20
CA THR C 612 -8.19 31.27 25.78
C THR C 612 -8.29 31.80 24.36
N VAL C 613 -9.29 31.31 23.64
CA VAL C 613 -9.62 31.76 22.29
C VAL C 613 -11.11 32.03 22.24
N SER C 614 -11.49 33.22 21.79
CA SER C 614 -12.88 33.56 21.62
C SER C 614 -13.26 33.41 20.16
N GLY C 615 -14.42 32.80 19.92
CA GLY C 615 -14.91 32.56 18.58
C GLY C 615 -14.61 31.19 18.02
N PHE C 616 -14.01 30.31 18.81
CA PHE C 616 -13.65 28.97 18.37
C PHE C 616 -14.06 27.97 19.44
N SER C 617 -14.60 26.84 19.00
CA SER C 617 -14.98 25.77 19.90
C SER C 617 -14.85 24.46 19.14
N PHE C 618 -14.96 23.35 19.87
CA PHE C 618 -14.87 22.04 19.23
C PHE C 618 -16.09 21.75 18.38
N THR C 619 -17.25 22.27 18.79
CA THR C 619 -18.45 22.11 17.97
C THR C 619 -18.27 22.76 16.60
N GLY C 620 -17.70 23.95 16.57
CA GLY C 620 -17.53 24.66 15.33
C GLY C 620 -17.00 26.05 15.62
N VAL C 621 -17.05 26.89 14.59
CA VAL C 621 -16.56 28.26 14.65
C VAL C 621 -17.77 29.18 14.55
N GLY C 622 -17.99 29.96 15.59
CA GLY C 622 -19.02 30.97 15.58
C GLY C 622 -18.62 31.99 16.62
N GLN C 623 -19.36 33.09 16.64
CA GLN C 623 -19.00 34.16 17.55
C GLN C 623 -19.44 33.91 18.98
N ASN C 624 -20.41 33.03 19.21
CA ASN C 624 -20.94 32.78 20.54
C ASN C 624 -20.33 31.54 21.18
N ALA C 625 -19.18 31.09 20.67
CA ALA C 625 -18.45 29.96 21.22
C ALA C 625 -17.05 30.40 21.59
N GLY C 626 -16.46 29.69 22.56
CA GLY C 626 -15.16 30.02 23.09
C GLY C 626 -14.62 28.83 23.85
N ILE C 627 -13.31 28.89 24.13
CA ILE C 627 -12.60 27.75 24.72
C ILE C 627 -11.50 28.28 25.62
N GLY C 628 -11.11 27.46 26.58
CA GLY C 628 -10.00 27.75 27.45
C GLY C 628 -9.13 26.54 27.69
N PHE C 629 -7.82 26.73 27.59
CA PHE C 629 -6.84 25.71 27.92
C PHE C 629 -6.21 26.10 29.24
N VAL C 630 -6.32 25.23 30.24
CA VAL C 630 -5.96 25.55 31.62
C VAL C 630 -4.91 24.56 32.09
N LYS C 631 -3.70 25.06 32.33
CA LYS C 631 -2.62 24.27 32.89
C LYS C 631 -2.62 24.44 34.40
N LEU C 632 -2.78 23.34 35.13
CA LEU C 632 -2.69 23.35 36.58
C LEU C 632 -1.24 23.27 37.00
N LYS C 633 -0.98 23.65 38.25
CA LYS C 633 0.37 23.60 38.77
C LYS C 633 0.86 22.16 38.83
N ASP C 634 2.14 21.99 39.17
CA ASP C 634 2.73 20.67 39.11
C ASP C 634 2.11 19.76 40.17
N TRP C 635 2.15 18.45 39.90
CA TRP C 635 1.58 17.49 40.83
C TRP C 635 2.28 17.53 42.17
N SER C 636 3.56 17.92 42.19
CA SER C 636 4.31 17.92 43.44
C SER C 636 3.73 18.89 44.44
N LYS C 637 3.15 19.96 43.95
CA LYS C 637 2.60 20.98 44.78
C LYS C 637 1.13 20.78 45.10
N ARG C 638 0.37 20.20 44.18
CA ARG C 638 -1.04 20.00 44.45
C ARG C 638 -1.31 18.70 45.18
N THR C 639 -0.88 18.61 46.43
CA THR C 639 -1.01 17.39 47.18
C THR C 639 -2.03 17.41 48.29
N THR C 640 -2.68 18.53 48.50
CA THR C 640 -3.71 18.61 49.50
C THR C 640 -5.05 18.27 48.85
N PRO C 641 -6.10 18.03 49.64
CA PRO C 641 -7.36 17.74 48.93
C PRO C 641 -7.91 18.90 48.10
N GLU C 642 -7.68 20.14 48.51
CA GLU C 642 -8.21 21.33 47.85
C GLU C 642 -7.74 21.60 46.45
N THR C 643 -6.54 21.12 46.17
CA THR C 643 -5.85 21.31 44.91
C THR C 643 -5.91 20.09 43.97
N GLN C 644 -6.91 19.26 44.10
CA GLN C 644 -7.05 18.12 43.20
C GLN C 644 -7.84 18.57 41.97
N ILE C 645 -7.66 17.90 40.85
CA ILE C 645 -8.31 18.32 39.61
C ILE C 645 -9.84 18.33 39.78
N GLY C 646 -10.39 17.31 40.45
CA GLY C 646 -11.83 17.25 40.63
C GLY C 646 -12.38 18.35 41.51
N SER C 647 -11.63 18.79 42.52
CA SER C 647 -12.05 19.91 43.34
C SER C 647 -12.16 21.18 42.50
N LEU C 648 -11.18 21.44 41.65
CA LEU C 648 -11.25 22.59 40.78
C LEU C 648 -12.40 22.48 39.80
N ILE C 649 -12.65 21.27 39.30
CA ILE C 649 -13.75 21.09 38.37
C ILE C 649 -15.08 21.43 39.04
N GLN C 650 -15.28 20.96 40.27
CA GLN C 650 -16.48 21.32 41.01
C GLN C 650 -16.55 22.83 41.26
N ARG C 651 -15.42 23.45 41.64
CA ARG C 651 -15.45 24.87 41.90
C ARG C 651 -15.85 25.64 40.66
N GLY C 652 -15.31 25.25 39.50
CA GLY C 652 -15.65 25.90 38.26
C GLY C 652 -17.06 25.61 37.79
N MET C 653 -17.64 24.50 38.23
CA MET C 653 -19.01 24.20 37.83
C MET C 653 -20.02 25.17 38.42
N ALA C 654 -19.59 26.13 39.23
CA ALA C 654 -20.44 27.24 39.69
C ALA C 654 -20.38 28.46 38.78
N LEU C 655 -19.42 28.52 37.86
CA LEU C 655 -19.41 29.61 36.90
C LEU C 655 -20.69 29.64 36.09
N ASN C 656 -21.35 28.48 35.96
CA ASN C 656 -22.66 28.45 35.34
C ASN C 656 -23.66 29.29 36.13
N MET C 657 -23.60 29.22 37.46
CA MET C 657 -24.54 29.99 38.25
C MET C 657 -24.17 31.47 38.28
N ILE C 658 -22.88 31.81 38.28
CA ILE C 658 -22.52 33.22 38.42
C ILE C 658 -22.49 33.93 37.07
N ILE C 659 -21.87 33.33 36.07
CA ILE C 659 -21.86 33.95 34.75
C ILE C 659 -23.25 33.81 34.15
N LYS C 660 -23.88 34.95 33.84
CA LYS C 660 -25.29 34.98 33.50
C LYS C 660 -25.57 35.21 32.03
N ASP C 661 -24.57 35.66 31.26
CA ASP C 661 -24.74 35.89 29.85
C ASP C 661 -24.38 34.67 29.01
N ALA C 662 -23.92 33.59 29.63
CA ALA C 662 -23.53 32.38 28.90
C ALA C 662 -24.65 31.34 28.96
N SER C 663 -24.59 30.42 28.00
CA SER C 663 -25.42 29.22 28.07
C SER C 663 -24.84 28.21 29.05
N TYR C 664 -23.54 27.94 28.95
CA TYR C 664 -22.85 27.12 29.92
C TYR C 664 -21.36 27.38 29.83
N VAL C 665 -20.68 27.20 30.96
CA VAL C 665 -19.23 27.25 31.05
C VAL C 665 -18.83 25.92 31.69
N MET C 666 -18.22 25.03 30.91
CA MET C 666 -18.05 23.65 31.34
C MET C 666 -16.58 23.29 31.52
N PRO C 667 -16.08 23.15 32.75
CA PRO C 667 -14.71 22.65 32.93
C PRO C 667 -14.68 21.13 32.80
N LEU C 668 -13.88 20.65 31.87
CA LEU C 668 -13.88 19.22 31.53
C LEU C 668 -12.48 18.65 31.65
N GLN C 669 -12.40 17.33 31.66
CA GLN C 669 -11.14 16.60 31.76
C GLN C 669 -10.88 15.81 30.49
N LEU C 670 -9.61 15.52 30.26
CA LEU C 670 -9.22 14.69 29.15
C LEU C 670 -9.55 13.23 29.44
N PRO C 671 -9.92 12.46 28.43
CA PRO C 671 -10.06 11.02 28.63
C PRO C 671 -8.72 10.39 28.91
N ALA C 672 -8.76 9.22 29.53
CA ALA C 672 -7.53 8.50 29.84
C ALA C 672 -6.69 8.38 28.58
N MET C 673 -7.33 8.04 27.46
CA MET C 673 -6.65 7.95 26.18
C MET C 673 -7.04 9.14 25.31
N PRO C 674 -6.28 10.22 25.33
CA PRO C 674 -6.68 11.41 24.57
C PRO C 674 -6.79 11.16 23.08
N GLU C 675 -6.18 10.09 22.57
CA GLU C 675 -6.37 9.72 21.18
C GLU C 675 -7.83 9.38 20.89
N LEU C 676 -8.47 8.65 21.79
CA LEU C 676 -9.77 8.05 21.51
C LEU C 676 -10.94 9.00 21.72
N GLY C 677 -10.70 10.21 22.21
CA GLY C 677 -11.78 11.13 22.49
C GLY C 677 -11.24 12.53 22.61
N VAL C 678 -12.12 13.47 22.96
CA VAL C 678 -11.75 14.85 23.18
C VAL C 678 -11.94 15.26 24.63
N THR C 679 -12.96 14.71 25.29
CA THR C 679 -13.24 15.00 26.67
C THR C 679 -13.71 13.71 27.34
N ALA C 680 -13.68 13.70 28.66
CA ALA C 680 -14.21 12.58 29.40
C ALA C 680 -15.71 12.76 29.60
N GLY C 681 -16.41 11.65 29.60
CA GLY C 681 -17.85 11.64 29.71
C GLY C 681 -18.43 10.65 28.75
N PHE C 682 -19.74 10.71 28.60
CA PHE C 682 -20.42 9.87 27.62
C PHE C 682 -20.75 10.68 26.37
N ASN C 683 -20.94 9.95 25.29
CA ASN C 683 -21.16 10.53 23.97
C ASN C 683 -22.35 9.83 23.34
N LEU C 684 -23.46 10.54 23.19
CA LEU C 684 -24.73 9.95 22.80
C LEU C 684 -25.29 10.63 21.56
N GLN C 685 -25.74 9.84 20.58
CA GLN C 685 -26.43 10.35 19.41
C GLN C 685 -27.95 9.98 19.50
N LEU C 686 -28.84 10.96 19.52
CA LEU C 686 -30.27 10.75 19.52
C LEU C 686 -30.79 10.80 18.09
N LYS C 687 -31.29 9.68 17.57
CA LYS C 687 -31.68 9.61 16.22
C LYS C 687 -33.15 9.76 16.01
N ASP C 688 -33.53 10.22 14.83
CA ASP C 688 -34.91 10.36 14.40
C ASP C 688 -35.27 9.20 13.48
N SER C 689 -35.43 8.02 14.09
CA SER C 689 -35.66 6.82 13.32
C SER C 689 -36.91 6.94 12.47
N SER C 690 -38.00 7.40 13.07
CA SER C 690 -39.29 7.50 12.40
C SER C 690 -39.43 8.71 11.50
N GLY C 691 -38.37 9.51 11.34
CA GLY C 691 -38.40 10.60 10.39
C GLY C 691 -39.47 11.62 10.66
N GLN C 692 -39.59 12.04 11.91
CA GLN C 692 -40.66 12.94 12.30
C GLN C 692 -40.35 14.41 12.06
N GLY C 693 -39.09 14.82 12.07
CA GLY C 693 -38.81 16.21 11.78
C GLY C 693 -37.95 16.89 12.80
N HIS C 694 -37.33 18.00 12.43
CA HIS C 694 -36.44 18.73 13.31
C HIS C 694 -37.10 19.30 14.52
N GLU C 695 -38.34 19.75 14.40
CA GLU C 695 -39.05 20.25 15.54
C GLU C 695 -39.30 19.14 16.58
N LYS C 696 -39.74 17.98 16.12
CA LYS C 696 -40.01 16.88 17.03
C LYS C 696 -38.75 16.30 17.68
N LEU C 697 -37.66 16.26 16.92
CA LEU C 697 -36.39 15.78 17.40
C LEU C 697 -35.87 16.69 18.46
N ILE C 698 -36.04 17.99 18.28
CA ILE C 698 -35.61 18.92 19.30
C ILE C 698 -36.49 18.77 20.52
N ALA C 699 -37.78 18.55 20.33
CA ALA C 699 -38.69 18.37 21.44
C ALA C 699 -38.28 17.23 22.34
N ALA C 700 -37.91 16.10 21.76
CA ALA C 700 -37.39 14.94 22.47
C ALA C 700 -36.11 15.27 23.21
N ARG C 701 -35.18 15.95 22.54
CA ARG C 701 -33.90 16.29 23.16
C ARG C 701 -34.11 17.16 24.41
N ASN C 702 -35.03 18.12 24.33
CA ASN C 702 -35.27 18.99 25.47
C ASN C 702 -35.89 18.23 26.63
N THR C 703 -36.79 17.30 26.33
CA THR C 703 -37.31 16.42 27.38
C THR C 703 -36.18 15.63 28.03
N ILE C 704 -35.26 15.10 27.22
CA ILE C 704 -34.16 14.31 27.74
C ILE C 704 -33.30 15.15 28.68
N LEU C 705 -32.96 16.35 28.25
CA LEU C 705 -32.10 17.21 29.06
C LEU C 705 -32.81 17.60 30.36
N GLY C 706 -34.11 17.88 30.28
CA GLY C 706 -34.85 18.20 31.48
C GLY C 706 -34.80 17.08 32.50
N LEU C 707 -35.08 15.86 32.04
CA LEU C 707 -35.05 14.72 32.97
C LEU C 707 -33.66 14.48 33.52
N ALA C 708 -32.66 14.49 32.64
CA ALA C 708 -31.29 14.24 33.08
C ALA C 708 -30.84 15.28 34.08
N SER C 709 -31.43 16.46 34.06
CA SER C 709 -31.11 17.47 35.06
C SER C 709 -31.46 16.99 36.46
N GLN C 710 -32.45 16.12 36.56
CA GLN C 710 -32.97 15.68 37.84
C GLN C 710 -32.35 14.38 38.33
N ASP C 711 -31.62 13.67 37.48
CA ASP C 711 -30.93 12.47 37.91
C ASP C 711 -29.71 12.84 38.72
N LYS C 712 -29.57 12.24 39.90
CA LYS C 712 -28.45 12.54 40.78
C LYS C 712 -27.17 11.87 40.34
N ARG C 713 -27.23 10.97 39.37
CA ARG C 713 -26.07 10.25 38.91
C ARG C 713 -25.32 10.97 37.81
N LEU C 714 -25.90 12.01 37.22
CA LEU C 714 -25.32 12.70 36.09
C LEU C 714 -25.02 14.13 36.48
N VAL C 715 -24.04 14.73 35.81
CA VAL C 715 -23.73 16.15 35.97
C VAL C 715 -23.28 16.71 34.64
N GLY C 716 -23.67 17.94 34.35
CA GLY C 716 -23.15 18.64 33.20
C GLY C 716 -23.66 18.15 31.87
N VAL C 717 -24.88 17.61 31.83
CA VAL C 717 -25.42 17.11 30.57
C VAL C 717 -25.87 18.28 29.71
N ARG C 718 -25.48 18.26 28.44
CA ARG C 718 -25.56 19.44 27.58
C ARG C 718 -25.65 18.98 26.14
N PRO C 719 -26.20 19.81 25.25
CA PRO C 719 -26.06 19.53 23.81
C PRO C 719 -24.65 19.84 23.33
N ASN C 720 -24.24 19.11 22.30
CA ASN C 720 -22.95 19.34 21.66
C ASN C 720 -23.21 19.81 20.24
N GLY C 721 -24.09 20.79 20.10
CA GLY C 721 -24.41 21.32 18.80
C GLY C 721 -25.21 22.59 18.93
N GLN C 722 -25.18 23.38 17.85
CA GLN C 722 -25.68 24.74 17.89
C GLN C 722 -27.20 24.78 17.98
N GLU C 723 -27.69 25.68 18.82
CA GLU C 723 -29.12 25.83 19.03
C GLU C 723 -29.78 26.50 17.83
N ASP C 724 -31.09 26.38 17.76
CA ASP C 724 -31.84 27.07 16.72
C ASP C 724 -31.86 28.57 17.00
N THR C 725 -31.67 29.36 15.95
CA THR C 725 -31.33 30.77 16.08
C THR C 725 -32.21 31.62 15.18
N PRO C 726 -32.48 32.86 15.58
CA PRO C 726 -33.04 33.83 14.62
C PRO C 726 -32.10 34.06 13.46
N GLN C 727 -32.69 34.19 12.28
CA GLN C 727 -31.94 34.46 11.06
C GLN C 727 -32.65 35.56 10.29
N TYR C 728 -31.88 36.28 9.48
CA TYR C 728 -32.45 37.30 8.61
C TYR C 728 -32.61 36.71 7.22
N GLN C 729 -33.84 36.76 6.71
CA GLN C 729 -34.17 36.22 5.41
C GLN C 729 -34.49 37.35 4.44
N ILE C 730 -33.74 37.43 3.36
CA ILE C 730 -34.07 38.32 2.25
C ILE C 730 -34.86 37.54 1.22
N ASN C 731 -35.90 38.15 0.70
CA ASN C 731 -36.71 37.61 -0.38
C ASN C 731 -36.66 38.62 -1.50
N VAL C 732 -36.00 38.27 -2.59
CA VAL C 732 -35.79 39.19 -3.71
C VAL C 732 -36.91 39.01 -4.71
N ASP C 733 -37.52 40.12 -5.12
CA ASP C 733 -38.68 40.09 -6.01
C ASP C 733 -38.18 40.06 -7.45
N GLN C 734 -38.20 38.87 -8.06
CA GLN C 734 -37.59 38.69 -9.37
C GLN C 734 -38.26 39.54 -10.43
N ALA C 735 -39.60 39.59 -10.41
CA ALA C 735 -40.31 40.34 -11.45
C ALA C 735 -39.94 41.82 -11.39
N GLN C 736 -39.89 42.38 -10.18
CA GLN C 736 -39.53 43.78 -10.06
C GLN C 736 -38.10 44.01 -10.55
N ALA C 737 -37.18 43.13 -10.17
CA ALA C 737 -35.80 43.32 -10.60
C ALA C 737 -35.69 43.26 -12.12
N GLY C 738 -36.36 42.29 -12.73
CA GLY C 738 -36.34 42.21 -14.19
C GLY C 738 -36.94 43.43 -14.85
N ALA C 739 -38.02 43.96 -14.28
CA ALA C 739 -38.62 45.18 -14.82
C ALA C 739 -37.68 46.36 -14.67
N MET C 740 -36.93 46.41 -13.57
CA MET C 740 -36.09 47.55 -13.27
C MET C 740 -34.77 47.54 -14.01
N GLY C 741 -34.45 46.47 -14.73
CA GLY C 741 -33.18 46.39 -15.41
C GLY C 741 -32.06 45.80 -14.58
N VAL C 742 -32.40 45.09 -13.51
CA VAL C 742 -31.43 44.61 -12.55
C VAL C 742 -31.19 43.13 -12.79
N SER C 743 -29.92 42.74 -12.85
CA SER C 743 -29.54 41.34 -13.09
C SER C 743 -29.29 40.66 -11.76
N ILE C 744 -30.04 39.59 -11.49
CA ILE C 744 -29.93 38.89 -10.22
C ILE C 744 -28.50 38.41 -9.99
N ALA C 745 -27.77 38.09 -11.05
CA ALA C 745 -26.35 37.80 -10.91
C ALA C 745 -25.57 39.06 -10.51
N GLU C 746 -25.96 40.21 -11.05
CA GLU C 746 -25.29 41.46 -10.69
C GLU C 746 -25.53 41.81 -9.24
N ILE C 747 -26.78 41.65 -8.76
CA ILE C 747 -27.05 41.93 -7.36
C ILE C 747 -26.31 40.92 -6.48
N ASN C 748 -26.23 39.68 -6.92
CA ASN C 748 -25.41 38.74 -6.17
C ASN C 748 -23.99 39.28 -6.02
N ASN C 749 -23.38 39.68 -7.12
CA ASN C 749 -21.97 40.09 -7.05
C ASN C 749 -21.80 41.27 -6.11
N THR C 750 -22.61 42.31 -6.29
CA THR C 750 -22.42 43.51 -5.46
C THR C 750 -22.64 43.21 -3.98
N MET C 751 -23.77 42.57 -3.63
CA MET C 751 -24.05 42.33 -2.22
C MET C 751 -23.02 41.40 -1.61
N ARG C 752 -22.67 40.34 -2.33
CA ARG C 752 -21.66 39.40 -1.88
C ARG C 752 -20.37 40.11 -1.52
N ILE C 753 -19.86 40.96 -2.41
CA ILE C 753 -18.59 41.63 -2.13
C ILE C 753 -18.75 42.61 -0.97
N ALA C 754 -19.76 43.46 -1.05
CA ALA C 754 -19.92 44.52 -0.05
C ALA C 754 -20.06 43.96 1.36
N TRP C 755 -20.97 43.02 1.55
CA TRP C 755 -21.28 42.54 2.89
C TRP C 755 -20.36 41.41 3.34
N GLY C 756 -20.08 40.46 2.46
CA GLY C 756 -19.34 39.29 2.87
C GLY C 756 -17.83 39.42 2.76
N GLY C 757 -17.38 40.28 1.88
CA GLY C 757 -15.96 40.37 1.62
C GLY C 757 -15.52 39.44 0.52
N SER C 758 -14.36 39.66 -0.17
CA SER C 758 -13.89 38.86 -1.26
C SER C 758 -12.38 39.07 -1.40
N TYR C 759 -11.63 38.00 -1.56
CA TYR C 759 -10.21 38.07 -1.74
C TYR C 759 -10.01 38.26 -3.24
N ILE C 760 -9.29 39.28 -3.67
CA ILE C 760 -9.14 39.46 -5.11
C ILE C 760 -7.87 38.81 -5.66
N ASN C 761 -6.72 39.33 -5.28
CA ASN C 761 -5.44 38.82 -5.75
C ASN C 761 -4.37 39.16 -4.73
N ASP C 762 -3.15 38.66 -4.94
CA ASP C 762 -2.05 38.84 -4.01
C ASP C 762 -1.12 40.03 -4.17
N PHE C 763 -0.40 40.37 -3.10
CA PHE C 763 0.63 41.39 -3.14
C PHE C 763 1.78 40.92 -2.26
N VAL C 764 2.93 41.52 -2.44
CA VAL C 764 4.13 41.09 -1.76
C VAL C 764 4.53 42.01 -0.62
N ASP C 765 4.87 41.43 0.52
CA ASP C 765 5.26 42.20 1.66
C ASP C 765 6.47 41.48 2.26
N ARG C 766 7.65 42.10 2.22
CA ARG C 766 8.90 41.57 2.73
C ARG C 766 9.25 40.22 2.16
N GLY C 767 9.00 40.01 0.88
CA GLY C 767 9.33 38.75 0.27
C GLY C 767 8.36 37.61 0.41
N ARG C 768 7.20 37.88 0.95
CA ARG C 768 6.18 36.88 1.07
C ARG C 768 4.94 37.37 0.37
N VAL C 769 4.19 36.50 -0.27
CA VAL C 769 2.97 36.94 -0.93
C VAL C 769 1.83 36.88 0.07
N LYS C 770 1.10 37.98 0.21
CA LYS C 770 -0.03 38.11 1.09
C LYS C 770 -1.28 38.39 0.22
N LYS C 771 -2.41 38.67 0.84
CA LYS C 771 -3.64 38.86 0.11
C LYS C 771 -4.26 40.25 0.20
N VAL C 772 -5.07 40.60 -0.78
CA VAL C 772 -5.79 41.85 -0.83
C VAL C 772 -7.29 41.56 -0.78
N TYR C 773 -8.02 42.19 0.14
CA TYR C 773 -9.45 41.96 0.26
C TYR C 773 -10.25 43.22 0.04
N VAL C 774 -11.46 43.09 -0.46
CA VAL C 774 -12.33 44.22 -0.67
C VAL C 774 -13.62 43.86 0.05
N GLN C 775 -14.13 44.76 0.88
CA GLN C 775 -15.36 44.56 1.62
C GLN C 775 -15.86 45.94 2.03
N GLY C 776 -17.14 46.01 2.35
CA GLY C 776 -17.68 47.26 2.81
C GLY C 776 -17.12 47.64 4.17
N ASP C 777 -17.17 48.93 4.47
CA ASP C 777 -16.78 49.41 5.77
C ASP C 777 -17.79 48.97 6.83
N ALA C 778 -17.32 48.84 8.07
CA ALA C 778 -18.09 48.16 9.10
C ALA C 778 -19.44 48.84 9.34
N GLY C 779 -19.47 50.16 9.30
CA GLY C 779 -20.69 50.88 9.61
C GLY C 779 -21.82 50.58 8.64
N SER C 780 -21.50 50.06 7.47
CA SER C 780 -22.47 49.82 6.41
C SER C 780 -23.03 48.41 6.42
N ARG C 781 -22.58 47.54 7.32
CA ARG C 781 -22.94 46.13 7.21
C ARG C 781 -23.30 45.52 8.56
N MET C 782 -23.83 46.31 9.49
CA MET C 782 -24.12 45.84 10.83
C MET C 782 -25.57 45.43 11.01
N MET C 783 -26.48 46.17 10.41
CA MET C 783 -27.91 46.09 10.66
C MET C 783 -28.67 45.95 9.36
N PRO C 784 -29.89 45.41 9.41
CA PRO C 784 -30.66 45.27 8.17
C PRO C 784 -30.95 46.59 7.50
N GLU C 785 -30.93 47.68 8.25
CA GLU C 785 -31.23 48.98 7.67
C GLU C 785 -30.08 49.48 6.81
N ASP C 786 -28.90 48.91 6.96
CA ASP C 786 -27.78 49.22 6.10
C ASP C 786 -27.89 48.57 4.73
N LEU C 787 -28.75 47.57 4.57
CA LEU C 787 -29.00 47.04 3.25
C LEU C 787 -29.58 48.11 2.33
N ASN C 788 -30.12 49.17 2.91
CA ASN C 788 -30.73 50.28 2.19
C ASN C 788 -29.73 51.36 1.83
N LYS C 789 -28.44 51.09 1.96
CA LYS C 789 -27.41 52.00 1.53
C LYS C 789 -26.70 51.53 0.26
N TRP C 790 -27.03 50.34 -0.23
CA TRP C 790 -26.31 49.71 -1.33
C TRP C 790 -27.16 49.74 -2.58
N TYR C 791 -26.54 50.07 -3.71
CA TYR C 791 -27.22 50.18 -4.98
C TYR C 791 -26.65 49.20 -5.99
N VAL C 792 -27.49 48.79 -6.93
CA VAL C 792 -27.14 47.86 -7.99
C VAL C 792 -27.31 48.59 -9.31
N ARG C 793 -26.34 48.44 -10.21
CA ARG C 793 -26.44 49.07 -11.52
C ARG C 793 -27.28 48.22 -12.47
N ASN C 794 -28.25 48.85 -13.11
CA ASN C 794 -29.11 48.17 -14.07
C ASN C 794 -28.47 48.21 -15.46
N ASN C 795 -29.16 47.64 -16.45
CA ASN C 795 -28.60 47.56 -17.79
C ASN C 795 -28.50 48.93 -18.45
N LYS C 796 -29.46 49.81 -18.17
CA LYS C 796 -29.34 51.18 -18.61
C LYS C 796 -28.16 51.87 -17.93
N GLY C 797 -27.64 51.29 -16.85
CA GLY C 797 -26.51 51.84 -16.14
C GLY C 797 -26.88 52.68 -14.95
N GLU C 798 -28.15 53.01 -14.78
CA GLU C 798 -28.56 53.79 -13.64
C GLU C 798 -28.45 52.94 -12.36
N MET C 799 -28.58 53.60 -11.22
CA MET C 799 -28.39 52.97 -9.91
C MET C 799 -29.72 52.91 -9.19
N VAL C 800 -30.17 51.69 -8.87
CA VAL C 800 -31.43 51.46 -8.18
C VAL C 800 -31.12 50.82 -6.84
N PRO C 801 -31.66 51.32 -5.74
CA PRO C 801 -31.26 50.82 -4.42
C PRO C 801 -31.70 49.38 -4.19
N PHE C 802 -30.97 48.71 -3.30
CA PHE C 802 -31.32 47.33 -2.97
C PHE C 802 -32.74 47.23 -2.43
N SER C 803 -33.23 48.28 -1.80
CA SER C 803 -34.57 48.27 -1.23
C SER C 803 -35.67 48.13 -2.28
N ALA C 804 -35.37 48.45 -3.54
CA ALA C 804 -36.40 48.43 -4.58
C ALA C 804 -36.87 47.02 -4.90
N PHE C 805 -36.03 46.00 -4.72
CA PHE C 805 -36.34 44.64 -5.14
C PHE C 805 -35.97 43.62 -4.08
N ALA C 806 -36.02 44.02 -2.80
CA ALA C 806 -35.75 43.10 -1.71
C ALA C 806 -36.37 43.66 -0.45
N THR C 807 -36.87 42.78 0.40
CA THR C 807 -37.66 43.17 1.57
C THR C 807 -36.97 42.84 2.88
N GLY C 808 -36.64 41.57 3.12
CA GLY C 808 -36.03 41.19 4.36
C GLY C 808 -37.03 40.82 5.43
N GLU C 809 -36.71 39.81 6.25
CA GLU C 809 -37.59 39.41 7.33
C GLU C 809 -36.79 38.61 8.35
N TRP C 810 -37.21 38.71 9.60
CA TRP C 810 -36.65 37.87 10.65
C TRP C 810 -37.34 36.52 10.67
N THR C 811 -36.55 35.46 10.79
CA THR C 811 -37.06 34.10 10.83
C THR C 811 -36.55 33.35 12.05
N TYR C 812 -36.80 32.05 12.08
CA TYR C 812 -36.24 31.15 13.09
C TYR C 812 -35.87 29.87 12.36
N GLY C 813 -34.64 29.41 12.58
CA GLY C 813 -34.19 28.23 11.86
C GLY C 813 -32.99 27.58 12.53
N SER C 814 -32.59 26.45 11.97
CA SER C 814 -31.45 25.70 12.47
C SER C 814 -30.19 26.16 11.77
N PRO C 815 -29.15 26.59 12.49
CA PRO C 815 -27.90 26.94 11.81
C PRO C 815 -27.06 25.75 11.39
N ARG C 816 -27.28 24.56 11.94
CA ARG C 816 -26.38 23.43 11.73
C ARG C 816 -27.16 22.14 11.92
N LEU C 817 -27.49 21.46 10.83
CA LEU C 817 -28.18 20.17 10.87
C LEU C 817 -27.16 19.04 10.88
N GLU C 818 -27.49 17.96 11.59
CA GLU C 818 -26.59 16.83 11.77
C GLU C 818 -27.21 15.52 11.45
N ARG C 819 -26.41 14.58 10.99
CA ARG C 819 -26.91 13.26 10.70
C ARG C 819 -25.96 12.25 11.29
N TYR C 820 -26.45 11.18 11.88
CA TYR C 820 -25.56 10.15 12.36
C TYR C 820 -26.06 8.89 11.71
N ASN C 821 -25.20 8.17 11.00
CA ASN C 821 -25.55 6.96 10.30
C ASN C 821 -26.75 7.04 9.34
N GLY C 822 -26.72 8.09 8.53
CA GLY C 822 -27.70 8.39 7.52
C GLY C 822 -29.07 8.74 8.06
N VAL C 823 -29.14 9.26 9.28
CA VAL C 823 -30.40 9.59 9.91
C VAL C 823 -30.25 10.93 10.62
N SER C 824 -31.25 11.81 10.59
CA SER C 824 -31.15 13.07 11.30
C SER C 824 -30.95 12.84 12.79
N SER C 825 -30.04 13.59 13.41
CA SER C 825 -29.74 13.36 14.82
C SER C 825 -29.28 14.56 15.65
N VAL C 826 -29.17 14.37 16.97
CA VAL C 826 -28.53 15.36 17.82
C VAL C 826 -27.58 14.63 18.74
N ASN C 827 -26.62 15.37 19.28
CA ASN C 827 -25.55 14.81 20.10
C ASN C 827 -25.69 15.35 21.52
N ILE C 828 -25.70 14.43 22.49
CA ILE C 828 -25.78 14.79 23.90
C ILE C 828 -24.57 14.19 24.62
N GLN C 829 -23.95 14.99 25.48
CA GLN C 829 -22.81 14.57 26.28
C GLN C 829 -23.03 14.97 27.72
N GLY C 830 -22.37 14.26 28.62
CA GLY C 830 -22.47 14.53 30.03
C GLY C 830 -21.34 13.88 30.78
N THR C 831 -21.46 13.89 32.10
CA THR C 831 -20.45 13.32 32.98
C THR C 831 -21.14 12.58 34.11
N PRO C 832 -20.53 11.54 34.66
CA PRO C 832 -21.06 10.97 35.91
C PRO C 832 -20.80 11.86 37.10
N ALA C 833 -21.78 11.90 38.01
CA ALA C 833 -21.59 12.61 39.25
C ALA C 833 -20.48 11.94 40.05
N PRO C 834 -19.84 12.67 40.95
CA PRO C 834 -18.76 12.07 41.75
C PRO C 834 -19.21 10.82 42.49
N GLY C 835 -18.35 9.80 42.46
CA GLY C 835 -18.67 8.54 43.06
C GLY C 835 -19.45 7.59 42.18
N VAL C 836 -19.64 7.93 40.92
CA VAL C 836 -20.44 7.14 40.00
C VAL C 836 -19.55 6.71 38.85
N SER C 837 -19.76 5.50 38.35
CA SER C 837 -18.95 4.94 37.29
C SER C 837 -19.46 5.37 35.92
N SER C 838 -18.62 5.13 34.91
CA SER C 838 -19.01 5.40 33.54
C SER C 838 -20.16 4.50 33.10
N GLY C 839 -20.11 3.23 33.48
CA GLY C 839 -21.21 2.32 33.20
C GLY C 839 -22.51 2.75 33.85
N ASP C 840 -22.43 3.30 35.07
CA ASP C 840 -23.65 3.74 35.74
C ASP C 840 -24.22 4.98 35.08
N ALA C 841 -23.36 5.87 34.61
CA ALA C 841 -23.86 7.01 33.85
C ALA C 841 -24.57 6.54 32.59
N MET C 842 -23.99 5.58 31.88
CA MET C 842 -24.64 5.11 30.66
C MET C 842 -25.98 4.43 30.97
N LYS C 843 -26.04 3.70 32.08
CA LYS C 843 -27.29 3.08 32.49
C LYS C 843 -28.34 4.13 32.84
N ALA C 844 -27.97 5.16 33.58
CA ALA C 844 -28.91 6.21 33.93
C ALA C 844 -29.43 6.88 32.67
N MET C 845 -28.56 7.14 31.71
CA MET C 845 -28.98 7.76 30.47
C MET C 845 -29.97 6.88 29.71
N GLU C 846 -29.72 5.56 29.68
CA GLU C 846 -30.62 4.68 28.94
C GLU C 846 -31.97 4.53 29.65
N GLU C 847 -31.98 4.49 30.98
CA GLU C 847 -33.26 4.58 31.70
C GLU C 847 -34.02 5.81 31.27
N ILE C 848 -33.35 6.98 31.29
CA ILE C 848 -34.03 8.22 30.95
C ILE C 848 -34.59 8.13 29.54
N ILE C 849 -33.83 7.60 28.59
CA ILE C 849 -34.29 7.58 27.21
C ILE C 849 -35.48 6.65 27.07
N GLY C 850 -35.55 5.60 27.88
CA GLY C 850 -36.69 4.71 27.81
C GLY C 850 -38.00 5.35 28.22
N LYS C 851 -37.95 6.36 29.09
CA LYS C 851 -39.16 7.02 29.53
C LYS C 851 -39.85 7.79 28.42
N LEU C 852 -39.20 7.99 27.28
CA LEU C 852 -39.76 8.88 26.27
C LEU C 852 -41.11 8.40 25.75
N PRO C 853 -41.27 7.16 25.29
CA PRO C 853 -42.58 6.75 24.76
C PRO C 853 -43.72 6.95 25.74
N SER C 854 -43.50 6.65 27.03
CA SER C 854 -44.53 6.87 28.03
C SER C 854 -44.96 8.32 28.08
N MET C 855 -44.08 9.24 27.71
CA MET C 855 -44.38 10.66 27.71
C MET C 855 -44.99 11.12 26.39
N GLY C 856 -45.22 10.20 25.45
CA GLY C 856 -45.87 10.51 24.21
C GLY C 856 -44.95 10.62 23.02
N LEU C 857 -43.64 10.78 23.24
CA LEU C 857 -42.68 10.91 22.16
C LEU C 857 -42.22 9.51 21.76
N GLN C 858 -42.59 9.08 20.56
CA GLN C 858 -42.39 7.73 20.11
C GLN C 858 -41.45 7.70 18.91
N GLY C 859 -40.69 6.61 18.80
CA GLY C 859 -39.92 6.37 17.60
C GLY C 859 -38.59 7.07 17.56
N PHE C 860 -37.93 7.23 18.68
CA PHE C 860 -36.59 7.78 18.72
C PHE C 860 -35.63 6.69 19.17
N ASP C 861 -34.50 6.59 18.50
CA ASP C 861 -33.45 5.64 18.83
C ASP C 861 -32.25 6.39 19.36
N TYR C 862 -31.27 5.62 19.83
CA TYR C 862 -30.02 6.20 20.26
C TYR C 862 -28.90 5.25 19.91
N GLU C 863 -27.71 5.77 19.86
CA GLU C 863 -26.52 5.00 19.69
C GLU C 863 -25.47 5.61 20.61
N TRP C 864 -24.49 4.83 20.96
CA TRP C 864 -23.39 5.31 21.74
C TRP C 864 -22.29 5.49 20.75
N THR C 865 -21.63 6.62 20.75
CA THR C 865 -20.55 6.87 19.83
C THR C 865 -19.29 7.16 20.62
N GLY C 866 -18.15 7.12 19.95
CA GLY C 866 -16.92 7.55 20.57
C GLY C 866 -16.41 6.58 21.61
N LEU C 867 -15.92 7.14 22.71
CA LEU C 867 -15.35 6.32 23.78
C LEU C 867 -16.43 5.51 24.50
N SER C 868 -17.68 5.96 24.47
CA SER C 868 -18.77 5.17 25.02
C SER C 868 -19.00 3.90 24.21
N LEU C 869 -18.83 4.01 22.90
CA LEU C 869 -18.98 2.89 22.02
C LEU C 869 -17.88 1.87 22.33
N GLU C 870 -16.66 2.33 22.57
CA GLU C 870 -15.54 1.47 22.95
C GLU C 870 -15.81 0.80 24.29
N GLU C 871 -16.33 1.55 25.25
CA GLU C 871 -16.65 0.98 26.56
C GLU C 871 -17.65 -0.17 26.43
N ARG C 872 -18.74 0.07 25.71
CA ARG C 872 -19.75 -0.97 25.57
C ARG C 872 -19.19 -2.20 24.89
N GLU C 873 -18.40 -2.00 23.83
CA GLU C 873 -17.86 -3.14 23.11
C GLU C 873 -16.87 -3.92 23.94
N SER C 874 -16.05 -3.24 24.74
CA SER C 874 -15.12 -3.96 25.59
C SER C 874 -15.87 -4.78 26.63
N GLY C 875 -16.88 -4.18 27.26
CA GLY C 875 -17.64 -4.91 28.26
C GLY C 875 -18.39 -6.08 27.68
N ALA C 876 -18.79 -5.98 26.41
CA ALA C 876 -19.62 -7.02 25.82
C ALA C 876 -18.91 -8.36 25.71
N GLN C 877 -17.59 -8.37 25.53
CA GLN C 877 -16.90 -9.58 25.12
C GLN C 877 -16.13 -10.28 26.24
N ALA C 878 -16.19 -9.79 27.47
CA ALA C 878 -15.53 -10.50 28.57
C ALA C 878 -16.01 -11.94 28.72
N PRO C 879 -17.31 -12.24 28.60
CA PRO C 879 -17.74 -13.64 28.74
C PRO C 879 -17.07 -14.58 27.75
N PHE C 880 -16.91 -14.15 26.52
CA PHE C 880 -16.25 -14.94 25.51
C PHE C 880 -14.75 -15.12 25.79
N LEU C 881 -14.08 -14.11 26.30
CA LEU C 881 -12.69 -14.24 26.72
C LEU C 881 -12.56 -15.28 27.83
N TYR C 882 -13.45 -15.23 28.82
CA TYR C 882 -13.37 -16.19 29.92
C TYR C 882 -13.62 -17.60 29.43
N ALA C 883 -14.65 -17.78 28.61
CA ALA C 883 -14.97 -19.11 28.10
C ALA C 883 -13.80 -19.69 27.30
N LEU C 884 -13.22 -18.91 26.42
CA LEU C 884 -12.11 -19.37 25.63
C LEU C 884 -10.89 -19.71 26.46
N SER C 885 -10.52 -18.90 27.42
CA SER C 885 -9.37 -19.21 28.25
C SER C 885 -9.59 -20.51 29.03
N LEU C 886 -10.79 -20.69 29.58
CA LEU C 886 -11.06 -21.91 30.32
C LEU C 886 -11.00 -23.13 29.39
N LEU C 887 -11.54 -22.99 28.18
CA LEU C 887 -11.49 -24.10 27.22
C LEU C 887 -10.06 -24.50 26.92
N ILE C 888 -9.19 -23.52 26.64
CA ILE C 888 -7.84 -23.88 26.24
C ILE C 888 -7.11 -24.52 27.40
N VAL C 889 -7.36 -24.07 28.63
CA VAL C 889 -6.73 -24.73 29.77
C VAL C 889 -7.20 -26.18 29.87
N PHE C 890 -8.51 -26.39 29.73
CA PHE C 890 -9.04 -27.76 29.74
C PHE C 890 -8.33 -28.64 28.72
N LEU C 891 -8.21 -28.15 27.48
CA LEU C 891 -7.74 -29.01 26.40
C LEU C 891 -6.24 -29.26 26.51
N CYS C 892 -5.45 -28.26 26.88
CA CYS C 892 -4.02 -28.49 27.08
C CYS C 892 -3.78 -29.44 28.24
N LEU C 893 -4.56 -29.32 29.31
CA LEU C 893 -4.36 -30.22 30.44
C LEU C 893 -4.76 -31.64 30.09
N ALA C 894 -5.78 -31.80 29.25
CA ALA C 894 -6.11 -33.14 28.75
C ALA C 894 -4.98 -33.71 27.92
N ALA C 895 -4.37 -32.88 27.06
CA ALA C 895 -3.28 -33.35 26.21
C ALA C 895 -2.05 -33.73 27.01
N LEU C 896 -1.77 -33.00 28.10
CA LEU C 896 -0.51 -33.20 28.82
C LEU C 896 -0.55 -34.37 29.79
N TYR C 897 -1.71 -34.79 30.25
CA TYR C 897 -1.82 -35.88 31.21
C TYR C 897 -2.71 -37.00 30.71
N GLU C 898 -3.11 -36.97 29.44
CA GLU C 898 -3.81 -38.09 28.81
C GLU C 898 -4.97 -38.55 29.67
N SER C 899 -5.75 -37.58 30.13
CA SER C 899 -6.87 -37.84 31.03
C SER C 899 -8.02 -36.93 30.65
N TRP C 900 -9.21 -37.30 31.11
CA TRP C 900 -10.32 -36.36 31.16
C TRP C 900 -10.66 -35.93 32.58
N SER C 901 -10.46 -36.79 33.58
CA SER C 901 -10.83 -36.45 34.95
C SER C 901 -9.91 -35.39 35.53
N ILE C 902 -8.62 -35.45 35.24
CA ILE C 902 -7.69 -34.46 35.79
C ILE C 902 -8.04 -33.06 35.32
N PRO C 903 -8.29 -32.80 34.03
CA PRO C 903 -8.74 -31.46 33.64
C PRO C 903 -10.00 -30.99 34.35
N PHE C 904 -10.98 -31.87 34.58
CA PHE C 904 -12.19 -31.44 35.26
C PHE C 904 -11.91 -31.07 36.70
N SER C 905 -11.11 -31.88 37.38
CA SER C 905 -10.71 -31.55 38.74
C SER C 905 -10.01 -30.19 38.78
N VAL C 906 -9.11 -29.95 37.82
CA VAL C 906 -8.38 -28.69 37.84
C VAL C 906 -9.32 -27.52 37.63
N LEU C 907 -10.17 -27.59 36.61
CA LEU C 907 -11.02 -26.44 36.31
C LEU C 907 -12.14 -26.26 37.33
N LEU C 908 -12.38 -27.25 38.19
CA LEU C 908 -13.40 -27.10 39.22
C LEU C 908 -13.02 -26.16 40.36
N VAL C 909 -11.76 -25.82 40.52
CA VAL C 909 -11.33 -24.97 41.61
C VAL C 909 -11.09 -23.54 41.18
N VAL C 910 -11.45 -23.20 39.95
CA VAL C 910 -11.30 -21.88 39.45
C VAL C 910 -12.27 -20.91 40.09
N PRO C 911 -13.44 -21.39 40.56
CA PRO C 911 -14.29 -20.41 41.24
C PRO C 911 -13.64 -19.80 42.47
N LEU C 912 -12.94 -20.62 43.24
CA LEU C 912 -12.27 -20.18 44.45
C LEU C 912 -11.16 -19.20 44.27
N GLY C 913 -10.58 -19.13 43.09
CA GLY C 913 -9.55 -18.14 42.86
C GLY C 913 -10.23 -16.85 42.53
N VAL C 914 -11.22 -16.97 41.66
CA VAL C 914 -12.01 -15.85 41.19
C VAL C 914 -12.86 -15.17 42.26
N ILE C 915 -13.27 -15.89 43.27
CA ILE C 915 -14.05 -15.27 44.31
C ILE C 915 -13.18 -14.20 45.01
N GLY C 916 -11.93 -14.42 45.33
CA GLY C 916 -11.16 -13.38 46.00
C GLY C 916 -11.00 -12.12 45.18
N ALA C 917 -10.79 -12.30 43.90
CA ALA C 917 -10.58 -11.19 43.01
C ALA C 917 -11.75 -10.28 42.98
N ILE C 918 -12.95 -10.83 42.88
CA ILE C 918 -14.14 -9.99 42.83
C ILE C 918 -14.44 -9.40 44.19
N VAL C 919 -14.32 -10.19 45.26
CA VAL C 919 -14.67 -9.71 46.59
C VAL C 919 -13.76 -8.55 46.97
N LEU C 920 -12.45 -8.72 46.80
CA LEU C 920 -11.54 -7.66 47.21
C LEU C 920 -11.73 -6.41 46.36
N THR C 921 -11.97 -6.58 45.06
CA THR C 921 -12.25 -5.42 44.21
C THR C 921 -13.47 -4.66 44.70
N TYR C 922 -14.58 -5.36 44.97
CA TYR C 922 -15.78 -4.67 45.41
C TYR C 922 -15.58 -3.97 46.74
N LEU C 923 -14.94 -4.65 47.70
CA LEU C 923 -14.74 -4.04 49.01
C LEU C 923 -13.82 -2.84 48.92
N GLY C 924 -12.79 -2.90 48.08
CA GLY C 924 -11.94 -1.74 47.90
C GLY C 924 -12.71 -0.57 47.33
N MET C 925 -13.58 -0.83 46.36
CA MET C 925 -14.40 0.24 45.81
C MET C 925 -15.28 0.86 46.88
N ILE C 926 -15.89 0.02 47.72
CA ILE C 926 -16.86 0.53 48.68
C ILE C 926 -16.18 1.29 49.80
N ILE C 927 -15.08 0.77 50.34
CA ILE C 927 -14.41 1.43 51.46
C ILE C 927 -13.33 2.41 51.02
N LYS C 928 -13.19 2.65 49.72
CA LYS C 928 -12.42 3.77 49.22
C LYS C 928 -13.28 4.76 48.45
N GLY C 929 -14.54 4.44 48.21
CA GLY C 929 -15.41 5.31 47.45
C GLY C 929 -14.96 5.56 46.03
N ASP C 930 -14.10 4.71 45.48
CA ASP C 930 -13.51 4.95 44.18
C ASP C 930 -14.36 4.32 43.09
N PRO C 931 -14.87 5.08 42.13
CA PRO C 931 -15.56 4.45 41.00
C PRO C 931 -14.63 3.80 40.01
N ASN C 932 -13.33 4.08 40.06
CA ASN C 932 -12.41 3.44 39.12
C ASN C 932 -12.24 1.95 39.40
N LEU C 933 -12.29 1.55 40.66
CA LEU C 933 -12.20 0.14 41.00
C LEU C 933 -13.50 -0.51 40.58
N SER C 934 -13.53 -1.07 39.38
CA SER C 934 -14.77 -1.54 38.77
C SER C 934 -14.45 -2.63 37.77
N ASN C 935 -15.48 -3.10 37.09
CA ASN C 935 -15.39 -4.13 36.06
C ASN C 935 -14.96 -3.45 34.76
N ASN C 936 -13.65 -3.41 34.54
CA ASN C 936 -13.10 -2.80 33.34
C ASN C 936 -12.06 -3.72 32.70
N ILE C 937 -11.28 -3.17 31.77
CA ILE C 937 -10.33 -3.98 31.01
C ILE C 937 -9.22 -4.52 31.91
N TYR C 938 -8.73 -3.69 32.81
CA TYR C 938 -7.67 -4.13 33.72
C TYR C 938 -8.17 -5.23 34.66
N PHE C 939 -9.39 -5.09 35.16
CA PHE C 939 -10.03 -6.16 35.90
C PHE C 939 -10.11 -7.45 35.07
N GLN C 940 -10.33 -7.33 33.77
CA GLN C 940 -10.45 -8.52 32.94
C GLN C 940 -9.12 -9.26 32.85
N VAL C 941 -8.02 -8.54 32.64
CA VAL C 941 -6.74 -9.22 32.56
C VAL C 941 -6.37 -9.80 33.93
N ALA C 942 -6.73 -9.11 35.00
CA ALA C 942 -6.51 -9.66 36.34
C ALA C 942 -7.26 -10.97 36.53
N ILE C 943 -8.48 -11.06 36.01
CA ILE C 943 -9.26 -12.28 36.18
C ILE C 943 -8.62 -13.44 35.42
N ILE C 944 -8.15 -13.19 34.19
CA ILE C 944 -7.46 -14.27 33.46
C ILE C 944 -6.21 -14.71 34.23
N ALA C 945 -5.48 -13.75 34.80
CA ALA C 945 -4.28 -14.09 35.57
C ALA C 945 -4.63 -14.98 36.76
N VAL C 946 -5.73 -14.67 37.44
CA VAL C 946 -6.13 -15.43 38.62
C VAL C 946 -6.54 -16.85 38.22
N ILE C 947 -7.23 -16.99 37.09
CA ILE C 947 -7.53 -18.32 36.56
C ILE C 947 -6.24 -19.10 36.38
N GLY C 948 -5.23 -18.46 35.79
CA GLY C 948 -3.96 -19.14 35.59
C GLY C 948 -3.31 -19.58 36.88
N LEU C 949 -3.31 -18.73 37.89
CA LEU C 949 -2.69 -19.09 39.16
C LEU C 949 -3.39 -20.28 39.79
N SER C 950 -4.73 -20.30 39.74
CA SER C 950 -5.46 -21.40 40.33
C SER C 950 -5.15 -22.71 39.63
N ALA C 951 -5.11 -22.68 38.29
CA ALA C 951 -4.76 -23.88 37.56
C ALA C 951 -3.37 -24.36 37.92
N LYS C 952 -2.41 -23.43 38.05
CA LYS C 952 -1.05 -23.80 38.41
C LYS C 952 -1.00 -24.55 39.73
N ASN C 953 -1.66 -24.01 40.74
CA ASN C 953 -1.64 -24.66 42.06
C ASN C 953 -2.24 -26.06 42.00
N ALA C 954 -3.41 -26.17 41.37
CA ALA C 954 -4.04 -27.46 41.23
C ALA C 954 -3.10 -28.46 40.59
N ILE C 955 -2.54 -28.09 39.43
CA ILE C 955 -1.71 -29.01 38.68
C ILE C 955 -0.57 -29.50 39.53
N LEU C 956 0.05 -28.60 40.30
CA LEU C 956 1.13 -29.02 41.18
C LEU C 956 0.70 -30.16 42.09
N ILE C 957 -0.46 -30.05 42.74
CA ILE C 957 -0.83 -31.18 43.62
C ILE C 957 -1.19 -32.42 42.81
N VAL C 958 -1.97 -32.26 41.74
CA VAL C 958 -2.62 -33.42 41.16
C VAL C 958 -1.69 -34.23 40.28
N GLU C 959 -0.73 -33.62 39.58
CA GLU C 959 0.15 -34.44 38.75
C GLU C 959 0.99 -35.37 39.62
N PHE C 960 1.41 -34.90 40.79
CA PHE C 960 2.14 -35.75 41.72
C PHE C 960 1.22 -36.82 42.32
N ALA C 961 -0.03 -36.46 42.64
CA ALA C 961 -0.97 -37.47 43.12
C ALA C 961 -1.16 -38.58 42.09
N LYS C 962 -1.33 -38.20 40.82
CA LYS C 962 -1.55 -39.17 39.77
C LYS C 962 -0.35 -40.08 39.59
N GLU C 963 0.86 -39.51 39.60
CA GLU C 963 2.04 -40.36 39.48
C GLU C 963 2.15 -41.31 40.66
N LEU C 964 1.85 -40.84 41.87
CA LEU C 964 1.89 -41.74 43.02
C LEU C 964 0.91 -42.88 42.86
N GLN C 965 -0.24 -42.61 42.25
CA GLN C 965 -1.22 -43.68 42.06
C GLN C 965 -0.75 -44.67 41.00
N GLU C 966 -0.09 -44.18 39.96
CA GLU C 966 0.46 -45.09 38.95
C GLU C 966 1.56 -45.96 39.53
N LYS C 967 2.43 -45.39 40.35
CA LYS C 967 3.47 -46.19 40.99
C LYS C 967 2.87 -47.29 41.86
N GLY C 968 1.64 -47.12 42.31
CA GLY C 968 0.99 -48.10 43.15
C GLY C 968 0.80 -47.56 44.55
N GLU C 969 -0.39 -47.03 44.81
CA GLU C 969 -0.71 -46.36 46.06
C GLU C 969 -2.20 -46.11 46.07
N ASP C 970 -2.82 -46.25 47.23
CA ASP C 970 -4.23 -45.91 47.34
C ASP C 970 -4.44 -44.49 46.85
N LEU C 971 -5.65 -44.23 46.32
CA LEU C 971 -5.97 -42.89 45.85
C LEU C 971 -5.84 -41.89 46.97
N LEU C 972 -6.39 -42.21 48.14
CA LEU C 972 -6.32 -41.29 49.27
C LEU C 972 -4.89 -41.15 49.75
N ASP C 973 -4.14 -42.25 49.84
CA ASP C 973 -2.76 -42.15 50.28
C ASP C 973 -1.96 -41.27 49.33
N ALA C 974 -2.12 -41.50 48.03
CA ALA C 974 -1.44 -40.68 47.05
C ALA C 974 -1.82 -39.21 47.21
N THR C 975 -3.11 -38.91 47.31
CA THR C 975 -3.55 -37.53 47.30
C THR C 975 -3.14 -36.80 48.58
N LEU C 976 -3.29 -37.43 49.73
CA LEU C 976 -2.86 -36.79 50.98
C LEU C 976 -1.36 -36.60 50.98
N HIS C 977 -0.61 -37.59 50.52
CA HIS C 977 0.83 -37.45 50.45
C HIS C 977 1.23 -36.29 49.54
N ALA C 978 0.60 -36.21 48.37
CA ALA C 978 0.93 -35.13 47.44
C ALA C 978 0.62 -33.78 48.05
N ALA C 979 -0.53 -33.65 48.71
CA ALA C 979 -0.85 -32.39 49.36
C ALA C 979 0.22 -32.03 50.39
N LYS C 980 0.58 -32.98 51.25
CA LYS C 980 1.62 -32.72 52.23
C LYS C 980 2.92 -32.27 51.56
N MET C 981 3.32 -32.97 50.51
CA MET C 981 4.64 -32.77 49.94
C MET C 981 4.73 -31.49 49.14
N ARG C 982 3.64 -31.08 48.51
CA ARG C 982 3.62 -29.90 47.67
C ARG C 982 3.13 -28.65 48.38
N LEU C 983 2.68 -28.75 49.63
CA LEU C 983 2.15 -27.57 50.29
C LEU C 983 3.16 -26.42 50.32
N ARG C 984 4.43 -26.70 50.58
CA ARG C 984 5.45 -25.66 50.66
C ARG C 984 5.81 -24.92 49.39
N PRO C 985 6.03 -25.62 48.28
CA PRO C 985 6.24 -24.89 47.02
C PRO C 985 5.02 -24.14 46.53
N ILE C 986 3.82 -24.69 46.69
CA ILE C 986 2.62 -23.99 46.23
C ILE C 986 2.48 -22.67 46.96
N ILE C 987 2.66 -22.69 48.28
CA ILE C 987 2.40 -21.50 49.07
C ILE C 987 3.46 -20.46 48.82
N MET C 988 4.71 -20.88 48.64
CA MET C 988 5.73 -19.88 48.41
C MET C 988 5.64 -19.30 47.00
N THR C 989 5.22 -20.08 46.00
CA THR C 989 5.00 -19.48 44.68
C THR C 989 3.83 -18.52 44.68
N THR C 990 2.74 -18.89 45.36
CA THR C 990 1.58 -18.01 45.42
C THR C 990 1.91 -16.70 46.15
N LEU C 991 2.67 -16.79 47.24
CA LEU C 991 3.10 -15.57 47.92
C LEU C 991 4.07 -14.76 47.08
N ALA C 992 4.92 -15.41 46.30
CA ALA C 992 5.78 -14.66 45.39
C ALA C 992 4.95 -13.85 44.41
N PHE C 993 3.96 -14.50 43.78
CA PHE C 993 3.10 -13.79 42.85
C PHE C 993 2.37 -12.65 43.55
N GLY C 994 1.82 -12.91 44.74
CA GLY C 994 1.02 -11.91 45.41
C GLY C 994 1.83 -10.71 45.85
N PHE C 995 3.08 -10.93 46.28
CA PHE C 995 3.95 -9.82 46.62
C PHE C 995 4.44 -9.10 45.39
N GLY C 996 4.49 -9.77 44.24
CA GLY C 996 4.86 -9.08 43.02
C GLY C 996 3.91 -7.95 42.68
N VAL C 997 2.61 -8.18 42.87
CA VAL C 997 1.60 -7.20 42.45
C VAL C 997 1.16 -6.27 43.56
N LEU C 998 1.59 -6.50 44.80
CA LEU C 998 1.25 -5.58 45.88
C LEU C 998 1.73 -4.16 45.63
N PRO C 999 2.91 -3.93 45.05
CA PRO C 999 3.30 -2.55 44.73
C PRO C 999 2.29 -1.82 43.87
N LEU C 1000 1.59 -2.52 42.97
CA LEU C 1000 0.57 -1.88 42.16
C LEU C 1000 -0.59 -1.38 43.01
N ALA C 1001 -1.01 -2.18 44.01
CA ALA C 1001 -2.16 -1.81 44.82
C ALA C 1001 -1.88 -0.62 45.70
N LEU C 1002 -0.63 -0.45 46.12
CA LEU C 1002 -0.25 0.62 47.03
C LEU C 1002 0.36 1.81 46.31
N SER C 1003 0.23 1.88 44.99
CA SER C 1003 0.84 2.94 44.22
C SER C 1003 0.10 4.26 44.42
N THR C 1004 0.70 5.34 43.93
CA THR C 1004 0.14 6.67 44.02
C THR C 1004 0.64 7.51 42.85
N GLY C 1005 -0.23 8.36 42.32
CA GLY C 1005 0.12 9.31 41.28
C GLY C 1005 0.38 8.72 39.92
N ALA C 1006 0.23 9.54 38.88
CA ALA C 1006 0.66 9.23 37.53
C ALA C 1006 0.16 7.85 37.07
N GLY C 1007 -1.14 7.76 36.91
CA GLY C 1007 -1.73 6.53 36.39
C GLY C 1007 -1.90 5.43 37.43
N ALA C 1008 -2.23 5.79 38.66
CA ALA C 1008 -2.40 4.79 39.70
C ALA C 1008 -3.74 4.07 39.62
N GLY C 1009 -4.71 4.58 38.88
CA GLY C 1009 -5.99 3.91 38.79
C GLY C 1009 -5.90 2.55 38.11
N SER C 1010 -5.20 2.50 36.98
CA SER C 1010 -5.03 1.24 36.26
C SER C 1010 -4.28 0.23 37.11
N GLN C 1011 -3.20 0.69 37.73
CA GLN C 1011 -2.41 -0.16 38.60
C GLN C 1011 -3.27 -0.69 39.74
N HIS C 1012 -4.16 0.14 40.28
CA HIS C 1012 -5.03 -0.30 41.36
C HIS C 1012 -5.98 -1.38 40.88
N SER C 1013 -6.56 -1.22 39.70
CA SER C 1013 -7.46 -2.26 39.21
C SER C 1013 -6.74 -3.59 39.12
N VAL C 1014 -5.60 -3.61 38.42
CA VAL C 1014 -4.86 -4.86 38.26
C VAL C 1014 -4.49 -5.45 39.62
N GLY C 1015 -3.89 -4.63 40.48
CA GLY C 1015 -3.40 -5.13 41.75
C GLY C 1015 -4.50 -5.65 42.65
N PHE C 1016 -5.58 -4.89 42.79
CA PHE C 1016 -6.65 -5.33 43.68
C PHE C 1016 -7.21 -6.66 43.22
N GLY C 1017 -7.48 -6.79 41.92
CA GLY C 1017 -8.00 -8.05 41.43
C GLY C 1017 -7.06 -9.21 41.70
N VAL C 1018 -5.79 -9.04 41.32
CA VAL C 1018 -4.87 -10.17 41.40
C VAL C 1018 -4.58 -10.53 42.85
N LEU C 1019 -4.44 -9.53 43.72
CA LEU C 1019 -4.09 -9.82 45.10
C LEU C 1019 -5.25 -10.47 45.86
N GLY C 1020 -6.46 -10.11 45.53
CA GLY C 1020 -7.56 -10.75 46.17
C GLY C 1020 -7.65 -12.17 45.78
N GLY C 1021 -7.37 -12.45 44.52
CA GLY C 1021 -7.40 -13.80 44.01
C GLY C 1021 -6.36 -14.66 44.68
N VAL C 1022 -5.19 -14.09 44.91
CA VAL C 1022 -4.13 -14.75 45.60
C VAL C 1022 -4.57 -15.15 46.98
N LEU C 1023 -5.24 -14.28 47.71
CA LEU C 1023 -5.70 -14.63 49.05
C LEU C 1023 -6.73 -15.71 49.12
N SER C 1024 -7.75 -15.67 48.28
CA SER C 1024 -8.73 -16.73 48.33
C SER C 1024 -8.11 -18.03 47.84
N ALA C 1025 -7.23 -17.98 46.84
CA ALA C 1025 -6.60 -19.20 46.37
C ALA C 1025 -5.79 -19.85 47.48
N THR C 1026 -5.06 -19.08 48.27
CA THR C 1026 -4.31 -19.62 49.38
C THR C 1026 -5.10 -20.11 50.57
N PHE C 1027 -6.23 -19.52 50.86
CA PHE C 1027 -7.00 -19.99 52.00
C PHE C 1027 -8.18 -20.87 51.64
N LEU C 1028 -8.67 -20.80 50.42
CA LEU C 1028 -9.76 -21.65 50.00
C LEU C 1028 -9.41 -22.76 49.00
N GLY C 1029 -8.57 -22.44 48.02
CA GLY C 1029 -8.21 -23.36 46.96
C GLY C 1029 -7.48 -24.64 47.27
N ILE C 1030 -6.45 -24.55 48.08
CA ILE C 1030 -5.64 -25.68 48.49
C ILE C 1030 -6.49 -26.71 49.21
N PHE C 1031 -7.47 -26.25 50.00
CA PHE C 1031 -8.37 -27.20 50.62
C PHE C 1031 -9.20 -27.92 49.58
N PHE C 1032 -9.64 -27.25 48.55
CA PHE C 1032 -10.52 -27.88 47.60
C PHE C 1032 -9.89 -28.71 46.51
N ILE C 1033 -8.62 -28.53 46.25
CA ILE C 1033 -7.97 -29.29 45.19
C ILE C 1033 -8.01 -30.79 45.53
N PRO C 1034 -7.51 -31.22 46.69
CA PRO C 1034 -7.54 -32.66 46.99
C PRO C 1034 -8.92 -33.26 47.07
N VAL C 1035 -9.92 -32.52 47.57
CA VAL C 1035 -11.25 -33.12 47.72
C VAL C 1035 -11.91 -33.33 46.37
N PHE C 1036 -11.66 -32.47 45.37
CA PHE C 1036 -12.29 -32.59 44.12
C PHE C 1036 -11.59 -33.67 43.44
N TYR C 1037 -10.30 -33.73 43.60
CA TYR C 1037 -9.56 -34.82 42.98
C TYR C 1037 -10.10 -36.17 43.46
N VAL C 1038 -10.27 -36.33 44.77
CA VAL C 1038 -10.64 -37.65 45.28
C VAL C 1038 -12.07 -37.99 44.87
N TRP C 1039 -12.97 -37.01 44.85
CA TRP C 1039 -14.33 -37.29 44.38
C TRP C 1039 -14.33 -37.74 42.93
N ILE C 1040 -13.70 -36.94 42.06
CA ILE C 1040 -13.70 -37.28 40.64
C ILE C 1040 -13.07 -38.64 40.41
N ARG C 1041 -11.97 -38.92 41.10
CA ARG C 1041 -11.25 -40.16 40.89
C ARG C 1041 -11.95 -41.34 41.52
N SER C 1042 -12.83 -41.11 42.49
CA SER C 1042 -13.63 -42.20 43.00
C SER C 1042 -14.79 -42.53 42.06
N ILE C 1043 -15.30 -41.54 41.32
CA ILE C 1043 -16.30 -41.85 40.32
C ILE C 1043 -15.69 -42.58 39.13
N PHE C 1044 -14.48 -42.18 38.72
CA PHE C 1044 -13.81 -42.69 37.52
C PHE C 1044 -12.48 -43.31 37.95
N LYS C 1045 -12.52 -44.57 38.33
CA LYS C 1045 -11.41 -45.17 39.04
C LYS C 1045 -10.25 -45.49 38.11
N TYR C 1046 -9.18 -46.03 38.69
CA TYR C 1046 -7.99 -46.49 37.97
C TYR C 1046 -7.14 -45.31 37.50
#